data_2BPR
#
_entry.id   2BPR
#
_cell.length_a   1.000
_cell.length_b   1.000
_cell.length_c   1.000
_cell.angle_alpha   90.00
_cell.angle_beta   90.00
_cell.angle_gamma   90.00
#
_symmetry.space_group_name_H-M   'P 1'
#
_entity_poly.entity_id   1
_entity_poly.type   'polypeptide(L)'
_entity_poly.pdbx_seq_one_letter_code
;RGSHHHHHHGSIEGRVKDVLLLDVTPLSLGIETMGGVMTTLIAKNTTIPTKHSQVFSTAEDNQSAVTIHVLQGERKRAAD
NKSLGQFNLDGINPAPRGMPQIEVTFDIDADGILHVSAKDKNSGKEQKITIKASSGLNEDEIQKMVRDAEANAEADRKFE
ELVQTRNQGDHLLHSTRKQVEEAGDKLPADD
;
_entity_poly.pdbx_strand_id   A
#
# COMPACT_ATOMS: atom_id res chain seq x y z
N SER A 11 -12.53 -28.59 3.65
CA SER A 11 -11.12 -28.27 3.96
C SER A 11 -10.49 -27.60 2.75
N ILE A 12 -10.90 -26.36 2.51
CA ILE A 12 -10.29 -25.58 1.43
C ILE A 12 -9.16 -24.75 2.02
N GLU A 13 -9.12 -24.69 3.35
CA GLU A 13 -8.07 -23.94 4.05
C GLU A 13 -8.10 -22.48 3.65
N GLY A 14 -9.21 -21.82 3.88
CA GLY A 14 -9.30 -20.41 3.51
C GLY A 14 -8.57 -19.56 4.54
N ARG A 15 -7.83 -18.57 4.07
CA ARG A 15 -7.11 -17.71 5.00
C ARG A 15 -6.77 -16.41 4.32
N VAL A 16 -6.45 -16.48 3.03
CA VAL A 16 -6.12 -15.24 2.33
C VAL A 16 -7.42 -14.49 2.06
N LYS A 17 -8.26 -15.05 1.20
CA LYS A 17 -9.51 -14.37 0.86
C LYS A 17 -10.67 -14.97 1.62
N ASP A 18 -11.71 -14.18 1.77
CA ASP A 18 -12.93 -14.68 2.38
C ASP A 18 -14.02 -13.67 2.09
N VAL A 19 -14.74 -13.89 0.99
CA VAL A 19 -15.83 -12.98 0.63
C VAL A 19 -17.05 -13.84 0.38
N LEU A 20 -17.71 -14.22 1.48
CA LEU A 20 -18.96 -14.95 1.40
C LEU A 20 -19.89 -14.44 2.49
N LEU A 21 -19.37 -14.34 3.71
CA LEU A 21 -20.14 -13.75 4.81
C LEU A 21 -19.40 -12.50 5.25
N LEU A 22 -18.67 -11.99 4.28
CA LEU A 22 -17.90 -10.76 4.43
C LEU A 22 -18.06 -10.15 3.06
N ASP A 23 -18.89 -9.14 3.07
CA ASP A 23 -19.11 -8.31 1.88
C ASP A 23 -18.25 -7.08 2.09
N VAL A 24 -16.97 -7.35 2.00
CA VAL A 24 -15.95 -6.35 2.35
C VAL A 24 -14.95 -6.10 1.24
N THR A 25 -13.98 -5.26 1.55
CA THR A 25 -12.93 -4.99 0.59
C THR A 25 -12.13 -6.28 0.33
N PRO A 26 -11.48 -6.55 -0.80
CA PRO A 26 -11.40 -7.95 -1.25
C PRO A 26 -10.10 -8.75 -1.05
N LEU A 27 -9.04 -8.25 -0.43
CA LEU A 27 -7.83 -9.09 -0.39
C LEU A 27 -6.89 -8.55 0.68
N SER A 28 -7.30 -7.39 1.17
CA SER A 28 -6.52 -6.57 2.11
C SER A 28 -5.66 -5.71 1.21
N LEU A 29 -5.53 -4.42 1.51
CA LEU A 29 -4.84 -3.56 0.55
C LEU A 29 -4.34 -2.16 0.92
N GLY A 30 -3.01 -1.97 0.96
CA GLY A 30 -2.45 -0.64 1.20
C GLY A 30 -1.13 -0.25 0.64
N ILE A 31 0.02 -0.70 1.09
CA ILE A 31 1.24 -0.10 0.47
C ILE A 31 2.34 -1.15 0.53
N GLU A 32 3.16 -1.20 -0.51
CA GLU A 32 4.33 -2.10 -0.42
C GLU A 32 5.23 -1.45 0.64
N THR A 33 5.59 -2.19 1.68
CA THR A 33 6.36 -1.57 2.78
C THR A 33 7.81 -2.05 2.85
N MET A 34 8.58 -1.31 3.65
CA MET A 34 10.02 -1.55 3.75
C MET A 34 10.35 -2.96 4.22
N GLY A 35 11.16 -3.63 3.41
CA GLY A 35 11.57 -5.01 3.71
C GLY A 35 11.17 -5.94 2.58
N GLY A 36 10.31 -5.50 1.66
CA GLY A 36 9.81 -6.41 0.63
C GLY A 36 8.62 -7.09 1.25
N VAL A 37 7.78 -6.27 1.85
CA VAL A 37 6.64 -6.78 2.61
C VAL A 37 5.37 -6.15 2.05
N MET A 38 4.25 -6.59 2.59
CA MET A 38 2.96 -5.98 2.23
C MET A 38 2.24 -5.62 3.52
N THR A 39 1.75 -4.38 3.57
CA THR A 39 0.95 -3.95 4.71
C THR A 39 -0.36 -3.40 4.17
N THR A 40 -1.46 -3.84 4.75
CA THR A 40 -2.76 -3.42 4.22
C THR A 40 -3.11 -2.04 4.71
N LEU A 41 -3.98 -1.35 3.97
CA LEU A 41 -4.32 0.00 4.40
C LEU A 41 -5.70 -0.19 4.99
N ILE A 42 -6.51 -0.85 4.17
CA ILE A 42 -7.85 -1.23 4.62
C ILE A 42 -7.95 -2.73 4.37
N ALA A 43 -8.51 -3.45 5.32
CA ALA A 43 -8.51 -4.91 5.24
C ALA A 43 -9.90 -5.48 4.99
N LYS A 44 -9.93 -6.79 4.89
CA LYS A 44 -11.20 -7.49 4.77
C LYS A 44 -11.82 -7.35 6.17
N ASN A 45 -13.15 -7.50 6.34
CA ASN A 45 -13.82 -7.22 7.62
C ASN A 45 -14.07 -5.71 7.67
N THR A 46 -14.00 -5.08 6.50
CA THR A 46 -14.31 -3.67 6.36
C THR A 46 -15.30 -3.66 5.19
N THR A 47 -16.53 -3.48 5.62
CA THR A 47 -17.69 -3.60 4.74
C THR A 47 -17.94 -2.36 3.92
N ILE A 48 -18.19 -2.59 2.64
CA ILE A 48 -18.33 -1.44 1.75
C ILE A 48 -19.75 -0.86 1.91
N PRO A 49 -19.99 0.44 2.11
CA PRO A 49 -18.98 1.50 2.05
C PRO A 49 -18.21 1.60 3.35
N THR A 50 -16.92 1.90 3.19
CA THR A 50 -15.99 1.93 4.32
C THR A 50 -15.40 3.31 4.46
N LYS A 51 -14.84 3.53 5.63
CA LYS A 51 -14.15 4.78 5.90
C LYS A 51 -13.22 4.55 7.09
N HIS A 52 -11.91 4.73 6.91
CA HIS A 52 -11.01 4.48 8.03
C HIS A 52 -9.68 5.20 7.80
N SER A 53 -9.16 5.83 8.85
CA SER A 53 -7.94 6.64 8.72
C SER A 53 -6.73 5.86 9.20
N GLN A 54 -5.65 5.97 8.43
CA GLN A 54 -4.37 5.35 8.85
C GLN A 54 -3.26 6.37 8.61
N VAL A 55 -2.64 6.83 9.69
CA VAL A 55 -1.63 7.89 9.58
C VAL A 55 -0.22 7.32 9.63
N PHE A 56 0.62 7.77 8.69
CA PHE A 56 2.02 7.32 8.65
C PHE A 56 2.92 8.53 8.39
N SER A 57 4.23 8.29 8.33
CA SER A 57 5.19 9.39 8.09
C SER A 57 5.96 9.08 6.82
N THR A 58 6.64 10.10 6.32
CA THR A 58 7.52 9.87 5.17
C THR A 58 8.86 9.41 5.72
N ALA A 59 9.64 8.72 4.90
CA ALA A 59 10.88 8.16 5.43
C ALA A 59 12.01 9.17 5.46
N GLU A 60 12.43 9.61 4.28
CA GLU A 60 13.58 10.51 4.18
C GLU A 60 13.09 11.94 4.05
N ASP A 61 11.78 12.10 4.07
CA ASP A 61 11.19 13.44 4.08
C ASP A 61 10.40 13.59 5.38
N ASN A 62 10.30 14.83 5.86
CA ASN A 62 9.49 15.10 7.01
C ASN A 62 8.10 15.17 6.43
N GLN A 63 8.09 15.94 5.37
CA GLN A 63 6.87 16.09 4.59
C GLN A 63 7.34 16.68 3.27
N SER A 64 7.51 15.82 2.29
CA SER A 64 7.84 16.35 0.96
C SER A 64 7.39 15.39 -0.14
N ALA A 65 7.36 14.09 0.11
CA ALA A 65 6.83 13.21 -0.95
C ALA A 65 6.44 11.83 -0.49
N VAL A 66 5.32 11.34 -1.03
CA VAL A 66 4.91 9.95 -0.76
C VAL A 66 4.66 9.32 -2.12
N THR A 67 5.33 8.23 -2.41
CA THR A 67 5.01 7.53 -3.66
C THR A 67 3.74 6.81 -3.25
N ILE A 68 2.72 6.59 -4.07
CA ILE A 68 1.57 5.89 -3.53
C ILE A 68 1.70 4.76 -4.49
N HIS A 69 1.78 3.58 -3.90
CA HIS A 69 2.02 2.34 -4.62
C HIS A 69 1.25 1.40 -3.72
N VAL A 70 -0.05 1.36 -3.99
CA VAL A 70 -0.91 0.64 -3.09
C VAL A 70 -0.83 -0.83 -3.41
N LEU A 71 -0.79 -1.65 -2.37
CA LEU A 71 -0.61 -3.08 -2.61
C LEU A 71 -1.74 -3.93 -2.04
N GLN A 72 -2.54 -4.42 -2.97
CA GLN A 72 -3.62 -5.36 -2.64
C GLN A 72 -3.14 -6.81 -2.65
N GLY A 73 -2.91 -7.28 -1.45
CA GLY A 73 -2.57 -8.68 -1.22
C GLY A 73 -2.79 -8.91 0.27
N GLU A 74 -2.23 -9.93 0.90
CA GLU A 74 -2.56 -10.19 2.31
C GLU A 74 -1.36 -10.47 3.22
N ARG A 75 -0.74 -11.63 3.06
CA ARG A 75 0.34 -12.04 3.96
C ARG A 75 1.54 -11.08 4.03
N LYS A 76 2.49 -11.40 4.89
CA LYS A 76 3.66 -10.53 5.06
C LYS A 76 4.77 -10.93 4.08
N ARG A 77 4.82 -12.19 3.67
CA ARG A 77 5.79 -12.55 2.64
C ARG A 77 5.18 -11.91 1.42
N ALA A 78 5.92 -11.08 0.70
CA ALA A 78 5.29 -10.34 -0.40
C ALA A 78 5.05 -11.11 -1.70
N ALA A 79 3.90 -11.79 -1.69
CA ALA A 79 3.37 -12.46 -2.89
C ALA A 79 1.97 -11.87 -2.90
N ASP A 80 1.96 -10.72 -2.25
CA ASP A 80 0.75 -9.96 -1.99
C ASP A 80 0.89 -8.70 -2.83
N ASN A 81 1.26 -8.95 -4.08
CA ASN A 81 1.56 -7.87 -5.00
C ASN A 81 0.46 -7.68 -6.02
N LYS A 82 -0.76 -7.43 -5.55
CA LYS A 82 -1.84 -7.12 -6.49
C LYS A 82 -1.73 -5.63 -6.73
N SER A 83 -1.79 -5.24 -7.99
CA SER A 83 -1.54 -3.84 -8.32
C SER A 83 -2.66 -2.88 -7.94
N LEU A 84 -2.30 -1.98 -7.04
CA LEU A 84 -3.19 -0.90 -6.64
C LEU A 84 -2.23 0.29 -6.74
N GLY A 85 -1.26 0.08 -7.63
CA GLY A 85 -0.15 1.01 -7.81
C GLY A 85 -0.52 2.47 -8.07
N GLN A 86 0.42 3.36 -7.83
CA GLN A 86 0.10 4.78 -7.96
C GLN A 86 1.22 5.64 -8.51
N PHE A 87 1.37 6.78 -7.90
CA PHE A 87 2.30 7.79 -8.41
C PHE A 87 3.08 8.40 -7.27
N ASN A 88 3.10 9.70 -7.28
CA ASN A 88 3.82 10.43 -6.24
C ASN A 88 3.29 11.82 -5.93
N LEU A 89 3.06 12.07 -4.65
CA LEU A 89 2.68 13.40 -4.20
C LEU A 89 4.03 14.06 -3.98
N ASP A 90 4.25 15.30 -4.40
CA ASP A 90 5.60 15.87 -4.28
C ASP A 90 5.58 17.35 -3.97
N GLY A 91 6.63 17.80 -3.29
CA GLY A 91 6.73 19.22 -2.97
C GLY A 91 5.74 19.56 -1.87
N ILE A 92 5.98 19.04 -0.66
CA ILE A 92 5.06 19.35 0.44
C ILE A 92 5.84 20.28 1.37
N ASN A 93 6.25 21.41 0.80
CA ASN A 93 7.07 22.41 1.51
C ASN A 93 8.48 21.86 1.83
N PRO A 94 9.61 22.59 1.74
CA PRO A 94 10.92 22.01 2.06
C PRO A 94 11.05 21.56 3.50
N ALA A 95 11.11 20.25 3.70
CA ALA A 95 11.13 19.73 5.06
C ALA A 95 11.70 18.30 5.03
N PRO A 96 12.87 17.94 5.58
CA PRO A 96 13.40 16.59 5.39
C PRO A 96 13.37 15.69 6.65
N ARG A 97 13.40 14.40 6.37
CA ARG A 97 13.30 13.30 7.35
C ARG A 97 12.53 13.43 8.67
N GLY A 98 11.56 12.53 8.88
CA GLY A 98 10.85 12.50 10.18
C GLY A 98 9.86 13.63 10.38
N MET A 99 8.67 13.30 10.90
CA MET A 99 7.72 14.38 11.21
C MET A 99 6.90 14.09 12.48
N PRO A 100 5.99 13.12 12.69
CA PRO A 100 5.63 12.05 11.75
C PRO A 100 4.16 12.23 11.31
N GLN A 101 3.84 13.26 10.53
CA GLN A 101 2.43 13.54 10.21
C GLN A 101 2.02 13.70 8.74
N ILE A 102 1.62 12.59 8.14
CA ILE A 102 1.06 12.61 6.80
C ILE A 102 -0.09 11.63 6.95
N GLU A 103 -1.30 12.07 7.26
CA GLU A 103 -2.36 11.09 7.49
C GLU A 103 -2.79 10.56 6.15
N VAL A 104 -3.10 9.28 6.10
CA VAL A 104 -3.44 8.65 4.83
C VAL A 104 -4.80 8.00 5.04
N THR A 105 -5.82 8.67 4.57
CA THR A 105 -7.17 8.18 4.84
C THR A 105 -7.56 7.23 3.73
N PHE A 106 -8.37 6.24 4.11
CA PHE A 106 -8.72 5.18 3.16
C PHE A 106 -10.20 4.94 3.27
N ASP A 107 -10.90 5.31 2.21
CA ASP A 107 -12.36 5.24 2.25
C ASP A 107 -12.82 4.66 0.94
N ILE A 108 -13.63 3.62 0.98
CA ILE A 108 -14.16 3.12 -0.30
C ILE A 108 -15.60 3.61 -0.36
N ASP A 109 -16.11 3.80 -1.56
CA ASP A 109 -17.47 4.31 -1.68
C ASP A 109 -18.38 3.09 -1.75
N ALA A 110 -19.67 3.32 -1.90
CA ALA A 110 -20.59 2.19 -1.94
C ALA A 110 -20.70 1.64 -3.36
N ASP A 111 -20.24 2.41 -4.32
CA ASP A 111 -20.31 1.95 -5.71
C ASP A 111 -19.12 1.06 -6.00
N GLY A 112 -18.02 1.32 -5.31
CA GLY A 112 -16.86 0.44 -5.45
C GLY A 112 -15.73 1.16 -6.16
N ILE A 113 -15.32 2.28 -5.60
CA ILE A 113 -14.15 2.99 -6.14
C ILE A 113 -13.37 3.43 -4.91
N LEU A 114 -12.07 3.26 -4.95
CA LEU A 114 -11.28 3.57 -3.75
C LEU A 114 -10.93 5.03 -3.70
N HIS A 115 -11.68 5.69 -2.84
CA HIS A 115 -11.42 7.09 -2.56
C HIS A 115 -10.40 7.19 -1.43
N VAL A 116 -9.12 7.31 -1.78
CA VAL A 116 -8.08 7.41 -0.74
C VAL A 116 -7.30 8.69 -0.98
N SER A 117 -7.06 9.43 0.09
CA SER A 117 -6.42 10.74 -0.04
C SER A 117 -5.21 10.77 0.85
N ALA A 118 -4.05 10.89 0.22
CA ALA A 118 -2.86 11.07 1.05
C ALA A 118 -2.97 12.52 1.45
N LYS A 119 -3.32 12.72 2.69
CA LYS A 119 -3.58 14.07 3.18
C LYS A 119 -2.42 14.42 4.11
N ASP A 120 -1.74 15.51 3.81
CA ASP A 120 -0.56 15.82 4.60
C ASP A 120 -0.90 16.80 5.67
N LYS A 121 -0.16 16.64 6.74
CA LYS A 121 -0.32 17.57 7.88
C LYS A 121 0.72 18.69 7.82
N ASN A 122 0.83 19.28 6.64
CA ASN A 122 1.68 20.45 6.43
C ASN A 122 0.70 21.58 6.24
N SER A 123 -0.26 21.37 5.35
CA SER A 123 -1.31 22.36 5.20
C SER A 123 -2.53 21.64 4.68
N GLY A 124 -2.55 20.31 4.74
CA GLY A 124 -3.69 19.62 4.16
C GLY A 124 -3.46 19.53 2.66
N LYS A 125 -2.20 19.41 2.30
CA LYS A 125 -1.89 19.25 0.88
C LYS A 125 -2.24 17.81 0.59
N GLU A 126 -3.14 17.54 -0.36
CA GLU A 126 -3.55 16.14 -0.55
C GLU A 126 -3.62 15.72 -1.99
N GLN A 127 -3.78 14.41 -2.21
CA GLN A 127 -3.98 13.95 -3.59
C GLN A 127 -4.86 12.74 -3.51
N LYS A 128 -6.04 12.89 -4.09
CA LYS A 128 -7.03 11.84 -3.97
C LYS A 128 -6.95 10.92 -5.18
N ILE A 129 -7.20 9.65 -4.92
CA ILE A 129 -7.19 8.64 -5.99
C ILE A 129 -8.52 7.94 -5.98
N THR A 130 -8.82 7.40 -7.14
CA THR A 130 -10.13 6.78 -7.39
C THR A 130 -9.80 5.52 -8.17
N ILE A 131 -9.40 4.50 -7.44
CA ILE A 131 -8.93 3.28 -8.11
C ILE A 131 -10.04 2.22 -8.26
N LYS A 132 -10.31 1.83 -9.50
CA LYS A 132 -11.27 0.74 -9.72
C LYS A 132 -10.67 -0.53 -9.16
N ALA A 133 -11.50 -1.45 -8.72
CA ALA A 133 -10.95 -2.63 -8.07
C ALA A 133 -11.99 -3.75 -8.05
N SER A 134 -11.92 -4.61 -9.05
CA SER A 134 -12.81 -5.76 -9.08
C SER A 134 -12.10 -6.91 -9.79
N SER A 135 -11.76 -7.95 -9.05
CA SER A 135 -11.01 -9.04 -9.67
C SER A 135 -11.13 -10.29 -8.81
N GLY A 136 -10.59 -11.39 -9.32
CA GLY A 136 -10.74 -12.66 -8.62
C GLY A 136 -9.58 -12.91 -7.66
N LEU A 137 -8.54 -13.56 -8.18
CA LEU A 137 -7.37 -13.92 -7.37
C LEU A 137 -7.73 -14.97 -6.31
N ASN A 138 -6.74 -15.76 -5.97
CA ASN A 138 -6.94 -16.86 -5.02
C ASN A 138 -5.67 -16.97 -4.16
N GLU A 139 -5.68 -17.89 -3.21
CA GLU A 139 -4.57 -17.98 -2.26
C GLU A 139 -3.27 -18.59 -2.77
N ASP A 140 -3.18 -19.01 -4.03
CA ASP A 140 -1.89 -19.48 -4.52
C ASP A 140 -1.64 -18.92 -5.87
N GLU A 141 -2.23 -17.74 -5.92
CA GLU A 141 -1.98 -16.84 -7.04
C GLU A 141 -0.98 -16.12 -6.18
N ILE A 142 -1.39 -15.96 -4.93
CA ILE A 142 -0.50 -15.42 -3.91
C ILE A 142 0.55 -16.49 -3.49
N GLN A 143 0.25 -17.58 -2.81
CA GLN A 143 1.28 -18.60 -2.50
C GLN A 143 2.04 -19.23 -3.70
N LYS A 144 1.44 -19.27 -4.88
CA LYS A 144 2.18 -19.75 -6.07
C LYS A 144 3.21 -18.67 -6.36
N MET A 145 2.72 -17.43 -6.21
CA MET A 145 3.64 -16.32 -6.30
C MET A 145 4.60 -16.36 -5.11
N VAL A 146 4.42 -17.03 -3.96
CA VAL A 146 5.48 -16.98 -2.93
C VAL A 146 6.65 -17.79 -3.40
N ARG A 147 6.39 -18.85 -4.10
CA ARG A 147 7.54 -19.59 -4.57
C ARG A 147 8.25 -18.84 -5.66
N ASP A 148 7.68 -18.84 -6.85
CA ASP A 148 8.42 -18.23 -7.96
C ASP A 148 8.71 -16.77 -7.64
N ALA A 149 7.63 -16.09 -7.34
CA ALA A 149 7.76 -14.66 -7.22
C ALA A 149 8.00 -14.24 -5.78
N GLU A 150 7.94 -15.03 -4.70
CA GLU A 150 8.09 -14.26 -3.47
C GLU A 150 9.59 -14.41 -3.27
N ALA A 151 10.09 -15.56 -3.73
CA ALA A 151 11.53 -15.80 -3.63
C ALA A 151 12.30 -14.80 -4.48
N ASN A 152 11.82 -14.46 -5.67
CA ASN A 152 12.63 -13.58 -6.53
C ASN A 152 11.99 -12.25 -6.94
N ALA A 153 10.67 -12.18 -7.06
CA ALA A 153 10.07 -10.95 -7.60
C ALA A 153 10.26 -9.71 -6.77
N GLU A 154 9.76 -9.79 -5.57
CA GLU A 154 9.75 -8.60 -4.70
C GLU A 154 10.81 -8.79 -3.66
N ALA A 155 11.45 -9.93 -3.72
CA ALA A 155 12.58 -10.11 -2.84
C ALA A 155 13.61 -9.21 -3.48
N ASP A 156 13.96 -9.46 -4.72
CA ASP A 156 15.05 -8.67 -5.30
C ASP A 156 14.67 -7.35 -5.91
N ARG A 157 13.44 -7.17 -6.39
CA ARG A 157 13.18 -5.91 -7.09
C ARG A 157 12.78 -4.89 -6.05
N LYS A 158 11.92 -5.34 -5.16
CA LYS A 158 11.48 -4.41 -4.15
C LYS A 158 12.60 -4.16 -3.16
N PHE A 159 13.47 -5.12 -2.87
CA PHE A 159 14.55 -4.74 -1.97
C PHE A 159 15.46 -3.73 -2.65
N GLU A 160 15.81 -3.98 -3.90
CA GLU A 160 16.81 -3.14 -4.51
C GLU A 160 16.47 -1.69 -4.79
N GLU A 161 15.24 -1.33 -5.11
CA GLU A 161 15.01 0.07 -5.45
C GLU A 161 13.74 0.54 -4.79
N LEU A 162 13.21 -0.27 -3.89
CA LEU A 162 12.05 0.17 -3.15
C LEU A 162 12.41 0.05 -1.68
N VAL A 163 13.55 -0.55 -1.33
CA VAL A 163 13.96 -0.56 0.07
C VAL A 163 15.31 0.17 0.17
N GLN A 164 16.25 -0.18 -0.73
CA GLN A 164 17.64 0.31 -0.71
C GLN A 164 18.32 -0.73 0.14
N THR A 165 17.73 -1.89 -0.09
CA THR A 165 18.01 -3.14 0.60
C THR A 165 18.59 -3.03 2.01
N ARG A 166 17.69 -3.02 2.99
CA ARG A 166 18.15 -2.80 4.36
C ARG A 166 17.10 -3.25 5.37
N ASN A 167 15.84 -3.31 4.94
CA ASN A 167 14.73 -3.72 5.82
C ASN A 167 14.54 -2.76 7.00
N GLN A 168 13.28 -2.45 7.29
CA GLN A 168 13.00 -1.58 8.43
C GLN A 168 11.66 -1.95 9.05
N GLY A 169 10.57 -1.44 8.51
CA GLY A 169 9.27 -1.78 9.10
C GLY A 169 8.17 -0.85 8.64
N ASP A 170 7.46 -0.27 9.60
CA ASP A 170 6.30 0.57 9.30
C ASP A 170 6.65 2.02 9.60
N HIS A 171 5.65 2.90 9.52
CA HIS A 171 5.85 4.35 9.66
C HIS A 171 6.59 4.95 8.47
N LEU A 172 7.89 4.80 8.45
CA LEU A 172 8.69 5.24 7.30
C LEU A 172 8.22 4.42 6.10
N LEU A 173 7.57 5.10 5.16
CA LEU A 173 6.97 4.40 4.02
C LEU A 173 7.83 4.49 2.76
N HIS A 174 9.12 4.67 2.95
CA HIS A 174 10.07 4.73 1.83
C HIS A 174 9.73 5.84 0.84
N SER A 175 10.01 7.08 1.22
CA SER A 175 9.77 8.18 0.30
C SER A 175 10.98 8.36 -0.60
N THR A 176 10.91 7.82 -1.81
CA THR A 176 12.03 7.98 -2.72
C THR A 176 11.98 9.36 -3.36
N ARG A 177 13.13 10.01 -3.38
CA ARG A 177 13.17 11.35 -3.98
C ARG A 177 13.42 11.21 -5.48
N LYS A 178 14.61 10.77 -5.85
CA LYS A 178 14.92 10.64 -7.28
C LYS A 178 14.36 9.32 -7.79
N GLN A 179 14.60 9.07 -9.07
CA GLN A 179 14.15 7.82 -9.69
C GLN A 179 12.63 7.73 -9.63
N VAL A 180 11.96 8.48 -10.48
CA VAL A 180 10.50 8.41 -10.49
C VAL A 180 10.07 7.12 -11.16
N GLU A 181 9.16 6.41 -10.53
CA GLU A 181 8.72 5.14 -11.12
C GLU A 181 7.76 5.45 -12.26
N GLU A 182 8.25 5.33 -13.48
CA GLU A 182 7.38 5.63 -14.62
C GLU A 182 6.54 4.39 -14.92
N ALA A 183 5.30 4.42 -14.48
CA ALA A 183 4.44 3.25 -14.73
C ALA A 183 4.10 3.20 -16.21
N SER A 11 -9.74 -21.60 10.39
CA SER A 11 -8.44 -21.01 10.03
C SER A 11 -7.41 -21.41 11.06
N ILE A 12 -7.01 -22.68 11.01
CA ILE A 12 -5.94 -23.15 11.88
C ILE A 12 -4.63 -22.96 11.11
N GLU A 13 -4.74 -22.82 9.80
CA GLU A 13 -3.52 -22.63 9.02
C GLU A 13 -3.90 -22.03 7.67
N GLY A 14 -3.16 -21.01 7.26
CA GLY A 14 -3.45 -20.41 5.96
C GLY A 14 -4.56 -19.36 6.11
N ARG A 15 -4.25 -18.13 5.76
CA ARG A 15 -5.27 -17.10 5.85
C ARG A 15 -4.86 -15.96 4.93
N VAL A 16 -5.33 -16.04 3.69
CA VAL A 16 -4.94 -15.05 2.68
C VAL A 16 -6.22 -14.43 2.12
N LYS A 17 -7.34 -15.10 2.34
CA LYS A 17 -8.61 -14.52 1.86
C LYS A 17 -9.75 -15.09 2.69
N ASP A 18 -10.67 -14.22 3.08
CA ASP A 18 -11.86 -14.70 3.78
C ASP A 18 -13.01 -13.75 3.43
N VAL A 19 -13.69 -14.06 2.33
CA VAL A 19 -14.84 -13.26 1.92
C VAL A 19 -15.97 -14.24 1.63
N LEU A 20 -16.65 -14.63 2.70
CA LEU A 20 -17.81 -15.48 2.53
C LEU A 20 -18.76 -15.27 3.71
N LEU A 21 -18.17 -14.96 4.86
CA LEU A 21 -18.97 -14.61 6.04
C LEU A 21 -18.46 -13.24 6.45
N LEU A 22 -17.90 -12.61 5.44
CA LEU A 22 -17.35 -11.27 5.55
C LEU A 22 -17.60 -10.73 4.16
N ASP A 23 -18.58 -9.85 4.16
CA ASP A 23 -18.96 -9.11 2.95
C ASP A 23 -18.29 -7.75 3.09
N VAL A 24 -16.98 -7.83 2.95
CA VAL A 24 -16.12 -6.69 3.19
C VAL A 24 -15.27 -6.34 1.98
N THR A 25 -14.33 -5.43 2.18
CA THR A 25 -13.40 -5.11 1.10
C THR A 25 -12.58 -6.37 0.74
N PRO A 26 -12.07 -6.63 -0.48
CA PRO A 26 -12.11 -8.03 -0.92
C PRO A 26 -10.82 -8.84 -0.91
N LEU A 27 -9.72 -8.36 -0.33
CA LEU A 27 -8.49 -9.15 -0.47
C LEU A 27 -7.41 -8.76 0.54
N SER A 28 -7.67 -7.69 1.28
CA SER A 28 -6.71 -7.08 2.22
C SER A 28 -5.92 -6.13 1.34
N LEU A 29 -5.74 -4.90 1.75
CA LEU A 29 -5.12 -3.95 0.82
C LEU A 29 -4.50 -2.66 1.35
N GLY A 30 -3.17 -2.60 1.25
CA GLY A 30 -2.44 -1.41 1.62
C GLY A 30 -1.30 -1.00 0.79
N ILE A 31 -0.08 -1.13 1.27
CA ILE A 31 1.02 -0.53 0.50
C ILE A 31 2.19 -1.49 0.40
N GLU A 32 2.91 -1.37 -0.71
CA GLU A 32 4.14 -2.15 -0.83
C GLU A 32 5.05 -1.61 0.26
N THR A 33 5.52 -2.49 1.14
CA THR A 33 6.30 -2.03 2.30
C THR A 33 7.73 -2.57 2.30
N MET A 34 8.49 -2.05 3.26
CA MET A 34 9.92 -2.34 3.37
C MET A 34 10.35 -3.80 3.36
N GLY A 35 10.84 -4.24 2.21
CA GLY A 35 11.39 -5.60 2.10
C GLY A 35 10.69 -6.45 1.04
N GLY A 36 9.89 -5.86 0.17
CA GLY A 36 9.13 -6.69 -0.75
C GLY A 36 8.03 -7.36 0.05
N VAL A 37 7.32 -6.51 0.77
CA VAL A 37 6.30 -6.98 1.71
C VAL A 37 4.97 -6.36 1.29
N MET A 38 3.88 -7.03 1.63
CA MET A 38 2.55 -6.47 1.38
C MET A 38 1.90 -6.25 2.74
N THR A 39 1.82 -5.00 3.17
CA THR A 39 1.17 -4.70 4.45
C THR A 39 -0.19 -4.08 4.14
N THR A 40 -1.24 -4.64 4.69
CA THR A 40 -2.56 -4.13 4.33
C THR A 40 -2.78 -2.79 4.98
N LEU A 41 -3.67 -1.95 4.42
CA LEU A 41 -3.77 -0.62 4.97
C LEU A 41 -5.12 -0.66 5.67
N ILE A 42 -6.06 -1.09 4.84
CA ILE A 42 -7.42 -1.31 5.31
C ILE A 42 -7.70 -2.72 4.80
N ALA A 43 -8.62 -3.48 5.36
CA ALA A 43 -8.71 -4.87 4.89
C ALA A 43 -10.06 -5.51 5.04
N LYS A 44 -10.03 -6.83 5.01
CA LYS A 44 -11.23 -7.61 5.22
C LYS A 44 -11.63 -7.39 6.68
N ASN A 45 -12.92 -7.55 6.99
CA ASN A 45 -13.48 -7.21 8.32
C ASN A 45 -13.84 -5.72 8.32
N THR A 46 -13.79 -5.11 7.13
CA THR A 46 -14.21 -3.72 6.95
C THR A 46 -15.31 -3.83 5.90
N THR A 47 -16.50 -3.69 6.43
CA THR A 47 -17.73 -3.92 5.67
C THR A 47 -18.12 -2.76 4.78
N ILE A 48 -18.37 -3.06 3.52
CA ILE A 48 -18.63 -1.97 2.60
C ILE A 48 -20.07 -1.47 2.80
N PRO A 49 -20.38 -0.17 2.94
CA PRO A 49 -19.45 0.93 2.75
C PRO A 49 -18.60 1.16 4.00
N THR A 50 -17.36 1.57 3.75
CA THR A 50 -16.37 1.71 4.83
C THR A 50 -15.82 3.12 4.86
N LYS A 51 -15.25 3.40 6.00
CA LYS A 51 -14.56 4.67 6.19
C LYS A 51 -13.57 4.46 7.34
N HIS A 52 -12.30 4.69 7.09
CA HIS A 52 -11.32 4.46 8.15
C HIS A 52 -10.05 5.25 7.87
N SER A 53 -9.54 5.91 8.90
CA SER A 53 -8.34 6.74 8.73
C SER A 53 -7.12 6.03 9.26
N GLN A 54 -6.07 6.12 8.45
CA GLN A 54 -4.78 5.56 8.84
C GLN A 54 -3.72 6.61 8.57
N VAL A 55 -3.21 7.22 9.63
CA VAL A 55 -2.27 8.33 9.46
C VAL A 55 -0.82 7.85 9.51
N PHE A 56 -0.09 8.28 8.50
CA PHE A 56 1.30 7.86 8.36
C PHE A 56 2.12 9.03 7.80
N SER A 57 3.36 8.76 7.46
CA SER A 57 4.18 9.79 6.81
C SER A 57 5.39 9.07 6.20
N THR A 58 6.40 9.82 5.80
CA THR A 58 7.53 9.17 5.11
C THR A 58 8.54 8.68 6.15
N ALA A 59 9.66 8.19 5.67
CA ALA A 59 10.66 7.62 6.59
C ALA A 59 12.03 7.78 5.97
N GLU A 60 11.99 8.00 4.66
CA GLU A 60 13.21 8.23 3.91
C GLU A 60 13.37 9.75 3.92
N ASP A 61 14.58 10.25 3.69
CA ASP A 61 14.78 11.70 3.80
C ASP A 61 14.17 12.46 2.64
N ASN A 62 12.95 12.92 2.85
CA ASN A 62 12.31 13.78 1.88
C ASN A 62 11.12 14.47 2.53
N GLN A 63 10.14 13.65 2.94
CA GLN A 63 8.86 14.16 3.48
C GLN A 63 8.35 15.14 2.45
N SER A 64 8.31 14.64 1.23
CA SER A 64 8.01 15.51 0.11
C SER A 64 7.72 14.63 -1.10
N ALA A 65 7.64 13.33 -0.87
CA ALA A 65 7.24 12.43 -1.95
C ALA A 65 6.88 11.04 -1.43
N VAL A 66 5.63 10.63 -1.66
CA VAL A 66 5.23 9.25 -1.32
C VAL A 66 4.83 8.67 -2.67
N THR A 67 5.29 7.47 -2.94
CA THR A 67 4.84 6.80 -4.15
C THR A 67 3.54 6.15 -3.72
N ILE A 68 2.48 6.07 -4.51
CA ILE A 68 1.28 5.49 -3.98
C ILE A 68 1.43 4.33 -4.95
N HIS A 69 1.33 3.14 -4.42
CA HIS A 69 1.61 1.89 -5.11
C HIS A 69 1.04 0.85 -4.15
N VAL A 70 -0.21 1.14 -4.01
CA VAL A 70 -1.04 0.45 -3.03
C VAL A 70 -1.11 -1.04 -3.43
N LEU A 71 -1.06 -1.95 -2.46
CA LEU A 71 -1.05 -3.39 -2.76
C LEU A 71 -2.19 -4.19 -2.11
N GLN A 72 -3.06 -4.65 -2.99
CA GLN A 72 -4.18 -5.55 -2.63
C GLN A 72 -3.84 -7.05 -2.80
N GLY A 73 -3.30 -7.64 -1.76
CA GLY A 73 -3.08 -9.08 -1.73
C GLY A 73 -3.19 -9.35 -0.23
N GLU A 74 -2.57 -10.36 0.37
CA GLU A 74 -2.66 -10.47 1.84
C GLU A 74 -1.36 -10.87 2.53
N ARG A 75 -0.86 -12.04 2.18
CA ARG A 75 0.33 -12.62 2.84
C ARG A 75 1.54 -11.69 2.87
N LYS A 76 2.36 -11.82 3.88
CA LYS A 76 3.52 -10.91 4.02
C LYS A 76 4.54 -11.15 2.92
N ARG A 77 4.72 -12.40 2.52
CA ARG A 77 5.60 -12.66 1.38
C ARG A 77 4.89 -12.05 0.18
N ALA A 78 5.58 -11.20 -0.55
CA ALA A 78 4.89 -10.48 -1.62
C ALA A 78 4.69 -11.26 -2.92
N ALA A 79 3.58 -11.98 -2.91
CA ALA A 79 3.08 -12.67 -4.11
C ALA A 79 1.62 -12.20 -4.00
N ASP A 80 1.54 -11.07 -3.31
CA ASP A 80 0.29 -10.40 -2.92
C ASP A 80 0.21 -9.05 -3.58
N ASN A 81 0.39 -9.10 -4.88
CA ASN A 81 0.45 -7.86 -5.67
C ASN A 81 -0.77 -7.56 -6.50
N LYS A 82 -1.96 -7.58 -5.90
CA LYS A 82 -3.13 -7.16 -6.66
C LYS A 82 -2.95 -5.65 -6.81
N SER A 83 -3.28 -5.16 -7.98
CA SER A 83 -2.98 -3.77 -8.27
C SER A 83 -3.83 -2.70 -7.60
N LEU A 84 -3.13 -1.90 -6.82
CA LEU A 84 -3.72 -0.72 -6.20
C LEU A 84 -2.61 0.29 -6.52
N GLY A 85 -1.94 -0.08 -7.62
CA GLY A 85 -0.75 0.63 -8.11
C GLY A 85 -1.04 2.10 -8.35
N GLN A 86 -0.05 2.96 -8.14
CA GLN A 86 -0.33 4.39 -8.24
C GLN A 86 0.74 5.25 -8.89
N PHE A 87 0.99 6.36 -8.23
CA PHE A 87 1.87 7.39 -8.79
C PHE A 87 2.77 7.99 -7.72
N ASN A 88 2.92 9.29 -7.76
CA ASN A 88 3.76 9.99 -6.78
C ASN A 88 3.13 11.29 -6.31
N LEU A 89 2.83 11.36 -5.02
CA LEU A 89 2.35 12.61 -4.44
C LEU A 89 3.60 13.36 -4.03
N ASP A 90 4.06 14.24 -4.90
CA ASP A 90 5.33 14.93 -4.65
C ASP A 90 5.11 16.41 -4.42
N GLY A 91 5.28 16.83 -3.17
CA GLY A 91 5.20 18.26 -2.88
C GLY A 91 4.70 18.54 -1.46
N ILE A 92 5.40 18.04 -0.45
CA ILE A 92 5.02 18.41 0.92
C ILE A 92 6.17 19.33 1.28
N ASN A 93 5.99 20.24 2.24
CA ASN A 93 7.09 21.13 2.61
C ASN A 93 8.29 20.28 3.03
N PRO A 94 9.46 20.28 2.36
CA PRO A 94 10.53 19.33 2.67
C PRO A 94 10.97 19.41 4.12
N ALA A 95 10.84 18.29 4.81
CA ALA A 95 11.22 18.30 6.23
C ALA A 95 12.73 18.15 6.41
N PRO A 96 13.51 17.17 5.93
CA PRO A 96 13.07 15.94 5.24
C PRO A 96 12.66 14.91 6.30
N ARG A 97 12.36 13.69 5.88
CA ARG A 97 12.06 12.60 6.82
C ARG A 97 10.76 12.84 7.60
N GLY A 98 10.12 11.74 7.98
CA GLY A 98 8.80 11.78 8.62
C GLY A 98 8.66 12.70 9.83
N MET A 99 7.39 12.95 10.13
CA MET A 99 7.02 13.91 11.19
C MET A 99 6.18 13.28 12.33
N PRO A 100 4.93 12.75 12.26
CA PRO A 100 4.22 12.39 11.02
C PRO A 100 3.09 13.35 10.66
N GLN A 101 3.07 13.80 9.41
CA GLN A 101 2.03 14.73 8.97
C GLN A 101 1.39 14.34 7.63
N ILE A 102 0.98 13.09 7.42
CA ILE A 102 0.26 12.77 6.20
C ILE A 102 -0.90 11.85 6.61
N GLU A 103 -2.07 12.39 6.88
CA GLU A 103 -3.19 11.50 7.22
C GLU A 103 -3.70 10.89 5.92
N VAL A 104 -3.83 9.57 5.92
CA VAL A 104 -4.21 8.87 4.68
C VAL A 104 -5.49 8.11 4.98
N THR A 105 -6.56 8.51 4.31
CA THR A 105 -7.86 7.92 4.61
C THR A 105 -8.28 6.96 3.52
N PHE A 106 -8.89 5.85 3.94
CA PHE A 106 -9.41 4.88 2.99
C PHE A 106 -10.90 4.75 3.26
N ASP A 107 -11.65 5.12 2.24
CA ASP A 107 -13.10 5.16 2.38
C ASP A 107 -13.67 4.52 1.15
N ILE A 108 -14.27 3.35 1.30
CA ILE A 108 -14.81 2.72 0.09
C ILE A 108 -16.27 3.12 0.05
N ASP A 109 -16.84 3.24 -1.13
CA ASP A 109 -18.23 3.67 -1.21
C ASP A 109 -19.08 2.41 -1.18
N ALA A 110 -20.38 2.57 -1.29
CA ALA A 110 -21.24 1.39 -1.23
C ALA A 110 -21.39 0.75 -2.60
N ASP A 111 -20.97 1.47 -3.64
CA ASP A 111 -21.07 0.91 -4.98
C ASP A 111 -19.86 0.04 -5.25
N GLY A 112 -18.74 0.40 -4.65
CA GLY A 112 -17.53 -0.43 -4.76
C GLY A 112 -16.42 0.31 -5.49
N ILE A 113 -15.93 1.35 -4.85
CA ILE A 113 -14.78 2.05 -5.42
C ILE A 113 -14.00 2.61 -4.25
N LEU A 114 -12.69 2.52 -4.32
CA LEU A 114 -11.87 2.96 -3.19
C LEU A 114 -11.58 4.44 -3.32
N HIS A 115 -12.40 5.18 -2.59
CA HIS A 115 -12.17 6.62 -2.52
C HIS A 115 -11.18 6.86 -1.38
N VAL A 116 -9.91 6.98 -1.74
CA VAL A 116 -8.86 7.20 -0.74
C VAL A 116 -8.17 8.50 -1.10
N SER A 117 -7.95 9.33 -0.09
CA SER A 117 -7.26 10.60 -0.32
C SER A 117 -6.01 10.59 0.51
N ALA A 118 -4.88 10.62 -0.16
CA ALA A 118 -3.64 10.74 0.61
C ALA A 118 -3.64 12.20 0.95
N LYS A 119 -3.96 12.51 2.19
CA LYS A 119 -4.12 13.91 2.60
C LYS A 119 -2.92 14.33 3.41
N ASP A 120 -2.33 15.44 3.02
CA ASP A 120 -1.12 15.89 3.67
C ASP A 120 -1.46 16.98 4.64
N LYS A 121 -0.86 16.83 5.80
CA LYS A 121 -1.03 17.84 6.85
C LYS A 121 0.05 18.93 6.76
N ASN A 122 0.11 19.58 5.62
CA ASN A 122 1.01 20.73 5.46
C ASN A 122 0.15 21.82 4.85
N SER A 123 -0.66 21.45 3.87
CA SER A 123 -1.60 22.43 3.33
C SER A 123 -2.80 21.68 2.81
N GLY A 124 -2.89 20.39 3.11
CA GLY A 124 -4.01 19.64 2.55
C GLY A 124 -3.63 19.29 1.13
N LYS A 125 -2.34 18.99 0.96
CA LYS A 125 -1.90 18.57 -0.36
C LYS A 125 -2.43 17.16 -0.55
N GLU A 126 -3.51 16.99 -1.31
CA GLU A 126 -4.09 15.65 -1.40
C GLU A 126 -4.13 15.07 -2.80
N GLN A 127 -4.32 13.76 -2.87
CA GLN A 127 -4.49 13.14 -4.19
C GLN A 127 -5.51 12.04 -4.01
N LYS A 128 -6.65 12.25 -4.63
CA LYS A 128 -7.76 11.32 -4.45
C LYS A 128 -7.74 10.29 -5.56
N ILE A 129 -7.89 9.04 -5.16
CA ILE A 129 -7.93 7.95 -6.15
C ILE A 129 -9.24 7.21 -5.99
N THR A 130 -9.56 6.53 -7.07
CA THR A 130 -10.85 5.85 -7.19
C THR A 130 -10.52 4.52 -7.84
N ILE A 131 -10.09 3.60 -6.99
CA ILE A 131 -9.61 2.31 -7.51
C ILE A 131 -10.65 1.21 -7.35
N LYS A 132 -10.92 0.51 -8.45
CA LYS A 132 -11.86 -0.61 -8.39
C LYS A 132 -11.34 -1.71 -7.48
N ALA A 133 -12.27 -2.46 -6.92
CA ALA A 133 -11.87 -3.47 -5.94
C ALA A 133 -12.99 -4.49 -5.79
N SER A 134 -12.93 -5.54 -6.60
CA SER A 134 -13.95 -6.58 -6.50
C SER A 134 -13.38 -7.87 -7.06
N SER A 135 -13.08 -8.82 -6.19
CA SER A 135 -12.47 -10.05 -6.70
C SER A 135 -12.57 -11.16 -5.66
N GLY A 136 -12.47 -12.39 -6.13
CA GLY A 136 -12.48 -13.51 -5.19
C GLY A 136 -11.72 -14.67 -5.83
N LEU A 137 -10.43 -14.73 -5.50
CA LEU A 137 -9.56 -15.72 -6.15
C LEU A 137 -9.01 -16.69 -5.10
N ASN A 138 -8.47 -17.81 -5.56
CA ASN A 138 -7.81 -18.70 -4.60
C ASN A 138 -6.52 -18.01 -4.19
N GLU A 139 -5.88 -18.45 -3.13
CA GLU A 139 -4.71 -17.70 -2.67
C GLU A 139 -3.49 -17.87 -3.57
N ASP A 140 -3.37 -19.02 -4.20
CA ASP A 140 -2.24 -19.23 -5.11
C ASP A 140 -2.70 -18.92 -6.53
N GLU A 141 -3.97 -18.53 -6.69
CA GLU A 141 -4.40 -18.08 -8.01
C GLU A 141 -3.83 -16.67 -8.13
N ILE A 142 -3.85 -16.00 -6.98
CA ILE A 142 -3.20 -14.70 -6.90
C ILE A 142 -1.74 -15.03 -7.16
N GLN A 143 -1.14 -16.02 -6.48
CA GLN A 143 0.24 -16.41 -6.86
C GLN A 143 0.41 -17.02 -8.25
N LYS A 144 -0.62 -17.17 -9.02
CA LYS A 144 -0.42 -17.60 -10.40
C LYS A 144 0.12 -16.33 -11.04
N MET A 145 -0.64 -15.26 -10.81
CA MET A 145 -0.24 -13.95 -11.35
C MET A 145 1.11 -13.53 -10.78
N VAL A 146 1.16 -13.53 -9.47
CA VAL A 146 2.35 -13.03 -8.80
C VAL A 146 3.35 -14.09 -8.45
N ARG A 147 3.17 -15.28 -9.00
CA ARG A 147 4.17 -16.34 -8.85
C ARG A 147 5.01 -16.12 -10.08
N ASP A 148 4.36 -15.62 -11.12
CA ASP A 148 5.14 -15.22 -12.30
C ASP A 148 5.96 -14.01 -11.85
N ALA A 149 5.35 -13.10 -11.09
CA ALA A 149 6.16 -12.05 -10.44
C ALA A 149 6.78 -12.47 -9.09
N GLU A 150 6.71 -13.74 -8.72
CA GLU A 150 7.30 -14.17 -7.45
C GLU A 150 8.75 -14.37 -7.88
N ALA A 151 8.86 -14.94 -9.08
CA ALA A 151 10.16 -15.11 -9.71
C ALA A 151 10.68 -13.79 -10.26
N ASN A 152 9.81 -12.85 -10.63
CA ASN A 152 10.32 -11.52 -11.03
C ASN A 152 10.53 -10.61 -9.83
N ALA A 153 10.32 -11.11 -8.62
CA ALA A 153 10.62 -10.33 -7.43
C ALA A 153 12.13 -10.10 -7.23
N GLU A 154 13.00 -10.78 -7.99
CA GLU A 154 14.43 -10.49 -7.93
C GLU A 154 14.70 -9.17 -8.65
N ALA A 155 13.84 -8.78 -9.59
CA ALA A 155 13.98 -7.46 -10.21
C ALA A 155 13.44 -6.48 -9.17
N ASP A 156 12.46 -6.95 -8.40
CA ASP A 156 11.98 -6.11 -7.29
C ASP A 156 13.00 -6.10 -6.14
N ARG A 157 14.05 -6.92 -6.16
CA ARG A 157 15.09 -6.81 -5.14
C ARG A 157 15.88 -5.52 -5.40
N LYS A 158 16.02 -5.18 -6.69
CA LYS A 158 16.64 -3.90 -7.03
C LYS A 158 15.71 -2.78 -6.56
N PHE A 159 14.39 -3.01 -6.67
CA PHE A 159 13.44 -2.04 -6.13
C PHE A 159 13.37 -2.08 -4.58
N GLU A 160 13.99 -3.07 -3.97
CA GLU A 160 14.01 -3.20 -2.51
C GLU A 160 15.25 -2.52 -1.99
N GLU A 161 16.16 -2.23 -2.90
CA GLU A 161 17.32 -1.44 -2.52
C GLU A 161 16.78 0.00 -2.51
N LEU A 162 15.86 0.24 -3.44
CA LEU A 162 15.18 1.53 -3.47
C LEU A 162 14.13 1.65 -2.36
N VAL A 163 13.61 0.54 -1.83
CA VAL A 163 12.59 0.67 -0.78
C VAL A 163 13.27 1.16 0.48
N GLN A 164 14.46 0.59 0.72
CA GLN A 164 15.33 0.93 1.87
C GLN A 164 14.85 -0.06 2.89
N THR A 165 14.98 -1.26 2.37
CA THR A 165 14.49 -2.47 3.02
C THR A 165 14.60 -2.59 4.53
N ARG A 166 13.70 -3.39 5.07
CA ARG A 166 13.73 -3.73 6.49
C ARG A 166 13.64 -2.53 7.43
N ASN A 167 12.43 -2.16 7.80
CA ASN A 167 12.29 -1.09 8.79
C ASN A 167 10.88 -1.12 9.36
N GLN A 168 10.66 -2.01 10.32
CA GLN A 168 9.34 -2.10 10.93
C GLN A 168 9.21 -1.03 11.99
N GLY A 169 8.57 0.08 11.62
CA GLY A 169 8.36 1.15 12.59
C GLY A 169 7.00 1.79 12.38
N ASP A 170 6.40 2.26 13.45
CA ASP A 170 5.08 2.86 13.32
C ASP A 170 5.20 4.28 12.76
N HIS A 171 4.20 4.69 12.00
CA HIS A 171 4.20 6.02 11.39
C HIS A 171 5.37 6.24 10.44
N LEU A 172 5.76 5.19 9.71
CA LEU A 172 6.87 5.29 8.78
C LEU A 172 6.46 4.64 7.46
N LEU A 173 7.02 5.13 6.37
CA LEU A 173 6.76 4.51 5.08
C LEU A 173 7.83 5.03 4.13
N HIS A 174 8.86 4.24 3.89
CA HIS A 174 9.96 4.74 3.07
C HIS A 174 9.53 4.98 1.63
N SER A 175 10.08 6.03 1.07
CA SER A 175 9.69 6.38 -0.30
C SER A 175 10.82 7.19 -0.90
N THR A 176 11.22 6.85 -2.11
CA THR A 176 12.36 7.53 -2.70
C THR A 176 11.90 8.87 -3.29
N ARG A 177 12.84 9.68 -3.71
CA ARG A 177 12.48 10.95 -4.34
C ARG A 177 13.58 11.34 -5.32
N LYS A 178 14.72 11.76 -4.81
CA LYS A 178 15.84 12.08 -5.69
C LYS A 178 16.65 10.82 -5.92
N GLN A 179 16.58 10.27 -7.12
CA GLN A 179 17.34 9.06 -7.39
C GLN A 179 18.81 9.41 -7.51
N VAL A 180 19.64 8.40 -7.74
CA VAL A 180 21.07 8.68 -7.87
C VAL A 180 21.72 7.51 -8.61
N GLU A 181 22.49 7.87 -9.63
CA GLU A 181 23.12 6.86 -10.50
C GLU A 181 22.06 5.97 -11.13
N GLU A 182 21.62 6.34 -12.32
CA GLU A 182 20.59 5.55 -12.99
C GLU A 182 21.22 4.39 -13.75
N ALA A 183 22.50 4.50 -14.03
CA ALA A 183 23.15 3.42 -14.77
C ALA A 183 24.66 3.51 -14.59
N SER A 11 -3.24 -22.75 15.55
CA SER A 11 -3.02 -21.74 14.49
C SER A 11 -3.60 -22.26 13.20
N ILE A 12 -4.92 -22.33 13.15
CA ILE A 12 -5.60 -22.71 11.91
C ILE A 12 -5.95 -21.44 11.13
N GLU A 13 -5.80 -20.30 11.77
CA GLU A 13 -6.12 -19.06 11.07
C GLU A 13 -5.00 -18.74 10.11
N GLY A 14 -5.24 -18.97 8.83
CA GLY A 14 -4.19 -18.69 7.85
C GLY A 14 -4.63 -19.13 6.47
N ARG A 15 -5.55 -18.39 5.87
CA ARG A 15 -6.01 -18.77 4.54
C ARG A 15 -6.64 -17.56 3.88
N VAL A 16 -6.25 -17.29 2.65
CA VAL A 16 -6.83 -16.13 1.96
C VAL A 16 -8.27 -16.46 1.60
N LYS A 17 -9.19 -15.67 2.14
CA LYS A 17 -10.61 -15.95 1.95
C LYS A 17 -11.14 -15.14 0.76
N ASP A 18 -12.35 -15.45 0.31
CA ASP A 18 -12.90 -14.76 -0.85
C ASP A 18 -13.91 -13.73 -0.36
N VAL A 19 -15.01 -13.79 -1.05
CA VAL A 19 -16.12 -12.86 -0.81
C VAL A 19 -17.37 -13.70 -0.60
N LEU A 20 -17.30 -14.61 0.37
CA LEU A 20 -18.40 -15.54 0.58
C LEU A 20 -19.49 -14.88 1.42
N LEU A 21 -19.25 -14.80 2.73
CA LEU A 21 -20.20 -14.12 3.62
C LEU A 21 -19.48 -12.89 4.15
N LEU A 22 -18.59 -12.40 3.33
CA LEU A 22 -17.83 -11.19 3.65
C LEU A 22 -17.94 -10.41 2.35
N ASP A 23 -18.86 -9.50 2.44
CA ASP A 23 -19.10 -8.53 1.35
C ASP A 23 -18.38 -7.26 1.78
N VAL A 24 -17.07 -7.40 1.73
CA VAL A 24 -16.16 -6.38 2.23
C VAL A 24 -15.19 -5.95 1.14
N THR A 25 -14.16 -5.21 1.54
CA THR A 25 -13.13 -4.86 0.58
C THR A 25 -12.45 -6.18 0.14
N PRO A 26 -12.35 -6.59 -1.13
CA PRO A 26 -12.36 -8.03 -1.39
C PRO A 26 -11.00 -8.70 -1.64
N LEU A 27 -9.90 -8.22 -1.08
CA LEU A 27 -8.67 -8.98 -1.27
C LEU A 27 -7.70 -8.50 -0.23
N SER A 28 -8.12 -7.40 0.37
CA SER A 28 -7.35 -6.64 1.35
C SER A 28 -6.48 -5.72 0.51
N LEU A 29 -6.45 -4.42 0.84
CA LEU A 29 -5.75 -3.49 -0.06
C LEU A 29 -5.14 -2.23 0.55
N GLY A 30 -3.80 -2.17 0.60
CA GLY A 30 -3.07 -0.99 1.05
C GLY A 30 -1.86 -0.55 0.30
N ILE A 31 -0.66 -0.75 0.81
CA ILE A 31 0.52 -0.14 0.13
C ILE A 31 1.72 -1.11 0.13
N GLU A 32 2.56 -0.99 -0.89
CA GLU A 32 3.80 -1.77 -0.87
C GLU A 32 4.65 -1.23 0.27
N THR A 33 5.11 -2.11 1.15
CA THR A 33 5.83 -1.63 2.35
C THR A 33 7.28 -2.13 2.40
N MET A 34 8.02 -1.49 3.30
CA MET A 34 9.46 -1.73 3.43
C MET A 34 9.88 -3.17 3.67
N GLY A 35 10.59 -3.72 2.70
CA GLY A 35 11.18 -5.06 2.85
C GLY A 35 10.60 -6.09 1.86
N GLY A 36 9.73 -5.66 0.94
CA GLY A 36 9.09 -6.65 0.07
C GLY A 36 7.90 -7.18 0.86
N VAL A 37 7.21 -6.22 1.46
CA VAL A 37 6.09 -6.55 2.36
C VAL A 37 4.88 -5.88 1.73
N MET A 38 3.69 -6.30 2.13
CA MET A 38 2.48 -5.62 1.66
C MET A 38 1.55 -5.48 2.85
N THR A 39 1.35 -4.24 3.26
CA THR A 39 0.44 -3.98 4.39
C THR A 39 -0.90 -3.55 3.83
N THR A 40 -1.95 -4.26 4.19
CA THR A 40 -3.25 -3.90 3.67
C THR A 40 -3.73 -2.64 4.35
N LEU A 41 -4.62 -1.89 3.69
CA LEU A 41 -5.01 -0.62 4.23
C LEU A 41 -6.40 -0.90 4.76
N ILE A 42 -7.19 -1.44 3.83
CA ILE A 42 -8.57 -1.80 4.14
C ILE A 42 -8.70 -3.28 3.92
N ALA A 43 -8.70 -4.03 5.01
CA ALA A 43 -8.69 -5.47 4.87
C ALA A 43 -10.09 -6.02 4.69
N LYS A 44 -10.13 -7.32 4.45
CA LYS A 44 -11.42 -7.99 4.39
C LYS A 44 -11.93 -7.96 5.83
N ASN A 45 -13.26 -8.02 6.02
CA ASN A 45 -13.89 -7.84 7.34
C ASN A 45 -14.08 -6.34 7.54
N THR A 46 -14.02 -5.60 6.43
CA THR A 46 -14.29 -4.16 6.43
C THR A 46 -15.36 -4.03 5.34
N THR A 47 -16.55 -3.88 5.87
CA THR A 47 -17.77 -3.91 5.07
C THR A 47 -18.01 -2.61 4.34
N ILE A 48 -18.29 -2.76 3.07
CA ILE A 48 -18.42 -1.56 2.25
C ILE A 48 -19.81 -0.93 2.44
N PRO A 49 -20.00 0.38 2.56
CA PRO A 49 -18.96 1.41 2.41
C PRO A 49 -18.14 1.55 3.69
N THR A 50 -16.84 1.70 3.49
CA THR A 50 -15.89 1.76 4.61
C THR A 50 -15.26 3.13 4.66
N LYS A 51 -14.76 3.44 5.84
CA LYS A 51 -14.05 4.70 6.01
C LYS A 51 -13.19 4.63 7.28
N HIS A 52 -11.87 4.67 7.17
CA HIS A 52 -11.07 4.72 8.40
C HIS A 52 -9.68 5.29 8.12
N SER A 53 -9.00 5.69 9.20
CA SER A 53 -7.70 6.37 9.07
C SER A 53 -6.54 5.59 9.68
N GLN A 54 -5.40 5.70 9.01
CA GLN A 54 -4.17 5.11 9.57
C GLN A 54 -3.02 6.03 9.16
N VAL A 55 -2.28 6.49 10.16
CA VAL A 55 -1.23 7.49 9.91
C VAL A 55 0.16 6.91 9.77
N PHE A 56 0.86 7.41 8.75
CA PHE A 56 2.23 6.99 8.48
C PHE A 56 3.15 8.20 8.31
N SER A 57 4.42 7.88 8.11
CA SER A 57 5.45 8.90 7.89
C SER A 57 5.97 8.72 6.47
N THR A 58 7.17 9.22 6.21
CA THR A 58 7.81 8.98 4.91
C THR A 58 9.13 8.27 5.17
N ALA A 59 9.98 8.13 4.17
CA ALA A 59 11.19 7.34 4.41
C ALA A 59 12.32 7.54 3.39
N GLU A 60 12.59 8.77 2.96
CA GLU A 60 13.74 8.95 2.07
C GLU A 60 14.34 10.34 2.26
N ASP A 61 14.10 10.93 3.43
CA ASP A 61 14.65 12.25 3.76
C ASP A 61 14.19 13.29 2.77
N ASN A 62 12.91 13.58 2.80
CA ASN A 62 12.38 14.64 1.98
C ASN A 62 11.03 14.98 2.60
N GLN A 63 10.32 13.92 3.04
CA GLN A 63 8.94 14.00 3.57
C GLN A 63 8.17 15.08 2.85
N SER A 64 8.04 14.85 1.57
CA SER A 64 7.48 15.90 0.75
C SER A 64 6.97 15.22 -0.51
N ALA A 65 6.97 13.89 -0.47
CA ALA A 65 6.37 13.16 -1.57
C ALA A 65 6.12 11.72 -1.16
N VAL A 66 4.86 11.32 -1.18
CA VAL A 66 4.57 9.90 -0.91
C VAL A 66 4.34 9.32 -2.29
N THR A 67 4.92 8.17 -2.56
CA THR A 67 4.62 7.52 -3.84
C THR A 67 3.53 6.52 -3.51
N ILE A 68 2.46 6.71 -4.23
CA ILE A 68 1.25 5.95 -3.98
C ILE A 68 1.15 4.73 -4.90
N HIS A 69 1.77 3.65 -4.45
CA HIS A 69 1.66 2.36 -5.15
C HIS A 69 0.82 1.56 -4.18
N VAL A 70 -0.45 1.34 -4.55
CA VAL A 70 -1.35 0.75 -3.58
C VAL A 70 -1.39 -0.76 -3.91
N LEU A 71 -1.38 -1.62 -2.91
CA LEU A 71 -1.38 -3.08 -3.19
C LEU A 71 -2.60 -3.83 -2.65
N GLN A 72 -3.31 -4.37 -3.61
CA GLN A 72 -4.44 -5.26 -3.36
C GLN A 72 -3.92 -6.69 -3.41
N GLY A 73 -3.81 -7.22 -2.21
CA GLY A 73 -3.43 -8.61 -2.05
C GLY A 73 -3.66 -8.94 -0.57
N GLU A 74 -3.23 -10.10 -0.07
CA GLU A 74 -3.57 -10.46 1.32
C GLU A 74 -2.37 -11.01 2.10
N ARG A 75 -2.27 -10.56 3.36
CA ARG A 75 -1.24 -11.02 4.31
C ARG A 75 0.08 -10.28 4.06
N LYS A 76 1.10 -10.60 4.83
CA LYS A 76 2.37 -9.86 4.74
C LYS A 76 3.36 -10.53 3.80
N ARG A 77 3.17 -11.80 3.50
CA ARG A 77 4.05 -12.42 2.51
C ARG A 77 3.71 -11.78 1.18
N ALA A 78 4.67 -11.12 0.55
CA ALA A 78 4.33 -10.37 -0.66
C ALA A 78 4.24 -11.19 -1.94
N ALA A 79 3.02 -11.69 -2.11
CA ALA A 79 2.59 -12.36 -3.34
C ALA A 79 1.24 -11.69 -3.46
N ASP A 80 1.29 -10.51 -2.86
CA ASP A 80 0.13 -9.67 -2.71
C ASP A 80 0.30 -8.46 -3.61
N ASN A 81 0.71 -8.76 -4.83
CA ASN A 81 1.03 -7.67 -5.74
C ASN A 81 -0.08 -7.47 -6.75
N LYS A 82 -1.31 -7.34 -6.28
CA LYS A 82 -2.38 -7.00 -7.21
C LYS A 82 -2.16 -5.53 -7.48
N SER A 83 -2.10 -5.17 -8.75
CA SER A 83 -1.76 -3.78 -9.05
C SER A 83 -2.89 -2.84 -8.73
N LEU A 84 -2.69 -2.07 -7.66
CA LEU A 84 -3.66 -1.05 -7.30
C LEU A 84 -2.74 0.17 -7.26
N GLY A 85 -1.69 0.15 -8.06
CA GLY A 85 -0.71 1.22 -7.93
C GLY A 85 -0.40 2.13 -9.10
N GLN A 86 0.46 3.00 -8.61
CA GLN A 86 1.16 4.02 -9.35
C GLN A 86 0.49 5.38 -9.44
N PHE A 87 0.94 6.22 -8.51
CA PHE A 87 0.53 7.62 -8.50
C PHE A 87 1.54 8.24 -7.53
N ASN A 88 1.62 9.55 -7.39
CA ASN A 88 2.51 10.12 -6.38
C ASN A 88 2.01 11.49 -5.91
N LEU A 89 1.96 11.67 -4.60
CA LEU A 89 1.63 12.99 -4.05
C LEU A 89 2.99 13.66 -3.97
N ASP A 90 3.06 14.94 -4.32
CA ASP A 90 4.35 15.63 -4.27
C ASP A 90 4.19 17.08 -3.86
N GLY A 91 5.25 17.63 -3.29
CA GLY A 91 5.22 19.04 -2.93
C GLY A 91 4.54 19.25 -1.59
N ILE A 92 5.19 18.85 -0.50
CA ILE A 92 4.62 19.14 0.83
C ILE A 92 5.68 19.97 1.53
N ASN A 93 6.48 20.62 0.70
CA ASN A 93 7.65 21.40 1.13
C ASN A 93 8.73 20.49 1.75
N PRO A 94 10.04 20.60 1.50
CA PRO A 94 11.02 19.73 2.16
C PRO A 94 11.03 19.94 3.66
N ALA A 95 10.78 18.87 4.41
CA ALA A 95 10.72 19.04 5.86
C ALA A 95 10.95 17.65 6.42
N PRO A 96 12.15 17.08 6.41
CA PRO A 96 12.25 15.75 5.82
C PRO A 96 11.81 14.64 6.78
N ARG A 97 12.12 13.40 6.45
CA ARG A 97 11.62 12.26 7.24
C ARG A 97 11.91 12.25 8.72
N GLY A 98 11.26 11.29 9.37
CA GLY A 98 11.52 11.05 10.78
C GLY A 98 10.51 11.68 11.72
N MET A 99 9.32 11.95 11.21
CA MET A 99 8.26 12.44 12.09
C MET A 99 6.96 12.07 11.36
N PRO A 100 5.93 11.45 11.97
CA PRO A 100 4.82 10.95 11.17
C PRO A 100 3.82 12.07 10.96
N GLN A 101 3.90 12.64 9.77
CA GLN A 101 3.07 13.79 9.44
C GLN A 101 2.36 13.54 8.13
N ILE A 102 1.94 12.30 7.90
CA ILE A 102 1.12 12.03 6.73
C ILE A 102 0.01 11.10 7.21
N GLU A 103 -1.15 11.64 7.54
CA GLU A 103 -2.25 10.73 7.89
C GLU A 103 -2.74 10.15 6.58
N VAL A 104 -2.86 8.83 6.52
CA VAL A 104 -3.21 8.17 5.26
C VAL A 104 -4.57 7.55 5.45
N THR A 105 -5.57 8.21 4.88
CA THR A 105 -6.93 7.74 5.10
C THR A 105 -7.32 6.80 3.98
N PHE A 106 -8.34 6.02 4.24
CA PHE A 106 -8.72 5.00 3.27
C PHE A 106 -10.23 4.84 3.37
N ASP A 107 -10.88 5.06 2.24
CA ASP A 107 -12.34 5.04 2.23
C ASP A 107 -12.77 4.28 1.00
N ILE A 108 -13.48 3.18 1.17
CA ILE A 108 -13.98 2.54 -0.05
C ILE A 108 -15.41 3.06 -0.16
N ASP A 109 -15.93 3.19 -1.38
CA ASP A 109 -17.26 3.78 -1.52
C ASP A 109 -18.26 2.64 -1.49
N ALA A 110 -19.53 2.97 -1.67
CA ALA A 110 -20.55 1.93 -1.60
C ALA A 110 -20.70 1.23 -2.94
N ASP A 111 -20.18 1.85 -3.99
CA ASP A 111 -20.28 1.21 -5.31
C ASP A 111 -19.13 0.23 -5.46
N GLY A 112 -18.04 0.50 -4.76
CA GLY A 112 -16.92 -0.45 -4.77
C GLY A 112 -15.74 0.13 -5.51
N ILE A 113 -15.05 1.06 -4.88
CA ILE A 113 -13.84 1.59 -5.50
C ILE A 113 -12.94 2.11 -4.39
N LEU A 114 -11.65 1.89 -4.55
CA LEU A 114 -10.70 2.24 -3.49
C LEU A 114 -10.35 3.71 -3.62
N HIS A 115 -11.01 4.48 -2.75
CA HIS A 115 -10.81 5.93 -2.74
C HIS A 115 -10.04 6.33 -1.50
N VAL A 116 -8.72 6.43 -1.64
CA VAL A 116 -7.89 6.84 -0.49
C VAL A 116 -7.57 8.32 -0.64
N SER A 117 -6.90 8.86 0.36
CA SER A 117 -6.47 10.26 0.29
C SER A 117 -5.21 10.34 1.10
N ALA A 118 -4.11 10.55 0.40
CA ALA A 118 -2.88 10.75 1.16
C ALA A 118 -3.01 12.16 1.64
N LYS A 119 -3.25 12.28 2.93
CA LYS A 119 -3.51 13.59 3.53
C LYS A 119 -2.29 13.94 4.36
N ASP A 120 -1.82 15.16 4.20
CA ASP A 120 -0.58 15.55 4.86
C ASP A 120 -0.88 16.37 6.07
N LYS A 121 0.01 16.19 7.03
CA LYS A 121 -0.09 16.93 8.29
C LYS A 121 0.80 18.17 8.25
N ASN A 122 0.91 18.79 7.09
CA ASN A 122 1.64 20.05 6.96
C ASN A 122 0.61 21.15 6.75
N SER A 123 -0.40 20.92 5.92
CA SER A 123 -1.45 21.92 5.82
C SER A 123 -2.75 21.20 5.53
N GLY A 124 -2.73 19.87 5.55
CA GLY A 124 -3.94 19.17 5.16
C GLY A 124 -3.95 19.12 3.65
N LYS A 125 -2.75 19.06 3.08
CA LYS A 125 -2.70 19.02 1.63
C LYS A 125 -3.10 17.60 1.29
N GLU A 126 -3.63 17.27 0.12
CA GLU A 126 -3.92 15.85 -0.12
C GLU A 126 -4.01 15.46 -1.58
N GLN A 127 -4.11 14.16 -1.84
CA GLN A 127 -4.32 13.75 -3.23
C GLN A 127 -5.18 12.51 -3.17
N LYS A 128 -6.40 12.67 -3.66
CA LYS A 128 -7.34 11.57 -3.57
C LYS A 128 -7.32 10.79 -4.86
N ILE A 129 -7.21 9.47 -4.76
CA ILE A 129 -7.21 8.65 -5.98
C ILE A 129 -8.15 7.47 -5.84
N THR A 130 -8.90 7.34 -6.93
CA THR A 130 -9.97 6.34 -6.99
C THR A 130 -9.52 5.23 -7.90
N ILE A 131 -8.89 4.24 -7.30
CA ILE A 131 -8.34 3.14 -8.10
C ILE A 131 -9.47 2.15 -8.35
N LYS A 132 -9.61 1.74 -9.62
CA LYS A 132 -10.66 0.76 -9.94
C LYS A 132 -10.39 -0.57 -9.25
N ALA A 133 -11.37 -1.45 -9.22
CA ALA A 133 -11.17 -2.69 -8.47
C ALA A 133 -12.17 -3.75 -8.91
N SER A 134 -11.77 -4.52 -9.90
CA SER A 134 -12.61 -5.65 -10.32
C SER A 134 -12.33 -6.83 -9.42
N SER A 135 -13.25 -7.78 -9.38
CA SER A 135 -13.04 -8.95 -8.53
C SER A 135 -12.13 -9.94 -9.24
N GLY A 136 -11.42 -10.75 -8.46
CA GLY A 136 -10.54 -11.74 -9.08
C GLY A 136 -9.46 -12.15 -8.08
N LEU A 137 -9.56 -13.36 -7.57
CA LEU A 137 -8.54 -13.81 -6.62
C LEU A 137 -8.53 -15.34 -6.54
N ASN A 138 -7.34 -15.88 -6.33
CA ASN A 138 -7.24 -17.32 -6.12
C ASN A 138 -6.16 -17.55 -5.06
N GLU A 139 -6.15 -18.75 -4.49
CA GLU A 139 -5.24 -19.02 -3.39
C GLU A 139 -3.80 -19.24 -3.84
N ASP A 140 -3.58 -19.45 -5.13
CA ASP A 140 -2.22 -19.53 -5.65
C ASP A 140 -2.07 -18.47 -6.67
N GLU A 141 -2.97 -17.52 -6.46
CA GLU A 141 -2.85 -16.29 -7.20
C GLU A 141 -1.77 -15.88 -6.22
N ILE A 142 -2.11 -15.87 -4.93
CA ILE A 142 -1.07 -15.61 -3.93
C ILE A 142 -0.03 -16.73 -3.81
N GLN A 143 -0.31 -17.93 -3.34
CA GLN A 143 0.73 -18.98 -3.16
C GLN A 143 1.58 -19.35 -4.40
N LYS A 144 1.04 -19.19 -5.60
CA LYS A 144 1.80 -19.54 -6.81
C LYS A 144 2.71 -18.36 -7.07
N MET A 145 2.19 -17.18 -6.71
CA MET A 145 3.04 -16.01 -6.80
C MET A 145 3.93 -16.08 -5.57
N VAL A 146 3.71 -16.91 -4.56
CA VAL A 146 4.60 -16.92 -3.41
C VAL A 146 5.88 -17.51 -3.87
N ARG A 147 5.81 -18.56 -4.64
CA ARG A 147 7.08 -19.10 -5.05
C ARG A 147 7.73 -18.22 -6.08
N ASP A 148 7.17 -18.12 -7.28
CA ASP A 148 7.91 -17.36 -8.29
C ASP A 148 8.07 -15.92 -7.83
N ALA A 149 6.92 -15.35 -7.57
CA ALA A 149 6.93 -13.94 -7.35
C ALA A 149 7.17 -13.59 -5.89
N GLU A 150 7.21 -14.47 -4.86
CA GLU A 150 7.38 -13.78 -3.59
C GLU A 150 8.89 -13.80 -3.53
N ALA A 151 9.46 -14.88 -4.09
CA ALA A 151 10.90 -15.07 -4.01
C ALA A 151 11.65 -13.95 -4.70
N ASN A 152 11.18 -13.43 -5.83
CA ASN A 152 11.96 -12.33 -6.41
C ASN A 152 11.22 -11.25 -7.19
N ALA A 153 9.91 -11.10 -7.09
CA ALA A 153 9.24 -10.12 -7.96
C ALA A 153 9.63 -8.70 -7.62
N GLU A 154 8.96 -8.28 -6.58
CA GLU A 154 9.10 -6.93 -6.07
C GLU A 154 9.92 -7.12 -4.82
N ALA A 155 10.09 -8.40 -4.52
CA ALA A 155 10.98 -8.74 -3.44
C ALA A 155 12.32 -8.38 -4.03
N ASP A 156 12.69 -8.80 -5.24
CA ASP A 156 14.02 -8.42 -5.68
C ASP A 156 14.14 -7.02 -6.22
N ARG A 157 13.21 -6.57 -7.05
CA ARG A 157 13.44 -5.26 -7.64
C ARG A 157 13.04 -4.20 -6.65
N LYS A 158 11.89 -4.41 -6.03
CA LYS A 158 11.44 -3.39 -5.10
C LYS A 158 12.29 -3.41 -3.84
N PHE A 159 12.93 -4.50 -3.42
CA PHE A 159 13.76 -4.32 -2.24
C PHE A 159 15.00 -3.53 -2.63
N GLU A 160 15.59 -3.89 -3.76
CA GLU A 160 16.87 -3.27 -4.09
C GLU A 160 16.83 -1.92 -4.77
N GLU A 161 15.68 -1.33 -5.01
CA GLU A 161 15.71 0.02 -5.55
C GLU A 161 14.60 0.85 -4.98
N LEU A 162 13.68 0.19 -4.30
CA LEU A 162 12.54 0.92 -3.73
C LEU A 162 12.54 0.79 -2.22
N VAL A 163 13.35 -0.11 -1.63
CA VAL A 163 13.42 -0.15 -0.17
C VAL A 163 14.74 0.48 0.20
N GLN A 164 15.81 0.14 -0.55
CA GLN A 164 17.15 0.75 -0.39
C GLN A 164 17.80 -0.21 0.56
N THR A 165 17.36 -1.42 0.25
CA THR A 165 17.74 -2.65 0.92
C THR A 165 18.13 -2.52 2.41
N ARG A 166 17.16 -2.72 3.29
CA ARG A 166 17.45 -2.49 4.71
C ARG A 166 16.44 -3.14 5.66
N ASN A 167 15.22 -3.43 5.18
CA ASN A 167 14.18 -3.99 6.04
C ASN A 167 13.82 -3.09 7.23
N GLN A 168 12.77 -3.50 7.94
CA GLN A 168 12.32 -2.76 9.12
C GLN A 168 11.91 -1.34 8.78
N GLY A 169 10.61 -1.13 8.60
CA GLY A 169 10.14 0.21 8.25
C GLY A 169 8.74 0.49 8.80
N ASP A 170 8.59 0.33 10.09
CA ASP A 170 7.30 0.70 10.71
C ASP A 170 7.32 2.21 10.84
N HIS A 171 6.27 2.87 10.39
CA HIS A 171 6.23 4.34 10.36
C HIS A 171 7.32 4.87 9.43
N LEU A 172 7.45 4.20 8.30
CA LEU A 172 8.38 4.64 7.26
C LEU A 172 7.78 4.04 5.99
N LEU A 173 6.80 4.71 5.43
CA LEU A 173 6.10 4.11 4.28
C LEU A 173 6.99 4.08 3.04
N HIS A 174 6.94 5.11 2.21
CA HIS A 174 7.71 5.07 0.98
C HIS A 174 7.70 6.48 0.42
N SER A 175 8.78 6.89 -0.21
CA SER A 175 8.82 8.27 -0.68
C SER A 175 9.90 8.47 -1.73
N THR A 176 9.46 8.68 -2.96
CA THR A 176 10.42 8.99 -4.02
C THR A 176 9.80 10.00 -4.98
N ARG A 177 10.63 10.72 -5.70
CA ARG A 177 10.09 11.69 -6.64
C ARG A 177 11.13 11.94 -7.72
N LYS A 178 12.33 12.29 -7.31
CA LYS A 178 13.38 12.53 -8.30
C LYS A 178 13.87 11.19 -8.86
N GLN A 179 13.93 11.11 -10.18
CA GLN A 179 14.31 9.84 -10.79
C GLN A 179 15.83 9.78 -10.93
N VAL A 180 16.46 9.16 -9.94
CA VAL A 180 17.91 8.96 -9.98
C VAL A 180 18.64 10.29 -10.02
N GLU A 181 19.11 10.75 -8.88
CA GLU A 181 19.84 12.01 -8.87
C GLU A 181 21.23 11.79 -9.43
N GLU A 182 21.80 10.63 -9.14
CA GLU A 182 23.14 10.36 -9.63
C GLU A 182 23.03 9.89 -11.08
N ALA A 183 23.09 10.82 -12.01
CA ALA A 183 22.98 10.43 -13.41
C ALA A 183 24.30 9.83 -13.87
N SER A 11 -11.17 -28.53 3.04
CA SER A 11 -9.81 -28.41 3.58
C SER A 11 -8.84 -28.11 2.45
N ILE A 12 -8.92 -26.89 1.96
CA ILE A 12 -7.99 -26.43 0.92
C ILE A 12 -6.82 -25.72 1.59
N GLU A 13 -7.00 -25.45 2.88
CA GLU A 13 -5.94 -24.81 3.67
C GLU A 13 -5.58 -23.43 3.12
N GLY A 14 -6.07 -22.40 3.79
CA GLY A 14 -5.72 -21.04 3.37
C GLY A 14 -6.74 -20.51 2.38
N ARG A 15 -7.95 -20.29 2.85
CA ARG A 15 -8.96 -19.72 1.95
C ARG A 15 -8.75 -18.21 1.87
N VAL A 16 -8.11 -17.76 0.81
CA VAL A 16 -7.87 -16.32 0.68
C VAL A 16 -9.18 -15.65 0.30
N LYS A 17 -9.92 -16.26 -0.63
CA LYS A 17 -11.17 -15.64 -1.06
C LYS A 17 -12.28 -16.02 -0.08
N ASP A 18 -13.03 -15.02 0.35
CA ASP A 18 -14.13 -15.31 1.26
C ASP A 18 -15.05 -14.11 1.31
N VAL A 19 -16.10 -14.14 0.49
CA VAL A 19 -17.12 -13.09 0.53
C VAL A 19 -18.45 -13.81 0.47
N LEU A 20 -18.96 -14.18 1.63
CA LEU A 20 -20.28 -14.77 1.68
C LEU A 20 -20.90 -14.53 3.06
N LEU A 21 -20.08 -14.13 4.01
CA LEU A 21 -20.61 -13.77 5.33
C LEU A 21 -19.72 -12.64 5.80
N LEU A 22 -19.03 -12.12 4.80
CA LEU A 22 -18.16 -10.96 4.96
C LEU A 22 -18.35 -10.23 3.66
N ASP A 23 -19.13 -9.20 3.81
CA ASP A 23 -19.40 -8.25 2.73
C ASP A 23 -18.54 -7.06 3.09
N VAL A 24 -17.25 -7.30 2.93
CA VAL A 24 -16.24 -6.36 3.39
C VAL A 24 -15.29 -5.99 2.27
N THR A 25 -14.26 -5.26 2.66
CA THR A 25 -13.21 -4.95 1.71
C THR A 25 -12.58 -6.30 1.29
N PRO A 26 -12.65 -6.80 0.05
CA PRO A 26 -12.73 -8.26 -0.10
C PRO A 26 -11.39 -8.95 -0.35
N LEU A 27 -10.31 -8.51 0.26
CA LEU A 27 -9.07 -9.26 0.11
C LEU A 27 -8.11 -8.85 1.20
N SER A 28 -8.15 -7.53 1.40
CA SER A 28 -7.26 -6.76 2.30
C SER A 28 -6.44 -5.93 1.33
N LEU A 29 -6.16 -4.68 1.67
CA LEU A 29 -5.50 -3.83 0.68
C LEU A 29 -4.84 -2.55 1.17
N GLY A 30 -3.49 -2.50 1.09
CA GLY A 30 -2.75 -1.29 1.41
C GLY A 30 -1.57 -0.86 0.63
N ILE A 31 -0.37 -1.01 1.15
CA ILE A 31 0.78 -0.42 0.42
C ILE A 31 1.99 -1.35 0.48
N GLU A 32 2.83 -1.29 -0.54
CA GLU A 32 4.09 -2.04 -0.49
C GLU A 32 4.93 -1.42 0.62
N THR A 33 5.48 -2.25 1.51
CA THR A 33 6.21 -1.68 2.68
C THR A 33 7.64 -2.20 2.80
N MET A 34 8.36 -1.55 3.72
CA MET A 34 9.79 -1.78 3.95
C MET A 34 10.17 -3.24 4.16
N GLY A 35 10.86 -3.79 3.18
CA GLY A 35 11.24 -5.21 3.23
C GLY A 35 10.93 -5.92 1.91
N GLY A 36 9.76 -5.63 1.36
CA GLY A 36 9.30 -6.34 0.17
C GLY A 36 8.06 -7.03 0.71
N VAL A 37 7.42 -6.28 1.58
CA VAL A 37 6.28 -6.80 2.33
C VAL A 37 4.99 -6.20 1.79
N MET A 38 3.87 -6.52 2.43
CA MET A 38 2.61 -5.89 2.04
C MET A 38 1.81 -5.63 3.31
N THR A 39 1.74 -4.38 3.72
CA THR A 39 0.89 -4.05 4.87
C THR A 39 -0.47 -3.67 4.33
N THR A 40 -1.50 -4.36 4.78
CA THR A 40 -2.84 -4.00 4.31
C THR A 40 -3.20 -2.67 4.92
N LEU A 41 -4.09 -1.92 4.25
CA LEU A 41 -4.35 -0.58 4.72
C LEU A 41 -5.67 -0.76 5.44
N ILE A 42 -6.57 -1.41 4.71
CA ILE A 42 -7.86 -1.77 5.29
C ILE A 42 -8.04 -3.26 5.01
N ALA A 43 -8.59 -3.97 5.98
CA ALA A 43 -8.68 -5.43 5.86
C ALA A 43 -10.10 -5.96 5.79
N LYS A 44 -10.15 -7.22 5.39
CA LYS A 44 -11.42 -7.96 5.38
C LYS A 44 -11.91 -7.97 6.83
N ASN A 45 -13.24 -7.92 7.04
CA ASN A 45 -13.86 -7.75 8.37
C ASN A 45 -14.24 -6.27 8.50
N THR A 46 -13.77 -5.43 7.57
CA THR A 46 -14.19 -4.02 7.55
C THR A 46 -15.28 -3.95 6.49
N THR A 47 -16.45 -3.64 6.99
CA THR A 47 -17.67 -3.69 6.18
C THR A 47 -17.94 -2.44 5.38
N ILE A 48 -18.24 -2.65 4.12
CA ILE A 48 -18.40 -1.50 3.24
C ILE A 48 -19.80 -0.88 3.42
N PRO A 49 -20.01 0.44 3.43
CA PRO A 49 -18.98 1.46 3.18
C PRO A 49 -18.16 1.70 4.45
N THR A 50 -16.85 1.78 4.25
CA THR A 50 -15.92 1.90 5.38
C THR A 50 -15.33 3.30 5.39
N LYS A 51 -14.77 3.61 6.53
CA LYS A 51 -14.08 4.88 6.69
C LYS A 51 -13.10 4.72 7.83
N HIS A 52 -11.80 4.94 7.60
CA HIS A 52 -10.84 4.69 8.68
C HIS A 52 -9.60 5.55 8.47
N SER A 53 -8.99 5.92 9.59
CA SER A 53 -7.85 6.84 9.57
C SER A 53 -6.60 6.26 10.21
N GLN A 54 -5.51 6.24 9.45
CA GLN A 54 -4.23 5.82 10.05
C GLN A 54 -3.14 6.77 9.57
N VAL A 55 -2.45 7.37 10.53
CA VAL A 55 -1.42 8.36 10.20
C VAL A 55 -0.03 7.75 10.13
N PHE A 56 0.62 8.07 9.02
CA PHE A 56 1.98 7.58 8.78
C PHE A 56 2.85 8.76 8.34
N SER A 57 4.05 8.48 7.88
CA SER A 57 4.94 9.55 7.43
C SER A 57 5.87 9.00 6.36
N THR A 58 6.79 9.84 5.88
CA THR A 58 7.73 9.40 4.85
C THR A 58 9.03 8.99 5.53
N ALA A 59 10.12 8.92 4.78
CA ALA A 59 11.41 8.65 5.40
C ALA A 59 12.53 9.14 4.51
N GLU A 60 12.24 9.29 3.23
CA GLU A 60 13.27 9.72 2.29
C GLU A 60 13.20 11.24 2.17
N ASP A 61 12.03 11.73 1.78
CA ASP A 61 11.83 13.18 1.73
C ASP A 61 10.39 13.46 2.19
N ASN A 62 10.09 14.69 2.57
CA ASN A 62 8.80 15.01 3.12
C ASN A 62 8.61 16.49 2.86
N GLN A 63 9.38 16.87 1.86
CA GLN A 63 9.33 18.22 1.30
C GLN A 63 8.84 17.93 -0.10
N SER A 64 8.62 16.64 -0.30
CA SER A 64 8.33 16.17 -1.64
C SER A 64 7.40 14.99 -1.88
N ALA A 65 7.51 13.79 -1.33
CA ALA A 65 6.59 12.75 -1.82
C ALA A 65 6.39 11.47 -1.03
N VAL A 66 5.26 10.87 -1.37
CA VAL A 66 4.94 9.53 -0.84
C VAL A 66 4.32 8.81 -2.00
N THR A 67 4.97 7.72 -2.29
CA THR A 67 4.57 6.94 -3.46
C THR A 67 3.36 6.11 -3.07
N ILE A 68 2.41 6.10 -3.98
CA ILE A 68 1.12 5.48 -3.72
C ILE A 68 0.98 4.20 -4.56
N HIS A 69 1.80 3.20 -4.27
CA HIS A 69 1.66 1.88 -4.92
C HIS A 69 0.90 1.09 -3.90
N VAL A 70 -0.39 1.04 -4.18
CA VAL A 70 -1.29 0.45 -3.23
C VAL A 70 -1.34 -1.05 -3.58
N LEU A 71 -1.27 -1.91 -2.56
CA LEU A 71 -1.30 -3.37 -2.81
C LEU A 71 -2.51 -4.07 -2.23
N GLN A 72 -3.29 -4.55 -3.18
CA GLN A 72 -4.47 -5.39 -2.88
C GLN A 72 -4.09 -6.85 -2.77
N GLY A 73 -3.98 -7.28 -1.54
CA GLY A 73 -3.74 -8.70 -1.28
C GLY A 73 -4.07 -9.06 0.16
N GLU A 74 -3.10 -9.62 0.88
CA GLU A 74 -3.35 -10.11 2.24
C GLU A 74 -2.46 -9.38 3.25
N ARG A 75 -1.47 -10.08 3.81
CA ARG A 75 -0.66 -9.49 4.89
C ARG A 75 0.84 -9.54 4.54
N LYS A 76 1.65 -10.06 5.46
CA LYS A 76 3.11 -10.03 5.31
C LYS A 76 3.71 -10.65 4.06
N ARG A 77 3.42 -11.92 3.82
CA ARG A 77 4.06 -12.59 2.68
C ARG A 77 3.60 -11.93 1.40
N ALA A 78 4.52 -11.26 0.72
CA ALA A 78 4.12 -10.48 -0.45
C ALA A 78 3.94 -11.27 -1.76
N ALA A 79 2.76 -11.88 -1.82
CA ALA A 79 2.25 -12.55 -3.04
C ALA A 79 0.87 -11.92 -2.99
N ASP A 80 0.93 -10.75 -2.40
CA ASP A 80 -0.22 -9.94 -2.10
C ASP A 80 -0.08 -8.70 -2.95
N ASN A 81 0.34 -8.96 -4.18
CA ASN A 81 0.65 -7.85 -5.07
C ASN A 81 -0.45 -7.66 -6.10
N LYS A 82 -1.68 -7.57 -5.65
CA LYS A 82 -2.75 -7.25 -6.59
C LYS A 82 -2.52 -5.79 -6.93
N SER A 83 -2.73 -5.45 -8.19
CA SER A 83 -2.41 -4.09 -8.59
C SER A 83 -3.42 -3.11 -8.04
N LEU A 84 -2.93 -2.20 -7.20
CA LEU A 84 -3.77 -1.12 -6.70
C LEU A 84 -2.79 0.07 -6.91
N GLY A 85 -2.06 -0.21 -7.99
CA GLY A 85 -1.09 0.65 -8.69
C GLY A 85 -0.43 1.89 -8.12
N GLN A 86 0.66 2.20 -8.81
CA GLN A 86 1.55 3.29 -8.40
C GLN A 86 1.19 4.67 -8.92
N PHE A 87 1.21 5.59 -7.98
CA PHE A 87 1.02 7.00 -8.31
C PHE A 87 1.98 7.71 -7.34
N ASN A 88 1.99 9.03 -7.27
CA ASN A 88 2.84 9.68 -6.27
C ASN A 88 2.27 11.03 -5.85
N LEU A 89 2.31 11.30 -4.56
CA LEU A 89 1.90 12.62 -4.08
C LEU A 89 3.20 13.41 -4.18
N ASP A 90 3.15 14.63 -4.71
CA ASP A 90 4.38 15.40 -4.92
C ASP A 90 4.29 16.81 -4.34
N GLY A 91 5.44 17.37 -3.98
CA GLY A 91 5.47 18.73 -3.43
C GLY A 91 4.98 18.75 -2.01
N ILE A 92 5.74 18.20 -1.05
CA ILE A 92 5.26 18.26 0.35
C ILE A 92 6.08 19.32 1.11
N ASN A 93 6.41 20.42 0.44
CA ASN A 93 7.30 21.42 1.04
C ASN A 93 6.75 22.05 2.33
N PRO A 94 7.51 22.54 3.32
CA PRO A 94 8.98 22.68 3.28
C PRO A 94 9.70 21.89 4.38
N ALA A 95 9.85 20.57 4.24
CA ALA A 95 10.50 19.81 5.32
C ALA A 95 11.06 18.47 4.83
N PRO A 96 12.25 18.33 4.25
CA PRO A 96 12.66 17.06 3.64
C PRO A 96 12.99 16.09 4.77
N ARG A 97 12.35 14.93 4.75
CA ARG A 97 12.63 13.85 5.69
C ARG A 97 12.26 14.19 7.12
N GLY A 98 11.40 13.35 7.69
CA GLY A 98 11.06 13.53 9.10
C GLY A 98 10.14 14.71 9.35
N MET A 99 8.89 14.38 9.69
CA MET A 99 7.91 15.41 10.07
C MET A 99 7.29 15.04 11.45
N PRO A 100 6.55 13.97 11.75
CA PRO A 100 6.16 12.87 10.85
C PRO A 100 4.65 12.93 10.63
N GLN A 101 4.17 14.00 10.02
CA GLN A 101 2.72 14.19 9.89
C GLN A 101 2.15 14.04 8.49
N ILE A 102 1.70 12.82 8.17
CA ILE A 102 0.99 12.60 6.91
C ILE A 102 -0.16 11.71 7.35
N GLU A 103 -1.33 12.29 7.60
CA GLU A 103 -2.46 11.45 8.04
C GLU A 103 -3.22 10.94 6.83
N VAL A 104 -3.39 9.63 6.78
CA VAL A 104 -4.01 9.02 5.60
C VAL A 104 -5.40 8.55 5.99
N THR A 105 -6.39 8.95 5.21
CA THR A 105 -7.75 8.44 5.42
C THR A 105 -8.15 7.63 4.22
N PHE A 106 -8.59 6.43 4.55
CA PHE A 106 -8.89 5.45 3.52
C PHE A 106 -10.31 5.01 3.76
N ASP A 107 -11.14 5.41 2.82
CA ASP A 107 -12.58 5.18 2.93
C ASP A 107 -12.96 4.39 1.71
N ILE A 108 -13.62 3.26 1.91
CA ILE A 108 -14.06 2.53 0.71
C ILE A 108 -15.52 2.91 0.49
N ASP A 109 -15.97 2.86 -0.75
CA ASP A 109 -17.33 3.31 -1.04
C ASP A 109 -18.23 2.09 -0.94
N ALA A 110 -19.53 2.28 -1.10
CA ALA A 110 -20.45 1.15 -0.92
C ALA A 110 -20.51 0.27 -2.16
N ASP A 111 -20.05 0.79 -3.29
CA ASP A 111 -20.04 -0.03 -4.50
C ASP A 111 -18.78 -0.88 -4.49
N GLY A 112 -17.75 -0.37 -3.82
CA GLY A 112 -16.52 -1.14 -3.66
C GLY A 112 -15.37 -0.53 -4.45
N ILE A 113 -14.81 0.54 -3.91
CA ILE A 113 -13.63 1.12 -4.56
C ILE A 113 -12.87 1.92 -3.51
N LEU A 114 -11.55 1.93 -3.58
CA LEU A 114 -10.78 2.58 -2.52
C LEU A 114 -10.68 4.07 -2.77
N HIS A 115 -11.59 4.78 -2.12
CA HIS A 115 -11.54 6.24 -2.16
C HIS A 115 -10.65 6.70 -1.02
N VAL A 116 -9.35 6.82 -1.30
CA VAL A 116 -8.39 7.16 -0.24
C VAL A 116 -7.73 8.50 -0.56
N SER A 117 -7.63 9.34 0.48
CA SER A 117 -6.92 10.61 0.32
C SER A 117 -5.70 10.57 1.23
N ALA A 118 -4.53 10.54 0.63
CA ALA A 118 -3.34 10.61 1.45
C ALA A 118 -3.23 12.05 1.84
N LYS A 119 -3.59 12.36 3.07
CA LYS A 119 -3.64 13.74 3.50
C LYS A 119 -2.33 14.09 4.19
N ASP A 120 -1.76 15.24 3.86
CA ASP A 120 -0.53 15.63 4.53
C ASP A 120 -0.86 16.63 5.61
N LYS A 121 -0.25 16.37 6.76
CA LYS A 121 -0.43 17.28 7.89
C LYS A 121 0.66 18.34 7.95
N ASN A 122 0.80 19.09 6.85
CA ASN A 122 1.71 20.22 6.82
C ASN A 122 0.90 21.36 6.25
N SER A 123 0.01 21.08 5.31
CA SER A 123 -0.86 22.16 4.84
C SER A 123 -2.12 21.51 4.31
N GLY A 124 -2.26 20.21 4.51
CA GLY A 124 -3.43 19.55 3.94
C GLY A 124 -3.08 19.29 2.49
N LYS A 125 -1.85 18.88 2.28
CA LYS A 125 -1.44 18.54 0.92
C LYS A 125 -2.00 17.15 0.64
N GLU A 126 -3.18 17.09 0.06
CA GLU A 126 -3.84 15.79 -0.12
C GLU A 126 -3.74 15.25 -1.53
N GLN A 127 -3.95 13.95 -1.67
CA GLN A 127 -4.00 13.40 -3.02
C GLN A 127 -4.96 12.24 -2.94
N LYS A 128 -5.99 12.48 -3.71
CA LYS A 128 -7.14 11.58 -3.71
C LYS A 128 -7.18 10.71 -4.94
N ILE A 129 -7.41 9.43 -4.69
CA ILE A 129 -7.59 8.47 -5.79
C ILE A 129 -8.81 7.63 -5.50
N THR A 130 -9.32 7.04 -6.56
CA THR A 130 -10.46 6.11 -6.43
C THR A 130 -10.01 4.91 -7.21
N ILE A 131 -9.24 4.07 -6.53
CA ILE A 131 -8.61 2.93 -7.21
C ILE A 131 -9.22 1.58 -6.84
N LYS A 132 -9.34 0.73 -7.85
CA LYS A 132 -9.81 -0.63 -7.59
C LYS A 132 -9.81 -1.40 -8.90
N ALA A 133 -10.82 -1.13 -9.73
CA ALA A 133 -10.88 -1.71 -11.07
C ALA A 133 -10.88 -3.24 -11.09
N SER A 134 -12.08 -3.80 -11.17
CA SER A 134 -12.23 -5.26 -11.32
C SER A 134 -11.61 -6.08 -10.20
N SER A 135 -11.89 -7.38 -10.22
CA SER A 135 -11.31 -8.28 -9.22
C SER A 135 -11.16 -9.66 -9.84
N GLY A 136 -10.67 -10.61 -9.06
CA GLY A 136 -10.42 -11.95 -9.61
C GLY A 136 -9.22 -12.53 -8.88
N LEU A 137 -9.44 -13.57 -8.10
CA LEU A 137 -8.33 -14.09 -7.30
C LEU A 137 -8.55 -15.50 -6.80
N ASN A 138 -7.47 -16.11 -6.32
CA ASN A 138 -7.58 -17.43 -5.70
C ASN A 138 -6.34 -17.60 -4.83
N GLU A 139 -6.37 -18.59 -3.95
CA GLU A 139 -5.27 -18.73 -2.99
C GLU A 139 -3.92 -19.19 -3.52
N ASP A 140 -3.78 -19.55 -4.78
CA ASP A 140 -2.45 -19.85 -5.30
C ASP A 140 -2.23 -19.05 -6.52
N GLU A 141 -2.94 -17.93 -6.47
CA GLU A 141 -2.68 -16.90 -7.45
C GLU A 141 -1.63 -16.36 -6.52
N ILE A 142 -2.08 -16.25 -5.28
CA ILE A 142 -1.16 -15.86 -4.21
C ILE A 142 -0.08 -16.93 -3.93
N GLN A 143 -0.40 -18.07 -3.35
CA GLN A 143 0.61 -19.10 -3.03
C GLN A 143 1.48 -19.58 -4.21
N LYS A 144 0.95 -19.65 -5.43
CA LYS A 144 1.86 -20.06 -6.53
C LYS A 144 2.74 -18.88 -6.87
N MET A 145 2.22 -17.66 -6.62
CA MET A 145 3.07 -16.50 -6.81
C MET A 145 3.78 -16.25 -5.48
N VAL A 146 3.71 -17.13 -4.47
CA VAL A 146 4.52 -16.97 -3.25
C VAL A 146 5.81 -17.62 -3.67
N ARG A 147 5.70 -18.67 -4.45
CA ARG A 147 6.96 -19.22 -4.90
C ARG A 147 7.61 -18.31 -5.89
N ASP A 148 7.09 -18.20 -7.09
CA ASP A 148 7.82 -17.38 -8.06
C ASP A 148 7.89 -15.95 -7.55
N ALA A 149 6.71 -15.39 -7.33
CA ALA A 149 6.70 -13.98 -7.09
C ALA A 149 6.86 -13.68 -5.62
N GLU A 150 6.88 -14.60 -4.63
CA GLU A 150 6.92 -13.96 -3.32
C GLU A 150 8.41 -13.97 -3.08
N ALA A 151 9.05 -15.01 -3.65
CA ALA A 151 10.49 -15.14 -3.47
C ALA A 151 11.23 -13.98 -4.09
N ASN A 152 10.83 -13.48 -5.27
CA ASN A 152 11.67 -12.43 -5.86
C ASN A 152 10.96 -11.28 -6.58
N ALA A 153 9.64 -11.21 -6.62
CA ALA A 153 9.01 -10.17 -7.44
C ALA A 153 9.29 -8.75 -6.98
N GLU A 154 8.60 -8.47 -5.89
CA GLU A 154 8.61 -7.14 -5.31
C GLU A 154 9.40 -7.32 -4.04
N ALA A 155 9.69 -8.59 -3.81
CA ALA A 155 10.57 -8.90 -2.71
C ALA A 155 11.88 -8.33 -3.22
N ASP A 156 12.35 -8.73 -4.39
CA ASP A 156 13.67 -8.25 -4.79
C ASP A 156 13.68 -6.90 -5.48
N ARG A 157 12.70 -6.60 -6.31
CA ARG A 157 12.82 -5.35 -7.05
C ARG A 157 12.35 -4.24 -6.17
N LYS A 158 11.35 -4.55 -5.38
CA LYS A 158 10.76 -3.49 -4.58
C LYS A 158 11.69 -3.25 -3.41
N PHE A 159 12.35 -4.27 -2.87
CA PHE A 159 13.22 -3.96 -1.74
C PHE A 159 14.44 -3.20 -2.20
N GLU A 160 14.95 -3.55 -3.37
CA GLU A 160 16.21 -2.95 -3.76
C GLU A 160 16.11 -1.48 -4.10
N GLU A 161 15.25 -1.13 -5.03
CA GLU A 161 15.21 0.26 -5.47
C GLU A 161 14.15 1.04 -4.75
N LEU A 162 13.16 0.36 -4.18
CA LEU A 162 12.05 1.10 -3.58
C LEU A 162 12.15 1.09 -2.06
N VAL A 163 12.93 0.19 -1.44
CA VAL A 163 13.10 0.31 0.01
C VAL A 163 14.46 0.93 0.25
N GLN A 164 15.47 0.52 -0.54
CA GLN A 164 16.83 1.11 -0.51
C GLN A 164 17.51 0.22 0.48
N THR A 165 17.05 -1.00 0.27
CA THR A 165 17.45 -2.18 1.03
C THR A 165 17.89 -1.96 2.48
N ARG A 166 16.95 -2.05 3.40
CA ARG A 166 17.26 -1.74 4.79
C ARG A 166 16.26 -2.37 5.75
N ASN A 167 14.98 -2.34 5.41
CA ASN A 167 13.95 -2.99 6.23
C ASN A 167 13.91 -2.48 7.67
N GLN A 168 13.30 -1.32 7.88
CA GLN A 168 13.15 -0.82 9.24
C GLN A 168 11.89 -1.41 9.88
N GLY A 169 10.76 -0.73 9.75
CA GLY A 169 9.56 -1.24 10.38
C GLY A 169 8.30 -0.57 9.84
N ASP A 170 7.72 0.30 10.66
CA ASP A 170 6.45 0.95 10.28
C ASP A 170 6.64 2.45 10.51
N HIS A 171 5.56 3.21 10.27
CA HIS A 171 5.59 4.67 10.38
C HIS A 171 6.37 5.32 9.24
N LEU A 172 7.69 5.30 9.34
CA LEU A 172 8.53 5.78 8.26
C LEU A 172 8.27 4.96 7.00
N LEU A 173 8.43 5.59 5.84
CA LEU A 173 8.13 4.88 4.60
C LEU A 173 8.77 5.67 3.46
N HIS A 174 9.91 5.18 2.99
CA HIS A 174 10.62 5.86 1.91
C HIS A 174 9.77 5.91 0.64
N SER A 175 10.21 6.74 -0.29
CA SER A 175 9.48 6.90 -1.56
C SER A 175 10.49 6.85 -2.71
N THR A 176 10.01 6.51 -3.89
CA THR A 176 10.92 6.39 -5.02
C THR A 176 11.21 7.76 -5.63
N ARG A 177 12.44 7.93 -6.10
CA ARG A 177 12.79 9.16 -6.80
C ARG A 177 13.66 8.79 -7.99
N LYS A 178 13.23 9.15 -9.19
CA LYS A 178 14.03 8.81 -10.36
C LYS A 178 15.20 9.78 -10.44
N GLN A 179 16.40 9.24 -10.49
CA GLN A 179 17.57 10.13 -10.57
C GLN A 179 18.76 9.36 -11.10
N VAL A 180 19.44 9.94 -12.08
CA VAL A 180 20.62 9.30 -12.65
C VAL A 180 21.73 10.34 -12.76
N GLU A 181 22.95 9.89 -12.48
CA GLU A 181 24.12 10.76 -12.59
C GLU A 181 24.00 11.98 -11.67
N GLU A 182 24.56 11.87 -10.49
CA GLU A 182 24.55 12.99 -9.55
C GLU A 182 25.97 13.18 -9.03
N ALA A 183 26.56 12.12 -8.52
CA ALA A 183 27.91 12.24 -8.00
C ALA A 183 28.90 12.33 -9.17
N SER A 11 -1.55 -29.86 10.30
CA SER A 11 -2.03 -28.69 9.54
C SER A 11 -0.87 -27.76 9.28
N ILE A 12 0.02 -28.20 8.41
CA ILE A 12 1.13 -27.34 7.98
C ILE A 12 0.70 -26.59 6.73
N GLU A 13 -0.38 -27.01 6.13
CA GLU A 13 -0.85 -26.32 4.93
C GLU A 13 -1.55 -25.04 5.35
N GLY A 14 -0.84 -23.93 5.29
CA GLY A 14 -1.44 -22.66 5.69
C GLY A 14 -2.23 -22.07 4.53
N ARG A 15 -3.44 -22.54 4.35
CA ARG A 15 -4.26 -21.98 3.27
C ARG A 15 -4.82 -20.65 3.73
N VAL A 16 -4.39 -19.57 3.10
CA VAL A 16 -4.89 -18.26 3.53
C VAL A 16 -6.32 -18.09 3.05
N LYS A 17 -7.20 -17.68 3.96
CA LYS A 17 -8.61 -17.59 3.62
C LYS A 17 -8.88 -16.26 2.91
N ASP A 18 -10.15 -15.94 2.65
CA ASP A 18 -10.44 -14.75 1.88
C ASP A 18 -11.72 -14.10 2.41
N VAL A 19 -12.52 -13.77 1.44
CA VAL A 19 -13.76 -13.03 1.67
C VAL A 19 -14.94 -13.91 1.27
N LEU A 20 -15.21 -14.86 2.14
CA LEU A 20 -16.23 -15.85 1.86
C LEU A 20 -17.64 -15.39 2.24
N LEU A 21 -17.82 -14.99 3.48
CA LEU A 21 -19.14 -14.58 3.97
C LEU A 21 -18.89 -13.25 4.67
N LEU A 22 -18.27 -12.41 3.88
CA LEU A 22 -17.78 -11.11 4.28
C LEU A 22 -18.08 -10.34 3.01
N ASP A 23 -18.99 -9.44 3.20
CA ASP A 23 -19.38 -8.48 2.15
C ASP A 23 -18.67 -7.19 2.47
N VAL A 24 -17.35 -7.28 2.33
CA VAL A 24 -16.44 -6.24 2.75
C VAL A 24 -15.51 -5.81 1.63
N THR A 25 -14.54 -4.97 1.99
CA THR A 25 -13.52 -4.56 1.02
C THR A 25 -12.72 -5.78 0.52
N PRO A 26 -12.00 -5.77 -0.61
CA PRO A 26 -11.63 -7.03 -1.30
C PRO A 26 -11.04 -8.21 -0.56
N LEU A 27 -9.90 -8.06 0.09
CA LEU A 27 -9.29 -9.23 0.75
C LEU A 27 -8.22 -8.84 1.77
N SER A 28 -7.82 -7.57 1.67
CA SER A 28 -6.74 -6.94 2.44
C SER A 28 -6.03 -6.04 1.45
N LEU A 29 -5.87 -4.76 1.79
CA LEU A 29 -5.33 -3.85 0.77
C LEU A 29 -4.84 -2.44 1.16
N GLY A 30 -3.54 -2.18 1.04
CA GLY A 30 -3.03 -0.84 1.27
C GLY A 30 -1.81 -0.42 0.54
N ILE A 31 -0.59 -0.72 0.95
CA ILE A 31 0.54 -0.12 0.20
C ILE A 31 1.68 -1.14 0.15
N GLU A 32 2.40 -1.12 -0.96
CA GLU A 32 3.59 -1.97 -1.03
C GLU A 32 4.59 -1.39 -0.02
N THR A 33 5.14 -2.24 0.83
CA THR A 33 6.01 -1.74 1.91
C THR A 33 7.35 -2.46 2.05
N MET A 34 8.20 -1.74 2.79
CA MET A 34 9.53 -2.17 3.22
C MET A 34 10.27 -3.36 2.60
N GLY A 35 10.42 -3.40 1.29
CA GLY A 35 11.24 -4.46 0.70
C GLY A 35 10.47 -5.75 0.38
N GLY A 36 9.40 -5.64 -0.38
CA GLY A 36 8.73 -6.86 -0.79
C GLY A 36 7.87 -7.31 0.36
N VAL A 37 7.14 -6.35 0.91
CA VAL A 37 6.29 -6.61 2.07
C VAL A 37 4.94 -6.01 1.70
N MET A 38 3.87 -6.48 2.30
CA MET A 38 2.55 -5.87 2.05
C MET A 38 1.98 -5.42 3.39
N THR A 39 1.42 -4.21 3.42
CA THR A 39 0.74 -3.74 4.63
C THR A 39 -0.65 -3.29 4.22
N THR A 40 -1.67 -3.90 4.78
CA THR A 40 -3.02 -3.55 4.36
C THR A 40 -3.38 -2.18 4.88
N LEU A 41 -4.29 -1.51 4.19
CA LEU A 41 -4.58 -0.15 4.56
C LEU A 41 -5.84 -0.33 5.37
N ILE A 42 -6.77 -0.93 4.64
CA ILE A 42 -8.04 -1.31 5.24
C ILE A 42 -8.15 -2.78 4.88
N ALA A 43 -8.74 -3.55 5.77
CA ALA A 43 -8.77 -4.99 5.55
C ALA A 43 -10.18 -5.53 5.36
N LYS A 44 -10.21 -6.84 5.22
CA LYS A 44 -11.47 -7.57 5.14
C LYS A 44 -12.14 -7.39 6.51
N ASN A 45 -13.48 -7.54 6.62
CA ASN A 45 -14.21 -7.23 7.87
C ASN A 45 -14.57 -5.73 7.92
N THR A 46 -14.11 -4.94 6.95
CA THR A 46 -14.51 -3.53 6.85
C THR A 46 -15.59 -3.55 5.77
N THR A 47 -16.79 -3.23 6.20
CA THR A 47 -17.95 -3.38 5.35
C THR A 47 -18.23 -2.18 4.48
N ILE A 48 -18.37 -2.44 3.20
CA ILE A 48 -18.51 -1.31 2.30
C ILE A 48 -19.92 -0.71 2.44
N PRO A 49 -20.15 0.61 2.54
CA PRO A 49 -19.13 1.66 2.38
C PRO A 49 -18.33 1.84 3.67
N THR A 50 -17.09 2.25 3.47
CA THR A 50 -16.15 2.37 4.60
C THR A 50 -15.52 3.74 4.64
N LYS A 51 -14.99 3.99 5.81
CA LYS A 51 -14.24 5.22 6.04
C LYS A 51 -13.36 5.02 7.27
N HIS A 52 -12.06 5.20 7.10
CA HIS A 52 -11.16 5.05 8.24
C HIS A 52 -9.86 5.80 7.96
N SER A 53 -9.55 6.78 8.79
CA SER A 53 -8.30 7.51 8.58
C SER A 53 -7.14 6.71 9.11
N GLN A 54 -6.13 6.60 8.26
CA GLN A 54 -4.89 5.94 8.70
C GLN A 54 -3.71 6.86 8.42
N VAL A 55 -3.04 7.27 9.49
CA VAL A 55 -1.97 8.27 9.37
C VAL A 55 -0.58 7.64 9.49
N PHE A 56 0.27 8.04 8.55
CA PHE A 56 1.66 7.55 8.57
C PHE A 56 2.62 8.68 8.21
N SER A 57 3.89 8.30 8.08
CA SER A 57 4.93 9.22 7.64
C SER A 57 5.92 8.32 6.90
N THR A 58 6.86 8.90 6.18
CA THR A 58 7.74 8.04 5.37
C THR A 58 8.98 7.67 6.17
N ALA A 59 9.96 7.09 5.49
CA ALA A 59 11.23 6.76 6.13
C ALA A 59 12.37 7.59 5.54
N GLU A 60 12.26 7.92 4.26
CA GLU A 60 13.37 8.62 3.59
C GLU A 60 13.17 10.13 3.65
N ASP A 61 12.08 10.61 3.08
CA ASP A 61 11.75 12.03 3.18
C ASP A 61 10.25 12.11 3.43
N ASN A 62 9.84 12.72 4.53
CA ASN A 62 8.44 12.68 4.87
C ASN A 62 7.64 13.60 3.99
N GLN A 63 7.92 14.88 4.14
CA GLN A 63 7.18 15.87 3.38
C GLN A 63 7.95 16.17 2.12
N SER A 64 8.01 15.22 1.21
CA SER A 64 8.61 15.51 -0.09
C SER A 64 8.09 14.53 -1.12
N ALA A 65 7.73 13.32 -0.69
CA ALA A 65 7.10 12.39 -1.62
C ALA A 65 6.48 11.21 -0.87
N VAL A 66 5.44 10.65 -1.45
CA VAL A 66 4.87 9.43 -0.88
C VAL A 66 4.26 8.67 -2.03
N THR A 67 4.77 7.47 -2.14
CA THR A 67 4.37 6.64 -3.29
C THR A 67 3.03 5.98 -3.03
N ILE A 68 2.16 6.14 -4.02
CA ILE A 68 0.80 5.64 -3.91
C ILE A 68 0.65 4.39 -4.78
N HIS A 69 1.44 3.39 -4.44
CA HIS A 69 1.31 2.07 -5.09
C HIS A 69 0.38 1.40 -4.10
N VAL A 70 -0.93 1.36 -4.35
CA VAL A 70 -1.78 0.86 -3.31
C VAL A 70 -1.69 -0.64 -3.57
N LEU A 71 -1.59 -1.49 -2.56
CA LEU A 71 -1.37 -2.92 -2.84
C LEU A 71 -2.40 -3.85 -2.21
N GLN A 72 -3.16 -4.44 -3.11
CA GLN A 72 -4.20 -5.39 -2.73
C GLN A 72 -3.72 -6.84 -2.83
N GLY A 73 -3.31 -7.35 -1.68
CA GLY A 73 -2.94 -8.77 -1.58
C GLY A 73 -3.26 -9.16 -0.15
N GLU A 74 -2.38 -9.90 0.52
CA GLU A 74 -2.61 -10.20 1.95
C GLU A 74 -1.42 -9.71 2.77
N ARG A 75 -1.53 -9.82 4.08
CA ARG A 75 -0.48 -9.26 4.93
C ARG A 75 0.75 -10.17 4.97
N LYS A 76 1.91 -9.54 4.75
CA LYS A 76 3.20 -10.25 4.86
C LYS A 76 3.35 -11.38 3.85
N ARG A 77 4.62 -11.75 3.63
CA ARG A 77 4.96 -12.74 2.60
C ARG A 77 4.43 -12.21 1.28
N ALA A 78 5.21 -11.37 0.63
CA ALA A 78 4.69 -10.71 -0.56
C ALA A 78 4.64 -11.56 -1.82
N ALA A 79 3.42 -12.06 -1.97
CA ALA A 79 2.98 -12.78 -3.15
C ALA A 79 1.60 -12.12 -3.17
N ASP A 80 1.64 -10.93 -2.61
CA ASP A 80 0.46 -10.10 -2.33
C ASP A 80 0.46 -8.84 -3.16
N ASN A 81 0.75 -9.00 -4.44
CA ASN A 81 0.88 -7.82 -5.30
C ASN A 81 -0.24 -7.58 -6.27
N LYS A 82 -1.47 -7.49 -5.77
CA LYS A 82 -2.55 -7.12 -6.67
C LYS A 82 -2.41 -5.63 -6.88
N SER A 83 -2.42 -5.24 -8.14
CA SER A 83 -2.17 -3.83 -8.43
C SER A 83 -3.39 -3.04 -8.01
N LEU A 84 -3.14 -2.13 -7.09
CA LEU A 84 -4.18 -1.22 -6.66
C LEU A 84 -3.39 0.06 -6.80
N GLY A 85 -2.40 0.04 -7.67
CA GLY A 85 -1.73 1.29 -7.90
C GLY A 85 -0.30 1.30 -8.38
N GLN A 86 0.08 2.56 -8.62
CA GLN A 86 1.45 2.93 -8.95
C GLN A 86 1.42 4.41 -9.34
N PHE A 87 1.41 5.28 -8.34
CA PHE A 87 1.48 6.72 -8.61
C PHE A 87 2.37 7.32 -7.54
N ASN A 88 2.58 8.63 -7.53
CA ASN A 88 3.34 9.23 -6.44
C ASN A 88 3.00 10.70 -6.19
N LEU A 89 2.84 11.06 -4.92
CA LEU A 89 2.63 12.47 -4.57
C LEU A 89 4.06 12.97 -4.41
N ASP A 90 4.42 14.11 -4.98
CA ASP A 90 5.82 14.57 -4.91
C ASP A 90 5.86 16.09 -4.80
N GLY A 91 6.97 16.60 -4.28
CA GLY A 91 7.13 18.04 -4.20
C GLY A 91 6.26 18.58 -3.08
N ILE A 92 6.62 18.26 -1.84
CA ILE A 92 5.79 18.73 -0.71
C ILE A 92 6.76 19.66 0.01
N ASN A 93 6.29 20.60 0.82
CA ASN A 93 7.20 21.56 1.44
C ASN A 93 8.21 20.80 2.33
N PRO A 94 9.44 21.27 2.59
CA PRO A 94 10.50 20.32 2.91
C PRO A 94 10.60 19.97 4.39
N ALA A 95 10.59 18.67 4.66
CA ALA A 95 10.81 18.21 6.03
C ALA A 95 11.29 16.76 5.87
N PRO A 96 12.56 16.47 5.61
CA PRO A 96 12.89 15.19 4.98
C PRO A 96 13.19 14.10 6.01
N ARG A 97 12.15 13.45 6.50
CA ARG A 97 12.38 12.29 7.37
C ARG A 97 11.84 12.47 8.79
N GLY A 98 10.86 11.65 9.14
CA GLY A 98 10.35 11.64 10.51
C GLY A 98 9.72 12.97 10.92
N MET A 99 8.38 13.02 10.92
CA MET A 99 7.69 14.23 11.40
C MET A 99 6.77 13.89 12.59
N PRO A 100 5.65 13.13 12.59
CA PRO A 100 5.08 12.42 11.43
C PRO A 100 3.84 13.18 10.94
N GLN A 101 3.83 13.66 9.69
CA GLN A 101 2.72 14.51 9.23
C GLN A 101 2.14 14.13 7.85
N ILE A 102 1.75 12.88 7.61
CA ILE A 102 1.07 12.59 6.34
C ILE A 102 -0.11 11.70 6.72
N GLU A 103 -1.28 12.31 6.87
CA GLU A 103 -2.48 11.50 7.15
C GLU A 103 -3.01 10.99 5.82
N VAL A 104 -3.39 9.72 5.79
CA VAL A 104 -3.83 9.11 4.52
C VAL A 104 -5.21 8.57 4.79
N THR A 105 -6.21 9.20 4.20
CA THR A 105 -7.59 8.81 4.52
C THR A 105 -8.18 7.83 3.53
N PHE A 106 -8.72 6.75 4.06
CA PHE A 106 -9.28 5.70 3.21
C PHE A 106 -10.78 5.81 3.29
N ASP A 107 -11.44 5.93 2.15
CA ASP A 107 -12.90 5.92 2.16
C ASP A 107 -13.33 5.06 1.00
N ILE A 108 -13.82 3.84 1.20
CA ILE A 108 -14.25 3.13 0.00
C ILE A 108 -15.68 3.57 -0.21
N ASP A 109 -16.14 3.57 -1.45
CA ASP A 109 -17.50 4.07 -1.69
C ASP A 109 -18.45 2.89 -1.61
N ALA A 110 -19.74 3.16 -1.75
CA ALA A 110 -20.71 2.06 -1.66
C ALA A 110 -20.84 1.37 -3.02
N ASP A 111 -20.35 2.01 -4.07
CA ASP A 111 -20.39 1.37 -5.38
C ASP A 111 -19.19 0.45 -5.48
N GLY A 112 -18.08 0.88 -4.89
CA GLY A 112 -16.91 0.01 -4.81
C GLY A 112 -15.67 0.67 -5.41
N ILE A 113 -15.69 1.99 -5.57
CA ILE A 113 -14.48 2.67 -6.03
C ILE A 113 -13.71 3.11 -4.79
N LEU A 114 -12.41 2.90 -4.82
CA LEU A 114 -11.60 3.25 -3.66
C LEU A 114 -11.22 4.71 -3.78
N HIS A 115 -11.80 5.46 -2.87
CA HIS A 115 -11.46 6.88 -2.78
C HIS A 115 -10.45 7.07 -1.65
N VAL A 116 -9.20 7.38 -2.00
CA VAL A 116 -8.18 7.58 -0.97
C VAL A 116 -7.34 8.80 -1.35
N SER A 117 -7.12 9.67 -0.36
CA SER A 117 -6.36 10.89 -0.61
C SER A 117 -5.19 10.89 0.34
N ALA A 118 -4.01 10.84 -0.23
CA ALA A 118 -2.84 10.92 0.65
C ALA A 118 -2.67 12.37 0.92
N LYS A 119 -2.92 12.75 2.16
CA LYS A 119 -2.92 14.18 2.56
C LYS A 119 -1.71 14.46 3.41
N ASP A 120 -1.06 15.57 3.09
CA ASP A 120 0.11 15.97 3.87
C ASP A 120 -0.37 17.05 4.79
N LYS A 121 -0.11 16.75 6.05
CA LYS A 121 -0.61 17.60 7.14
C LYS A 121 -0.04 19.02 7.22
N ASN A 122 1.01 19.37 6.48
CA ASN A 122 1.63 20.69 6.65
C ASN A 122 1.35 21.57 5.44
N SER A 123 0.14 21.46 4.88
CA SER A 123 -0.27 22.31 3.75
C SER A 123 0.51 21.94 2.51
N GLY A 124 0.77 20.64 2.40
CA GLY A 124 1.38 20.11 1.20
C GLY A 124 0.17 19.51 0.51
N LYS A 125 -0.68 19.11 1.43
CA LYS A 125 -2.00 18.61 1.10
C LYS A 125 -2.03 17.29 0.35
N GLU A 126 -3.14 17.07 -0.31
CA GLU A 126 -3.39 15.77 -0.94
C GLU A 126 -3.51 15.58 -2.42
N GLN A 127 -3.57 14.29 -2.72
CA GLN A 127 -3.82 13.88 -4.11
C GLN A 127 -4.72 12.68 -4.01
N LYS A 128 -5.90 12.85 -4.56
CA LYS A 128 -6.92 11.80 -4.43
C LYS A 128 -6.91 10.90 -5.64
N ILE A 129 -7.29 9.67 -5.41
CA ILE A 129 -7.43 8.72 -6.51
C ILE A 129 -8.74 7.98 -6.32
N THR A 130 -9.20 7.49 -7.45
CA THR A 130 -10.48 6.80 -7.52
C THR A 130 -10.12 5.56 -8.29
N ILE A 131 -9.67 4.59 -7.52
CA ILE A 131 -9.13 3.36 -8.13
C ILE A 131 -9.97 2.13 -7.79
N LYS A 132 -10.18 1.29 -8.81
CA LYS A 132 -11.05 0.13 -8.65
C LYS A 132 -10.54 -0.85 -7.60
N ALA A 133 -11.48 -1.61 -7.07
CA ALA A 133 -11.13 -2.53 -5.99
C ALA A 133 -12.28 -3.51 -5.80
N SER A 134 -12.47 -4.39 -6.76
CA SER A 134 -13.62 -5.29 -6.70
C SER A 134 -13.36 -6.44 -5.75
N SER A 135 -14.41 -6.87 -5.07
CA SER A 135 -14.28 -7.98 -4.12
C SER A 135 -14.75 -9.26 -4.75
N GLY A 136 -13.89 -10.27 -4.76
CA GLY A 136 -14.29 -11.56 -5.32
C GLY A 136 -13.07 -12.32 -5.79
N LEU A 137 -12.01 -12.25 -5.01
CA LEU A 137 -10.73 -12.86 -5.41
C LEU A 137 -10.26 -13.75 -4.28
N ASN A 138 -9.38 -14.70 -4.61
CA ASN A 138 -8.79 -15.54 -3.56
C ASN A 138 -7.42 -14.97 -3.26
N GLU A 139 -6.95 -15.09 -2.02
CA GLU A 139 -5.65 -14.51 -1.68
C GLU A 139 -4.50 -15.35 -2.22
N ASP A 140 -4.77 -16.64 -2.49
CA ASP A 140 -3.75 -17.48 -3.12
C ASP A 140 -3.97 -17.41 -4.62
N GLU A 141 -5.08 -16.82 -5.03
CA GLU A 141 -5.31 -16.57 -6.45
C GLU A 141 -4.34 -15.48 -6.82
N ILE A 142 -4.30 -14.51 -5.90
CA ILE A 142 -3.34 -13.42 -5.97
C ILE A 142 -1.95 -14.05 -5.88
N GLN A 143 -1.72 -15.05 -5.04
CA GLN A 143 -0.42 -15.73 -5.06
C GLN A 143 -0.13 -16.41 -6.39
N LYS A 144 -1.08 -16.82 -7.21
CA LYS A 144 -0.69 -17.53 -8.44
C LYS A 144 -0.10 -16.52 -9.41
N MET A 145 -0.72 -15.34 -9.39
CA MET A 145 -0.22 -14.24 -10.20
C MET A 145 1.21 -13.92 -9.75
N VAL A 146 1.34 -13.80 -8.45
CA VAL A 146 2.66 -13.59 -7.89
C VAL A 146 3.35 -14.86 -7.43
N ARG A 147 3.04 -15.96 -8.08
CA ARG A 147 3.73 -17.24 -7.86
C ARG A 147 4.75 -17.09 -8.95
N ASP A 148 4.22 -16.60 -10.06
CA ASP A 148 5.10 -16.26 -11.18
C ASP A 148 6.02 -15.16 -10.68
N ALA A 149 5.47 -14.13 -10.04
CA ALA A 149 6.36 -13.14 -9.42
C ALA A 149 6.80 -13.46 -7.97
N GLU A 150 6.66 -14.72 -7.53
CA GLU A 150 7.17 -15.09 -6.20
C GLU A 150 8.64 -15.30 -6.58
N ALA A 151 8.76 -15.97 -7.73
CA ALA A 151 10.07 -16.17 -8.33
C ALA A 151 10.66 -14.85 -8.82
N ASN A 152 9.84 -13.91 -9.31
CA ASN A 152 10.40 -12.60 -9.71
C ASN A 152 10.57 -11.63 -8.53
N ALA A 153 10.32 -12.08 -7.30
CA ALA A 153 10.58 -11.24 -6.14
C ALA A 153 12.09 -10.99 -5.89
N GLU A 154 12.97 -11.66 -6.63
CA GLU A 154 14.40 -11.34 -6.54
C GLU A 154 14.70 -10.05 -7.30
N ALA A 155 13.83 -9.74 -8.24
CA ALA A 155 13.93 -8.45 -8.94
C ALA A 155 13.33 -7.44 -7.98
N ASP A 156 12.39 -7.89 -7.17
CA ASP A 156 11.86 -7.02 -6.12
C ASP A 156 12.90 -6.82 -5.01
N ARG A 157 13.94 -7.65 -4.92
CA ARG A 157 15.01 -7.39 -3.95
C ARG A 157 15.86 -6.22 -4.47
N LYS A 158 15.88 -6.01 -5.79
CA LYS A 158 16.56 -4.83 -6.33
C LYS A 158 15.74 -3.60 -5.89
N PHE A 159 14.42 -3.75 -5.87
CA PHE A 159 13.57 -2.68 -5.34
C PHE A 159 13.64 -2.60 -3.81
N GLU A 160 14.19 -3.62 -3.16
CA GLU A 160 14.41 -3.60 -1.71
C GLU A 160 15.72 -2.89 -1.43
N GLU A 161 16.57 -2.76 -2.44
CA GLU A 161 17.79 -1.97 -2.26
C GLU A 161 17.37 -0.51 -2.43
N LEU A 162 16.33 -0.31 -3.24
CA LEU A 162 15.78 1.03 -3.39
C LEU A 162 15.01 1.41 -2.12
N VAL A 163 14.42 0.42 -1.45
CA VAL A 163 13.77 0.69 -0.18
C VAL A 163 14.86 1.11 0.80
N GLN A 164 15.81 0.20 1.00
CA GLN A 164 16.90 0.36 2.00
C GLN A 164 16.25 -0.24 3.21
N THR A 165 15.89 -1.47 2.92
CA THR A 165 15.12 -2.36 3.77
C THR A 165 15.01 -2.04 5.26
N ARG A 166 13.81 -2.20 5.78
CA ARG A 166 13.59 -1.80 7.16
C ARG A 166 12.28 -2.40 7.68
N ASN A 167 12.32 -3.69 8.00
CA ASN A 167 11.11 -4.31 8.53
C ASN A 167 10.84 -3.78 9.93
N GLN A 168 9.57 -3.84 10.32
CA GLN A 168 9.16 -3.35 11.63
C GLN A 168 9.50 -1.88 11.80
N GLY A 169 8.53 -1.01 11.53
CA GLY A 169 8.77 0.41 11.68
C GLY A 169 7.46 1.15 11.87
N ASP A 170 7.32 1.84 12.98
CA ASP A 170 6.07 2.54 13.25
C ASP A 170 6.06 3.87 12.51
N HIS A 171 5.00 4.08 11.74
CA HIS A 171 4.82 5.35 11.02
C HIS A 171 5.94 5.64 10.04
N LEU A 172 6.40 4.61 9.35
CA LEU A 172 7.41 4.80 8.30
C LEU A 172 6.81 4.17 7.04
N LEU A 173 7.27 4.61 5.89
CA LEU A 173 6.67 4.15 4.63
C LEU A 173 7.56 4.65 3.50
N HIS A 174 8.39 3.77 2.97
CA HIS A 174 9.37 4.19 1.96
C HIS A 174 8.68 4.75 0.71
N SER A 175 9.45 5.44 -0.12
CA SER A 175 8.83 6.10 -1.26
C SER A 175 9.87 6.50 -2.28
N THR A 176 10.09 5.65 -3.27
CA THR A 176 11.03 6.01 -4.33
C THR A 176 10.62 5.36 -5.63
N ARG A 177 10.88 6.05 -6.72
CA ARG A 177 10.64 5.45 -8.02
C ARG A 177 11.52 6.14 -9.05
N LYS A 178 11.35 7.44 -9.17
CA LYS A 178 12.17 8.16 -10.14
C LYS A 178 13.55 8.37 -9.55
N GLN A 179 14.57 8.15 -10.37
CA GLN A 179 15.95 8.31 -9.90
C GLN A 179 16.69 9.18 -10.90
N VAL A 180 17.56 10.05 -10.40
CA VAL A 180 18.30 10.91 -11.32
C VAL A 180 19.53 11.43 -10.60
N GLU A 181 20.67 11.34 -11.25
CA GLU A 181 21.90 11.81 -10.61
C GLU A 181 21.89 13.33 -10.61
N GLU A 182 22.29 13.92 -9.49
CA GLU A 182 22.30 15.38 -9.42
C GLU A 182 23.57 15.90 -10.08
N ALA A 183 24.71 15.43 -9.59
CA ALA A 183 25.96 15.90 -10.18
C ALA A 183 26.20 15.16 -11.49
N SER A 11 -2.21 -30.38 1.06
CA SER A 11 -3.18 -29.37 1.50
C SER A 11 -2.45 -28.23 2.19
N ILE A 12 -1.69 -27.48 1.40
CA ILE A 12 -1.01 -26.30 1.94
C ILE A 12 -1.91 -25.09 1.73
N GLU A 13 -2.95 -25.25 0.94
CA GLU A 13 -3.84 -24.12 0.70
C GLU A 13 -4.73 -23.94 1.92
N GLY A 14 -4.36 -23.02 2.78
CA GLY A 14 -5.19 -22.80 3.98
C GLY A 14 -6.37 -21.92 3.63
N ARG A 15 -6.49 -20.79 4.33
CA ARG A 15 -7.57 -19.86 4.08
C ARG A 15 -6.99 -18.47 3.93
N VAL A 16 -6.50 -18.16 2.74
CA VAL A 16 -5.89 -16.85 2.52
C VAL A 16 -6.99 -15.86 2.13
N LYS A 17 -8.11 -16.39 1.65
CA LYS A 17 -9.18 -15.54 1.13
C LYS A 17 -10.51 -16.06 1.68
N ASP A 18 -11.38 -15.16 2.11
CA ASP A 18 -12.65 -15.62 2.66
C ASP A 18 -13.64 -14.47 2.75
N VAL A 19 -14.52 -14.37 1.76
CA VAL A 19 -15.56 -13.34 1.78
C VAL A 19 -16.89 -14.10 1.88
N LEU A 20 -16.86 -15.17 2.65
CA LEU A 20 -18.01 -16.05 2.75
C LEU A 20 -19.01 -15.52 3.78
N LEU A 21 -18.55 -15.44 5.03
CA LEU A 21 -19.39 -14.88 6.10
C LEU A 21 -18.73 -13.58 6.56
N LEU A 22 -18.10 -12.96 5.57
CA LEU A 22 -17.44 -11.68 5.75
C LEU A 22 -17.82 -11.00 4.46
N ASP A 23 -18.74 -10.10 4.67
CA ASP A 23 -19.22 -9.21 3.60
C ASP A 23 -18.48 -7.90 3.82
N VAL A 24 -17.20 -8.01 3.50
CA VAL A 24 -16.25 -6.97 3.78
C VAL A 24 -15.53 -6.55 2.52
N THR A 25 -14.52 -5.71 2.69
CA THR A 25 -13.71 -5.37 1.51
C THR A 25 -12.98 -6.67 1.08
N PRO A 26 -12.87 -7.06 -0.19
CA PRO A 26 -12.60 -8.48 -0.49
C PRO A 26 -11.15 -8.77 -0.84
N LEU A 27 -10.26 -7.84 -0.58
CA LEU A 27 -8.85 -8.10 -0.83
C LEU A 27 -8.23 -6.95 -0.07
N SER A 28 -7.51 -7.30 0.96
CA SER A 28 -6.97 -6.29 1.88
C SER A 28 -6.13 -5.26 1.15
N LEU A 29 -6.46 -4.00 1.40
CA LEU A 29 -5.85 -2.91 0.63
C LEU A 29 -5.22 -1.68 1.29
N GLY A 30 -3.89 -1.56 1.15
CA GLY A 30 -3.15 -0.38 1.60
C GLY A 30 -2.08 0.12 0.69
N ILE A 31 -0.81 -0.06 1.03
CA ILE A 31 0.25 0.56 0.21
C ILE A 31 1.42 -0.42 0.15
N GLU A 32 2.17 -0.39 -0.94
CA GLU A 32 3.39 -1.19 -1.00
C GLU A 32 4.29 -0.51 0.01
N THR A 33 4.76 -1.24 1.02
CA THR A 33 5.53 -0.58 2.07
C THR A 33 6.96 -1.05 1.94
N MET A 34 7.86 -0.14 2.27
CA MET A 34 9.28 -0.49 2.30
C MET A 34 9.72 -1.04 0.94
N GLY A 35 10.75 -1.85 0.91
CA GLY A 35 11.29 -2.29 -0.39
C GLY A 35 10.71 -3.59 -0.91
N GLY A 36 9.40 -3.63 -1.08
CA GLY A 36 8.77 -4.79 -1.68
C GLY A 36 8.11 -5.59 -0.58
N VAL A 37 7.51 -4.84 0.33
CA VAL A 37 6.77 -5.43 1.43
C VAL A 37 5.34 -4.91 1.22
N MET A 38 4.37 -5.42 1.95
CA MET A 38 2.99 -4.97 1.74
C MET A 38 2.32 -4.80 3.10
N THR A 39 1.59 -3.70 3.24
CA THR A 39 0.81 -3.50 4.46
C THR A 39 -0.57 -3.06 4.05
N THR A 40 -1.57 -3.88 4.36
CA THR A 40 -2.93 -3.50 4.00
C THR A 40 -3.35 -2.35 4.86
N LEU A 41 -4.29 -1.55 4.34
CA LEU A 41 -4.65 -0.34 5.05
C LEU A 41 -5.96 -0.73 5.72
N ILE A 42 -6.87 -1.21 4.87
CA ILE A 42 -8.14 -1.73 5.41
C ILE A 42 -8.29 -3.13 4.85
N ALA A 43 -8.58 -4.07 5.74
CA ALA A 43 -8.60 -5.48 5.33
C ALA A 43 -9.94 -6.16 5.49
N LYS A 44 -9.91 -7.44 5.16
CA LYS A 44 -11.05 -8.33 5.36
C LYS A 44 -11.42 -8.22 6.85
N ASN A 45 -12.73 -8.26 7.17
CA ASN A 45 -13.23 -8.02 8.53
C ASN A 45 -13.54 -6.51 8.67
N THR A 46 -13.29 -5.71 7.64
CA THR A 46 -13.69 -4.29 7.65
C THR A 46 -14.86 -4.32 6.68
N THR A 47 -15.99 -3.95 7.23
CA THR A 47 -17.26 -4.09 6.51
C THR A 47 -17.62 -2.88 5.70
N ILE A 48 -17.85 -3.10 4.42
CA ILE A 48 -18.10 -1.92 3.61
C ILE A 48 -19.53 -1.41 3.91
N PRO A 49 -19.82 -0.12 4.07
CA PRO A 49 -18.87 0.98 3.86
C PRO A 49 -18.00 1.18 5.09
N THR A 50 -16.84 1.80 4.85
CA THR A 50 -15.85 1.95 5.92
C THR A 50 -15.32 3.37 5.92
N LYS A 51 -14.73 3.71 7.05
CA LYS A 51 -14.07 5.01 7.18
C LYS A 51 -12.93 4.81 8.18
N HIS A 52 -11.71 5.20 7.84
CA HIS A 52 -10.65 5.12 8.85
C HIS A 52 -9.47 6.02 8.49
N SER A 53 -9.12 6.90 9.42
CA SER A 53 -7.94 7.74 9.22
C SER A 53 -6.72 7.04 9.77
N GLN A 54 -5.77 6.87 8.88
CA GLN A 54 -4.50 6.25 9.26
C GLN A 54 -3.38 7.19 8.85
N VAL A 55 -2.74 7.77 9.85
CA VAL A 55 -1.72 8.79 9.59
C VAL A 55 -0.33 8.16 9.57
N PHE A 56 0.36 8.46 8.48
CA PHE A 56 1.69 7.88 8.28
C PHE A 56 2.57 8.93 7.59
N SER A 57 3.79 8.55 7.24
CA SER A 57 4.62 9.47 6.47
C SER A 57 5.64 8.65 5.67
N THR A 58 6.90 9.07 5.69
CA THR A 58 7.90 8.39 4.86
C THR A 58 9.20 8.26 5.66
N ALA A 59 10.02 7.27 5.29
CA ALA A 59 11.22 7.01 6.08
C ALA A 59 12.40 7.88 5.67
N GLU A 60 12.63 7.99 4.37
CA GLU A 60 13.81 8.71 3.90
C GLU A 60 13.44 10.16 3.65
N ASP A 61 12.14 10.39 3.56
CA ASP A 61 11.64 11.76 3.41
C ASP A 61 10.63 11.97 4.51
N ASN A 62 10.41 13.23 4.86
CA ASN A 62 9.47 13.56 5.91
C ASN A 62 8.21 13.96 5.19
N GLN A 63 8.37 15.01 4.44
CA GLN A 63 7.30 15.48 3.58
C GLN A 63 7.99 15.84 2.29
N SER A 64 8.20 14.86 1.43
CA SER A 64 8.75 15.22 0.12
C SER A 64 8.43 14.13 -0.91
N ALA A 65 8.02 12.95 -0.45
CA ALA A 65 7.59 11.92 -1.40
C ALA A 65 6.91 10.74 -0.71
N VAL A 66 5.81 10.28 -1.26
CA VAL A 66 5.19 9.06 -0.74
C VAL A 66 4.50 8.47 -1.94
N THR A 67 4.89 7.24 -2.16
CA THR A 67 4.38 6.58 -3.36
C THR A 67 2.97 6.14 -3.08
N ILE A 68 2.10 6.45 -4.03
CA ILE A 68 0.68 6.13 -3.89
C ILE A 68 0.39 4.92 -4.78
N HIS A 69 1.18 3.88 -4.53
CA HIS A 69 0.94 2.61 -5.19
C HIS A 69 0.09 1.97 -4.11
N VAL A 70 -1.23 1.89 -4.30
CA VAL A 70 -2.03 1.42 -3.18
C VAL A 70 -2.06 -0.09 -3.47
N LEU A 71 -1.97 -0.99 -2.47
CA LEU A 71 -1.88 -2.43 -2.80
C LEU A 71 -2.93 -3.36 -2.22
N GLN A 72 -3.63 -3.97 -3.16
CA GLN A 72 -4.60 -5.03 -2.84
C GLN A 72 -3.91 -6.40 -2.79
N GLY A 73 -3.54 -6.80 -1.60
CA GLY A 73 -2.99 -8.14 -1.40
C GLY A 73 -3.33 -8.50 0.04
N GLU A 74 -2.49 -9.25 0.75
CA GLU A 74 -2.78 -9.54 2.16
C GLU A 74 -1.57 -9.48 3.11
N ARG A 75 -0.80 -10.56 3.16
CA ARG A 75 0.29 -10.65 4.13
C ARG A 75 1.40 -9.61 3.99
N LYS A 76 2.43 -9.77 4.81
CA LYS A 76 3.58 -8.86 4.75
C LYS A 76 4.60 -9.40 3.76
N ARG A 77 4.67 -10.72 3.64
CA ARG A 77 5.54 -11.28 2.61
C ARG A 77 4.84 -10.89 1.32
N ALA A 78 5.50 -10.07 0.53
CA ALA A 78 4.81 -9.54 -0.65
C ALA A 78 4.65 -10.48 -1.84
N ALA A 79 3.49 -11.13 -1.75
CA ALA A 79 2.98 -11.97 -2.84
C ALA A 79 1.56 -11.41 -2.84
N ASP A 80 1.56 -10.15 -2.43
CA ASP A 80 0.35 -9.35 -2.18
C ASP A 80 0.37 -8.11 -3.05
N ASN A 81 0.65 -8.31 -4.33
CA ASN A 81 0.82 -7.17 -5.24
C ASN A 81 -0.29 -6.93 -6.25
N LYS A 82 -1.54 -6.94 -5.81
CA LYS A 82 -2.60 -6.56 -6.75
C LYS A 82 -2.55 -5.06 -6.83
N SER A 83 -2.52 -4.57 -8.06
CA SER A 83 -2.36 -3.15 -8.24
C SER A 83 -3.65 -2.45 -7.86
N LEU A 84 -3.48 -1.49 -6.97
CA LEU A 84 -4.57 -0.63 -6.57
C LEU A 84 -3.81 0.67 -6.74
N GLY A 85 -2.92 0.65 -7.72
CA GLY A 85 -2.23 1.88 -8.04
C GLY A 85 -0.75 1.79 -8.38
N GLN A 86 -0.26 2.98 -8.70
CA GLN A 86 1.17 3.20 -8.94
C GLN A 86 1.32 4.67 -9.28
N PHE A 87 1.24 5.55 -8.28
CA PHE A 87 1.37 6.99 -8.52
C PHE A 87 2.30 7.53 -7.44
N ASN A 88 2.37 8.85 -7.29
CA ASN A 88 3.19 9.40 -6.22
C ASN A 88 2.68 10.77 -5.75
N LEU A 89 3.14 11.15 -4.57
CA LEU A 89 2.83 12.49 -4.04
C LEU A 89 4.15 13.01 -3.50
N ASP A 90 4.76 13.87 -4.27
CA ASP A 90 6.10 14.36 -3.93
C ASP A 90 6.30 15.83 -4.25
N GLY A 91 7.49 16.31 -3.91
CA GLY A 91 7.77 17.73 -4.06
C GLY A 91 7.03 18.46 -2.96
N ILE A 92 7.23 18.06 -1.71
CA ILE A 92 6.46 18.65 -0.61
C ILE A 92 7.55 19.23 0.31
N ASN A 93 8.67 19.51 -0.33
CA ASN A 93 9.86 19.96 0.38
C ASN A 93 9.62 21.30 1.09
N PRO A 94 10.35 21.76 2.12
CA PRO A 94 11.61 21.17 2.59
C PRO A 94 11.49 20.44 3.94
N ALA A 95 11.54 19.12 3.93
CA ALA A 95 11.54 18.40 5.20
C ALA A 95 12.08 16.96 4.97
N PRO A 96 13.21 16.50 5.52
CA PRO A 96 13.69 15.14 5.22
C PRO A 96 13.56 14.18 6.42
N ARG A 97 13.31 12.91 6.13
CA ARG A 97 13.10 11.88 7.17
C ARG A 97 11.93 12.08 8.13
N GLY A 98 11.06 11.07 8.12
CA GLY A 98 9.78 11.04 8.86
C GLY A 98 9.59 11.73 10.21
N MET A 99 8.32 11.82 10.58
CA MET A 99 7.95 12.44 11.86
C MET A 99 6.72 11.87 12.61
N PRO A 100 5.47 11.57 12.19
CA PRO A 100 4.98 11.55 10.80
C PRO A 100 3.94 12.65 10.52
N GLN A 101 3.97 13.24 9.32
CA GLN A 101 2.99 14.30 9.00
C GLN A 101 2.31 14.19 7.62
N ILE A 102 1.75 13.04 7.27
CA ILE A 102 0.97 12.93 6.04
C ILE A 102 -0.24 12.11 6.50
N GLU A 103 -1.33 12.76 6.86
CA GLU A 103 -2.48 11.96 7.26
C GLU A 103 -3.08 11.34 6.01
N VAL A 104 -3.28 10.03 6.05
CA VAL A 104 -3.78 9.34 4.86
C VAL A 104 -5.14 8.78 5.23
N THR A 105 -6.18 9.41 4.71
CA THR A 105 -7.52 8.95 5.09
C THR A 105 -7.91 7.85 4.13
N PHE A 106 -8.62 6.87 4.67
CA PHE A 106 -8.92 5.69 3.89
C PHE A 106 -10.35 5.29 4.15
N ASP A 107 -11.21 5.66 3.23
CA ASP A 107 -12.64 5.45 3.42
C ASP A 107 -13.13 4.73 2.19
N ILE A 108 -13.84 3.63 2.34
CA ILE A 108 -14.40 3.01 1.13
C ILE A 108 -15.88 3.37 1.10
N ASP A 109 -16.47 3.39 -0.09
CA ASP A 109 -17.87 3.80 -0.17
C ASP A 109 -18.74 2.56 -0.07
N ALA A 110 -20.05 2.72 -0.09
CA ALA A 110 -20.93 1.56 0.07
C ALA A 110 -21.13 0.86 -1.26
N ASP A 111 -20.84 1.54 -2.35
CA ASP A 111 -21.02 0.92 -3.66
C ASP A 111 -19.77 0.13 -4.00
N GLY A 112 -18.66 0.51 -3.40
CA GLY A 112 -17.42 -0.26 -3.57
C GLY A 112 -16.42 0.55 -4.39
N ILE A 113 -15.87 1.57 -3.78
CA ILE A 113 -14.81 2.31 -4.45
C ILE A 113 -13.96 2.98 -3.38
N LEU A 114 -12.65 2.91 -3.54
CA LEU A 114 -11.77 3.40 -2.48
C LEU A 114 -11.51 4.89 -2.59
N HIS A 115 -12.15 5.58 -1.67
CA HIS A 115 -11.90 7.02 -1.54
C HIS A 115 -10.71 7.21 -0.60
N VAL A 116 -9.50 7.25 -1.17
CA VAL A 116 -8.29 7.50 -0.36
C VAL A 116 -7.69 8.83 -0.79
N SER A 117 -7.49 9.69 0.20
CA SER A 117 -6.85 10.98 -0.07
C SER A 117 -5.63 11.09 0.81
N ALA A 118 -4.49 11.11 0.16
CA ALA A 118 -3.28 11.33 0.95
C ALA A 118 -3.32 12.82 1.20
N LYS A 119 -3.67 13.19 2.40
CA LYS A 119 -3.74 14.60 2.77
C LYS A 119 -2.52 14.92 3.61
N ASP A 120 -1.81 15.94 3.20
CA ASP A 120 -0.55 16.26 3.85
C ASP A 120 -0.70 17.39 4.82
N LYS A 121 0.11 17.29 5.87
CA LYS A 121 0.12 18.36 6.88
C LYS A 121 1.30 19.30 6.64
N ASN A 122 1.51 19.62 5.37
CA ASN A 122 2.53 20.60 5.00
C ASN A 122 1.76 21.83 4.55
N SER A 123 0.69 21.62 3.79
CA SER A 123 -0.13 22.77 3.43
C SER A 123 -1.54 22.25 3.19
N GLY A 124 -1.79 20.98 3.49
CA GLY A 124 -3.12 20.46 3.15
C GLY A 124 -3.07 20.09 1.69
N LYS A 125 -1.90 19.66 1.24
CA LYS A 125 -1.79 19.28 -0.16
C LYS A 125 -2.50 17.95 -0.22
N GLU A 126 -3.03 17.49 -1.35
CA GLU A 126 -3.58 16.14 -1.34
C GLU A 126 -3.69 15.49 -2.69
N GLN A 127 -3.99 14.18 -2.69
CA GLN A 127 -4.23 13.51 -3.96
C GLN A 127 -5.30 12.48 -3.69
N LYS A 128 -6.49 12.79 -4.18
CA LYS A 128 -7.63 11.94 -3.89
C LYS A 128 -7.94 11.06 -5.09
N ILE A 129 -8.21 9.80 -4.79
CA ILE A 129 -8.51 8.83 -5.84
C ILE A 129 -9.71 8.00 -5.43
N THR A 130 -10.29 7.43 -6.46
CA THR A 130 -11.54 6.69 -6.32
C THR A 130 -11.37 5.43 -7.14
N ILE A 131 -10.72 4.45 -6.55
CA ILE A 131 -10.37 3.23 -7.32
C ILE A 131 -10.74 1.90 -6.67
N LYS A 132 -10.90 0.87 -7.48
CA LYS A 132 -11.12 -0.45 -6.90
C LYS A 132 -11.18 -1.50 -8.01
N ALA A 133 -12.37 -1.89 -8.46
CA ALA A 133 -12.52 -2.87 -9.53
C ALA A 133 -11.84 -4.19 -9.22
N SER A 134 -12.60 -5.14 -8.70
CA SER A 134 -11.99 -6.45 -8.41
C SER A 134 -13.09 -7.50 -8.21
N SER A 135 -13.10 -8.51 -9.05
CA SER A 135 -14.12 -9.56 -8.89
C SER A 135 -13.65 -10.85 -9.56
N GLY A 136 -14.12 -11.98 -9.03
CA GLY A 136 -13.81 -13.25 -9.69
C GLY A 136 -12.34 -13.60 -9.56
N LEU A 137 -11.83 -13.62 -8.34
CA LEU A 137 -10.40 -13.87 -8.15
C LEU A 137 -10.15 -14.18 -6.68
N ASN A 138 -9.03 -14.83 -6.38
CA ASN A 138 -8.68 -15.08 -4.98
C ASN A 138 -7.27 -14.58 -4.71
N GLU A 139 -6.86 -14.65 -3.46
CA GLU A 139 -5.58 -14.07 -3.08
C GLU A 139 -4.36 -14.92 -3.41
N ASP A 140 -4.53 -16.20 -3.70
CA ASP A 140 -3.38 -17.01 -4.12
C ASP A 140 -3.32 -17.02 -5.65
N GLU A 141 -4.38 -16.49 -6.28
CA GLU A 141 -4.37 -16.33 -7.75
C GLU A 141 -3.42 -15.17 -7.96
N ILE A 142 -3.59 -14.25 -7.01
CA ILE A 142 -2.69 -13.11 -6.89
C ILE A 142 -1.31 -13.73 -6.68
N GLN A 143 -1.12 -14.69 -5.77
CA GLN A 143 0.20 -15.37 -5.66
C GLN A 143 0.64 -16.14 -6.93
N LYS A 144 -0.19 -16.34 -7.91
CA LYS A 144 0.32 -16.94 -9.15
C LYS A 144 1.17 -15.83 -9.78
N MET A 145 0.54 -14.67 -9.86
CA MET A 145 1.19 -13.51 -10.48
C MET A 145 2.45 -13.15 -9.70
N VAL A 146 2.22 -12.97 -8.42
CA VAL A 146 3.30 -12.53 -7.55
C VAL A 146 4.03 -13.69 -6.91
N ARG A 147 3.79 -14.88 -7.39
CA ARG A 147 4.55 -16.06 -6.96
C ARG A 147 5.75 -16.02 -7.86
N ASP A 148 5.47 -15.61 -9.09
CA ASP A 148 6.58 -15.38 -10.02
C ASP A 148 7.38 -14.22 -9.45
N ALA A 149 6.70 -13.15 -9.00
CA ALA A 149 7.46 -12.10 -8.29
C ALA A 149 7.72 -12.39 -6.79
N GLU A 150 7.45 -13.59 -6.30
CA GLU A 150 7.66 -13.87 -4.87
C GLU A 150 9.15 -14.19 -4.89
N ALA A 151 9.49 -14.94 -5.94
CA ALA A 151 10.89 -15.26 -6.20
C ALA A 151 11.64 -14.02 -6.68
N ASN A 152 10.97 -13.10 -7.39
CA ASN A 152 11.67 -11.86 -7.77
C ASN A 152 11.73 -10.84 -6.62
N ALA A 153 11.14 -11.14 -5.47
CA ALA A 153 11.29 -10.26 -4.31
C ALA A 153 12.74 -10.17 -3.78
N GLU A 154 13.63 -11.07 -4.18
CA GLU A 154 15.05 -10.91 -3.80
C GLU A 154 15.68 -9.77 -4.60
N ALA A 155 15.14 -9.46 -5.77
CA ALA A 155 15.61 -8.29 -6.51
C ALA A 155 15.03 -7.07 -5.78
N ASP A 156 13.84 -7.26 -5.21
CA ASP A 156 13.28 -6.20 -4.38
C ASP A 156 14.06 -6.07 -3.05
N ARG A 157 14.91 -7.02 -2.67
CA ARG A 157 15.75 -6.81 -1.49
C ARG A 157 16.85 -5.79 -1.83
N LYS A 158 17.24 -5.74 -3.11
CA LYS A 158 18.17 -4.69 -3.55
C LYS A 158 17.45 -3.35 -3.43
N PHE A 159 16.15 -3.37 -3.73
CA PHE A 159 15.35 -2.16 -3.51
C PHE A 159 15.12 -1.90 -2.00
N GLU A 160 15.32 -2.91 -1.14
CA GLU A 160 15.24 -2.67 0.31
C GLU A 160 16.52 -2.00 0.77
N GLU A 161 17.62 -2.17 0.04
CA GLU A 161 18.82 -1.43 0.38
C GLU A 161 18.58 0.03 0.02
N LEU A 162 17.80 0.24 -1.03
CA LEU A 162 17.40 1.61 -1.39
C LEU A 162 16.48 2.22 -0.33
N VAL A 163 15.67 1.40 0.31
CA VAL A 163 14.75 1.92 1.33
C VAL A 163 15.54 2.14 2.62
N GLN A 164 15.86 1.08 3.35
CA GLN A 164 16.51 1.22 4.65
C GLN A 164 16.66 -0.19 5.21
N THR A 165 15.87 -1.06 4.59
CA THR A 165 15.78 -2.48 5.00
C THR A 165 15.50 -2.66 6.48
N ARG A 166 14.25 -2.98 6.77
CA ARG A 166 13.85 -3.15 8.16
C ARG A 166 12.51 -3.87 8.25
N ASN A 167 11.68 -3.70 7.23
CA ASN A 167 10.35 -4.33 7.21
C ASN A 167 9.52 -3.94 8.42
N GLN A 168 9.49 -2.66 8.74
CA GLN A 168 8.73 -2.25 9.93
C GLN A 168 7.24 -2.15 9.57
N GLY A 169 6.89 -1.11 8.85
CA GLY A 169 5.50 -0.96 8.41
C GLY A 169 4.74 0.05 9.26
N ASP A 170 4.93 -0.04 10.57
CA ASP A 170 4.21 0.88 11.45
C ASP A 170 4.93 2.22 11.48
N HIS A 171 4.15 3.29 11.27
CA HIS A 171 4.65 4.68 11.34
C HIS A 171 5.42 5.16 10.10
N LEU A 172 6.05 4.26 9.35
CA LEU A 172 6.90 4.67 8.22
C LEU A 172 6.35 3.95 7.00
N LEU A 173 6.68 4.47 5.82
CA LEU A 173 6.26 3.81 4.57
C LEU A 173 7.51 3.72 3.71
N HIS A 174 7.52 4.41 2.57
CA HIS A 174 8.74 4.46 1.77
C HIS A 174 8.59 5.61 0.81
N SER A 175 9.65 5.91 0.06
CA SER A 175 9.57 7.08 -0.80
C SER A 175 10.68 7.08 -1.83
N THR A 176 10.76 6.02 -2.62
CA THR A 176 11.78 5.99 -3.68
C THR A 176 11.27 5.18 -4.85
N ARG A 177 11.77 5.54 -6.03
CA ARG A 177 11.44 4.74 -7.20
C ARG A 177 12.50 4.96 -8.26
N LYS A 178 12.99 3.88 -8.83
CA LYS A 178 14.01 4.03 -9.86
C LYS A 178 13.35 4.52 -11.15
N GLN A 179 14.14 5.11 -12.03
CA GLN A 179 13.56 5.59 -13.27
C GLN A 179 14.67 5.81 -14.30
N VAL A 180 14.28 6.16 -15.51
CA VAL A 180 15.30 6.38 -16.53
C VAL A 180 15.95 7.73 -16.27
N GLU A 181 17.21 7.71 -15.88
CA GLU A 181 17.89 8.97 -15.61
C GLU A 181 19.39 8.74 -15.63
N GLU A 182 19.94 8.62 -16.83
CA GLU A 182 21.38 8.38 -16.92
C GLU A 182 22.10 9.72 -16.78
N ALA A 183 23.25 9.70 -16.14
CA ALA A 183 23.98 10.96 -15.97
C ALA A 183 24.68 11.31 -17.27
N SER A 11 -15.74 -23.44 8.27
CA SER A 11 -14.75 -22.74 7.44
C SER A 11 -15.44 -21.73 6.55
N ILE A 12 -15.95 -20.68 7.18
CA ILE A 12 -16.55 -19.59 6.42
C ILE A 12 -15.48 -18.54 6.13
N GLU A 13 -14.35 -18.66 6.82
CA GLU A 13 -13.28 -17.70 6.59
C GLU A 13 -12.53 -18.09 5.32
N GLY A 14 -12.95 -17.53 4.20
CA GLY A 14 -12.27 -17.88 2.95
C GLY A 14 -11.00 -17.07 2.80
N ARG A 15 -9.89 -17.75 2.65
CA ARG A 15 -8.63 -17.03 2.49
C ARG A 15 -8.50 -16.59 1.04
N VAL A 16 -8.11 -15.33 0.85
CA VAL A 16 -7.88 -14.76 -0.49
C VAL A 16 -9.16 -14.42 -1.31
N LYS A 17 -10.25 -15.20 -1.23
CA LYS A 17 -11.44 -14.85 -2.01
C LYS A 17 -12.71 -15.13 -1.19
N ASP A 18 -13.54 -14.09 -1.08
CA ASP A 18 -14.77 -14.09 -0.28
C ASP A 18 -15.12 -12.61 -0.23
N VAL A 19 -16.26 -12.26 -0.81
CA VAL A 19 -16.60 -10.85 -0.92
C VAL A 19 -18.11 -10.63 -0.87
N LEU A 20 -18.58 -10.45 0.36
CA LEU A 20 -19.97 -10.10 0.59
C LEU A 20 -20.10 -9.16 1.80
N LEU A 21 -20.21 -9.73 3.01
CA LEU A 21 -20.46 -8.89 4.20
C LEU A 21 -19.28 -9.05 5.15
N LEU A 22 -19.51 -10.08 5.91
CA LEU A 22 -18.56 -10.63 6.89
C LEU A 22 -17.82 -11.80 6.25
N ASP A 23 -17.87 -11.67 4.94
CA ASP A 23 -17.15 -12.50 4.00
C ASP A 23 -16.08 -11.55 3.48
N VAL A 24 -16.23 -10.37 4.08
CA VAL A 24 -15.33 -9.20 4.00
C VAL A 24 -14.61 -8.90 2.71
N THR A 25 -13.85 -7.80 2.72
CA THR A 25 -13.04 -7.52 1.54
C THR A 25 -12.03 -8.66 1.41
N PRO A 26 -11.60 -9.12 0.23
CA PRO A 26 -11.02 -10.47 0.13
C PRO A 26 -9.51 -10.45 0.08
N LEU A 27 -8.94 -9.27 0.17
CA LEU A 27 -7.50 -9.13 0.02
C LEU A 27 -7.17 -7.77 0.60
N SER A 28 -6.44 -7.88 1.68
CA SER A 28 -5.96 -6.75 2.46
C SER A 28 -5.32 -5.67 1.60
N LEU A 29 -5.81 -4.46 1.79
CA LEU A 29 -5.43 -3.34 0.92
C LEU A 29 -4.56 -2.23 1.51
N GLY A 30 -3.23 -2.30 1.51
CA GLY A 30 -2.38 -1.19 1.97
C GLY A 30 -1.33 -0.70 1.06
N ILE A 31 -0.06 -0.86 1.40
CA ILE A 31 0.99 -0.25 0.55
C ILE A 31 2.16 -1.22 0.50
N GLU A 32 2.89 -1.20 -0.60
CA GLU A 32 4.11 -2.01 -0.65
C GLU A 32 5.08 -1.35 0.32
N THR A 33 5.66 -2.11 1.22
CA THR A 33 6.52 -1.51 2.25
C THR A 33 7.95 -2.04 2.17
N MET A 34 8.83 -1.28 2.82
CA MET A 34 10.26 -1.56 2.74
C MET A 34 10.69 -2.95 3.16
N GLY A 35 11.25 -3.66 2.20
CA GLY A 35 11.83 -4.99 2.45
C GLY A 35 11.19 -6.07 1.58
N GLY A 36 10.27 -5.71 0.69
CA GLY A 36 9.58 -6.75 -0.06
C GLY A 36 8.49 -7.26 0.86
N VAL A 37 7.84 -6.30 1.50
CA VAL A 37 6.84 -6.63 2.52
C VAL A 37 5.53 -6.02 2.06
N MET A 38 4.42 -6.59 2.50
CA MET A 38 3.11 -6.00 2.20
C MET A 38 2.44 -5.66 3.51
N THR A 39 2.21 -4.37 3.72
CA THR A 39 1.46 -3.93 4.90
C THR A 39 0.06 -3.59 4.42
N THR A 40 -0.97 -3.95 5.16
CA THR A 40 -2.34 -3.70 4.71
C THR A 40 -2.86 -2.40 5.28
N LEU A 41 -3.87 -1.79 4.64
CA LEU A 41 -4.28 -0.50 5.11
C LEU A 41 -5.56 -0.82 5.84
N ILE A 42 -6.40 -1.54 5.12
CA ILE A 42 -7.65 -2.04 5.73
C ILE A 42 -7.72 -3.48 5.28
N ALA A 43 -8.49 -4.36 5.90
CA ALA A 43 -8.38 -5.75 5.45
C ALA A 43 -9.59 -6.62 5.72
N LYS A 44 -9.31 -7.92 5.62
CA LYS A 44 -10.27 -8.95 5.95
C LYS A 44 -10.70 -8.68 7.39
N ASN A 45 -12.00 -8.76 7.75
CA ASN A 45 -12.51 -8.37 9.08
C ASN A 45 -13.01 -6.95 8.94
N THR A 46 -13.05 -6.48 7.69
CA THR A 46 -13.63 -5.18 7.41
C THR A 46 -14.60 -5.50 6.29
N THR A 47 -15.83 -5.17 6.59
CA THR A 47 -16.95 -5.52 5.74
C THR A 47 -17.28 -4.34 4.86
N ILE A 48 -17.41 -4.61 3.57
CA ILE A 48 -17.59 -3.47 2.67
C ILE A 48 -19.05 -2.98 2.80
N PRO A 49 -19.38 -1.70 2.90
CA PRO A 49 -18.46 -0.57 2.73
C PRO A 49 -17.67 -0.30 4.01
N THR A 50 -16.51 0.33 3.81
CA THR A 50 -15.58 0.55 4.92
C THR A 50 -15.12 1.98 5.00
N LYS A 51 -14.61 2.24 6.18
CA LYS A 51 -14.04 3.55 6.49
C LYS A 51 -13.13 3.42 7.70
N HIS A 52 -11.87 3.80 7.55
CA HIS A 52 -10.96 3.72 8.69
C HIS A 52 -9.77 4.64 8.46
N SER A 53 -9.41 5.40 9.48
CA SER A 53 -8.22 6.26 9.37
C SER A 53 -6.99 5.48 9.81
N GLN A 54 -5.95 5.60 8.99
CA GLN A 54 -4.68 4.99 9.37
C GLN A 54 -3.56 5.90 8.86
N VAL A 55 -2.71 6.32 9.78
CA VAL A 55 -1.67 7.31 9.44
C VAL A 55 -0.32 6.70 9.10
N PHE A 56 0.26 7.25 8.04
CA PHE A 56 1.59 6.81 7.59
C PHE A 56 2.49 8.03 7.38
N SER A 57 3.74 7.74 7.02
CA SER A 57 4.74 8.78 6.90
C SER A 57 5.82 8.23 5.96
N THR A 58 6.96 8.91 5.86
CA THR A 58 8.07 8.35 5.07
C THR A 58 9.34 8.30 5.90
N ALA A 59 10.34 7.59 5.39
CA ALA A 59 11.63 7.57 6.07
C ALA A 59 12.44 8.77 5.63
N GLU A 60 12.59 8.92 4.32
CA GLU A 60 13.30 10.08 3.76
C GLU A 60 12.31 10.90 2.96
N ASP A 61 12.46 12.21 3.03
CA ASP A 61 11.51 13.13 2.40
C ASP A 61 10.12 12.84 2.93
N ASN A 62 9.75 13.51 4.01
CA ASN A 62 8.48 13.18 4.63
C ASN A 62 7.33 13.69 3.80
N GLN A 63 6.92 14.90 4.06
CA GLN A 63 5.89 15.50 3.22
C GLN A 63 6.65 16.16 2.08
N SER A 64 6.87 15.36 1.05
CA SER A 64 7.48 15.88 -0.17
C SER A 64 7.31 14.83 -1.24
N ALA A 65 7.16 13.58 -0.83
CA ALA A 65 6.84 12.53 -1.80
C ALA A 65 6.46 11.24 -1.08
N VAL A 66 5.51 10.52 -1.66
CA VAL A 66 5.17 9.21 -1.11
C VAL A 66 4.50 8.45 -2.23
N THR A 67 5.07 7.29 -2.46
CA THR A 67 4.61 6.51 -3.60
C THR A 67 3.33 5.77 -3.22
N ILE A 68 2.33 5.98 -4.05
CA ILE A 68 1.00 5.44 -3.78
C ILE A 68 0.82 4.14 -4.58
N HIS A 69 1.61 3.14 -4.22
CA HIS A 69 1.45 1.81 -4.81
C HIS A 69 0.65 1.11 -3.73
N VAL A 70 -0.68 0.99 -3.92
CA VAL A 70 -1.46 0.48 -2.83
C VAL A 70 -1.48 -1.02 -3.09
N LEU A 71 -1.32 -1.88 -2.08
CA LEU A 71 -1.28 -3.32 -2.35
C LEU A 71 -2.45 -4.09 -1.77
N GLN A 72 -3.13 -4.70 -2.71
CA GLN A 72 -4.23 -5.61 -2.43
C GLN A 72 -3.70 -7.04 -2.47
N GLY A 73 -3.45 -7.57 -1.29
CA GLY A 73 -3.01 -8.96 -1.19
C GLY A 73 -3.36 -9.52 0.21
N GLU A 74 -2.35 -9.78 1.02
CA GLU A 74 -2.61 -10.32 2.37
C GLU A 74 -1.77 -9.57 3.40
N ARG A 75 -0.57 -10.04 3.69
CA ARG A 75 0.21 -9.38 4.73
C ARG A 75 1.44 -10.21 5.04
N LYS A 76 2.60 -9.58 4.90
CA LYS A 76 3.89 -10.26 5.14
C LYS A 76 4.14 -11.34 4.08
N ARG A 77 5.39 -11.42 3.62
CA ARG A 77 5.74 -12.32 2.52
C ARG A 77 4.95 -11.86 1.31
N ALA A 78 5.59 -11.04 0.51
CA ALA A 78 4.89 -10.43 -0.60
C ALA A 78 4.61 -11.30 -1.85
N ALA A 79 3.45 -11.98 -1.78
CA ALA A 79 2.86 -12.72 -2.92
C ALA A 79 1.51 -12.03 -2.90
N ASP A 80 1.57 -10.89 -2.25
CA ASP A 80 0.42 -10.06 -1.96
C ASP A 80 0.54 -8.85 -2.85
N ASN A 81 0.78 -9.14 -4.12
CA ASN A 81 1.07 -8.08 -5.08
C ASN A 81 -0.09 -7.83 -6.00
N LYS A 82 -1.30 -7.79 -5.47
CA LYS A 82 -2.41 -7.40 -6.34
C LYS A 82 -2.24 -5.92 -6.55
N SER A 83 -2.26 -5.51 -7.80
CA SER A 83 -2.00 -4.11 -8.07
C SER A 83 -3.21 -3.31 -7.64
N LEU A 84 -2.97 -2.43 -6.68
CA LEU A 84 -4.02 -1.52 -6.24
C LEU A 84 -3.22 -0.25 -6.36
N GLY A 85 -2.28 -0.22 -7.27
CA GLY A 85 -1.62 1.06 -7.44
C GLY A 85 -0.28 1.13 -8.12
N GLN A 86 0.07 2.41 -8.22
CA GLN A 86 1.37 2.90 -8.70
C GLN A 86 1.19 4.36 -9.11
N PHE A 87 1.24 5.26 -8.13
CA PHE A 87 1.20 6.69 -8.43
C PHE A 87 2.15 7.36 -7.45
N ASN A 88 2.15 8.68 -7.35
CA ASN A 88 2.98 9.33 -6.35
C ASN A 88 2.41 10.68 -5.91
N LEU A 89 2.28 10.87 -4.61
CA LEU A 89 1.85 12.18 -4.09
C LEU A 89 3.08 12.93 -3.66
N ASP A 90 3.42 13.99 -4.36
CA ASP A 90 4.65 14.72 -4.07
C ASP A 90 4.51 16.22 -4.24
N GLY A 91 5.49 16.90 -3.66
CA GLY A 91 5.46 18.36 -3.66
C GLY A 91 4.69 18.84 -2.44
N ILE A 92 5.11 18.45 -1.24
CA ILE A 92 4.34 18.84 -0.05
C ILE A 92 5.37 19.43 0.90
N ASN A 93 6.43 19.91 0.27
CA ASN A 93 7.59 20.40 1.03
C ASN A 93 7.19 21.67 1.80
N PRO A 94 7.84 22.11 2.88
CA PRO A 94 9.12 21.58 3.38
C PRO A 94 8.93 20.65 4.58
N ALA A 95 9.31 19.39 4.45
CA ALA A 95 9.26 18.51 5.61
C ALA A 95 10.18 17.31 5.35
N PRO A 96 11.49 17.35 5.58
CA PRO A 96 12.35 16.29 5.06
C PRO A 96 12.63 15.22 6.11
N ARG A 97 12.41 13.97 5.72
CA ARG A 97 12.75 12.82 6.58
C ARG A 97 12.08 12.81 7.96
N GLY A 98 11.09 11.94 8.11
CA GLY A 98 10.46 11.75 9.42
C GLY A 98 9.67 12.95 9.92
N MET A 99 8.40 12.71 10.28
CA MET A 99 7.59 13.78 10.89
C MET A 99 6.86 13.23 12.12
N PRO A 100 5.88 12.32 12.17
CA PRO A 100 5.28 11.60 11.03
C PRO A 100 3.93 12.26 10.72
N GLN A 101 3.77 12.87 9.53
CA GLN A 101 2.52 13.61 9.25
C GLN A 101 1.84 13.35 7.91
N ILE A 102 1.39 12.13 7.61
CA ILE A 102 0.59 11.94 6.40
C ILE A 102 -0.55 11.03 6.84
N GLU A 103 -1.65 11.60 7.31
CA GLU A 103 -2.76 10.76 7.73
C GLU A 103 -3.47 10.27 6.48
N VAL A 104 -3.71 8.97 6.39
CA VAL A 104 -4.29 8.41 5.17
C VAL A 104 -5.61 7.77 5.53
N THR A 105 -6.69 8.32 5.00
CA THR A 105 -8.01 7.80 5.33
C THR A 105 -8.51 6.87 4.25
N PHE A 106 -8.76 5.65 4.66
CA PHE A 106 -9.13 4.61 3.72
C PHE A 106 -10.64 4.46 3.75
N ASP A 107 -11.31 4.59 2.61
CA ASP A 107 -12.77 4.48 2.63
C ASP A 107 -13.16 3.64 1.45
N ILE A 108 -13.48 2.36 1.64
CA ILE A 108 -13.82 1.59 0.44
C ILE A 108 -15.31 1.82 0.23
N ASP A 109 -15.79 1.73 -0.99
CA ASP A 109 -17.19 2.04 -1.24
C ASP A 109 -18.01 0.77 -1.10
N ALA A 110 -19.31 0.85 -1.34
CA ALA A 110 -20.16 -0.34 -1.24
C ALA A 110 -20.17 -1.10 -2.56
N ASP A 111 -19.64 -0.47 -3.60
CA ASP A 111 -19.53 -1.19 -4.87
C ASP A 111 -18.26 -1.99 -4.83
N GLY A 112 -17.18 -1.34 -4.43
CA GLY A 112 -15.92 -2.05 -4.25
C GLY A 112 -14.81 -1.19 -4.81
N ILE A 113 -15.11 0.07 -4.99
CA ILE A 113 -14.13 0.98 -5.58
C ILE A 113 -13.43 1.67 -4.41
N LEU A 114 -12.11 1.66 -4.43
CA LEU A 114 -11.38 2.19 -3.28
C LEU A 114 -11.21 3.68 -3.40
N HIS A 115 -11.86 4.33 -2.46
CA HIS A 115 -11.72 5.79 -2.33
C HIS A 115 -10.81 6.08 -1.14
N VAL A 116 -9.59 6.51 -1.40
CA VAL A 116 -8.63 6.76 -0.30
C VAL A 116 -7.98 8.12 -0.51
N SER A 117 -8.02 8.91 0.56
CA SER A 117 -7.42 10.24 0.50
C SER A 117 -6.14 10.23 1.27
N ALA A 118 -5.04 10.28 0.55
CA ALA A 118 -3.77 10.40 1.27
C ALA A 118 -3.74 11.86 1.64
N LYS A 119 -3.99 12.11 2.90
CA LYS A 119 -4.12 13.48 3.39
C LYS A 119 -2.85 13.86 4.13
N ASP A 120 -2.25 14.96 3.74
CA ASP A 120 -0.96 15.32 4.33
C ASP A 120 -1.17 16.35 5.39
N LYS A 121 -0.26 16.26 6.35
CA LYS A 121 -0.36 17.13 7.52
C LYS A 121 0.56 18.35 7.41
N ASN A 122 0.61 18.91 6.21
CA ASN A 122 1.36 20.16 6.01
C ASN A 122 0.29 21.22 5.79
N SER A 123 -0.72 20.87 5.02
CA SER A 123 -1.82 21.82 4.87
C SER A 123 -3.04 21.06 4.40
N GLY A 124 -3.01 19.73 4.51
CA GLY A 124 -4.14 18.99 3.96
C GLY A 124 -3.90 18.87 2.47
N LYS A 125 -2.64 18.73 2.11
CA LYS A 125 -2.34 18.53 0.70
C LYS A 125 -2.70 17.09 0.44
N GLU A 126 -3.85 16.86 -0.18
CA GLU A 126 -4.31 15.48 -0.36
C GLU A 126 -4.51 15.05 -1.79
N GLN A 127 -4.74 13.75 -1.97
CA GLN A 127 -5.07 13.27 -3.31
C GLN A 127 -6.03 12.12 -3.12
N LYS A 128 -7.25 12.34 -3.57
CA LYS A 128 -8.27 11.31 -3.41
C LYS A 128 -8.33 10.48 -4.67
N ILE A 129 -7.71 9.32 -4.61
CA ILE A 129 -7.79 8.40 -5.74
C ILE A 129 -9.05 7.56 -5.61
N THR A 130 -9.44 7.06 -6.75
CA THR A 130 -10.62 6.22 -6.85
C THR A 130 -10.12 5.06 -7.68
N ILE A 131 -9.49 4.13 -6.98
CA ILE A 131 -8.83 3.03 -7.69
C ILE A 131 -9.64 1.75 -7.63
N LYS A 132 -9.99 1.26 -8.81
CA LYS A 132 -10.87 0.10 -8.91
C LYS A 132 -10.13 -1.15 -8.44
N ALA A 133 -10.87 -2.04 -7.81
CA ALA A 133 -10.26 -3.24 -7.21
C ALA A 133 -10.94 -4.47 -7.77
N SER A 134 -10.56 -4.85 -8.98
CA SER A 134 -11.23 -5.96 -9.63
C SER A 134 -10.92 -7.28 -8.94
N SER A 135 -11.83 -8.23 -9.10
CA SER A 135 -11.63 -9.56 -8.52
C SER A 135 -11.24 -10.54 -9.61
N GLY A 136 -10.55 -11.60 -9.23
CA GLY A 136 -10.12 -12.59 -10.22
C GLY A 136 -8.77 -13.19 -9.81
N LEU A 137 -8.75 -13.89 -8.69
CA LEU A 137 -7.49 -14.51 -8.27
C LEU A 137 -7.78 -15.70 -7.35
N ASN A 138 -6.74 -16.48 -7.04
CA ASN A 138 -6.92 -17.66 -6.20
C ASN A 138 -5.90 -17.63 -5.06
N GLU A 139 -6.11 -18.52 -4.08
CA GLU A 139 -5.26 -18.50 -2.88
C GLU A 139 -3.85 -19.01 -3.09
N ASP A 140 -3.60 -19.68 -4.19
CA ASP A 140 -2.24 -20.08 -4.51
C ASP A 140 -1.93 -19.53 -5.85
N GLU A 141 -2.52 -18.36 -5.99
CA GLU A 141 -2.21 -17.52 -7.12
C GLU A 141 -1.17 -16.80 -6.28
N ILE A 142 -1.63 -16.50 -5.07
CA ILE A 142 -0.72 -15.94 -4.08
C ILE A 142 0.26 -17.00 -3.58
N GLN A 143 -0.13 -18.05 -2.88
CA GLN A 143 0.80 -19.08 -2.38
C GLN A 143 1.66 -19.75 -3.46
N LYS A 144 1.18 -19.96 -4.69
CA LYS A 144 2.13 -20.55 -5.67
C LYS A 144 3.09 -19.49 -6.10
N MET A 145 2.63 -18.23 -6.08
CA MET A 145 3.57 -17.16 -6.39
C MET A 145 4.27 -16.75 -5.10
N VAL A 146 4.10 -17.44 -3.96
CA VAL A 146 4.86 -17.13 -2.75
C VAL A 146 6.06 -18.04 -2.89
N ARG A 147 5.91 -19.13 -3.60
CA ARG A 147 7.13 -19.88 -3.81
C ARG A 147 7.95 -19.20 -4.87
N ASP A 148 7.52 -19.32 -6.11
CA ASP A 148 8.35 -18.77 -7.17
C ASP A 148 8.49 -17.27 -6.96
N ALA A 149 7.36 -16.61 -6.92
CA ALA A 149 7.45 -15.18 -6.97
C ALA A 149 7.60 -14.64 -5.56
N GLU A 150 7.51 -15.34 -4.41
CA GLU A 150 7.55 -14.46 -3.27
C GLU A 150 9.04 -14.44 -3.01
N ALA A 151 9.63 -15.61 -3.27
CA ALA A 151 11.04 -15.79 -2.98
C ALA A 151 11.90 -14.86 -3.83
N ASN A 152 11.56 -14.64 -5.10
CA ASN A 152 12.47 -13.84 -5.92
C ASN A 152 11.89 -12.64 -6.67
N ALA A 153 10.59 -12.52 -6.81
CA ALA A 153 10.05 -11.46 -7.67
C ALA A 153 10.36 -10.05 -7.23
N GLU A 154 9.74 -9.74 -6.12
CA GLU A 154 9.80 -8.38 -5.59
C GLU A 154 10.64 -8.46 -4.36
N ALA A 155 11.02 -9.69 -4.05
CA ALA A 155 11.96 -9.86 -2.97
C ALA A 155 13.20 -9.29 -3.62
N ASP A 156 13.66 -9.87 -4.72
CA ASP A 156 14.93 -9.38 -5.24
C ASP A 156 14.86 -8.11 -6.05
N ARG A 157 13.81 -7.89 -6.82
CA ARG A 157 13.84 -6.70 -7.69
C ARG A 157 13.41 -5.51 -6.89
N LYS A 158 12.35 -5.72 -6.11
CA LYS A 158 11.90 -4.60 -5.31
C LYS A 158 12.87 -4.32 -4.18
N PHE A 159 13.63 -5.28 -3.65
CA PHE A 159 14.58 -4.87 -2.64
C PHE A 159 15.65 -4.01 -3.29
N GLU A 160 16.13 -4.47 -4.42
CA GLU A 160 17.28 -3.79 -5.01
C GLU A 160 17.07 -2.44 -5.67
N GLU A 161 15.86 -2.00 -5.97
CA GLU A 161 15.79 -0.64 -6.49
C GLU A 161 14.49 0.02 -6.12
N LEU A 162 13.77 -0.62 -5.22
CA LEU A 162 12.56 -0.01 -4.70
C LEU A 162 12.70 0.03 -3.19
N VAL A 163 13.75 -0.57 -2.63
CA VAL A 163 13.95 -0.43 -1.18
C VAL A 163 15.32 0.22 -0.98
N GLN A 164 16.37 -0.30 -1.64
CA GLN A 164 17.76 0.16 -1.46
C GLN A 164 18.24 -0.78 -0.38
N THR A 165 17.62 -1.94 -0.53
CA THR A 165 17.84 -3.11 0.31
C THR A 165 18.01 -2.81 1.82
N ARG A 166 16.88 -2.64 2.46
CA ARG A 166 16.90 -2.24 3.87
C ARG A 166 15.52 -2.44 4.48
N ASN A 167 15.26 -3.64 4.96
CA ASN A 167 13.93 -3.90 5.51
C ASN A 167 13.80 -3.31 6.90
N GLN A 168 12.60 -2.84 7.22
CA GLN A 168 12.35 -2.30 8.56
C GLN A 168 11.00 -2.84 9.05
N GLY A 169 9.92 -2.16 8.72
CA GLY A 169 8.62 -2.63 9.21
C GLY A 169 7.48 -1.86 8.56
N ASP A 170 6.81 -1.04 9.36
CA ASP A 170 5.66 -0.29 8.87
C ASP A 170 5.86 1.16 9.28
N HIS A 171 4.86 2.00 8.98
CA HIS A 171 4.92 3.45 9.27
C HIS A 171 5.89 4.18 8.34
N LEU A 172 7.17 4.09 8.61
CA LEU A 172 8.16 4.70 7.73
C LEU A 172 8.09 4.00 6.37
N LEU A 173 8.38 4.76 5.33
CA LEU A 173 8.23 4.21 3.99
C LEU A 173 9.11 5.06 3.07
N HIS A 174 10.30 4.57 2.81
CA HIS A 174 11.27 5.34 2.02
C HIS A 174 10.75 5.77 0.66
N SER A 175 10.51 7.05 0.54
CA SER A 175 10.02 7.57 -0.74
C SER A 175 11.20 7.86 -1.64
N THR A 176 11.20 7.25 -2.80
CA THR A 176 12.30 7.49 -3.73
C THR A 176 12.10 8.84 -4.42
N ARG A 177 13.19 9.46 -4.81
CA ARG A 177 13.06 10.75 -5.49
C ARG A 177 14.30 10.99 -6.34
N LYS A 178 14.10 11.11 -7.65
CA LYS A 178 15.24 11.34 -8.51
C LYS A 178 15.61 12.83 -8.45
N GLN A 179 16.52 13.17 -7.55
CA GLN A 179 16.91 14.57 -7.44
C GLN A 179 17.85 14.92 -8.59
N VAL A 180 17.61 16.06 -9.20
CA VAL A 180 18.49 16.46 -10.30
C VAL A 180 19.81 16.96 -9.73
N GLU A 181 20.87 16.78 -10.51
CA GLU A 181 22.19 17.24 -10.09
C GLU A 181 22.82 18.04 -11.22
N GLU A 182 23.51 17.36 -12.11
CA GLU A 182 24.14 18.07 -13.23
C GLU A 182 23.10 18.31 -14.30
N ALA A 183 23.10 19.52 -14.85
CA ALA A 183 22.12 19.81 -15.90
C ALA A 183 22.55 21.04 -16.67
N SER A 11 -2.60 -24.47 12.48
CA SER A 11 -3.03 -23.62 11.35
C SER A 11 -1.85 -23.37 10.44
N ILE A 12 -1.43 -24.42 9.77
CA ILE A 12 -0.36 -24.28 8.76
C ILE A 12 -1.01 -23.99 7.42
N GLU A 13 -2.31 -24.23 7.33
CA GLU A 13 -2.99 -23.96 6.06
C GLU A 13 -3.06 -22.45 5.84
N GLY A 14 -2.73 -22.03 4.64
CA GLY A 14 -2.75 -20.59 4.36
C GLY A 14 -4.17 -20.15 4.01
N ARG A 15 -4.81 -19.46 4.92
CA ARG A 15 -6.16 -18.97 4.63
C ARG A 15 -6.05 -17.68 3.84
N VAL A 16 -5.93 -17.80 2.53
CA VAL A 16 -5.76 -16.60 1.71
C VAL A 16 -7.12 -16.02 1.38
N LYS A 17 -8.13 -16.88 1.41
CA LYS A 17 -9.50 -16.40 1.22
C LYS A 17 -10.12 -16.16 2.59
N ASP A 18 -10.72 -15.00 2.79
CA ASP A 18 -11.28 -14.70 4.10
C ASP A 18 -12.37 -13.64 3.94
N VAL A 19 -13.09 -13.75 2.84
CA VAL A 19 -14.25 -12.88 2.59
C VAL A 19 -15.41 -13.84 2.41
N LEU A 20 -15.93 -14.24 3.55
CA LEU A 20 -17.12 -15.08 3.59
C LEU A 20 -17.89 -14.58 4.80
N LEU A 21 -18.90 -13.81 4.40
CA LEU A 21 -19.79 -13.01 5.26
C LEU A 21 -19.30 -11.71 4.68
N LEU A 22 -19.99 -11.25 3.65
CA LEU A 22 -19.53 -10.12 2.91
C LEU A 22 -20.64 -9.29 2.33
N ASP A 23 -20.29 -8.12 2.66
CA ASP A 23 -20.94 -6.90 2.21
C ASP A 23 -19.74 -6.03 2.47
N VAL A 24 -18.61 -6.72 2.50
CA VAL A 24 -17.34 -6.12 2.89
C VAL A 24 -16.32 -6.04 1.76
N THR A 25 -15.19 -5.43 2.08
CA THR A 25 -14.15 -5.21 1.08
C THR A 25 -13.60 -6.57 0.58
N PRO A 26 -12.90 -6.70 -0.54
CA PRO A 26 -12.90 -8.00 -1.24
C PRO A 26 -11.72 -8.93 -0.98
N LEU A 27 -10.67 -8.54 -0.26
CA LEU A 27 -9.61 -9.53 -0.02
C LEU A 27 -8.81 -9.07 1.20
N SER A 28 -8.28 -7.86 1.06
CA SER A 28 -7.39 -7.22 2.04
C SER A 28 -6.59 -6.24 1.20
N LEU A 29 -6.48 -5.02 1.69
CA LEU A 29 -5.76 -3.99 0.95
C LEU A 29 -4.38 -3.93 1.56
N GLY A 30 -3.42 -3.20 1.00
CA GLY A 30 -2.09 -3.22 1.61
C GLY A 30 -1.00 -2.60 0.82
N ILE A 31 -0.59 -1.48 1.34
CA ILE A 31 0.42 -0.67 0.62
C ILE A 31 1.71 -1.49 0.62
N GLU A 32 2.42 -1.41 -0.49
CA GLU A 32 3.73 -2.05 -0.54
C GLU A 32 4.59 -1.28 0.43
N THR A 33 5.15 -1.98 1.42
CA THR A 33 5.90 -1.25 2.44
C THR A 33 7.19 -1.99 2.67
N MET A 34 8.22 -1.23 2.99
CA MET A 34 9.51 -1.83 3.32
C MET A 34 10.02 -2.59 2.08
N GLY A 35 10.86 -3.57 2.30
CA GLY A 35 11.48 -4.27 1.18
C GLY A 35 10.68 -5.42 0.58
N GLY A 36 9.49 -5.14 0.14
CA GLY A 36 8.69 -6.16 -0.54
C GLY A 36 7.77 -6.85 0.44
N VAL A 37 7.19 -6.03 1.30
CA VAL A 37 6.36 -6.54 2.39
C VAL A 37 4.98 -5.93 2.20
N MET A 38 3.94 -6.58 2.71
CA MET A 38 2.61 -5.96 2.66
C MET A 38 2.17 -5.51 4.05
N THR A 39 1.68 -4.28 4.12
CA THR A 39 1.10 -3.77 5.37
C THR A 39 -0.29 -3.32 4.94
N THR A 40 -1.33 -3.84 5.58
CA THR A 40 -2.68 -3.56 5.10
C THR A 40 -3.16 -2.12 5.05
N LEU A 41 -3.96 -1.73 4.03
CA LEU A 41 -4.34 -0.32 4.04
C LEU A 41 -5.58 -0.35 4.94
N ILE A 42 -6.56 -1.10 4.46
CA ILE A 42 -7.78 -1.38 5.22
C ILE A 42 -7.89 -2.88 4.98
N ALA A 43 -8.93 -3.57 5.39
CA ALA A 43 -8.97 -4.98 5.04
C ALA A 43 -10.40 -5.52 5.02
N LYS A 44 -10.42 -6.78 4.70
CA LYS A 44 -11.66 -7.54 4.63
C LYS A 44 -12.41 -7.55 5.96
N ASN A 45 -13.73 -7.83 5.96
CA ASN A 45 -14.53 -7.73 7.18
C ASN A 45 -14.90 -6.27 7.52
N THR A 46 -14.47 -5.32 6.69
CA THR A 46 -14.86 -3.92 6.84
C THR A 46 -15.97 -3.79 5.81
N THR A 47 -17.13 -3.48 6.34
CA THR A 47 -18.35 -3.47 5.57
C THR A 47 -18.63 -2.16 4.89
N ILE A 48 -18.89 -2.31 3.61
CA ILE A 48 -19.04 -1.15 2.77
C ILE A 48 -20.42 -0.51 3.01
N PRO A 49 -20.58 0.82 3.07
CA PRO A 49 -19.53 1.80 2.81
C PRO A 49 -18.68 2.00 4.07
N THR A 50 -17.39 1.98 3.83
CA THR A 50 -16.42 2.04 4.93
C THR A 50 -15.79 3.41 5.00
N LYS A 51 -15.17 3.65 6.14
CA LYS A 51 -14.44 4.90 6.31
C LYS A 51 -13.37 4.66 7.36
N HIS A 52 -12.11 4.93 7.04
CA HIS A 52 -11.06 4.63 8.01
C HIS A 52 -9.82 5.45 7.72
N SER A 53 -9.16 5.88 8.78
CA SER A 53 -8.02 6.78 8.67
C SER A 53 -6.76 6.18 9.27
N GLN A 54 -5.74 5.96 8.46
CA GLN A 54 -4.47 5.51 9.05
C GLN A 54 -3.37 6.45 8.61
N VAL A 55 -2.74 7.04 9.61
CA VAL A 55 -1.71 8.04 9.33
C VAL A 55 -0.36 7.37 9.28
N PHE A 56 0.30 7.65 8.16
CA PHE A 56 1.67 7.14 7.98
C PHE A 56 2.58 8.35 7.86
N SER A 57 3.85 8.10 7.60
CA SER A 57 4.79 9.21 7.47
C SER A 57 5.86 8.75 6.50
N THR A 58 6.99 9.44 6.52
CA THR A 58 8.12 9.00 5.71
C THR A 58 9.34 8.88 6.61
N ALA A 59 10.19 7.91 6.31
CA ALA A 59 11.34 7.64 7.17
C ALA A 59 12.60 8.21 6.54
N GLU A 60 12.62 8.20 5.22
CA GLU A 60 13.78 8.74 4.50
C GLU A 60 13.49 10.21 4.18
N ASP A 61 12.21 10.57 4.30
CA ASP A 61 11.81 11.96 4.13
C ASP A 61 11.01 12.39 5.35
N ASN A 62 10.85 13.69 5.54
CA ASN A 62 10.01 14.17 6.61
C ASN A 62 8.63 14.06 6.04
N GLN A 63 8.52 14.72 4.90
CA GLN A 63 7.32 14.66 4.10
C GLN A 63 7.87 15.03 2.74
N SER A 64 8.08 14.06 1.87
CA SER A 64 8.49 14.44 0.52
C SER A 64 8.00 13.41 -0.47
N ALA A 65 7.71 12.18 -0.03
CA ALA A 65 7.12 11.25 -1.00
C ALA A 65 6.46 10.01 -0.39
N VAL A 66 5.26 9.73 -0.87
CA VAL A 66 4.58 8.48 -0.48
C VAL A 66 4.24 7.83 -1.81
N THR A 67 4.81 6.66 -2.06
CA THR A 67 4.53 6.03 -3.33
C THR A 67 3.16 5.39 -3.22
N ILE A 68 2.25 5.78 -4.10
CA ILE A 68 0.88 5.28 -4.02
C ILE A 68 0.77 4.02 -4.88
N HIS A 69 1.38 2.97 -4.38
CA HIS A 69 1.30 1.66 -5.01
C HIS A 69 0.58 0.86 -3.96
N VAL A 70 -0.75 0.92 -4.03
CA VAL A 70 -1.49 0.27 -2.99
C VAL A 70 -1.58 -1.12 -3.54
N LEU A 71 -1.39 -2.12 -2.69
CA LEU A 71 -1.48 -3.49 -3.19
C LEU A 71 -2.74 -4.17 -2.70
N GLN A 72 -3.47 -4.64 -3.68
CA GLN A 72 -4.64 -5.48 -3.39
C GLN A 72 -4.17 -6.94 -3.36
N GLY A 73 -3.88 -7.47 -2.19
CA GLY A 73 -3.55 -8.89 -2.08
C GLY A 73 -3.88 -9.36 -0.67
N GLU A 74 -3.06 -10.22 -0.07
CA GLU A 74 -3.40 -10.79 1.25
C GLU A 74 -2.56 -10.18 2.38
N ARG A 75 -1.30 -10.58 2.51
CA ARG A 75 -0.53 -10.10 3.66
C ARG A 75 0.71 -10.95 3.89
N LYS A 76 1.86 -10.28 3.92
CA LYS A 76 3.17 -10.93 4.15
C LYS A 76 3.52 -11.90 3.02
N ARG A 77 4.81 -11.93 2.71
CA ARG A 77 5.30 -12.71 1.55
C ARG A 77 4.59 -12.07 0.38
N ALA A 78 5.21 -11.04 -0.16
CA ALA A 78 4.51 -10.27 -1.20
C ALA A 78 4.38 -10.88 -2.59
N ALA A 79 3.25 -11.58 -2.70
CA ALA A 79 2.79 -12.13 -3.98
C ALA A 79 1.36 -11.63 -3.88
N ASP A 80 1.25 -10.59 -3.09
CA ASP A 80 -0.02 -9.94 -2.78
C ASP A 80 -0.04 -8.64 -3.55
N ASN A 81 0.39 -8.72 -4.80
CA ASN A 81 0.55 -7.52 -5.60
C ASN A 81 -0.53 -7.37 -6.67
N LYS A 82 -1.77 -7.51 -6.26
CA LYS A 82 -2.83 -7.23 -7.21
C LYS A 82 -2.79 -5.71 -7.30
N SER A 83 -3.12 -5.13 -8.43
CA SER A 83 -2.94 -3.69 -8.54
C SER A 83 -3.97 -2.85 -7.79
N LEU A 84 -3.49 -1.90 -6.99
CA LEU A 84 -4.38 -0.97 -6.35
C LEU A 84 -3.56 0.29 -6.54
N GLY A 85 -2.99 0.25 -7.73
CA GLY A 85 -2.28 1.40 -8.24
C GLY A 85 -0.77 1.32 -8.23
N GLN A 86 -0.20 2.39 -8.77
CA GLN A 86 1.26 2.55 -8.74
C GLN A 86 1.55 3.96 -9.24
N PHE A 87 1.51 4.91 -8.33
CA PHE A 87 1.81 6.30 -8.70
C PHE A 87 2.76 6.82 -7.63
N ASN A 88 3.02 8.11 -7.61
CA ASN A 88 3.86 8.64 -6.55
C ASN A 88 3.56 10.09 -6.23
N LEU A 89 3.33 10.32 -4.94
CA LEU A 89 3.16 11.70 -4.49
C LEU A 89 4.59 12.13 -4.23
N ASP A 90 4.98 13.28 -4.75
CA ASP A 90 6.39 13.68 -4.64
C ASP A 90 6.53 15.20 -4.46
N GLY A 91 7.61 15.60 -3.82
CA GLY A 91 7.86 17.03 -3.64
C GLY A 91 6.86 17.61 -2.67
N ILE A 92 6.93 17.18 -1.40
CA ILE A 92 5.96 17.69 -0.41
C ILE A 92 6.74 18.69 0.43
N ASN A 93 7.05 19.82 -0.23
CA ASN A 93 7.76 20.99 0.34
C ASN A 93 9.09 21.27 -0.40
N PRO A 94 10.19 20.50 -0.41
CA PRO A 94 10.34 19.21 0.25
C PRO A 94 10.83 19.37 1.69
N ALA A 95 11.04 18.26 2.37
CA ALA A 95 11.55 18.33 3.74
C ALA A 95 12.21 16.97 4.05
N PRO A 96 13.29 16.81 4.84
CA PRO A 96 13.95 15.49 4.93
C PRO A 96 13.85 14.83 6.32
N ARG A 97 13.93 13.50 6.27
CA ARG A 97 13.76 12.60 7.43
C ARG A 97 12.89 12.95 8.64
N GLY A 98 11.93 12.07 8.91
CA GLY A 98 11.10 12.18 10.11
C GLY A 98 10.13 13.34 10.14
N MET A 99 8.90 13.10 10.59
CA MET A 99 7.95 14.20 10.74
C MET A 99 7.11 14.04 12.02
N PRO A 100 6.19 13.10 12.29
CA PRO A 100 5.77 11.99 11.41
C PRO A 100 4.32 12.24 10.95
N GLN A 101 4.07 13.16 10.01
CA GLN A 101 2.67 13.50 9.68
C GLN A 101 2.26 13.53 8.19
N ILE A 102 1.73 12.41 7.71
CA ILE A 102 1.15 12.33 6.37
C ILE A 102 -0.11 11.51 6.64
N GLU A 103 -1.27 12.10 6.84
CA GLU A 103 -2.43 11.25 7.16
C GLU A 103 -3.02 10.66 5.88
N VAL A 104 -3.29 9.37 5.89
CA VAL A 104 -3.74 8.71 4.65
C VAL A 104 -5.10 8.12 4.95
N THR A 105 -6.13 8.74 4.37
CA THR A 105 -7.48 8.28 4.65
C THR A 105 -7.98 7.42 3.52
N PHE A 106 -8.87 6.51 3.84
CA PHE A 106 -9.29 5.56 2.83
C PHE A 106 -10.66 5.08 3.22
N ASP A 107 -11.58 5.43 2.35
CA ASP A 107 -12.99 5.15 2.62
C ASP A 107 -13.51 4.56 1.34
N ILE A 108 -14.26 3.48 1.45
CA ILE A 108 -14.82 2.92 0.22
C ILE A 108 -16.26 3.43 0.17
N ASP A 109 -16.78 3.64 -1.02
CA ASP A 109 -18.12 4.21 -1.12
C ASP A 109 -19.07 3.03 -1.15
N ALA A 110 -20.37 3.28 -1.22
CA ALA A 110 -21.32 2.17 -1.13
C ALA A 110 -21.50 1.52 -2.50
N ASP A 111 -21.08 2.21 -3.56
CA ASP A 111 -21.22 1.64 -4.89
C ASP A 111 -20.03 0.74 -5.16
N GLY A 112 -18.92 1.01 -4.50
CA GLY A 112 -17.75 0.13 -4.62
C GLY A 112 -16.64 0.84 -5.37
N ILE A 113 -15.97 1.75 -4.68
CA ILE A 113 -14.82 2.39 -5.29
C ILE A 113 -13.89 2.81 -4.15
N LEU A 114 -12.61 2.63 -4.36
CA LEU A 114 -11.66 2.90 -3.28
C LEU A 114 -11.29 4.36 -3.28
N HIS A 115 -11.97 5.11 -2.43
CA HIS A 115 -11.65 6.54 -2.33
C HIS A 115 -10.54 6.73 -1.30
N VAL A 116 -9.30 6.84 -1.76
CA VAL A 116 -8.17 7.00 -0.83
C VAL A 116 -7.37 8.23 -1.23
N SER A 117 -7.20 9.10 -0.25
CA SER A 117 -6.49 10.36 -0.46
C SER A 117 -5.30 10.38 0.45
N ALA A 118 -4.14 10.31 -0.17
CA ALA A 118 -2.94 10.45 0.66
C ALA A 118 -2.88 11.94 0.92
N LYS A 119 -3.19 12.29 2.15
CA LYS A 119 -3.28 13.69 2.53
C LYS A 119 -2.06 14.03 3.36
N ASP A 120 -1.28 15.00 2.92
CA ASP A 120 -0.03 15.27 3.63
C ASP A 120 -0.26 16.44 4.53
N LYS A 121 0.46 16.37 5.62
CA LYS A 121 0.31 17.39 6.66
C LYS A 121 1.41 18.43 6.61
N ASN A 122 1.72 18.83 5.39
CA ASN A 122 2.69 19.91 5.18
C ASN A 122 1.83 21.08 4.75
N SER A 123 0.86 20.81 3.90
CA SER A 123 -0.07 21.89 3.55
C SER A 123 -1.36 21.25 3.05
N GLY A 124 -1.55 19.97 3.27
CA GLY A 124 -2.74 19.36 2.69
C GLY A 124 -2.41 19.03 1.24
N LYS A 125 -1.17 18.67 1.02
CA LYS A 125 -0.80 18.26 -0.33
C LYS A 125 -1.45 16.90 -0.49
N GLU A 126 -2.46 16.77 -1.34
CA GLU A 126 -3.17 15.49 -1.41
C GLU A 126 -3.32 14.91 -2.80
N GLN A 127 -3.57 13.60 -2.87
CA GLN A 127 -3.80 12.99 -4.19
C GLN A 127 -4.81 11.89 -3.99
N LYS A 128 -5.97 12.10 -4.59
CA LYS A 128 -7.08 11.17 -4.39
C LYS A 128 -7.21 10.23 -5.57
N ILE A 129 -7.40 8.95 -5.26
CA ILE A 129 -7.65 7.97 -6.32
C ILE A 129 -8.98 7.29 -6.06
N THR A 130 -9.45 6.69 -7.13
CA THR A 130 -10.79 6.08 -7.14
C THR A 130 -10.59 4.77 -7.88
N ILE A 131 -10.21 3.79 -7.11
CA ILE A 131 -9.84 2.49 -7.69
C ILE A 131 -10.96 1.46 -7.68
N LYS A 132 -11.15 0.84 -8.83
CA LYS A 132 -12.13 -0.26 -8.94
C LYS A 132 -11.73 -1.40 -8.00
N ALA A 133 -12.72 -1.96 -7.32
CA ALA A 133 -12.41 -2.98 -6.33
C ALA A 133 -12.02 -4.30 -6.97
N SER A 134 -12.59 -4.57 -8.15
CA SER A 134 -12.28 -5.79 -8.92
C SER A 134 -12.87 -7.05 -8.31
N SER A 135 -12.25 -7.57 -7.26
CA SER A 135 -12.76 -8.75 -6.55
C SER A 135 -12.78 -10.00 -7.42
N GLY A 136 -12.82 -11.15 -6.77
CA GLY A 136 -12.80 -12.41 -7.50
C GLY A 136 -11.37 -12.89 -7.68
N LEU A 137 -10.70 -13.10 -6.56
CA LEU A 137 -9.27 -13.45 -6.59
C LEU A 137 -9.11 -14.75 -5.81
N ASN A 138 -7.99 -15.43 -6.04
CA ASN A 138 -7.77 -16.75 -5.42
C ASN A 138 -6.34 -16.86 -4.88
N GLU A 139 -6.10 -17.98 -4.22
CA GLU A 139 -4.81 -18.19 -3.54
C GLU A 139 -3.60 -18.44 -4.42
N ASP A 140 -3.76 -18.60 -5.73
CA ASP A 140 -2.59 -18.72 -6.59
C ASP A 140 -2.71 -17.75 -7.71
N GLU A 141 -3.25 -16.65 -7.26
CA GLU A 141 -3.30 -15.45 -8.07
C GLU A 141 -2.18 -14.91 -7.23
N ILE A 142 -2.36 -15.17 -5.94
CA ILE A 142 -1.30 -14.84 -5.00
C ILE A 142 -0.12 -15.81 -5.24
N GLN A 143 -0.18 -17.09 -4.92
CA GLN A 143 0.91 -18.03 -5.26
C GLN A 143 1.31 -18.16 -6.77
N LYS A 144 0.45 -17.75 -7.69
CA LYS A 144 0.84 -17.74 -9.10
C LYS A 144 1.70 -16.51 -9.34
N MET A 145 1.44 -15.51 -8.48
CA MET A 145 2.26 -14.33 -8.46
C MET A 145 3.42 -14.64 -7.51
N VAL A 146 3.46 -15.81 -6.86
CA VAL A 146 4.65 -16.17 -6.09
C VAL A 146 5.66 -16.56 -7.15
N ARG A 147 5.22 -17.22 -8.20
CA ARG A 147 6.21 -17.46 -9.24
C ARG A 147 6.61 -16.17 -9.92
N ASP A 148 5.72 -15.61 -10.74
CA ASP A 148 6.11 -14.43 -11.50
C ASP A 148 6.62 -13.33 -10.58
N ALA A 149 5.82 -12.99 -9.60
CA ALA A 149 6.18 -11.86 -8.74
C ALA A 149 6.82 -12.24 -7.41
N GLU A 150 7.03 -13.52 -6.99
CA GLU A 150 7.65 -13.61 -5.65
C GLU A 150 9.11 -13.51 -6.14
N ALA A 151 9.34 -14.10 -7.32
CA ALA A 151 10.64 -13.98 -7.97
C ALA A 151 10.94 -12.51 -8.28
N ASN A 152 9.96 -11.70 -8.68
CA ASN A 152 10.24 -10.27 -8.86
C ASN A 152 10.52 -9.56 -7.52
N ALA A 153 10.15 -10.14 -6.37
CA ALA A 153 10.55 -9.54 -5.10
C ALA A 153 12.07 -9.56 -4.85
N GLU A 154 12.84 -10.33 -5.63
CA GLU A 154 14.30 -10.25 -5.50
C GLU A 154 14.81 -8.95 -6.11
N ALA A 155 14.04 -8.36 -7.04
CA ALA A 155 14.40 -7.05 -7.56
C ALA A 155 14.02 -6.06 -6.45
N ASP A 156 12.95 -6.40 -5.72
CA ASP A 156 12.60 -5.59 -4.55
C ASP A 156 13.63 -5.76 -3.43
N ARG A 157 14.51 -6.75 -3.47
CA ARG A 157 15.58 -6.83 -2.47
C ARG A 157 16.59 -5.71 -2.76
N LYS A 158 16.72 -5.34 -4.03
CA LYS A 158 17.57 -4.19 -4.38
C LYS A 158 16.91 -2.94 -3.80
N PHE A 159 15.58 -2.89 -3.85
CA PHE A 159 14.88 -1.77 -3.19
C PHE A 159 14.80 -1.96 -1.66
N GLU A 160 15.24 -3.08 -1.11
CA GLU A 160 15.31 -3.28 0.34
C GLU A 160 16.64 -2.74 0.82
N GLU A 161 17.57 -2.60 -0.11
CA GLU A 161 18.82 -1.95 0.25
C GLU A 161 18.48 -0.46 0.28
N LEU A 162 17.58 -0.07 -0.63
CA LEU A 162 17.09 1.31 -0.61
C LEU A 162 16.17 1.59 0.58
N VAL A 163 15.50 0.58 1.12
CA VAL A 163 14.65 0.82 2.28
C VAL A 163 15.58 1.09 3.45
N GLN A 164 16.19 0.04 4.00
CA GLN A 164 17.01 0.19 5.22
C GLN A 164 17.32 -1.24 5.62
N THR A 165 16.65 -2.11 4.88
CA THR A 165 16.69 -3.55 5.13
C THR A 165 16.31 -3.93 6.56
N ARG A 166 15.07 -4.39 6.62
CA ARG A 166 14.52 -4.93 7.86
C ARG A 166 14.49 -3.89 8.97
N ASN A 167 13.35 -3.23 9.06
CA ASN A 167 13.11 -2.28 10.15
C ASN A 167 11.77 -2.63 10.77
N GLN A 168 10.76 -2.69 9.91
CA GLN A 168 9.43 -3.12 10.34
C GLN A 168 8.89 -2.19 11.42
N GLY A 169 8.88 -0.90 11.11
CA GLY A 169 8.38 0.09 12.07
C GLY A 169 7.04 0.65 11.62
N ASP A 170 6.10 0.74 12.53
CA ASP A 170 4.84 1.38 12.17
C ASP A 170 5.09 2.87 12.10
N HIS A 171 4.21 3.59 11.40
CA HIS A 171 4.34 5.04 11.17
C HIS A 171 5.40 5.37 10.11
N LEU A 172 6.66 5.11 10.42
CA LEU A 172 7.72 5.33 9.43
C LEU A 172 7.47 4.46 8.21
N LEU A 173 7.82 4.98 7.04
CA LEU A 173 7.50 4.25 5.82
C LEU A 173 8.45 4.79 4.74
N HIS A 174 9.52 4.06 4.50
CA HIS A 174 10.46 4.50 3.46
C HIS A 174 9.79 4.49 2.10
N SER A 175 9.87 5.62 1.43
CA SER A 175 9.29 5.70 0.08
C SER A 175 10.00 6.78 -0.70
N THR A 176 10.54 6.43 -1.85
CA THR A 176 11.26 7.43 -2.63
C THR A 176 11.35 6.97 -4.08
N ARG A 177 11.27 7.92 -4.99
CA ARG A 177 11.31 7.55 -6.41
C ARG A 177 11.80 8.76 -7.20
N LYS A 178 12.98 8.63 -7.79
CA LYS A 178 13.49 9.76 -8.57
C LYS A 178 12.77 9.80 -9.91
N GLN A 179 12.44 11.00 -10.34
CA GLN A 179 11.75 11.17 -11.63
C GLN A 179 12.47 12.25 -12.42
N VAL A 180 13.24 11.85 -13.41
CA VAL A 180 13.96 12.84 -14.21
C VAL A 180 12.97 13.53 -15.14
N GLU A 181 13.40 14.63 -15.72
CA GLU A 181 12.50 15.33 -16.64
C GLU A 181 13.30 16.27 -17.53
N GLU A 182 12.95 16.32 -18.80
CA GLU A 182 13.67 17.21 -19.70
C GLU A 182 12.79 17.51 -20.90
N ALA A 183 12.69 18.78 -21.25
CA ALA A 183 11.85 19.13 -22.39
C ALA A 183 12.22 20.52 -22.88
N SER A 11 3.52 -23.85 7.10
CA SER A 11 2.68 -22.65 7.30
C SER A 11 1.74 -22.50 6.12
N ILE A 12 0.78 -23.41 6.03
CA ILE A 12 -0.25 -23.31 5.01
C ILE A 12 -1.44 -22.56 5.57
N GLU A 13 -1.44 -22.34 6.88
CA GLU A 13 -2.56 -21.62 7.48
C GLU A 13 -2.47 -20.16 7.06
N GLY A 14 -3.59 -19.58 6.71
CA GLY A 14 -3.56 -18.18 6.30
C GLY A 14 -4.85 -17.81 5.61
N ARG A 15 -5.67 -17.01 6.27
CA ARG A 15 -6.94 -16.61 5.67
C ARG A 15 -6.68 -15.45 4.72
N VAL A 16 -6.34 -15.76 3.48
CA VAL A 16 -6.07 -14.69 2.53
C VAL A 16 -7.38 -14.11 2.04
N LYS A 17 -8.42 -14.93 1.90
CA LYS A 17 -9.66 -14.40 1.31
C LYS A 17 -10.86 -15.25 1.72
N ASP A 18 -11.90 -14.58 2.18
CA ASP A 18 -13.14 -15.30 2.47
C ASP A 18 -14.28 -14.28 2.58
N VAL A 19 -14.96 -14.07 1.46
CA VAL A 19 -16.05 -13.08 1.41
C VAL A 19 -17.39 -13.83 1.44
N LEU A 20 -17.48 -14.82 2.31
CA LEU A 20 -18.66 -15.67 2.35
C LEU A 20 -19.74 -15.03 3.21
N LEU A 21 -19.46 -14.90 4.50
CA LEU A 21 -20.42 -14.27 5.43
C LEU A 21 -19.76 -12.97 5.91
N LEU A 22 -19.04 -12.39 4.98
CA LEU A 22 -18.36 -11.12 5.19
C LEU A 22 -18.58 -10.48 3.85
N ASP A 23 -19.48 -9.54 3.92
CA ASP A 23 -19.84 -8.69 2.76
C ASP A 23 -19.08 -7.39 3.01
N VAL A 24 -17.78 -7.54 2.86
CA VAL A 24 -16.83 -6.50 3.19
C VAL A 24 -15.96 -6.09 2.02
N THR A 25 -14.96 -5.28 2.32
CA THR A 25 -13.99 -4.90 1.30
C THR A 25 -13.24 -6.17 0.82
N PRO A 26 -12.57 -6.21 -0.35
CA PRO A 26 -12.13 -7.48 -0.97
C PRO A 26 -11.45 -8.56 -0.13
N LEU A 27 -10.30 -8.28 0.42
CA LEU A 27 -9.58 -9.35 1.13
C LEU A 27 -8.55 -8.77 2.11
N SER A 28 -8.02 -7.61 1.71
CA SER A 28 -6.93 -6.91 2.39
C SER A 28 -6.33 -5.99 1.34
N LEU A 29 -6.13 -4.72 1.69
CA LEU A 29 -5.66 -3.77 0.67
C LEU A 29 -5.12 -2.43 1.16
N GLY A 30 -3.79 -2.25 1.08
CA GLY A 30 -3.18 -0.97 1.42
C GLY A 30 -2.01 -0.50 0.60
N ILE A 31 -0.78 -0.76 0.99
CA ILE A 31 0.34 -0.16 0.24
C ILE A 31 1.48 -1.17 0.19
N GLU A 32 2.23 -1.15 -0.90
CA GLU A 32 3.43 -2.00 -0.96
C GLU A 32 4.39 -1.37 0.04
N THR A 33 4.91 -2.15 0.97
CA THR A 33 5.73 -1.55 2.03
C THR A 33 7.01 -2.30 2.28
N MET A 34 7.95 -1.54 2.82
CA MET A 34 9.25 -2.06 3.28
C MET A 34 9.99 -3.09 2.41
N GLY A 35 9.95 -2.94 1.11
CA GLY A 35 10.73 -3.80 0.23
C GLY A 35 9.89 -4.85 -0.45
N GLY A 36 9.39 -5.79 0.32
CA GLY A 36 8.63 -6.89 -0.26
C GLY A 36 7.61 -7.34 0.76
N VAL A 37 6.98 -6.35 1.36
CA VAL A 37 6.00 -6.61 2.42
C VAL A 37 4.70 -6.01 1.93
N MET A 38 3.59 -6.59 2.39
CA MET A 38 2.28 -6.03 2.04
C MET A 38 1.58 -5.59 3.31
N THR A 39 1.39 -4.28 3.46
CA THR A 39 0.67 -3.77 4.62
C THR A 39 -0.74 -3.40 4.18
N THR A 40 -1.73 -4.06 4.74
CA THR A 40 -3.09 -3.76 4.34
C THR A 40 -3.50 -2.43 4.93
N LEU A 41 -4.43 -1.75 4.26
CA LEU A 41 -4.77 -0.42 4.73
C LEU A 41 -6.05 -0.66 5.48
N ILE A 42 -6.92 -1.28 4.69
CA ILE A 42 -8.27 -1.62 5.16
C ILE A 42 -8.42 -3.06 4.71
N ALA A 43 -9.29 -3.83 5.34
CA ALA A 43 -9.34 -5.23 4.96
C ALA A 43 -10.72 -5.82 5.15
N LYS A 44 -10.78 -7.09 4.81
CA LYS A 44 -11.99 -7.88 5.01
C LYS A 44 -12.35 -7.80 6.50
N ASN A 45 -13.66 -7.77 6.79
CA ASN A 45 -14.19 -7.53 8.15
C ASN A 45 -14.56 -6.05 8.24
N THR A 46 -14.16 -5.25 7.25
CA THR A 46 -14.59 -3.84 7.20
C THR A 46 -15.72 -3.86 6.19
N THR A 47 -16.89 -3.51 6.68
CA THR A 47 -18.11 -3.65 5.91
C THR A 47 -18.44 -2.45 5.07
N ILE A 48 -18.70 -2.70 3.80
CA ILE A 48 -18.91 -1.57 2.91
C ILE A 48 -20.32 -0.99 3.13
N PRO A 49 -20.56 0.32 3.18
CA PRO A 49 -19.58 1.37 2.93
C PRO A 49 -18.72 1.62 4.17
N THR A 50 -17.45 1.91 3.90
CA THR A 50 -16.47 2.07 4.98
C THR A 50 -15.89 3.47 4.93
N LYS A 51 -15.28 3.82 6.05
CA LYS A 51 -14.61 5.12 6.15
C LYS A 51 -13.63 4.99 7.31
N HIS A 52 -12.34 5.15 7.09
CA HIS A 52 -11.41 4.97 8.22
C HIS A 52 -10.08 5.66 7.96
N SER A 53 -9.55 6.26 9.02
CA SER A 53 -8.34 7.06 8.91
C SER A 53 -7.15 6.42 9.62
N GLN A 54 -6.04 6.31 8.90
CA GLN A 54 -4.81 5.83 9.55
C GLN A 54 -3.68 6.74 9.11
N VAL A 55 -2.94 7.24 10.08
CA VAL A 55 -1.89 8.22 9.78
C VAL A 55 -0.51 7.56 9.74
N PHE A 56 0.22 7.92 8.69
CA PHE A 56 1.55 7.34 8.48
C PHE A 56 2.51 8.46 8.04
N SER A 57 3.75 8.08 7.80
CA SER A 57 4.72 9.01 7.27
C SER A 57 5.81 8.18 6.61
N THR A 58 7.00 8.74 6.45
CA THR A 58 8.11 7.93 5.92
C THR A 58 9.30 8.03 6.87
N ALA A 59 10.29 7.19 6.60
CA ALA A 59 11.52 7.23 7.39
C ALA A 59 12.52 8.15 6.71
N GLU A 60 12.54 8.07 5.38
CA GLU A 60 13.42 8.94 4.59
C GLU A 60 12.53 9.68 3.60
N ASP A 61 12.79 10.97 3.45
CA ASP A 61 11.93 11.82 2.62
C ASP A 61 10.50 11.75 3.13
N ASN A 62 10.17 12.61 4.10
CA ASN A 62 8.88 12.51 4.74
C ASN A 62 7.82 13.14 3.86
N GLN A 63 7.56 14.42 4.10
CA GLN A 63 6.65 15.13 3.23
C GLN A 63 7.48 15.69 2.10
N SER A 64 7.64 14.85 1.09
CA SER A 64 8.32 15.29 -0.10
C SER A 64 7.90 14.31 -1.18
N ALA A 65 7.69 13.05 -0.78
CA ALA A 65 7.16 12.08 -1.73
C ALA A 65 6.65 10.83 -1.01
N VAL A 66 5.54 10.29 -1.48
CA VAL A 66 5.05 9.03 -0.94
C VAL A 66 4.43 8.27 -2.08
N THR A 67 4.89 7.06 -2.20
CA THR A 67 4.47 6.25 -3.35
C THR A 67 3.07 5.72 -3.11
N ILE A 68 2.23 5.94 -4.11
CA ILE A 68 0.81 5.57 -3.99
C ILE A 68 0.60 4.31 -4.84
N HIS A 69 1.36 3.29 -4.52
CA HIS A 69 1.17 1.98 -5.14
C HIS A 69 0.29 1.34 -4.10
N VAL A 70 -1.03 1.32 -4.33
CA VAL A 70 -1.88 0.85 -3.27
C VAL A 70 -1.82 -0.66 -3.57
N LEU A 71 -1.76 -1.51 -2.55
CA LEU A 71 -1.55 -2.94 -2.83
C LEU A 71 -2.58 -3.86 -2.22
N GLN A 72 -3.26 -4.49 -3.17
CA GLN A 72 -4.31 -5.46 -2.83
C GLN A 72 -3.81 -6.91 -2.87
N GLY A 73 -3.47 -7.39 -1.69
CA GLY A 73 -3.10 -8.79 -1.51
C GLY A 73 -3.26 -9.00 -0.01
N GLU A 74 -2.67 -10.02 0.63
CA GLU A 74 -2.92 -10.20 2.08
C GLU A 74 -1.68 -10.53 2.90
N ARG A 75 -1.14 -11.72 2.71
CA ARG A 75 -0.03 -12.20 3.53
C ARG A 75 1.21 -11.29 3.57
N LYS A 76 2.15 -11.62 4.44
CA LYS A 76 3.37 -10.82 4.54
C LYS A 76 4.35 -11.24 3.46
N ARG A 77 4.35 -12.52 3.12
CA ARG A 77 5.19 -12.95 2.00
C ARG A 77 4.53 -12.32 0.79
N ALA A 78 5.22 -11.38 0.18
CA ALA A 78 4.58 -10.63 -0.90
C ALA A 78 4.46 -11.34 -2.25
N ALA A 79 3.29 -11.96 -2.36
CA ALA A 79 2.82 -12.59 -3.60
C ALA A 79 1.41 -11.98 -3.61
N ASP A 80 1.37 -10.94 -2.79
CA ASP A 80 0.19 -10.17 -2.43
C ASP A 80 0.31 -8.84 -3.14
N ASN A 81 0.66 -8.94 -4.41
CA ASN A 81 0.94 -7.74 -5.19
C ASN A 81 -0.20 -7.52 -6.17
N LYS A 82 -1.44 -7.55 -5.70
CA LYS A 82 -2.52 -7.22 -6.62
C LYS A 82 -2.42 -5.72 -6.83
N SER A 83 -2.51 -5.33 -8.09
CA SER A 83 -2.31 -3.93 -8.38
C SER A 83 -3.51 -3.15 -7.91
N LEU A 84 -3.24 -2.18 -7.06
CA LEU A 84 -4.29 -1.28 -6.62
C LEU A 84 -3.52 0.02 -6.82
N GLY A 85 -2.64 -0.05 -7.81
CA GLY A 85 -1.94 1.14 -8.21
C GLY A 85 -0.45 1.06 -8.41
N GLN A 86 0.07 2.24 -8.75
CA GLN A 86 1.51 2.47 -8.89
C GLN A 86 1.65 3.92 -9.32
N PHE A 87 1.55 4.85 -8.38
CA PHE A 87 1.71 6.27 -8.71
C PHE A 87 2.61 6.88 -7.65
N ASN A 88 2.80 8.19 -7.66
CA ASN A 88 3.63 8.79 -6.63
C ASN A 88 3.25 10.24 -6.35
N LEU A 89 3.18 10.57 -5.06
CA LEU A 89 2.94 11.96 -4.68
C LEU A 89 4.33 12.55 -4.65
N ASP A 90 4.47 13.79 -5.11
CA ASP A 90 5.80 14.39 -5.22
C ASP A 90 5.72 15.88 -4.93
N GLY A 91 6.82 16.44 -4.44
CA GLY A 91 6.85 17.88 -4.25
C GLY A 91 5.95 18.26 -3.08
N ILE A 92 6.37 17.89 -1.88
CA ILE A 92 5.56 18.22 -0.70
C ILE A 92 6.61 18.76 0.26
N ASN A 93 7.71 19.09 -0.38
CA ASN A 93 8.90 19.53 0.35
C ASN A 93 8.63 20.87 1.02
N PRO A 94 9.31 21.33 2.08
CA PRO A 94 10.53 20.72 2.63
C PRO A 94 10.30 20.00 3.96
N ALA A 95 10.43 18.69 3.98
CA ALA A 95 10.34 18.00 5.27
C ALA A 95 11.01 16.64 5.14
N PRO A 96 12.33 16.49 5.22
CA PRO A 96 12.94 15.24 4.80
C PRO A 96 13.14 14.33 6.02
N ARG A 97 12.79 13.07 5.85
CA ARG A 97 13.03 12.05 6.89
C ARG A 97 12.37 12.33 8.24
N GLY A 98 11.34 11.55 8.55
CA GLY A 98 10.71 11.63 9.86
C GLY A 98 10.03 12.95 10.21
N MET A 99 8.73 12.89 10.48
CA MET A 99 8.00 14.09 10.94
C MET A 99 7.16 13.73 12.19
N PRO A 100 6.12 12.89 12.27
CA PRO A 100 5.51 12.12 11.17
C PRO A 100 4.19 12.78 10.77
N GLN A 101 4.09 13.33 9.55
CA GLN A 101 2.88 14.09 9.17
C GLN A 101 2.26 13.74 7.81
N ILE A 102 1.73 12.54 7.62
CA ILE A 102 1.00 12.25 6.39
C ILE A 102 -0.24 11.48 6.83
N GLU A 103 -1.33 12.17 7.09
CA GLU A 103 -2.54 11.46 7.48
C GLU A 103 -3.20 10.92 6.22
N VAL A 104 -3.55 9.64 6.27
CA VAL A 104 -4.08 8.98 5.07
C VAL A 104 -5.48 8.51 5.41
N THR A 105 -6.43 8.85 4.56
CA THR A 105 -7.81 8.39 4.78
C THR A 105 -8.26 7.54 3.62
N PHE A 106 -8.94 6.46 3.96
CA PHE A 106 -9.33 5.49 2.97
C PHE A 106 -10.77 5.13 3.29
N ASP A 107 -11.58 5.36 2.28
CA ASP A 107 -13.02 5.18 2.45
C ASP A 107 -13.46 4.43 1.22
N ILE A 108 -14.25 3.40 1.42
CA ILE A 108 -14.78 2.74 0.21
C ILE A 108 -16.22 3.24 0.15
N ASP A 109 -16.78 3.36 -1.04
CA ASP A 109 -18.15 3.88 -1.12
C ASP A 109 -19.08 2.68 -1.08
N ALA A 110 -20.36 2.93 -1.17
CA ALA A 110 -21.31 1.82 -1.09
C ALA A 110 -21.47 1.14 -2.44
N ASP A 111 -21.05 1.81 -3.50
CA ASP A 111 -21.17 1.21 -4.83
C ASP A 111 -19.98 0.30 -5.07
N GLY A 112 -18.87 0.59 -4.41
CA GLY A 112 -17.71 -0.29 -4.50
C GLY A 112 -16.57 0.36 -5.26
N ILE A 113 -15.92 1.31 -4.62
CA ILE A 113 -14.75 1.92 -5.24
C ILE A 113 -13.82 2.35 -4.11
N LEU A 114 -12.54 2.03 -4.25
CA LEU A 114 -11.60 2.30 -3.17
C LEU A 114 -11.15 3.74 -3.33
N HIS A 115 -11.82 4.60 -2.59
CA HIS A 115 -11.41 6.00 -2.57
C HIS A 115 -10.36 6.17 -1.48
N VAL A 116 -9.28 6.89 -1.78
CA VAL A 116 -8.24 7.07 -0.76
C VAL A 116 -7.46 8.34 -1.06
N SER A 117 -7.45 9.22 -0.08
CA SER A 117 -6.75 10.51 -0.22
C SER A 117 -5.51 10.46 0.64
N ALA A 118 -4.38 10.43 -0.03
CA ALA A 118 -3.14 10.52 0.74
C ALA A 118 -3.01 11.97 1.07
N LYS A 119 -3.20 12.29 2.34
CA LYS A 119 -3.21 13.68 2.77
C LYS A 119 -1.91 14.01 3.50
N ASP A 120 -1.21 15.01 3.00
CA ASP A 120 0.04 15.38 3.66
C ASP A 120 -0.19 16.57 4.53
N LYS A 121 0.42 16.46 5.69
CA LYS A 121 0.27 17.53 6.69
C LYS A 121 1.39 18.56 6.61
N ASN A 122 1.64 19.04 5.40
CA ASN A 122 2.61 20.11 5.21
C ASN A 122 1.75 21.30 4.84
N SER A 123 0.69 21.02 4.10
CA SER A 123 -0.26 22.07 3.80
C SER A 123 -1.61 21.44 3.48
N GLY A 124 -1.75 20.13 3.67
CA GLY A 124 -3.01 19.52 3.25
C GLY A 124 -2.84 19.20 1.78
N LYS A 125 -1.60 18.87 1.45
CA LYS A 125 -1.30 18.60 0.05
C LYS A 125 -1.71 17.17 -0.18
N GLU A 126 -2.76 16.93 -0.96
CA GLU A 126 -3.24 15.54 -1.08
C GLU A 126 -3.41 15.06 -2.50
N GLN A 127 -3.75 13.79 -2.63
CA GLN A 127 -4.05 13.29 -3.98
C GLN A 127 -5.09 12.22 -3.81
N LYS A 128 -6.26 12.54 -4.31
CA LYS A 128 -7.40 11.65 -4.12
C LYS A 128 -7.51 10.77 -5.34
N ILE A 129 -7.77 9.50 -5.10
CA ILE A 129 -7.96 8.56 -6.21
C ILE A 129 -9.23 7.79 -5.97
N THR A 130 -9.72 7.22 -7.05
CA THR A 130 -11.00 6.51 -7.03
C THR A 130 -10.76 5.32 -7.92
N ILE A 131 -10.12 4.33 -7.33
CA ILE A 131 -9.69 3.15 -8.12
C ILE A 131 -10.49 1.89 -7.81
N LYS A 132 -10.38 0.94 -8.73
CA LYS A 132 -11.18 -0.28 -8.61
C LYS A 132 -10.68 -1.15 -7.48
N ALA A 133 -11.53 -2.08 -7.07
CA ALA A 133 -11.14 -3.01 -6.02
C ALA A 133 -12.12 -4.16 -5.99
N SER A 134 -12.04 -5.03 -7.00
CA SER A 134 -12.95 -6.17 -7.02
C SER A 134 -12.34 -7.24 -7.91
N SER A 135 -12.13 -8.44 -7.35
CA SER A 135 -11.51 -9.48 -8.16
C SER A 135 -11.84 -10.86 -7.60
N GLY A 136 -11.60 -11.06 -6.32
CA GLY A 136 -11.79 -12.40 -5.77
C GLY A 136 -10.53 -13.20 -6.05
N LEU A 137 -9.79 -13.52 -5.00
CA LEU A 137 -8.51 -14.19 -5.23
C LEU A 137 -8.03 -14.91 -3.98
N ASN A 138 -7.71 -16.19 -4.15
CA ASN A 138 -7.35 -17.03 -3.00
C ASN A 138 -5.85 -17.03 -2.73
N GLU A 139 -5.43 -17.79 -1.73
CA GLU A 139 -4.02 -17.74 -1.32
C GLU A 139 -3.03 -18.26 -2.34
N ASP A 140 -3.41 -19.19 -3.20
CA ASP A 140 -2.43 -19.69 -4.15
C ASP A 140 -2.77 -19.18 -5.53
N GLU A 141 -3.64 -18.18 -5.53
CA GLU A 141 -3.93 -17.44 -6.76
C GLU A 141 -2.84 -16.39 -6.60
N ILE A 142 -2.62 -16.09 -5.32
CA ILE A 142 -1.51 -15.26 -4.89
C ILE A 142 -0.25 -16.09 -5.28
N GLN A 143 -0.21 -17.41 -5.11
CA GLN A 143 0.92 -18.22 -5.65
C GLN A 143 1.03 -18.19 -7.19
N LYS A 144 -0.04 -17.88 -7.91
CA LYS A 144 0.10 -17.70 -9.37
C LYS A 144 0.79 -16.35 -9.57
N MET A 145 0.61 -15.51 -8.55
CA MET A 145 1.28 -14.22 -8.47
C MET A 145 2.62 -14.43 -7.74
N VAL A 146 2.97 -15.66 -7.34
CA VAL A 146 4.31 -15.95 -6.79
C VAL A 146 5.09 -16.06 -8.08
N ARG A 147 4.50 -16.60 -9.13
CA ARG A 147 5.26 -16.57 -10.36
C ARG A 147 5.39 -15.15 -10.87
N ASP A 148 4.31 -14.60 -11.41
CA ASP A 148 4.42 -13.27 -12.02
C ASP A 148 5.01 -12.26 -11.04
N ALA A 149 4.39 -12.19 -9.88
CA ALA A 149 4.80 -11.17 -8.92
C ALA A 149 5.68 -11.67 -7.76
N GLU A 150 6.02 -12.96 -7.56
CA GLU A 150 6.86 -13.20 -6.38
C GLU A 150 8.23 -12.99 -7.02
N ALA A 151 8.30 -13.39 -8.31
CA ALA A 151 9.52 -13.14 -9.09
C ALA A 151 9.68 -11.66 -9.37
N ASN A 152 8.60 -10.91 -9.55
CA ASN A 152 8.77 -9.46 -9.70
C ASN A 152 9.15 -8.79 -8.37
N ALA A 153 8.91 -9.45 -7.25
CA ALA A 153 9.38 -8.90 -5.97
C ALA A 153 10.90 -8.91 -5.82
N GLU A 154 11.64 -9.58 -6.70
CA GLU A 154 13.10 -9.49 -6.65
C GLU A 154 13.55 -8.15 -7.22
N ALA A 155 12.73 -7.55 -8.09
CA ALA A 155 13.04 -6.20 -8.57
C ALA A 155 12.72 -5.26 -7.41
N ASP A 156 11.68 -5.64 -6.65
CA ASP A 156 11.38 -4.88 -5.44
C ASP A 156 12.43 -5.15 -4.35
N ARG A 157 13.29 -6.16 -4.51
CA ARG A 157 14.39 -6.36 -3.57
C ARG A 157 15.43 -5.26 -3.81
N LYS A 158 15.52 -4.79 -5.06
CA LYS A 158 16.38 -3.64 -5.36
C LYS A 158 15.78 -2.43 -4.64
N PHE A 159 14.46 -2.34 -4.63
CA PHE A 159 13.82 -1.28 -3.84
C PHE A 159 13.82 -1.59 -2.32
N GLU A 160 14.26 -2.78 -1.92
CA GLU A 160 14.40 -3.11 -0.50
C GLU A 160 15.79 -2.67 -0.06
N GLU A 161 16.67 -2.46 -1.02
CA GLU A 161 17.98 -1.91 -0.70
C GLU A 161 17.72 -0.42 -0.48
N LEU A 162 16.79 0.11 -1.27
CA LEU A 162 16.37 1.50 -1.07
C LEU A 162 15.63 1.67 0.27
N VAL A 163 14.89 0.65 0.68
CA VAL A 163 14.22 0.71 1.99
C VAL A 163 15.28 0.73 3.09
N GLN A 164 16.04 -0.37 3.18
CA GLN A 164 17.05 -0.61 4.24
C GLN A 164 16.50 -1.83 4.96
N THR A 165 15.66 -2.49 4.19
CA THR A 165 15.09 -3.78 4.59
C THR A 165 14.40 -3.85 5.95
N ARG A 166 13.14 -3.41 5.92
CA ARG A 166 12.26 -3.52 7.07
C ARG A 166 12.79 -2.87 8.35
N ASN A 167 12.78 -1.55 8.40
CA ASN A 167 13.16 -0.89 9.64
C ASN A 167 11.95 -0.90 10.57
N GLN A 168 11.52 0.23 11.08
CA GLN A 168 10.30 0.21 11.90
C GLN A 168 9.12 0.12 10.95
N GLY A 169 8.60 -1.09 10.83
CA GLY A 169 7.52 -1.33 9.86
C GLY A 169 6.26 -0.51 10.14
N ASP A 170 5.89 -0.40 11.40
CA ASP A 170 4.72 0.41 11.72
C ASP A 170 5.13 1.88 11.72
N HIS A 171 4.24 2.74 11.25
CA HIS A 171 4.49 4.19 11.18
C HIS A 171 5.45 4.59 10.06
N LEU A 172 6.73 4.31 10.26
CA LEU A 172 7.73 4.64 9.25
C LEU A 172 7.43 3.80 8.01
N LEU A 173 7.69 4.38 6.85
CA LEU A 173 7.33 3.69 5.60
C LEU A 173 8.19 4.30 4.51
N HIS A 174 9.29 3.65 4.19
CA HIS A 174 10.23 4.22 3.22
C HIS A 174 9.59 4.44 1.85
N SER A 175 9.64 5.68 1.42
CA SER A 175 9.10 6.00 0.10
C SER A 175 9.85 7.23 -0.41
N THR A 176 10.26 7.20 -1.66
CA THR A 176 11.06 8.32 -2.16
C THR A 176 11.01 8.32 -3.69
N ARG A 177 11.56 9.36 -4.29
CA ARG A 177 11.47 9.48 -5.75
C ARG A 177 12.60 8.63 -6.34
N LYS A 178 13.22 9.10 -7.41
CA LYS A 178 14.31 8.32 -7.99
C LYS A 178 15.16 9.24 -8.85
N GLN A 179 16.41 9.41 -8.46
CA GLN A 179 17.28 10.30 -9.24
C GLN A 179 17.78 9.54 -10.46
N VAL A 180 17.05 9.66 -11.56
CA VAL A 180 17.50 8.96 -12.76
C VAL A 180 18.66 9.70 -13.39
N GLU A 181 19.34 9.04 -14.31
CA GLU A 181 20.46 9.66 -15.00
C GLU A 181 20.30 9.41 -16.49
N GLU A 182 19.28 10.01 -17.08
CA GLU A 182 19.06 9.80 -18.51
C GLU A 182 19.98 10.72 -19.29
N ALA A 183 19.88 12.01 -18.98
CA ALA A 183 20.71 13.02 -19.65
C ALA A 183 20.47 13.00 -21.15
N SER A 11 0.52 -20.47 13.21
CA SER A 11 -0.41 -20.89 12.16
C SER A 11 -1.23 -19.70 11.70
N ILE A 12 -0.57 -18.79 11.00
CA ILE A 12 -1.27 -17.65 10.41
C ILE A 12 -1.71 -18.04 9.02
N GLU A 13 -1.14 -19.11 8.49
CA GLU A 13 -1.55 -19.53 7.16
C GLU A 13 -2.95 -20.11 7.23
N GLY A 14 -3.81 -19.70 6.30
CA GLY A 14 -5.16 -20.22 6.32
C GLY A 14 -5.83 -20.01 4.97
N ARG A 15 -7.11 -19.71 4.97
CA ARG A 15 -7.79 -19.49 3.70
C ARG A 15 -7.41 -18.11 3.19
N VAL A 16 -6.87 -18.05 2.00
CA VAL A 16 -6.48 -16.75 1.46
C VAL A 16 -7.76 -15.98 1.11
N LYS A 17 -8.49 -16.46 0.12
CA LYS A 17 -9.72 -15.75 -0.28
C LYS A 17 -10.88 -16.19 0.59
N ASP A 18 -11.71 -15.25 1.01
CA ASP A 18 -12.89 -15.63 1.78
C ASP A 18 -13.87 -14.45 1.83
N VAL A 19 -14.83 -14.46 0.92
CA VAL A 19 -15.89 -13.44 0.94
C VAL A 19 -17.19 -14.22 1.10
N LEU A 20 -17.12 -15.27 1.90
CA LEU A 20 -18.27 -16.17 2.05
C LEU A 20 -19.25 -15.62 3.08
N LEU A 21 -18.80 -15.54 4.34
CA LEU A 21 -19.62 -14.96 5.40
C LEU A 21 -18.94 -13.67 5.84
N LEU A 22 -18.28 -13.08 4.88
CA LEU A 22 -17.58 -11.81 5.07
C LEU A 22 -17.96 -11.08 3.82
N ASP A 23 -18.88 -10.19 4.08
CA ASP A 23 -19.39 -9.26 3.04
C ASP A 23 -18.66 -7.95 3.28
N VAL A 24 -17.38 -8.04 2.98
CA VAL A 24 -16.42 -6.99 3.27
C VAL A 24 -15.61 -6.65 2.03
N THR A 25 -14.53 -5.91 2.25
CA THR A 25 -13.60 -5.61 1.17
C THR A 25 -13.06 -6.90 0.50
N PRO A 26 -12.48 -6.90 -0.69
CA PRO A 26 -12.34 -8.18 -1.39
C PRO A 26 -11.29 -9.16 -0.88
N LEU A 27 -10.24 -8.71 -0.20
CA LEU A 27 -9.20 -9.67 0.18
C LEU A 27 -8.38 -9.01 1.27
N SER A 28 -7.95 -7.81 0.90
CA SER A 28 -7.03 -6.95 1.67
C SER A 28 -6.37 -6.00 0.67
N LEU A 29 -6.21 -4.72 1.04
CA LEU A 29 -5.67 -3.78 0.05
C LEU A 29 -5.16 -2.42 0.57
N GLY A 30 -3.84 -2.22 0.56
CA GLY A 30 -3.24 -0.95 0.96
C GLY A 30 -2.07 -0.42 0.21
N ILE A 31 -0.85 -0.70 0.58
CA ILE A 31 0.27 -0.02 -0.13
C ILE A 31 1.45 -0.99 -0.22
N GLU A 32 2.22 -0.88 -1.29
CA GLU A 32 3.46 -1.69 -1.36
C GLU A 32 4.37 -1.13 -0.27
N THR A 33 4.89 -1.98 0.61
CA THR A 33 5.66 -1.45 1.75
C THR A 33 6.94 -2.26 1.98
N MET A 34 7.77 -1.70 2.86
CA MET A 34 9.01 -2.31 3.37
C MET A 34 9.86 -3.25 2.49
N GLY A 35 9.97 -2.97 1.20
CA GLY A 35 10.82 -3.81 0.37
C GLY A 35 10.19 -5.14 -0.03
N GLY A 36 9.09 -5.10 -0.77
CA GLY A 36 8.53 -6.36 -1.26
C GLY A 36 7.68 -6.94 -0.15
N VAL A 37 6.91 -6.06 0.47
CA VAL A 37 6.07 -6.44 1.61
C VAL A 37 4.73 -5.80 1.27
N MET A 38 3.64 -6.28 1.85
CA MET A 38 2.34 -5.63 1.63
C MET A 38 1.75 -5.28 2.99
N THR A 39 1.23 -4.06 3.06
CA THR A 39 0.51 -3.63 4.27
C THR A 39 -0.89 -3.24 3.85
N THR A 40 -1.87 -3.98 4.31
CA THR A 40 -3.23 -3.72 3.84
C THR A 40 -3.75 -2.45 4.42
N LEU A 41 -4.67 -1.81 3.70
CA LEU A 41 -5.10 -0.51 4.16
C LEU A 41 -6.45 -0.79 4.78
N ILE A 42 -7.23 -1.43 3.93
CA ILE A 42 -8.60 -1.80 4.29
C ILE A 42 -8.62 -3.31 4.11
N ALA A 43 -8.75 -4.03 5.21
CA ALA A 43 -8.66 -5.48 5.13
C ALA A 43 -10.00 -6.16 5.05
N LYS A 44 -9.93 -7.45 4.79
CA LYS A 44 -11.13 -8.29 4.81
C LYS A 44 -11.51 -8.30 6.29
N ASN A 45 -12.80 -8.44 6.63
CA ASN A 45 -13.29 -8.29 8.02
C ASN A 45 -13.50 -6.78 8.22
N THR A 46 -13.72 -6.08 7.12
CA THR A 46 -14.06 -4.65 7.17
C THR A 46 -15.20 -4.48 6.16
N THR A 47 -16.35 -4.25 6.73
CA THR A 47 -17.61 -4.23 6.00
C THR A 47 -17.86 -2.97 5.21
N ILE A 48 -18.14 -3.17 3.94
CA ILE A 48 -18.29 -2.01 3.08
C ILE A 48 -19.67 -1.38 3.29
N PRO A 49 -19.86 -0.07 3.43
CA PRO A 49 -18.82 0.96 3.26
C PRO A 49 -18.00 1.09 4.55
N THR A 50 -16.69 1.15 4.34
CA THR A 50 -15.76 1.17 5.47
C THR A 50 -15.19 2.56 5.62
N LYS A 51 -14.45 2.70 6.69
CA LYS A 51 -13.72 3.94 6.95
C LYS A 51 -12.30 3.50 7.28
N HIS A 52 -11.29 4.31 6.99
CA HIS A 52 -9.96 3.89 7.42
C HIS A 52 -9.17 5.17 7.49
N SER A 53 -8.31 5.26 8.49
CA SER A 53 -7.60 6.51 8.74
C SER A 53 -6.23 6.38 9.34
N GLN A 54 -5.18 6.55 8.52
CA GLN A 54 -3.78 6.57 9.06
C GLN A 54 -2.69 6.31 8.02
N VAL A 55 -1.47 6.74 8.30
CA VAL A 55 -0.33 6.39 7.44
C VAL A 55 0.92 6.65 8.25
N PHE A 56 0.74 7.64 9.10
CA PHE A 56 1.79 8.10 10.01
C PHE A 56 2.91 8.86 9.28
N SER A 57 3.83 8.15 8.65
CA SER A 57 4.99 8.79 8.03
C SER A 57 5.42 7.99 6.81
N THR A 58 6.56 8.36 6.20
CA THR A 58 7.08 7.58 5.06
C THR A 58 8.46 7.03 5.38
N ALA A 59 9.09 6.33 4.44
CA ALA A 59 10.42 5.80 4.72
C ALA A 59 11.48 6.90 4.76
N GLU A 60 11.72 7.48 3.60
CA GLU A 60 12.79 8.49 3.47
C GLU A 60 12.16 9.62 2.66
N ASP A 61 12.49 10.85 3.03
CA ASP A 61 11.85 12.02 2.40
C ASP A 61 10.36 11.90 2.73
N ASN A 62 10.04 12.39 3.90
CA ASN A 62 8.71 12.24 4.43
C ASN A 62 7.81 13.33 3.91
N GLN A 63 8.24 14.54 4.16
CA GLN A 63 7.51 15.69 3.65
C GLN A 63 8.12 16.10 2.33
N SER A 64 7.89 15.27 1.31
CA SER A 64 8.33 15.58 -0.03
C SER A 64 7.86 14.50 -0.98
N ALA A 65 7.48 13.35 -0.42
CA ALA A 65 6.90 12.31 -1.27
C ALA A 65 6.24 11.19 -0.49
N VAL A 66 5.16 10.68 -1.06
CA VAL A 66 4.50 9.50 -0.52
C VAL A 66 4.29 8.78 -1.83
N THR A 67 4.36 7.47 -1.86
CA THR A 67 4.03 6.78 -3.11
C THR A 67 2.68 6.15 -2.89
N ILE A 68 1.79 6.46 -3.82
CA ILE A 68 0.44 5.96 -3.75
C ILE A 68 0.32 4.79 -4.73
N HIS A 69 1.12 3.76 -4.47
CA HIS A 69 1.03 2.53 -5.24
C HIS A 69 0.15 1.76 -4.29
N VAL A 70 -1.16 1.70 -4.57
CA VAL A 70 -2.01 1.13 -3.56
C VAL A 70 -1.89 -0.35 -3.93
N LEU A 71 -1.83 -1.26 -2.95
CA LEU A 71 -1.57 -2.66 -3.30
C LEU A 71 -2.61 -3.62 -2.76
N GLN A 72 -3.34 -4.14 -3.75
CA GLN A 72 -4.37 -5.14 -3.48
C GLN A 72 -3.79 -6.55 -3.51
N GLY A 73 -3.55 -7.04 -2.31
CA GLY A 73 -3.10 -8.43 -2.15
C GLY A 73 -3.29 -8.77 -0.67
N GLU A 74 -2.55 -9.74 -0.15
CA GLU A 74 -2.74 -10.16 1.24
C GLU A 74 -1.59 -9.59 2.08
N ARG A 75 -1.66 -9.72 3.40
CA ARG A 75 -0.63 -9.12 4.24
C ARG A 75 0.60 -10.03 4.32
N LYS A 76 1.78 -9.43 4.13
CA LYS A 76 3.04 -10.18 4.19
C LYS A 76 3.16 -11.28 3.14
N ARG A 77 4.40 -11.69 2.90
CA ARG A 77 4.71 -12.65 1.83
C ARG A 77 4.20 -12.03 0.55
N ALA A 78 5.01 -11.16 -0.04
CA ALA A 78 4.51 -10.42 -1.19
C ALA A 78 4.42 -11.18 -2.52
N ALA A 79 3.19 -11.62 -2.70
CA ALA A 79 2.72 -12.23 -3.94
C ALA A 79 1.36 -11.54 -3.94
N ASP A 80 1.43 -10.42 -3.24
CA ASP A 80 0.27 -9.60 -2.93
C ASP A 80 0.38 -8.33 -3.74
N ASN A 81 0.78 -8.48 -4.99
CA ASN A 81 1.04 -7.30 -5.81
C ASN A 81 -0.06 -7.05 -6.82
N LYS A 82 -1.30 -7.08 -6.37
CA LYS A 82 -2.36 -6.72 -7.30
C LYS A 82 -2.26 -5.22 -7.46
N SER A 83 -2.22 -4.78 -8.70
CA SER A 83 -2.01 -3.36 -8.92
C SER A 83 -3.26 -2.60 -8.54
N LEU A 84 -3.10 -1.71 -7.58
CA LEU A 84 -4.20 -0.88 -7.17
C LEU A 84 -3.47 0.44 -7.18
N GLY A 85 -2.46 0.54 -8.04
CA GLY A 85 -1.86 1.85 -8.13
C GLY A 85 -0.42 1.99 -8.57
N GLN A 86 -0.12 3.27 -8.74
CA GLN A 86 1.24 3.72 -9.02
C GLN A 86 1.21 5.23 -9.20
N PHE A 87 1.26 5.99 -8.11
CA PHE A 87 1.31 7.45 -8.24
C PHE A 87 2.14 7.98 -7.06
N ASN A 88 2.24 9.30 -6.88
CA ASN A 88 2.93 9.80 -5.69
C ASN A 88 2.47 11.21 -5.28
N LEU A 89 2.33 11.44 -3.98
CA LEU A 89 2.01 12.80 -3.48
C LEU A 89 3.34 13.40 -3.07
N ASP A 90 3.85 14.31 -3.88
CA ASP A 90 5.17 14.89 -3.64
C ASP A 90 5.17 16.40 -3.57
N GLY A 91 6.19 16.88 -2.88
CA GLY A 91 6.35 18.33 -2.73
C GLY A 91 5.61 18.79 -1.48
N ILE A 92 6.03 18.32 -0.30
CA ILE A 92 5.35 18.75 0.93
C ILE A 92 6.33 19.66 1.70
N ASN A 93 7.06 20.46 0.93
CA ASN A 93 8.12 21.34 1.45
C ASN A 93 9.26 20.50 2.05
N PRO A 94 10.54 20.63 1.68
CA PRO A 94 11.54 19.61 2.05
C PRO A 94 11.82 19.58 3.54
N ALA A 95 11.40 18.49 4.17
CA ALA A 95 11.69 18.29 5.58
C ALA A 95 11.81 16.76 5.67
N PRO A 96 12.96 16.13 5.44
CA PRO A 96 12.91 14.74 4.98
C PRO A 96 13.13 13.71 6.09
N ARG A 97 12.58 12.53 5.87
CA ARG A 97 12.81 11.39 6.78
C ARG A 97 12.44 11.53 8.27
N GLY A 98 11.59 10.61 8.72
CA GLY A 98 11.24 10.52 10.15
C GLY A 98 10.69 11.78 10.82
N MET A 99 9.50 12.21 10.42
CA MET A 99 8.91 13.39 11.08
C MET A 99 7.39 13.73 11.09
N PRO A 100 6.46 13.40 10.18
CA PRO A 100 5.30 14.27 9.98
C PRO A 100 4.01 13.71 10.57
N GLN A 101 2.92 14.39 10.27
CA GLN A 101 1.60 13.95 10.69
C GLN A 101 0.73 13.73 9.45
N ILE A 102 1.00 12.70 8.68
CA ILE A 102 0.22 12.46 7.46
C ILE A 102 -0.68 11.29 7.81
N GLU A 103 -1.92 11.33 7.37
CA GLU A 103 -2.80 10.17 7.55
C GLU A 103 -3.44 9.90 6.20
N VAL A 104 -3.33 8.66 5.72
CA VAL A 104 -4.04 8.35 4.47
C VAL A 104 -5.39 7.95 4.97
N THR A 105 -6.38 8.75 4.63
CA THR A 105 -7.68 8.50 5.22
C THR A 105 -8.88 8.78 4.35
N PHE A 106 -9.72 7.77 4.22
CA PHE A 106 -11.02 8.00 3.55
C PHE A 106 -12.00 6.85 3.83
N ASP A 107 -12.67 6.33 2.80
CA ASP A 107 -13.68 5.32 3.04
C ASP A 107 -13.68 4.33 1.92
N ILE A 108 -13.82 3.02 2.15
CA ILE A 108 -13.95 2.22 0.94
C ILE A 108 -15.43 2.46 0.66
N ASP A 109 -15.89 2.45 -0.57
CA ASP A 109 -17.30 2.79 -0.79
C ASP A 109 -18.14 1.53 -0.76
N ALA A 110 -19.46 1.72 -0.82
CA ALA A 110 -20.34 0.57 -0.70
C ALA A 110 -20.54 -0.12 -2.05
N ASP A 111 -20.19 0.57 -3.11
CA ASP A 111 -20.34 -0.04 -4.44
C ASP A 111 -19.10 -0.89 -4.71
N GLY A 112 -17.99 -0.48 -4.11
CA GLY A 112 -16.77 -1.28 -4.20
C GLY A 112 -15.66 -0.48 -4.87
N ILE A 113 -15.26 0.61 -4.24
CA ILE A 113 -14.11 1.34 -4.78
C ILE A 113 -13.46 2.14 -3.66
N LEU A 114 -12.14 2.09 -3.60
CA LEU A 114 -11.45 2.74 -2.49
C LEU A 114 -11.22 4.19 -2.76
N HIS A 115 -11.85 4.92 -1.87
CA HIS A 115 -11.66 6.35 -1.84
C HIS A 115 -10.54 6.49 -0.81
N VAL A 116 -9.46 7.20 -1.13
CA VAL A 116 -8.39 7.39 -0.13
C VAL A 116 -7.73 8.75 -0.36
N SER A 117 -7.73 9.62 0.67
CA SER A 117 -7.04 10.92 0.52
C SER A 117 -5.76 10.88 1.31
N ALA A 118 -4.65 11.00 0.59
CA ALA A 118 -3.39 11.09 1.33
C ALA A 118 -3.32 12.53 1.75
N LYS A 119 -3.62 12.82 3.01
CA LYS A 119 -3.64 14.21 3.48
C LYS A 119 -2.37 14.44 4.28
N ASP A 120 -1.67 15.52 3.99
CA ASP A 120 -0.37 15.73 4.65
C ASP A 120 -0.57 16.80 5.70
N LYS A 121 0.13 16.61 6.80
CA LYS A 121 -0.09 17.50 7.95
C LYS A 121 0.86 18.70 7.96
N ASN A 122 1.55 18.94 6.86
CA ASN A 122 2.45 20.11 6.80
C ASN A 122 2.22 20.93 5.54
N SER A 123 0.96 21.12 5.16
CA SER A 123 0.62 21.99 4.01
C SER A 123 1.00 21.34 2.70
N GLY A 124 0.99 20.02 2.68
CA GLY A 124 1.21 19.30 1.43
C GLY A 124 -0.21 18.95 1.04
N LYS A 125 -0.96 18.81 2.12
CA LYS A 125 -2.39 18.59 2.00
C LYS A 125 -2.67 17.29 1.27
N GLU A 126 -3.85 17.23 0.68
CA GLU A 126 -4.30 15.97 0.08
C GLU A 126 -4.43 15.82 -1.42
N GLN A 127 -4.44 14.53 -1.76
CA GLN A 127 -4.70 14.16 -3.14
C GLN A 127 -5.64 12.99 -3.03
N LYS A 128 -6.86 13.23 -3.47
CA LYS A 128 -7.90 12.22 -3.30
C LYS A 128 -7.97 11.38 -4.56
N ILE A 129 -8.21 10.09 -4.36
CA ILE A 129 -8.41 9.20 -5.50
C ILE A 129 -9.58 8.31 -5.18
N THR A 130 -10.12 7.75 -6.25
CA THR A 130 -11.20 6.77 -6.14
C THR A 130 -10.70 5.70 -7.07
N ILE A 131 -9.87 4.83 -6.51
CA ILE A 131 -9.19 3.84 -7.35
C ILE A 131 -9.91 2.50 -7.46
N LYS A 132 -10.06 2.09 -8.71
CA LYS A 132 -10.78 0.85 -9.03
C LYS A 132 -10.18 -0.35 -8.34
N ALA A 133 -11.05 -1.20 -7.82
CA ALA A 133 -10.56 -2.34 -7.04
C ALA A 133 -10.06 -3.44 -7.96
N SER A 134 -10.65 -3.51 -9.14
CA SER A 134 -10.26 -4.52 -10.13
C SER A 134 -10.49 -5.94 -9.61
N SER A 135 -11.53 -6.58 -10.10
CA SER A 135 -11.82 -7.93 -9.63
C SER A 135 -10.79 -8.91 -10.18
N GLY A 136 -10.96 -10.18 -9.84
CA GLY A 136 -10.00 -11.18 -10.31
C GLY A 136 -8.89 -11.32 -9.28
N LEU A 137 -9.17 -12.02 -8.20
CA LEU A 137 -8.17 -12.12 -7.13
C LEU A 137 -8.51 -13.32 -6.25
N ASN A 138 -7.61 -14.29 -6.27
CA ASN A 138 -7.84 -15.56 -5.57
C ASN A 138 -6.54 -16.00 -4.88
N GLU A 139 -6.56 -17.24 -4.40
CA GLU A 139 -5.44 -17.79 -3.64
C GLU A 139 -4.19 -18.07 -4.48
N ASP A 140 -4.30 -18.00 -5.80
CA ASP A 140 -3.11 -18.13 -6.64
C ASP A 140 -2.97 -16.90 -7.46
N GLU A 141 -3.46 -15.88 -6.79
CA GLU A 141 -3.26 -14.54 -7.25
C GLU A 141 -2.03 -14.46 -6.36
N ILE A 142 -2.21 -14.96 -5.15
CA ILE A 142 -1.06 -15.08 -4.25
C ILE A 142 -0.14 -16.24 -4.72
N GLN A 143 -0.47 -17.51 -4.61
CA GLN A 143 0.45 -18.58 -5.07
C GLN A 143 0.92 -18.51 -6.55
N LYS A 144 0.11 -17.94 -7.42
CA LYS A 144 0.49 -17.85 -8.83
C LYS A 144 1.48 -16.72 -8.95
N MET A 145 1.30 -15.70 -8.11
CA MET A 145 2.30 -14.64 -8.08
C MET A 145 3.36 -15.00 -7.05
N VAL A 146 3.35 -16.20 -6.45
CA VAL A 146 4.44 -16.62 -5.57
C VAL A 146 5.43 -17.18 -6.55
N ARG A 147 4.96 -17.76 -7.63
CA ARG A 147 5.98 -18.16 -8.60
C ARG A 147 6.49 -16.92 -9.27
N ASP A 148 5.65 -16.32 -10.11
CA ASP A 148 6.11 -15.16 -10.87
C ASP A 148 6.69 -14.10 -9.94
N ALA A 149 5.87 -13.61 -9.02
CA ALA A 149 6.35 -12.53 -8.18
C ALA A 149 6.92 -12.96 -6.84
N GLU A 150 6.91 -14.23 -6.37
CA GLU A 150 7.41 -14.35 -5.01
C GLU A 150 8.89 -14.51 -5.32
N ALA A 151 9.15 -15.16 -6.46
CA ALA A 151 10.52 -15.28 -6.95
C ALA A 151 11.05 -13.91 -7.38
N ASN A 152 10.20 -13.03 -7.93
CA ASN A 152 10.72 -11.68 -8.23
C ASN A 152 10.88 -10.81 -6.98
N ALA A 153 10.40 -11.24 -5.82
CA ALA A 153 10.67 -10.48 -4.59
C ALA A 153 12.17 -10.40 -4.22
N GLU A 154 13.01 -11.29 -4.76
CA GLU A 154 14.45 -11.16 -4.53
C GLU A 154 15.02 -9.96 -5.30
N ALA A 155 14.35 -9.55 -6.37
CA ALA A 155 14.77 -8.32 -7.05
C ALA A 155 14.24 -7.16 -6.19
N ASP A 156 13.14 -7.44 -5.50
CA ASP A 156 12.63 -6.47 -4.54
C ASP A 156 13.52 -6.40 -3.29
N ARG A 157 14.45 -7.32 -3.07
CA ARG A 157 15.39 -7.16 -1.95
C ARG A 157 16.36 -6.00 -2.27
N LYS A 158 16.68 -5.84 -3.55
CA LYS A 158 17.49 -4.69 -3.97
C LYS A 158 16.65 -3.43 -3.73
N PHE A 159 15.35 -3.55 -3.99
CA PHE A 159 14.44 -2.46 -3.67
C PHE A 159 14.19 -2.33 -2.15
N GLU A 160 14.62 -3.28 -1.34
CA GLU A 160 14.41 -3.23 0.12
C GLU A 160 15.55 -2.43 0.72
N GLU A 161 16.66 -2.37 -0.01
CA GLU A 161 17.74 -1.51 0.44
C GLU A 161 17.29 -0.10 0.09
N LEU A 162 16.59 0.01 -1.03
CA LEU A 162 16.04 1.31 -1.42
C LEU A 162 14.83 1.73 -0.57
N VAL A 163 14.13 0.80 0.07
CA VAL A 163 12.89 1.19 0.77
C VAL A 163 13.23 1.68 2.18
N GLN A 164 13.67 0.81 3.09
CA GLN A 164 13.85 1.27 4.48
C GLN A 164 14.42 0.08 5.23
N THR A 165 14.37 -1.03 4.52
CA THR A 165 14.82 -2.31 5.07
C THR A 165 14.11 -2.71 6.36
N ARG A 166 12.80 -2.75 6.18
CA ARG A 166 11.89 -3.25 7.22
C ARG A 166 11.87 -2.48 8.53
N ASN A 167 12.69 -2.89 9.48
CA ASN A 167 12.62 -2.27 10.81
C ASN A 167 12.98 -0.79 10.82
N GLN A 168 12.12 0.00 11.43
CA GLN A 168 12.45 1.42 11.59
C GLN A 168 11.60 2.04 12.71
N GLY A 169 10.32 2.20 12.47
CA GLY A 169 9.50 2.88 13.47
C GLY A 169 8.01 2.65 13.28
N ASP A 170 7.24 3.73 13.20
CA ASP A 170 5.79 3.59 13.12
C ASP A 170 5.37 3.12 11.72
N HIS A 171 4.35 3.73 11.12
CA HIS A 171 3.94 3.26 9.80
C HIS A 171 4.67 4.06 8.74
N LEU A 172 5.63 3.41 8.10
CA LEU A 172 6.48 4.10 7.13
C LEU A 172 6.31 3.34 5.83
N LEU A 173 6.04 4.05 4.73
CA LEU A 173 5.80 3.36 3.46
C LEU A 173 7.11 3.29 2.67
N HIS A 174 7.12 3.97 1.54
CA HIS A 174 8.32 4.06 0.72
C HIS A 174 8.09 5.26 -0.18
N SER A 175 9.11 6.03 -0.46
CA SER A 175 8.86 7.25 -1.22
C SER A 175 10.14 7.76 -1.85
N THR A 176 10.38 7.34 -3.08
CA THR A 176 11.57 7.80 -3.80
C THR A 176 11.26 7.86 -5.27
N ARG A 177 12.03 8.67 -5.98
CA ARG A 177 11.86 8.68 -7.42
C ARG A 177 13.14 9.18 -8.08
N LYS A 178 13.61 8.46 -9.09
CA LYS A 178 14.81 8.89 -9.78
C LYS A 178 14.82 8.25 -11.16
N GLN A 179 14.91 9.09 -12.18
CA GLN A 179 14.88 8.54 -13.54
C GLN A 179 16.26 7.98 -13.88
N VAL A 180 16.44 6.69 -13.67
CA VAL A 180 17.73 6.09 -14.00
C VAL A 180 17.82 5.90 -15.50
N GLU A 181 19.04 5.77 -16.00
CA GLU A 181 19.19 5.58 -17.45
C GLU A 181 18.85 4.14 -17.78
N GLU A 182 17.76 3.95 -18.51
CA GLU A 182 17.37 2.59 -18.86
C GLU A 182 18.18 2.14 -20.07
N ALA A 183 18.08 2.90 -21.15
CA ALA A 183 18.84 2.52 -22.34
C ALA A 183 20.30 2.92 -22.15
N SER A 11 -3.10 -28.42 10.47
CA SER A 11 -2.77 -27.03 10.80
C SER A 11 -1.56 -26.59 9.99
N ILE A 12 -1.77 -26.41 8.70
CA ILE A 12 -0.72 -25.89 7.84
C ILE A 12 -0.82 -24.37 7.81
N GLU A 13 -1.98 -23.87 8.23
CA GLU A 13 -2.23 -22.42 8.27
C GLU A 13 -2.10 -21.83 6.87
N GLY A 14 -3.20 -21.80 6.14
CA GLY A 14 -3.14 -21.23 4.80
C GLY A 14 -4.53 -20.87 4.32
N ARG A 15 -4.88 -19.59 4.48
CA ARG A 15 -6.20 -19.13 4.04
C ARG A 15 -6.01 -17.84 3.25
N VAL A 16 -6.64 -17.78 2.09
CA VAL A 16 -6.56 -16.57 1.26
C VAL A 16 -7.98 -16.12 0.97
N LYS A 17 -8.85 -17.05 0.62
CA LYS A 17 -10.23 -16.66 0.34
C LYS A 17 -10.97 -16.50 1.66
N ASP A 18 -11.64 -15.36 1.85
CA ASP A 18 -12.42 -15.20 3.07
C ASP A 18 -13.42 -14.06 2.93
N VAL A 19 -14.43 -14.26 2.09
CA VAL A 19 -15.51 -13.27 1.97
C VAL A 19 -16.77 -14.10 1.83
N LEU A 20 -17.37 -14.43 2.97
CA LEU A 20 -18.63 -15.16 2.94
C LEU A 20 -19.39 -14.87 4.23
N LEU A 21 -18.64 -14.76 5.34
CA LEU A 21 -19.25 -14.37 6.61
C LEU A 21 -18.54 -13.08 7.02
N LEU A 22 -17.95 -12.51 5.99
CA LEU A 22 -17.29 -11.22 6.08
C LEU A 22 -17.64 -10.61 4.74
N ASP A 23 -18.56 -9.70 4.87
CA ASP A 23 -19.02 -8.89 3.72
C ASP A 23 -18.29 -7.56 3.87
N VAL A 24 -17.00 -7.68 3.60
CA VAL A 24 -16.07 -6.60 3.84
C VAL A 24 -15.29 -6.23 2.59
N THR A 25 -14.28 -5.39 2.77
CA THR A 25 -13.41 -5.06 1.64
C THR A 25 -12.71 -6.35 1.19
N PRO A 26 -12.29 -6.53 -0.06
CA PRO A 26 -12.36 -7.87 -0.65
C PRO A 26 -11.45 -9.01 -0.18
N LEU A 27 -10.29 -8.77 0.42
CA LEU A 27 -9.44 -9.94 0.73
C LEU A 27 -8.47 -9.40 1.76
N SER A 28 -8.09 -8.19 1.40
CA SER A 28 -7.24 -7.29 2.17
C SER A 28 -6.55 -6.40 1.16
N LEU A 29 -6.71 -5.11 1.35
CA LEU A 29 -6.06 -4.17 0.44
C LEU A 29 -4.68 -3.98 1.06
N GLY A 30 -3.77 -3.22 0.48
CA GLY A 30 -2.43 -3.18 1.07
C GLY A 30 -1.40 -2.41 0.35
N ILE A 31 -1.09 -1.28 0.93
CA ILE A 31 -0.08 -0.44 0.30
C ILE A 31 1.26 -1.11 0.45
N GLU A 32 1.88 -1.09 -0.71
CA GLU A 32 3.20 -1.70 -0.86
C GLU A 32 4.14 -0.96 0.06
N THR A 33 4.51 -1.62 1.15
CA THR A 33 5.34 -0.95 2.15
C THR A 33 6.69 -1.57 2.16
N MET A 34 7.69 -0.71 2.35
CA MET A 34 9.06 -1.20 2.49
C MET A 34 9.43 -2.01 1.25
N GLY A 35 10.30 -2.98 1.43
CA GLY A 35 10.80 -3.75 0.29
C GLY A 35 9.69 -4.43 -0.51
N GLY A 36 9.28 -5.60 -0.05
CA GLY A 36 8.17 -6.30 -0.70
C GLY A 36 7.21 -6.72 0.38
N VAL A 37 6.83 -5.77 1.21
CA VAL A 37 5.94 -6.07 2.33
C VAL A 37 4.56 -5.52 1.99
N MET A 38 3.53 -6.16 2.52
CA MET A 38 2.15 -5.76 2.22
C MET A 38 1.47 -5.33 3.51
N THR A 39 1.46 -4.03 3.78
CA THR A 39 0.77 -3.55 4.98
C THR A 39 -0.62 -3.20 4.51
N THR A 40 -1.65 -3.67 5.17
CA THR A 40 -2.99 -3.46 4.66
C THR A 40 -3.49 -2.03 4.56
N LEU A 41 -4.23 -1.68 3.50
CA LEU A 41 -4.64 -0.27 3.44
C LEU A 41 -5.92 -0.37 4.25
N ILE A 42 -6.75 -1.28 3.76
CA ILE A 42 -8.00 -1.62 4.45
C ILE A 42 -8.09 -3.14 4.38
N ALA A 43 -7.93 -3.83 5.49
CA ALA A 43 -7.98 -5.28 5.42
C ALA A 43 -9.41 -5.77 5.42
N LYS A 44 -9.56 -7.08 5.36
CA LYS A 44 -10.89 -7.67 5.46
C LYS A 44 -11.30 -7.50 6.93
N ASN A 45 -12.59 -7.66 7.28
CA ASN A 45 -13.10 -7.35 8.63
C ASN A 45 -13.40 -5.84 8.72
N THR A 46 -13.35 -5.16 7.58
CA THR A 46 -13.73 -3.75 7.49
C THR A 46 -14.92 -3.81 6.55
N THR A 47 -16.06 -3.51 7.12
CA THR A 47 -17.32 -3.69 6.43
C THR A 47 -17.69 -2.53 5.55
N ILE A 48 -18.00 -2.82 4.31
CA ILE A 48 -18.29 -1.71 3.41
C ILE A 48 -19.71 -1.21 3.69
N PRO A 49 -20.00 0.08 3.86
CA PRO A 49 -19.07 1.20 3.63
C PRO A 49 -18.17 1.41 4.83
N THR A 50 -16.93 1.76 4.51
CA THR A 50 -15.89 1.91 5.54
C THR A 50 -15.36 3.31 5.54
N LYS A 51 -14.78 3.65 6.67
CA LYS A 51 -14.13 4.95 6.78
C LYS A 51 -13.18 4.92 7.97
N HIS A 52 -11.88 4.93 7.74
CA HIS A 52 -10.97 5.01 8.90
C HIS A 52 -9.61 5.53 8.47
N SER A 53 -8.99 6.30 9.37
CA SER A 53 -7.72 6.97 9.03
C SER A 53 -6.46 6.24 9.40
N GLN A 54 -5.68 5.95 8.36
CA GLN A 54 -4.35 5.37 8.60
C GLN A 54 -3.30 6.46 8.41
N VAL A 55 -2.95 7.12 9.50
CA VAL A 55 -1.92 8.16 9.43
C VAL A 55 -0.55 7.52 9.54
N PHE A 56 0.28 7.80 8.54
CA PHE A 56 1.64 7.25 8.54
C PHE A 56 2.53 8.30 7.88
N SER A 57 3.76 7.95 7.56
CA SER A 57 4.63 8.87 6.83
C SER A 57 5.62 8.05 6.01
N THR A 58 6.83 8.55 5.79
CA THR A 58 7.77 7.82 4.92
C THR A 58 9.05 7.46 5.67
N ALA A 59 10.08 7.05 4.91
CA ALA A 59 11.35 6.66 5.52
C ALA A 59 12.53 7.34 4.83
N GLU A 60 12.29 8.28 3.92
CA GLU A 60 13.42 8.94 3.27
C GLU A 60 13.06 10.38 2.88
N ASP A 61 11.83 10.56 2.44
CA ASP A 61 11.36 11.91 2.10
C ASP A 61 9.95 12.00 2.67
N ASN A 62 9.81 12.73 3.76
CA ASN A 62 8.54 12.72 4.45
C ASN A 62 7.47 13.49 3.70
N GLN A 63 7.39 14.79 3.89
CA GLN A 63 6.46 15.58 3.08
C GLN A 63 7.23 15.99 1.86
N SER A 64 7.32 15.08 0.90
CA SER A 64 7.94 15.43 -0.37
C SER A 64 7.43 14.43 -1.39
N ALA A 65 7.00 13.27 -0.95
CA ALA A 65 6.39 12.37 -1.94
C ALA A 65 5.61 11.23 -1.33
N VAL A 66 4.33 11.17 -1.68
CA VAL A 66 3.54 10.01 -1.28
C VAL A 66 3.59 9.25 -2.60
N THR A 67 3.54 7.95 -2.54
CA THR A 67 3.55 7.12 -3.74
C THR A 67 2.59 6.03 -3.33
N ILE A 68 1.47 5.94 -4.04
CA ILE A 68 0.42 5.01 -3.62
C ILE A 68 0.21 3.97 -4.70
N HIS A 69 0.66 2.78 -4.34
CA HIS A 69 0.44 1.62 -5.18
C HIS A 69 -0.28 0.72 -4.22
N VAL A 70 -1.61 0.69 -4.29
CA VAL A 70 -2.28 -0.10 -3.29
C VAL A 70 -2.31 -1.44 -3.95
N LEU A 71 -2.22 -2.44 -3.13
CA LEU A 71 -2.13 -3.79 -3.63
C LEU A 71 -3.37 -4.47 -3.14
N GLN A 72 -4.15 -4.92 -4.11
CA GLN A 72 -5.32 -5.73 -3.74
C GLN A 72 -4.84 -7.19 -3.71
N GLY A 73 -4.62 -7.70 -2.51
CA GLY A 73 -4.30 -9.12 -2.36
C GLY A 73 -4.47 -9.60 -0.91
N GLU A 74 -3.48 -10.33 -0.39
CA GLU A 74 -3.61 -10.95 0.94
C GLU A 74 -2.61 -10.33 1.93
N ARG A 75 -2.88 -10.43 3.22
CA ARG A 75 -1.96 -9.85 4.21
C ARG A 75 -0.59 -10.53 4.19
N LYS A 76 0.45 -9.71 4.06
CA LYS A 76 1.84 -10.21 4.14
C LYS A 76 2.19 -11.20 3.03
N ARG A 77 3.49 -11.42 2.87
CA ARG A 77 4.00 -12.26 1.77
C ARG A 77 3.50 -11.65 0.48
N ALA A 78 4.24 -10.69 -0.05
CA ALA A 78 3.72 -9.95 -1.20
C ALA A 78 3.74 -10.64 -2.57
N ALA A 79 2.62 -11.34 -2.80
CA ALA A 79 2.32 -11.94 -4.11
C ALA A 79 0.90 -11.43 -4.22
N ASP A 80 0.69 -10.38 -3.45
CA ASP A 80 -0.63 -9.78 -3.28
C ASP A 80 -0.79 -8.56 -4.16
N ASN A 81 -0.20 -8.59 -5.34
CA ASN A 81 -0.19 -7.38 -6.15
C ASN A 81 -1.18 -7.37 -7.30
N LYS A 82 -2.47 -7.41 -7.00
CA LYS A 82 -3.42 -7.22 -8.09
C LYS A 82 -3.40 -5.71 -8.13
N SER A 83 -3.70 -5.07 -9.25
CA SER A 83 -3.53 -3.63 -9.27
C SER A 83 -4.61 -2.93 -8.45
N LEU A 84 -4.20 -2.13 -7.48
CA LEU A 84 -5.15 -1.34 -6.74
C LEU A 84 -4.41 -0.02 -6.70
N GLY A 85 -3.77 0.17 -7.84
CA GLY A 85 -3.14 1.45 -8.11
C GLY A 85 -1.64 1.61 -8.26
N GLN A 86 -1.25 2.85 -8.54
CA GLN A 86 0.17 3.19 -8.62
C GLN A 86 0.44 4.70 -8.68
N PHE A 87 1.36 5.14 -7.81
CA PHE A 87 1.90 6.52 -7.75
C PHE A 87 1.04 7.48 -6.90
N ASN A 88 1.64 8.59 -6.48
CA ASN A 88 0.86 9.63 -5.77
C ASN A 88 1.46 11.02 -5.94
N LEU A 89 1.77 11.54 -4.79
CA LEU A 89 2.25 12.93 -4.70
C LEU A 89 3.76 13.04 -4.88
N ASP A 90 4.18 14.16 -5.44
CA ASP A 90 5.61 14.45 -5.56
C ASP A 90 5.82 15.95 -5.44
N GLY A 91 6.95 16.35 -4.89
CA GLY A 91 7.20 17.77 -4.72
C GLY A 91 6.23 18.36 -3.70
N ILE A 92 6.35 17.92 -2.44
CA ILE A 92 5.42 18.40 -1.42
C ILE A 92 6.25 19.27 -0.48
N ASN A 93 6.98 20.21 -1.09
CA ASN A 93 7.91 21.08 -0.34
C ASN A 93 9.06 20.28 0.30
N PRO A 94 10.24 20.80 0.63
CA PRO A 94 11.32 19.95 1.11
C PRO A 94 11.14 19.62 2.58
N ALA A 95 11.05 18.33 2.87
CA ALA A 95 10.89 17.92 4.27
C ALA A 95 11.35 16.47 4.42
N PRO A 96 12.63 16.14 4.57
CA PRO A 96 13.06 14.78 4.27
C PRO A 96 13.20 13.87 5.49
N ARG A 97 12.55 12.73 5.40
CA ARG A 97 12.67 11.67 6.42
C ARG A 97 12.27 12.03 7.85
N GLY A 98 11.40 11.19 8.40
CA GLY A 98 11.04 11.33 9.81
C GLY A 98 10.32 12.61 10.17
N MET A 99 9.01 12.49 10.41
CA MET A 99 8.22 13.63 10.89
C MET A 99 7.35 13.17 12.08
N PRO A 100 6.37 12.24 12.07
CA PRO A 100 5.84 11.53 10.90
C PRO A 100 4.41 12.03 10.60
N GLN A 101 4.23 12.92 9.61
CA GLN A 101 2.89 13.51 9.40
C GLN A 101 2.32 13.51 7.97
N ILE A 102 1.75 12.40 7.54
CA ILE A 102 1.04 12.35 6.25
C ILE A 102 -0.20 11.53 6.60
N GLU A 103 -1.32 12.12 6.94
CA GLU A 103 -2.47 11.27 7.27
C GLU A 103 -3.01 10.72 5.96
N VAL A 104 -3.23 9.41 5.93
CA VAL A 104 -3.71 8.77 4.71
C VAL A 104 -4.99 8.06 5.12
N THR A 105 -6.12 8.64 4.75
CA THR A 105 -7.39 8.10 5.20
C THR A 105 -8.22 7.51 4.09
N PHE A 106 -8.75 6.31 4.37
CA PHE A 106 -9.59 5.66 3.39
C PHE A 106 -11.06 5.79 3.73
N ASP A 107 -11.81 5.85 2.66
CA ASP A 107 -13.27 5.84 2.78
C ASP A 107 -13.75 4.93 1.67
N ILE A 108 -14.05 3.66 1.88
CA ILE A 108 -14.61 2.96 0.72
C ILE A 108 -16.08 3.35 0.78
N ASP A 109 -16.73 3.50 -0.36
CA ASP A 109 -18.12 3.94 -0.32
C ASP A 109 -18.97 2.68 -0.27
N ALA A 110 -20.29 2.84 -0.28
CA ALA A 110 -21.14 1.66 -0.18
C ALA A 110 -21.36 1.05 -1.57
N ASP A 111 -21.02 1.81 -2.60
CA ASP A 111 -21.20 1.28 -3.95
C ASP A 111 -19.98 0.44 -4.32
N GLY A 112 -18.84 0.77 -3.73
CA GLY A 112 -17.65 -0.05 -3.92
C GLY A 112 -16.63 0.71 -4.75
N ILE A 113 -16.04 1.71 -4.12
CA ILE A 113 -14.96 2.44 -4.80
C ILE A 113 -14.03 2.94 -3.70
N LEU A 114 -12.74 2.83 -3.94
CA LEU A 114 -11.78 3.18 -2.88
C LEU A 114 -11.50 4.67 -2.91
N HIS A 115 -12.24 5.42 -2.10
CA HIS A 115 -11.99 6.86 -2.02
C HIS A 115 -10.93 7.15 -0.97
N VAL A 116 -9.67 7.24 -1.40
CA VAL A 116 -8.56 7.39 -0.45
C VAL A 116 -7.88 8.74 -0.65
N SER A 117 -7.75 9.51 0.42
CA SER A 117 -7.17 10.86 0.31
C SER A 117 -5.90 10.92 1.13
N ALA A 118 -4.80 10.95 0.42
CA ALA A 118 -3.54 11.15 1.14
C ALA A 118 -3.52 12.63 1.39
N LYS A 119 -3.80 12.99 2.62
CA LYS A 119 -3.73 14.38 3.02
C LYS A 119 -2.45 14.56 3.80
N ASP A 120 -1.62 15.50 3.35
CA ASP A 120 -0.32 15.70 3.99
C ASP A 120 -0.38 16.90 4.87
N LYS A 121 0.50 16.86 5.86
CA LYS A 121 0.52 17.95 6.85
C LYS A 121 1.67 18.90 6.58
N ASN A 122 1.76 19.31 5.32
CA ASN A 122 2.72 20.32 4.93
C ASN A 122 1.85 21.54 4.72
N SER A 123 0.70 21.30 4.12
CA SER A 123 -0.25 22.39 3.99
C SER A 123 -1.64 21.79 3.77
N GLY A 124 -1.81 20.48 3.97
CA GLY A 124 -3.11 19.93 3.63
C GLY A 124 -3.10 19.71 2.14
N LYS A 125 -1.92 19.37 1.64
CA LYS A 125 -1.80 19.14 0.20
C LYS A 125 -2.33 17.74 0.05
N GLU A 126 -3.11 17.42 -0.98
CA GLU A 126 -3.67 16.06 -0.97
C GLU A 126 -4.06 15.54 -2.33
N GLN A 127 -4.44 14.26 -2.34
CA GLN A 127 -4.81 13.67 -3.63
C GLN A 127 -5.80 12.57 -3.35
N LYS A 128 -6.99 12.78 -3.86
CA LYS A 128 -8.07 11.85 -3.57
C LYS A 128 -8.25 10.90 -4.75
N ILE A 129 -7.79 9.68 -4.56
CA ILE A 129 -8.01 8.67 -5.59
C ILE A 129 -9.41 8.11 -5.37
N THR A 130 -9.91 7.47 -6.42
CA THR A 130 -11.26 6.91 -6.39
C THR A 130 -11.15 5.78 -7.38
N ILE A 131 -10.57 4.69 -6.90
CA ILE A 131 -10.28 3.58 -7.83
C ILE A 131 -11.19 2.38 -7.65
N LYS A 132 -11.19 1.53 -8.66
CA LYS A 132 -12.10 0.39 -8.67
C LYS A 132 -11.46 -0.84 -8.05
N ALA A 133 -12.16 -1.95 -8.20
CA ALA A 133 -11.70 -3.19 -7.58
C ALA A 133 -12.13 -4.34 -8.48
N SER A 134 -11.32 -4.63 -9.48
CA SER A 134 -11.70 -5.64 -10.46
C SER A 134 -11.69 -7.02 -9.81
N SER A 135 -12.29 -7.99 -10.47
CA SER A 135 -12.34 -9.33 -9.89
C SER A 135 -10.97 -9.98 -10.00
N GLY A 136 -10.71 -10.92 -9.12
CA GLY A 136 -9.39 -11.58 -9.11
C GLY A 136 -9.05 -11.97 -7.68
N LEU A 137 -9.77 -12.97 -7.17
CA LEU A 137 -9.57 -13.39 -5.78
C LEU A 137 -9.38 -14.89 -5.74
N ASN A 138 -8.14 -15.33 -5.75
CA ASN A 138 -7.87 -16.77 -5.65
C ASN A 138 -6.57 -16.98 -4.87
N GLU A 139 -6.36 -18.23 -4.47
CA GLU A 139 -5.15 -18.57 -3.72
C GLU A 139 -3.90 -18.65 -4.58
N ASP A 140 -4.08 -18.65 -5.90
CA ASP A 140 -2.93 -18.59 -6.80
C ASP A 140 -3.14 -17.44 -7.72
N GLU A 141 -3.77 -16.51 -7.06
CA GLU A 141 -3.91 -15.18 -7.62
C GLU A 141 -2.66 -14.78 -6.86
N ILE A 142 -2.67 -15.20 -5.60
CA ILE A 142 -1.49 -15.01 -4.73
C ILE A 142 -0.36 -15.97 -5.16
N GLN A 143 -0.41 -17.29 -5.02
CA GLN A 143 0.67 -18.17 -5.51
C GLN A 143 1.01 -18.09 -7.04
N LYS A 144 0.08 -17.66 -7.87
CA LYS A 144 0.37 -17.47 -9.28
C LYS A 144 1.17 -16.18 -9.42
N MET A 145 0.90 -15.27 -8.49
CA MET A 145 1.70 -14.05 -8.42
C MET A 145 2.91 -14.35 -7.54
N VAL A 146 3.09 -15.56 -6.99
CA VAL A 146 4.33 -15.88 -6.28
C VAL A 146 5.29 -16.20 -7.41
N ARG A 147 4.81 -16.77 -8.49
CA ARG A 147 5.75 -16.92 -9.58
C ARG A 147 6.05 -15.58 -10.19
N ASP A 148 5.11 -15.01 -10.92
CA ASP A 148 5.38 -13.76 -11.63
C ASP A 148 5.85 -12.68 -10.66
N ALA A 149 5.04 -12.44 -9.64
CA ALA A 149 5.38 -11.35 -8.74
C ALA A 149 6.15 -11.78 -7.49
N GLU A 150 6.37 -13.07 -7.13
CA GLU A 150 7.02 -13.22 -5.82
C GLU A 150 8.48 -13.12 -6.27
N ALA A 151 8.70 -13.62 -7.50
CA ALA A 151 10.02 -13.47 -8.13
C ALA A 151 10.27 -12.01 -8.48
N ASN A 152 9.23 -11.24 -8.82
CA ASN A 152 9.48 -9.80 -9.03
C ASN A 152 9.83 -9.08 -7.73
N ALA A 153 9.52 -9.66 -6.56
CA ALA A 153 9.96 -9.05 -5.30
C ALA A 153 11.50 -9.04 -5.14
N GLU A 154 12.24 -9.78 -5.95
CA GLU A 154 13.71 -9.70 -5.92
C GLU A 154 14.22 -8.43 -6.61
N ALA A 155 13.35 -7.77 -7.36
CA ALA A 155 13.71 -6.47 -7.93
C ALA A 155 13.32 -5.50 -6.81
N ASP A 156 12.31 -5.90 -6.04
CA ASP A 156 11.94 -5.10 -4.88
C ASP A 156 12.96 -5.19 -3.74
N ARG A 157 13.89 -6.15 -3.71
CA ARG A 157 14.91 -6.08 -2.65
C ARG A 157 15.92 -4.96 -2.97
N LYS A 158 16.09 -4.67 -4.27
CA LYS A 158 16.93 -3.54 -4.66
C LYS A 158 16.24 -2.26 -4.19
N PHE A 159 14.91 -2.23 -4.32
CA PHE A 159 14.18 -1.10 -3.76
C PHE A 159 14.14 -1.15 -2.22
N GLU A 160 14.46 -2.29 -1.61
CA GLU A 160 14.56 -2.39 -0.16
C GLU A 160 15.92 -1.87 0.29
N GLU A 161 16.86 -1.78 -0.64
CA GLU A 161 18.14 -1.15 -0.28
C GLU A 161 17.81 0.33 -0.17
N LEU A 162 16.96 0.79 -1.08
CA LEU A 162 16.46 2.16 -1.01
C LEU A 162 15.55 2.38 0.20
N VAL A 163 14.88 1.35 0.70
CA VAL A 163 14.04 1.54 1.89
C VAL A 163 15.00 1.76 3.05
N GLN A 164 15.61 0.67 3.53
CA GLN A 164 16.47 0.73 4.73
C GLN A 164 16.63 -0.70 5.19
N THR A 165 15.81 -1.55 4.59
CA THR A 165 15.72 -2.96 4.97
C THR A 165 15.48 -3.17 6.45
N ARG A 166 14.18 -3.26 6.75
CA ARG A 166 13.73 -3.57 8.10
C ARG A 166 14.18 -2.52 9.10
N ASN A 167 13.64 -1.33 8.97
CA ASN A 167 13.97 -0.28 9.93
C ASN A 167 13.09 -0.46 11.16
N GLN A 168 13.70 -0.33 12.33
CA GLN A 168 12.92 -0.50 13.55
C GLN A 168 12.19 0.80 13.87
N GLY A 169 11.02 0.98 13.28
CA GLY A 169 10.28 2.21 13.55
C GLY A 169 8.96 2.21 12.80
N ASP A 170 7.89 2.59 13.49
CA ASP A 170 6.60 2.63 12.80
C ASP A 170 6.52 3.88 11.96
N HIS A 171 5.43 4.00 11.20
CA HIS A 171 5.23 5.18 10.35
C HIS A 171 6.32 5.34 9.30
N LEU A 172 6.75 4.24 8.71
CA LEU A 172 7.75 4.31 7.63
C LEU A 172 7.18 3.55 6.44
N LEU A 173 6.47 4.26 5.57
CA LEU A 173 5.94 3.60 4.37
C LEU A 173 7.02 3.59 3.28
N HIS A 174 7.93 4.54 3.39
CA HIS A 174 8.96 4.75 2.36
C HIS A 174 8.33 5.14 1.03
N SER A 175 8.80 6.24 0.47
CA SER A 175 8.18 6.73 -0.75
C SER A 175 9.09 7.70 -1.47
N THR A 176 9.82 7.19 -2.46
CA THR A 176 10.64 8.09 -3.26
C THR A 176 10.98 7.40 -4.58
N ARG A 177 11.33 8.18 -5.58
CA ARG A 177 11.65 7.57 -6.87
C ARG A 177 12.56 8.54 -7.62
N LYS A 178 13.80 8.15 -7.80
CA LYS A 178 14.75 8.98 -8.55
C LYS A 178 15.46 8.11 -9.57
N GLN A 179 16.17 8.73 -10.49
CA GLN A 179 16.86 7.93 -11.50
C GLN A 179 17.94 8.79 -12.14
N VAL A 180 19.18 8.58 -11.69
CA VAL A 180 20.31 9.32 -12.25
C VAL A 180 21.38 8.32 -12.66
N GLU A 181 21.98 8.57 -13.82
CA GLU A 181 23.04 7.69 -14.30
C GLU A 181 24.23 8.55 -14.72
N GLU A 182 25.42 8.02 -14.55
CA GLU A 182 26.60 8.79 -14.93
C GLU A 182 27.76 7.83 -15.18
N ALA A 183 28.06 7.01 -14.18
CA ALA A 183 29.17 6.07 -14.36
C ALA A 183 28.68 4.90 -15.21
N SER A 11 -16.33 -27.72 3.00
CA SER A 11 -15.47 -26.58 2.70
C SER A 11 -15.15 -25.84 3.99
N ILE A 12 -14.34 -26.47 4.82
CA ILE A 12 -13.86 -25.83 6.04
C ILE A 12 -12.56 -25.10 5.71
N GLU A 13 -11.96 -25.43 4.58
CA GLU A 13 -10.72 -24.77 4.22
C GLU A 13 -11.05 -23.35 3.77
N GLY A 14 -10.25 -22.39 4.22
CA GLY A 14 -10.51 -21.02 3.81
C GLY A 14 -9.72 -20.06 4.69
N ARG A 15 -9.01 -19.14 4.07
CA ARG A 15 -8.23 -18.20 4.86
C ARG A 15 -7.92 -16.99 3.99
N VAL A 16 -7.40 -17.23 2.79
CA VAL A 16 -7.07 -16.11 1.92
C VAL A 16 -8.33 -15.65 1.20
N LYS A 17 -8.96 -16.55 0.47
CA LYS A 17 -10.13 -16.16 -0.31
C LYS A 17 -11.39 -16.31 0.53
N ASP A 18 -12.08 -15.20 0.77
CA ASP A 18 -13.36 -15.29 1.47
C ASP A 18 -14.15 -14.01 1.28
N VAL A 19 -14.89 -13.93 0.18
CA VAL A 19 -15.78 -12.79 -0.05
C VAL A 19 -17.11 -13.41 -0.49
N LEU A 20 -17.90 -13.83 0.48
CA LEU A 20 -19.20 -14.36 0.16
C LEU A 20 -20.11 -14.20 1.38
N LEU A 21 -19.48 -14.25 2.56
CA LEU A 21 -20.22 -13.99 3.80
C LEU A 21 -19.47 -12.85 4.45
N LEU A 22 -18.70 -12.21 3.58
CA LEU A 22 -17.95 -11.01 3.90
C LEU A 22 -18.09 -10.23 2.61
N ASP A 23 -18.94 -9.25 2.75
CA ASP A 23 -19.20 -8.27 1.69
C ASP A 23 -18.43 -7.04 2.15
N VAL A 24 -17.13 -7.22 2.06
CA VAL A 24 -16.18 -6.26 2.59
C VAL A 24 -15.17 -5.82 1.54
N THR A 25 -14.17 -5.09 2.00
CA THR A 25 -13.08 -4.71 1.10
C THR A 25 -12.42 -6.05 0.64
N PRO A 26 -12.25 -6.42 -0.63
CA PRO A 26 -12.35 -7.85 -0.96
C PRO A 26 -11.06 -8.65 -1.14
N LEU A 27 -9.97 -8.32 -0.47
CA LEU A 27 -8.79 -9.19 -0.59
C LEU A 27 -7.85 -8.90 0.56
N SER A 28 -7.90 -7.61 0.92
CA SER A 28 -7.03 -6.95 1.90
C SER A 28 -6.22 -6.01 1.04
N LEU A 29 -5.97 -4.83 1.57
CA LEU A 29 -5.33 -3.77 0.81
C LEU A 29 -3.96 -3.57 1.43
N GLY A 30 -3.16 -2.61 0.95
CA GLY A 30 -1.80 -2.47 1.43
C GLY A 30 -1.05 -1.36 0.78
N ILE A 31 0.20 -1.31 1.15
CA ILE A 31 1.12 -0.39 0.47
C ILE A 31 2.37 -1.24 0.35
N GLU A 32 3.08 -1.05 -0.74
CA GLU A 32 4.36 -1.74 -0.88
C GLU A 32 5.34 -1.00 0.04
N THR A 33 5.87 -1.67 1.08
CA THR A 33 6.72 -0.95 2.06
C THR A 33 8.14 -1.50 2.17
N MET A 34 8.91 -0.82 3.01
CA MET A 34 10.35 -1.11 3.19
C MET A 34 10.70 -2.56 3.49
N GLY A 35 11.21 -3.23 2.48
CA GLY A 35 11.59 -4.64 2.63
C GLY A 35 10.97 -5.51 1.52
N GLY A 36 9.96 -5.01 0.84
CA GLY A 36 9.26 -5.85 -0.13
C GLY A 36 8.18 -6.50 0.71
N VAL A 37 7.51 -5.64 1.47
CA VAL A 37 6.53 -6.11 2.43
C VAL A 37 5.14 -5.62 2.05
N MET A 38 4.17 -6.28 2.66
CA MET A 38 2.77 -5.88 2.49
C MET A 38 2.28 -5.26 3.80
N THR A 39 2.36 -3.94 3.93
CA THR A 39 1.78 -3.32 5.12
C THR A 39 0.34 -3.08 4.74
N THR A 40 -0.60 -3.81 5.33
CA THR A 40 -1.97 -3.71 4.88
C THR A 40 -2.65 -2.36 5.10
N LEU A 41 -3.54 -1.92 4.17
CA LEU A 41 -4.08 -0.59 4.34
C LEU A 41 -5.32 -0.81 5.19
N ILE A 42 -6.20 -1.62 4.63
CA ILE A 42 -7.39 -2.04 5.36
C ILE A 42 -7.71 -3.43 4.82
N ALA A 43 -8.06 -4.33 5.71
CA ALA A 43 -8.26 -5.72 5.29
C ALA A 43 -9.74 -6.02 5.09
N LYS A 44 -10.01 -7.27 4.75
CA LYS A 44 -11.41 -7.70 4.63
C LYS A 44 -11.97 -7.74 6.07
N ASN A 45 -13.30 -7.87 6.22
CA ASN A 45 -13.97 -7.78 7.55
C ASN A 45 -14.41 -6.32 7.77
N THR A 46 -13.91 -5.39 6.95
CA THR A 46 -14.38 -4.00 7.01
C THR A 46 -15.37 -3.92 5.87
N THR A 47 -16.57 -3.59 6.27
CA THR A 47 -17.71 -3.63 5.36
C THR A 47 -17.88 -2.33 4.61
N ILE A 48 -18.03 -2.46 3.32
CA ILE A 48 -18.07 -1.24 2.52
C ILE A 48 -19.43 -0.54 2.69
N PRO A 49 -19.55 0.78 2.89
CA PRO A 49 -18.45 1.74 2.80
C PRO A 49 -17.63 1.80 4.09
N THR A 50 -16.38 2.20 3.92
CA THR A 50 -15.43 2.20 5.03
C THR A 50 -14.69 3.53 5.07
N LYS A 51 -14.04 3.72 6.20
CA LYS A 51 -13.24 4.92 6.41
C LYS A 51 -12.26 4.72 7.56
N HIS A 52 -10.96 4.90 7.31
CA HIS A 52 -9.99 4.80 8.42
C HIS A 52 -8.73 5.56 8.00
N SER A 53 -7.87 5.95 8.95
CA SER A 53 -6.72 6.82 8.64
C SER A 53 -5.30 6.44 9.06
N GLN A 54 -4.41 6.18 8.10
CA GLN A 54 -2.97 5.95 8.44
C GLN A 54 -2.02 5.54 7.29
N VAL A 55 -0.73 5.80 7.50
CA VAL A 55 0.35 5.34 6.62
C VAL A 55 1.52 5.21 7.57
N PHE A 56 1.56 6.22 8.43
CA PHE A 56 2.63 6.43 9.45
C PHE A 56 3.32 7.75 9.10
N SER A 57 4.45 7.72 8.40
CA SER A 57 5.04 8.98 7.97
C SER A 57 6.11 8.73 6.91
N THR A 58 6.79 9.80 6.55
CA THR A 58 7.91 9.68 5.62
C THR A 58 9.14 9.34 6.47
N ALA A 59 10.36 9.36 5.93
CA ALA A 59 11.52 8.90 6.69
C ALA A 59 12.40 10.04 7.24
N GLU A 60 13.28 10.58 6.40
CA GLU A 60 14.16 11.66 6.88
C GLU A 60 14.58 12.66 5.80
N ASP A 61 13.85 13.77 5.71
CA ASP A 61 14.20 14.87 4.80
C ASP A 61 14.30 14.52 3.32
N ASN A 62 13.49 15.17 2.49
CA ASN A 62 13.61 14.91 1.07
C ASN A 62 13.02 15.94 0.10
N GLN A 63 11.75 15.79 -0.21
CA GLN A 63 11.16 16.64 -1.24
C GLN A 63 9.66 16.60 -1.08
N SER A 64 9.19 15.65 -0.26
CA SER A 64 7.78 15.55 0.10
C SER A 64 6.99 14.78 -0.93
N ALA A 65 7.05 13.48 -0.74
CA ALA A 65 6.26 12.62 -1.60
C ALA A 65 6.10 11.21 -1.04
N VAL A 66 4.88 10.70 -1.14
CA VAL A 66 4.65 9.30 -0.77
C VAL A 66 4.13 8.67 -2.05
N THR A 67 4.85 7.68 -2.56
CA THR A 67 4.37 7.02 -3.76
C THR A 67 3.28 6.07 -3.31
N ILE A 68 2.05 6.41 -3.67
CA ILE A 68 0.91 5.63 -3.21
C ILE A 68 0.68 4.48 -4.20
N HIS A 69 1.48 3.44 -4.00
CA HIS A 69 1.34 2.21 -4.76
C HIS A 69 0.63 1.32 -3.76
N VAL A 70 -0.69 1.25 -3.90
CA VAL A 70 -1.43 0.53 -2.89
C VAL A 70 -1.34 -0.89 -3.38
N LEU A 71 -1.22 -1.81 -2.45
CA LEU A 71 -1.24 -3.22 -2.81
C LEU A 71 -2.57 -3.89 -2.52
N GLN A 72 -3.14 -4.43 -3.59
CA GLN A 72 -4.36 -5.26 -3.43
C GLN A 72 -3.81 -6.67 -3.20
N GLY A 73 -3.77 -7.11 -1.97
CA GLY A 73 -3.36 -8.50 -1.75
C GLY A 73 -3.79 -9.02 -0.39
N GLU A 74 -2.91 -9.72 0.31
CA GLU A 74 -3.29 -10.36 1.58
C GLU A 74 -2.61 -9.69 2.80
N ARG A 75 -1.83 -10.43 3.58
CA ARG A 75 -1.26 -9.87 4.81
C ARG A 75 0.16 -10.38 4.97
N LYS A 76 1.14 -9.49 4.85
CA LYS A 76 2.56 -9.86 5.05
C LYS A 76 3.05 -10.87 4.00
N ARG A 77 4.37 -10.86 3.80
CA ARG A 77 4.99 -11.68 2.74
C ARG A 77 4.40 -11.19 1.42
N ALA A 78 5.20 -10.46 0.65
CA ALA A 78 4.65 -9.84 -0.55
C ALA A 78 4.41 -10.74 -1.77
N ALA A 79 3.22 -11.36 -1.75
CA ALA A 79 2.71 -12.12 -2.88
C ALA A 79 1.33 -11.52 -2.96
N ASP A 80 1.33 -10.32 -2.43
CA ASP A 80 0.14 -9.52 -2.25
C ASP A 80 0.33 -8.35 -3.20
N ASN A 81 0.76 -8.69 -4.41
CA ASN A 81 1.13 -7.64 -5.36
C ASN A 81 0.14 -7.37 -6.48
N LYS A 82 -1.16 -7.48 -6.24
CA LYS A 82 -2.08 -7.07 -7.30
C LYS A 82 -2.08 -5.56 -7.24
N SER A 83 -2.22 -4.92 -8.39
CA SER A 83 -2.09 -3.48 -8.38
C SER A 83 -3.28 -2.78 -7.76
N LEU A 84 -2.97 -1.80 -6.93
CA LEU A 84 -4.00 -0.96 -6.35
C LEU A 84 -3.31 0.39 -6.53
N GLY A 85 -2.62 0.38 -7.65
CA GLY A 85 -2.01 1.60 -8.14
C GLY A 85 -0.52 1.84 -8.03
N GLN A 86 -0.18 3.05 -8.43
CA GLN A 86 1.21 3.50 -8.40
C GLN A 86 1.18 4.99 -8.73
N PHE A 87 0.68 5.78 -7.79
CA PHE A 87 0.52 7.22 -8.02
C PHE A 87 1.44 7.92 -7.02
N ASN A 88 1.36 9.23 -6.86
CA ASN A 88 2.17 9.84 -5.81
C ASN A 88 1.61 11.17 -5.30
N LEU A 89 1.72 11.38 -3.99
CA LEU A 89 1.34 12.67 -3.43
C LEU A 89 2.65 13.39 -3.62
N ASP A 90 2.66 14.56 -4.23
CA ASP A 90 3.92 15.28 -4.37
C ASP A 90 3.62 16.77 -4.30
N GLY A 91 3.03 17.20 -3.21
CA GLY A 91 2.66 18.61 -3.12
C GLY A 91 2.52 18.99 -1.66
N ILE A 92 3.45 18.54 -0.85
CA ILE A 92 3.46 18.90 0.56
C ILE A 92 4.89 19.41 0.77
N ASN A 93 5.37 20.10 -0.26
CA ASN A 93 6.77 20.53 -0.28
C ASN A 93 7.12 21.73 0.62
N PRO A 94 8.22 21.76 1.38
CA PRO A 94 8.99 20.57 1.79
C PRO A 94 8.15 19.89 2.85
N ALA A 95 8.36 18.61 3.18
CA ALA A 95 7.57 18.09 4.31
C ALA A 95 8.17 18.59 5.63
N PRO A 96 9.45 18.46 6.02
CA PRO A 96 10.44 17.55 5.44
C PRO A 96 10.16 16.20 6.03
N ARG A 97 10.82 15.20 5.48
CA ARG A 97 10.50 13.84 5.91
C ARG A 97 10.89 13.64 7.36
N GLY A 98 10.18 12.74 8.04
CA GLY A 98 10.45 12.56 9.46
C GLY A 98 9.75 13.66 10.24
N MET A 99 8.54 13.36 10.69
CA MET A 99 7.74 14.35 11.43
C MET A 99 7.24 13.80 12.78
N PRO A 100 6.40 12.76 13.01
CA PRO A 100 5.81 11.88 12.00
C PRO A 100 4.32 12.17 11.79
N GLN A 101 3.98 12.88 10.72
CA GLN A 101 2.57 13.30 10.52
C GLN A 101 2.01 13.03 9.12
N ILE A 102 1.84 11.78 8.70
CA ILE A 102 1.17 11.53 7.44
C ILE A 102 0.23 10.36 7.73
N GLU A 103 -1.05 10.55 7.45
CA GLU A 103 -2.01 9.45 7.58
C GLU A 103 -2.75 9.41 6.26
N VAL A 104 -2.90 8.21 5.73
CA VAL A 104 -3.50 8.04 4.42
C VAL A 104 -4.90 7.52 4.66
N THR A 105 -5.88 8.31 4.28
CA THR A 105 -7.26 7.95 4.61
C THR A 105 -7.91 7.10 3.57
N PHE A 106 -8.04 5.84 3.94
CA PHE A 106 -8.57 4.88 3.00
C PHE A 106 -10.06 4.82 3.29
N ASP A 107 -10.77 5.52 2.42
CA ASP A 107 -12.21 5.59 2.54
C ASP A 107 -12.72 4.82 1.35
N ILE A 108 -13.22 3.60 1.57
CA ILE A 108 -13.66 2.89 0.38
C ILE A 108 -15.09 3.36 0.16
N ASP A 109 -15.56 3.34 -1.07
CA ASP A 109 -16.89 3.90 -1.31
C ASP A 109 -17.89 2.76 -1.17
N ALA A 110 -19.18 3.07 -1.21
CA ALA A 110 -20.17 2.01 -1.04
C ALA A 110 -20.40 1.29 -2.36
N ASP A 111 -20.00 1.92 -3.46
CA ASP A 111 -20.19 1.26 -4.76
C ASP A 111 -19.05 0.31 -5.00
N GLY A 112 -17.89 0.61 -4.42
CA GLY A 112 -16.77 -0.32 -4.51
C GLY A 112 -15.63 0.31 -5.29
N ILE A 113 -15.08 1.38 -4.75
CA ILE A 113 -13.91 1.98 -5.37
C ILE A 113 -13.13 2.66 -4.26
N LEU A 114 -11.81 2.53 -4.29
CA LEU A 114 -11.04 3.07 -3.17
C LEU A 114 -10.76 4.53 -3.40
N HIS A 115 -11.50 5.29 -2.62
CA HIS A 115 -11.30 6.74 -2.60
C HIS A 115 -10.34 7.01 -1.47
N VAL A 116 -9.06 7.14 -1.81
CA VAL A 116 -8.03 7.30 -0.77
C VAL A 116 -7.18 8.54 -1.03
N SER A 117 -7.13 9.36 0.01
CA SER A 117 -6.37 10.61 -0.05
C SER A 117 -5.20 10.47 0.88
N ALA A 118 -4.02 10.58 0.31
CA ALA A 118 -2.86 10.57 1.20
C ALA A 118 -2.84 11.94 1.81
N LYS A 119 -3.13 11.97 3.09
CA LYS A 119 -3.27 13.23 3.81
C LYS A 119 -2.05 13.45 4.69
N ASP A 120 -1.59 14.68 4.69
CA ASP A 120 -0.47 15.03 5.56
C ASP A 120 -1.11 15.76 6.70
N LYS A 121 -0.85 15.21 7.87
CA LYS A 121 -1.50 15.74 9.07
C LYS A 121 -0.76 16.92 9.71
N ASN A 122 -0.19 17.79 8.89
CA ASN A 122 0.45 19.01 9.40
C ASN A 122 -0.07 20.17 8.57
N SER A 123 -1.21 19.96 7.90
CA SER A 123 -1.83 21.00 7.08
C SER A 123 -1.08 21.14 5.77
N GLY A 124 -0.48 20.04 5.33
CA GLY A 124 0.16 20.05 4.01
C GLY A 124 -0.95 19.46 3.16
N LYS A 125 -1.67 18.60 3.85
CA LYS A 125 -2.87 17.97 3.33
C LYS A 125 -2.66 16.88 2.29
N GLU A 126 -3.67 16.72 1.44
CA GLU A 126 -3.69 15.59 0.52
C GLU A 126 -3.88 15.63 -0.98
N GLN A 127 -3.84 14.41 -1.52
CA GLN A 127 -4.12 14.22 -2.95
C GLN A 127 -4.88 12.92 -3.09
N LYS A 128 -6.03 12.99 -3.76
CA LYS A 128 -6.90 11.83 -3.83
C LYS A 128 -6.77 10.98 -5.09
N ILE A 129 -7.06 9.70 -4.91
CA ILE A 129 -7.11 8.77 -6.05
C ILE A 129 -8.40 7.98 -5.91
N THR A 130 -8.75 7.34 -7.01
CA THR A 130 -10.02 6.62 -7.09
C THR A 130 -9.69 5.33 -7.80
N ILE A 131 -9.16 4.42 -7.02
CA ILE A 131 -8.66 3.17 -7.61
C ILE A 131 -9.70 2.06 -7.60
N LYS A 132 -9.99 1.55 -8.80
CA LYS A 132 -10.99 0.50 -8.93
C LYS A 132 -10.59 -0.78 -8.21
N ALA A 133 -11.43 -1.80 -8.33
CA ALA A 133 -11.18 -3.03 -7.58
C ALA A 133 -11.85 -4.20 -8.27
N SER A 134 -11.14 -4.82 -9.19
CA SER A 134 -11.72 -5.95 -9.90
C SER A 134 -11.60 -7.21 -9.04
N SER A 135 -12.30 -8.26 -9.44
CA SER A 135 -12.26 -9.49 -8.66
C SER A 135 -11.03 -10.30 -9.05
N GLY A 136 -11.15 -11.62 -9.03
CA GLY A 136 -9.99 -12.45 -9.39
C GLY A 136 -9.10 -12.65 -8.17
N LEU A 137 -9.18 -13.81 -7.57
CA LEU A 137 -8.40 -14.04 -6.35
C LEU A 137 -8.29 -15.53 -6.06
N ASN A 138 -7.12 -15.97 -5.64
CA ASN A 138 -6.99 -17.37 -5.23
C ASN A 138 -5.90 -17.44 -4.17
N GLU A 139 -5.86 -18.53 -3.42
CA GLU A 139 -4.90 -18.60 -2.31
C GLU A 139 -3.48 -18.94 -2.76
N ASP A 140 -3.32 -19.37 -4.00
CA ASP A 140 -1.98 -19.59 -4.53
C ASP A 140 -1.85 -18.76 -5.75
N GLU A 141 -2.71 -17.75 -5.73
CA GLU A 141 -2.55 -16.72 -6.72
C GLU A 141 -1.50 -16.06 -5.86
N ILE A 142 -1.89 -15.84 -4.60
CA ILE A 142 -0.93 -15.34 -3.62
C ILE A 142 0.16 -16.38 -3.30
N GLN A 143 -0.05 -17.51 -2.65
CA GLN A 143 1.05 -18.47 -2.39
C GLN A 143 1.86 -19.02 -3.61
N LYS A 144 1.28 -19.00 -4.80
CA LYS A 144 2.04 -19.39 -5.99
C LYS A 144 2.94 -18.24 -6.37
N MET A 145 2.43 -17.05 -6.05
CA MET A 145 3.21 -15.85 -6.21
C MET A 145 4.11 -15.76 -4.99
N VAL A 146 4.03 -16.60 -3.94
CA VAL A 146 5.00 -16.53 -2.85
C VAL A 146 6.23 -17.21 -3.37
N ARG A 147 6.05 -18.25 -4.16
CA ARG A 147 7.28 -18.81 -4.69
C ARG A 147 7.89 -17.88 -5.70
N ASP A 148 7.32 -17.79 -6.88
CA ASP A 148 7.99 -16.98 -7.90
C ASP A 148 8.15 -15.55 -7.41
N ALA A 149 7.02 -14.99 -7.03
CA ALA A 149 7.03 -13.58 -6.77
C ALA A 149 7.24 -13.27 -5.30
N GLU A 150 7.30 -14.20 -4.32
CA GLU A 150 7.37 -13.58 -3.00
C GLU A 150 8.87 -13.61 -2.84
N ALA A 151 9.47 -14.63 -3.44
CA ALA A 151 10.92 -14.76 -3.35
C ALA A 151 11.61 -13.62 -4.07
N ASN A 152 11.17 -13.21 -5.27
CA ASN A 152 11.97 -12.19 -5.98
C ASN A 152 11.22 -10.98 -6.56
N ALA A 153 9.91 -10.84 -6.42
CA ALA A 153 9.24 -9.74 -7.12
C ALA A 153 9.69 -8.38 -6.63
N GLU A 154 9.19 -8.09 -5.44
CA GLU A 154 9.46 -6.81 -4.82
C GLU A 154 10.40 -7.12 -3.69
N ALA A 155 10.70 -8.40 -3.60
CA ALA A 155 11.71 -8.81 -2.65
C ALA A 155 12.96 -8.29 -3.34
N ASP A 156 13.17 -8.61 -4.60
CA ASP A 156 14.44 -8.20 -5.21
C ASP A 156 14.45 -6.82 -5.86
N ARG A 157 13.40 -6.42 -6.54
CA ARG A 157 13.50 -5.15 -7.25
C ARG A 157 12.99 -4.09 -6.32
N LYS A 158 12.07 -4.59 -5.51
CA LYS A 158 11.48 -3.73 -4.50
C LYS A 158 12.60 -3.37 -3.56
N PHE A 159 13.38 -4.32 -3.05
CA PHE A 159 14.33 -3.90 -2.06
C PHE A 159 15.48 -3.11 -2.68
N GLU A 160 16.02 -3.64 -3.76
CA GLU A 160 17.22 -3.01 -4.31
C GLU A 160 17.04 -1.76 -5.15
N GLU A 161 15.85 -1.25 -5.38
CA GLU A 161 15.81 0.02 -6.10
C GLU A 161 14.57 0.80 -5.74
N LEU A 162 13.81 0.26 -4.79
CA LEU A 162 12.65 0.99 -4.30
C LEU A 162 12.75 1.07 -2.79
N VAL A 163 13.73 0.41 -2.16
CA VAL A 163 13.88 0.59 -0.72
C VAL A 163 15.23 1.25 -0.50
N GLN A 164 16.27 0.74 -1.20
CA GLN A 164 17.64 1.28 -1.17
C GLN A 164 18.30 0.36 -0.19
N THR A 165 17.70 -0.81 -0.23
CA THR A 165 18.09 -1.96 0.57
C THR A 165 18.45 -1.62 2.01
N ARG A 166 17.47 -1.71 2.90
CA ARG A 166 17.72 -1.28 4.27
C ARG A 166 16.76 -1.91 5.29
N ASN A 167 15.45 -1.83 5.06
CA ASN A 167 14.46 -2.36 6.02
C ASN A 167 14.62 -1.78 7.41
N GLN A 168 13.82 -0.77 7.73
CA GLN A 168 13.87 -0.17 9.06
C GLN A 168 12.74 -0.72 9.93
N GLY A 169 11.59 -0.05 9.93
CA GLY A 169 10.52 -0.54 10.79
C GLY A 169 9.23 0.27 10.61
N ASP A 170 8.54 0.51 11.70
CA ASP A 170 7.28 1.25 11.63
C ASP A 170 7.59 2.72 11.83
N HIS A 171 6.56 3.58 11.75
CA HIS A 171 6.71 5.04 11.96
C HIS A 171 7.27 5.81 10.76
N LEU A 172 8.21 5.21 10.03
CA LEU A 172 8.87 5.91 8.93
C LEU A 172 8.51 5.15 7.67
N LEU A 173 8.71 5.76 6.51
CA LEU A 173 8.40 5.03 5.28
C LEU A 173 9.08 5.72 4.10
N HIS A 174 10.17 5.12 3.66
CA HIS A 174 10.84 5.64 2.46
C HIS A 174 9.88 5.45 1.30
N SER A 175 9.65 6.50 0.53
CA SER A 175 8.64 6.40 -0.52
C SER A 175 8.87 7.42 -1.62
N THR A 176 9.42 6.98 -2.73
CA THR A 176 9.56 7.92 -3.85
C THR A 176 9.75 7.13 -5.14
N ARG A 177 9.54 7.79 -6.26
CA ARG A 177 9.71 7.10 -7.54
C ARG A 177 10.01 8.14 -8.61
N LYS A 178 11.27 8.24 -8.99
CA LYS A 178 11.63 9.22 -10.01
C LYS A 178 12.97 8.82 -10.62
N GLN A 179 13.05 8.85 -11.94
CA GLN A 179 14.30 8.49 -12.57
C GLN A 179 15.30 9.63 -12.42
N VAL A 180 16.46 9.31 -11.86
CA VAL A 180 17.50 10.33 -11.68
C VAL A 180 18.77 9.80 -12.36
N GLU A 181 18.89 10.07 -13.65
CA GLU A 181 20.08 9.60 -14.35
C GLU A 181 21.26 10.49 -13.99
N GLU A 182 22.38 9.87 -13.65
CA GLU A 182 23.55 10.68 -13.31
C GLU A 182 24.81 9.84 -13.49
N ALA A 183 25.82 10.43 -14.09
CA ALA A 183 27.05 9.67 -14.29
C ALA A 183 27.82 9.60 -12.98
N SER A 11 3.61 -21.00 5.10
CA SER A 11 2.82 -21.02 3.85
C SER A 11 2.25 -22.40 3.63
N ILE A 12 1.23 -22.72 4.41
CA ILE A 12 0.53 -23.98 4.21
C ILE A 12 -0.61 -23.71 3.23
N GLU A 13 -0.98 -22.44 3.14
CA GLU A 13 -2.06 -22.02 2.24
C GLU A 13 -3.36 -22.73 2.59
N GLY A 14 -3.69 -22.75 3.87
CA GLY A 14 -4.92 -23.43 4.27
C GLY A 14 -6.11 -22.49 4.12
N ARG A 15 -5.92 -21.23 4.47
CA ARG A 15 -7.05 -20.30 4.38
C ARG A 15 -6.52 -18.87 4.34
N VAL A 16 -5.86 -18.52 3.25
CA VAL A 16 -5.35 -17.16 3.14
C VAL A 16 -6.55 -16.23 2.93
N LYS A 17 -7.49 -16.66 2.11
CA LYS A 17 -8.65 -15.81 1.82
C LYS A 17 -9.76 -16.02 2.84
N ASP A 18 -10.62 -15.03 3.00
CA ASP A 18 -11.75 -15.20 3.91
C ASP A 18 -12.79 -14.12 3.64
N VAL A 19 -13.45 -14.21 2.49
CA VAL A 19 -14.54 -13.27 2.18
C VAL A 19 -15.69 -14.13 1.67
N LEU A 20 -16.45 -14.69 2.61
CA LEU A 20 -17.65 -15.44 2.25
C LEU A 20 -18.74 -15.17 3.28
N LEU A 21 -18.34 -15.10 4.55
CA LEU A 21 -19.29 -14.74 5.61
C LEU A 21 -18.79 -13.42 6.19
N LEU A 22 -18.08 -12.74 5.32
CA LEU A 22 -17.51 -11.43 5.62
C LEU A 22 -17.85 -10.71 4.34
N ASP A 23 -18.85 -9.89 4.51
CA ASP A 23 -19.33 -9.01 3.44
C ASP A 23 -18.65 -7.67 3.62
N VAL A 24 -17.36 -7.74 3.35
CA VAL A 24 -16.43 -6.66 3.59
C VAL A 24 -15.67 -6.29 2.32
N THR A 25 -14.63 -5.49 2.47
CA THR A 25 -13.80 -5.20 1.32
C THR A 25 -13.11 -6.50 0.84
N PRO A 26 -12.91 -6.81 -0.44
CA PRO A 26 -12.85 -8.24 -0.81
C PRO A 26 -11.49 -8.91 -0.95
N LEU A 27 -10.36 -8.30 -0.61
CA LEU A 27 -9.09 -8.99 -0.87
C LEU A 27 -7.98 -8.34 -0.03
N SER A 28 -8.39 -7.27 0.62
CA SER A 28 -7.51 -6.41 1.42
C SER A 28 -6.80 -5.54 0.42
N LEU A 29 -6.84 -4.24 0.72
CA LEU A 29 -6.39 -3.23 -0.25
C LEU A 29 -5.55 -2.05 0.29
N GLY A 30 -4.21 -2.02 0.18
CA GLY A 30 -3.46 -0.84 0.61
C GLY A 30 -2.42 -0.15 -0.20
N ILE A 31 -1.15 -0.35 0.08
CA ILE A 31 -0.15 0.47 -0.64
C ILE A 31 1.06 -0.38 -0.94
N GLU A 32 1.61 -0.15 -2.11
CA GLU A 32 2.88 -0.85 -2.38
C GLU A 32 3.92 -0.13 -1.55
N THR A 33 4.48 -0.83 -0.57
CA THR A 33 5.40 -0.17 0.34
C THR A 33 6.75 -0.71 -0.01
N MET A 34 7.76 0.15 0.13
CA MET A 34 9.14 -0.29 -0.07
C MET A 34 9.36 -0.86 -1.46
N GLY A 35 10.31 -1.77 -1.55
CA GLY A 35 10.66 -2.30 -2.86
C GLY A 35 9.70 -3.42 -3.19
N GLY A 36 9.34 -4.18 -2.18
CA GLY A 36 8.43 -5.29 -2.40
C GLY A 36 7.74 -5.69 -1.10
N VAL A 37 7.20 -4.70 -0.41
CA VAL A 37 6.41 -5.00 0.80
C VAL A 37 5.01 -4.61 0.37
N MET A 38 4.01 -5.11 1.08
CA MET A 38 2.63 -4.89 0.69
C MET A 38 1.79 -4.68 1.93
N THR A 39 1.54 -3.41 2.26
CA THR A 39 0.78 -3.13 3.48
C THR A 39 -0.67 -2.91 3.11
N THR A 40 -1.54 -3.85 3.43
CA THR A 40 -2.96 -3.72 3.10
C THR A 40 -3.53 -2.54 3.83
N LEU A 41 -4.61 -1.92 3.32
CA LEU A 41 -5.04 -0.70 3.99
C LEU A 41 -6.38 -0.97 4.60
N ILE A 42 -7.40 -0.88 3.75
CA ILE A 42 -8.73 -1.26 4.24
C ILE A 42 -8.70 -2.74 4.02
N ALA A 43 -9.13 -3.51 5.00
CA ALA A 43 -8.99 -4.96 4.90
C ALA A 43 -10.30 -5.70 4.94
N LYS A 44 -10.18 -7.02 4.86
CA LYS A 44 -11.34 -7.87 5.02
C LYS A 44 -11.63 -7.75 6.52
N ASN A 45 -12.90 -7.96 6.95
CA ASN A 45 -13.28 -7.70 8.35
C ASN A 45 -13.44 -6.18 8.49
N THR A 46 -13.76 -5.55 7.37
CA THR A 46 -14.07 -4.12 7.34
C THR A 46 -15.25 -4.06 6.38
N THR A 47 -16.37 -3.92 7.03
CA THR A 47 -17.68 -3.99 6.40
C THR A 47 -18.02 -2.75 5.63
N ILE A 48 -18.39 -2.96 4.39
CA ILE A 48 -18.61 -1.79 3.54
C ILE A 48 -19.98 -1.16 3.85
N PRO A 49 -20.16 0.15 4.03
CA PRO A 49 -19.14 1.17 3.77
C PRO A 49 -18.19 1.33 4.95
N THR A 50 -16.94 1.66 4.61
CA THR A 50 -15.88 1.77 5.62
C THR A 50 -15.22 3.13 5.49
N LYS A 51 -14.48 3.49 6.52
CA LYS A 51 -13.85 4.81 6.53
C LYS A 51 -12.69 4.86 7.54
N HIS A 52 -11.46 5.17 7.14
CA HIS A 52 -10.42 5.31 8.17
C HIS A 52 -9.23 6.14 7.65
N SER A 53 -8.57 6.88 8.54
CA SER A 53 -7.50 7.80 8.13
C SER A 53 -6.13 7.48 8.72
N GLN A 54 -5.11 7.18 7.90
CA GLN A 54 -3.81 6.85 8.55
C GLN A 54 -2.60 6.69 7.63
N VAL A 55 -1.42 7.14 8.05
CA VAL A 55 -0.17 6.87 7.31
C VAL A 55 0.96 7.19 8.26
N PHE A 56 0.64 8.13 9.14
CA PHE A 56 1.54 8.56 10.23
C PHE A 56 2.60 9.53 9.74
N SER A 57 3.75 9.04 9.31
CA SER A 57 4.86 9.92 8.95
C SER A 57 5.60 9.31 7.76
N THR A 58 6.71 9.92 7.37
CA THR A 58 7.46 9.38 6.24
C THR A 58 8.70 8.66 6.75
N ALA A 59 9.26 7.81 5.90
CA ALA A 59 10.38 6.96 6.34
C ALA A 59 11.74 7.59 6.03
N GLU A 60 12.03 7.76 4.75
CA GLU A 60 13.37 8.25 4.36
C GLU A 60 13.32 9.74 4.12
N ASP A 61 12.12 10.23 3.84
CA ASP A 61 11.92 11.67 3.71
C ASP A 61 11.22 12.13 4.96
N ASN A 62 11.16 13.45 5.17
CA ASN A 62 10.43 14.01 6.27
C ASN A 62 9.17 14.56 5.64
N GLN A 63 9.37 15.47 4.71
CA GLN A 63 8.24 15.97 3.95
C GLN A 63 8.73 16.02 2.51
N SER A 64 8.63 14.92 1.78
CA SER A 64 8.96 14.99 0.36
C SER A 64 8.33 13.88 -0.46
N ALA A 65 7.92 12.78 0.14
CA ALA A 65 7.20 11.79 -0.68
C ALA A 65 6.43 10.80 0.17
N VAL A 66 5.55 10.05 -0.49
CA VAL A 66 4.82 8.95 0.18
C VAL A 66 4.39 8.07 -0.98
N THR A 67 4.56 6.77 -0.89
CA THR A 67 4.13 5.91 -2.00
C THR A 67 2.62 5.69 -1.90
N ILE A 68 1.94 5.77 -3.03
CA ILE A 68 0.47 5.69 -3.06
C ILE A 68 0.24 4.67 -4.18
N HIS A 69 -1.01 4.31 -4.49
CA HIS A 69 -1.30 3.44 -5.62
C HIS A 69 -0.93 2.15 -4.95
N VAL A 70 -2.16 1.80 -4.71
CA VAL A 70 -2.56 0.72 -3.87
C VAL A 70 -2.33 -0.73 -4.27
N LEU A 71 -2.30 -1.60 -3.25
CA LEU A 71 -2.21 -3.05 -3.56
C LEU A 71 -3.34 -3.91 -3.00
N GLN A 72 -3.94 -4.66 -3.93
CA GLN A 72 -4.98 -5.66 -3.62
C GLN A 72 -4.42 -7.06 -3.35
N GLY A 73 -4.01 -7.33 -2.12
CA GLY A 73 -3.58 -8.67 -1.76
C GLY A 73 -3.65 -8.72 -0.24
N GLU A 74 -3.02 -9.70 0.40
CA GLU A 74 -3.17 -9.84 1.86
C GLU A 74 -1.88 -9.66 2.68
N ARG A 75 -1.02 -10.67 2.70
CA ARG A 75 0.16 -10.61 3.57
C ARG A 75 1.16 -9.49 3.25
N LYS A 76 2.10 -9.29 4.17
CA LYS A 76 3.16 -8.31 3.95
C LYS A 76 4.23 -8.89 3.05
N ARG A 77 4.35 -10.21 3.02
CA ARG A 77 5.28 -10.81 2.07
C ARG A 77 4.56 -10.54 0.76
N ALA A 78 5.18 -9.76 -0.12
CA ALA A 78 4.47 -9.35 -1.31
C ALA A 78 4.33 -10.39 -2.42
N ALA A 79 3.23 -11.13 -2.26
CA ALA A 79 2.78 -12.09 -3.27
C ALA A 79 1.30 -11.68 -3.30
N ASP A 80 1.15 -10.42 -2.94
CA ASP A 80 -0.15 -9.77 -2.73
C ASP A 80 -0.28 -8.55 -3.63
N ASN A 81 0.06 -8.73 -4.90
CA ASN A 81 0.09 -7.59 -5.82
C ASN A 81 -1.03 -7.50 -6.84
N LYS A 82 -2.27 -7.49 -6.39
CA LYS A 82 -3.35 -7.26 -7.36
C LYS A 82 -3.25 -5.76 -7.60
N SER A 83 -3.39 -5.33 -8.83
CA SER A 83 -3.16 -3.93 -9.10
C SER A 83 -4.27 -3.01 -8.63
N LEU A 84 -3.90 -2.11 -7.72
CA LEU A 84 -4.83 -1.07 -7.29
C LEU A 84 -3.90 0.16 -7.48
N GLY A 85 -2.77 -0.17 -8.12
CA GLY A 85 -1.79 0.82 -8.56
C GLY A 85 -0.40 0.77 -7.88
N GLN A 86 0.52 1.53 -8.44
CA GLN A 86 1.84 1.70 -7.80
C GLN A 86 2.42 3.05 -8.26
N PHE A 87 2.43 4.08 -7.41
CA PHE A 87 2.88 5.40 -7.87
C PHE A 87 3.29 6.18 -6.61
N ASN A 88 3.51 7.49 -6.71
CA ASN A 88 4.02 8.22 -5.54
C ASN A 88 3.62 9.69 -5.50
N LEU A 89 3.26 10.14 -4.31
CA LEU A 89 2.98 11.56 -4.10
C LEU A 89 4.37 12.10 -3.79
N ASP A 90 4.77 13.16 -4.45
CA ASP A 90 6.15 13.66 -4.28
C ASP A 90 6.14 15.18 -4.28
N GLY A 91 7.22 15.76 -3.80
CA GLY A 91 7.25 17.21 -3.73
C GLY A 91 6.42 17.67 -2.55
N ILE A 92 6.95 17.48 -1.34
CA ILE A 92 6.22 17.94 -0.14
C ILE A 92 7.35 18.70 0.57
N ASN A 93 8.32 19.02 -0.28
CA ASN A 93 9.58 19.65 0.12
C ASN A 93 9.41 20.92 0.96
N PRO A 94 10.40 21.47 1.69
CA PRO A 94 11.81 21.02 1.73
C PRO A 94 12.19 20.41 3.08
N ALA A 95 12.22 19.09 3.18
CA ALA A 95 12.47 18.48 4.49
C ALA A 95 12.93 17.02 4.37
N PRO A 96 14.14 16.58 4.74
CA PRO A 96 14.52 15.17 4.56
C PRO A 96 14.46 14.37 5.88
N ARG A 97 14.28 13.07 5.70
CA ARG A 97 14.12 12.08 6.79
C ARG A 97 13.54 12.51 8.15
N GLY A 98 12.34 12.05 8.50
CA GLY A 98 11.84 12.37 9.84
C GLY A 98 10.36 12.09 10.08
N MET A 99 9.63 13.18 10.27
CA MET A 99 8.21 13.14 10.64
C MET A 99 7.49 13.32 9.29
N PRO A 100 6.16 13.47 9.08
CA PRO A 100 5.38 14.57 9.66
C PRO A 100 3.97 14.09 9.95
N GLN A 101 3.01 14.94 9.64
CA GLN A 101 1.61 14.66 9.96
C GLN A 101 0.85 14.35 8.69
N ILE A 102 1.13 13.19 8.09
CA ILE A 102 0.37 12.77 6.92
C ILE A 102 -0.54 11.64 7.43
N GLU A 103 -1.77 11.69 6.96
CA GLU A 103 -2.70 10.62 7.24
C GLU A 103 -3.31 10.40 5.87
N VAL A 104 -3.36 9.15 5.41
CA VAL A 104 -3.93 8.92 4.09
C VAL A 104 -5.24 8.20 4.29
N THR A 105 -6.25 8.72 3.64
CA THR A 105 -7.56 8.14 3.87
C THR A 105 -7.84 6.99 2.94
N PHE A 106 -8.45 6.02 3.58
CA PHE A 106 -8.77 4.77 2.90
C PHE A 106 -10.17 4.46 3.37
N ASP A 107 -11.09 4.83 2.49
CA ASP A 107 -12.50 4.71 2.82
C ASP A 107 -13.21 4.13 1.63
N ILE A 108 -13.98 3.09 1.85
CA ILE A 108 -14.64 2.46 0.70
C ILE A 108 -16.09 2.93 0.73
N ASP A 109 -16.74 2.98 -0.41
CA ASP A 109 -18.10 3.51 -0.45
C ASP A 109 -19.05 2.34 -0.24
N ALA A 110 -20.34 2.61 -0.18
CA ALA A 110 -21.28 1.52 0.07
C ALA A 110 -21.61 0.78 -1.22
N ASP A 111 -21.31 1.40 -2.36
CA ASP A 111 -21.59 0.73 -3.62
C ASP A 111 -20.44 -0.19 -3.96
N GLY A 112 -19.27 0.13 -3.44
CA GLY A 112 -18.12 -0.78 -3.62
C GLY A 112 -17.06 -0.12 -4.49
N ILE A 113 -16.38 0.86 -3.93
CA ILE A 113 -15.27 1.46 -4.68
C ILE A 113 -14.32 2.09 -3.67
N LEU A 114 -13.03 1.92 -3.88
CA LEU A 114 -12.07 2.42 -2.89
C LEU A 114 -11.78 3.88 -3.15
N HIS A 115 -12.44 4.70 -2.35
CA HIS A 115 -12.19 6.13 -2.40
C HIS A 115 -11.01 6.40 -1.45
N VAL A 116 -10.02 7.10 -1.95
CA VAL A 116 -8.80 7.31 -1.17
C VAL A 116 -8.35 8.74 -1.43
N SER A 117 -7.88 9.41 -0.40
CA SER A 117 -7.31 10.75 -0.58
C SER A 117 -6.14 10.81 0.34
N ALA A 118 -4.95 10.94 -0.23
CA ALA A 118 -3.81 11.06 0.67
C ALA A 118 -3.94 12.46 1.16
N LYS A 119 -3.57 12.70 2.40
CA LYS A 119 -3.56 14.07 2.89
C LYS A 119 -2.25 14.35 3.60
N ASP A 120 -1.53 15.33 3.09
CA ASP A 120 -0.29 15.72 3.76
C ASP A 120 -0.59 16.93 4.59
N LYS A 121 0.06 16.94 5.75
CA LYS A 121 -0.11 18.07 6.67
C LYS A 121 1.09 18.99 6.63
N ASN A 122 1.55 19.20 5.42
CA ASN A 122 2.62 20.16 5.16
C ASN A 122 1.95 21.32 4.43
N SER A 123 0.99 21.02 3.56
CA SER A 123 0.26 22.12 2.93
C SER A 123 -1.08 21.60 2.46
N GLY A 124 -1.43 20.38 2.84
CA GLY A 124 -2.66 19.82 2.31
C GLY A 124 -2.32 19.23 0.95
N LYS A 125 -1.11 18.72 0.86
CA LYS A 125 -0.70 18.09 -0.39
C LYS A 125 -1.51 16.80 -0.49
N GLU A 126 -2.45 16.70 -1.42
CA GLU A 126 -3.31 15.51 -1.43
C GLU A 126 -3.33 14.78 -2.77
N GLN A 127 -3.79 13.53 -2.78
CA GLN A 127 -3.93 12.83 -4.06
C GLN A 127 -5.14 11.94 -3.98
N LYS A 128 -6.14 12.29 -4.77
CA LYS A 128 -7.42 11.58 -4.69
C LYS A 128 -7.56 10.53 -5.79
N ILE A 129 -7.97 9.34 -5.41
CA ILE A 129 -8.24 8.29 -6.40
C ILE A 129 -9.46 7.48 -5.97
N THR A 130 -10.34 7.33 -6.94
CA THR A 130 -11.54 6.49 -6.76
C THR A 130 -11.31 5.34 -7.71
N ILE A 131 -10.77 4.28 -7.14
CA ILE A 131 -10.37 3.13 -7.97
C ILE A 131 -11.32 1.96 -7.79
N LYS A 132 -11.63 1.29 -8.90
CA LYS A 132 -12.58 0.18 -8.90
C LYS A 132 -12.20 -0.95 -7.94
N ALA A 133 -13.05 -1.96 -7.88
CA ALA A 133 -12.82 -3.02 -6.91
C ALA A 133 -13.57 -4.28 -7.32
N SER A 134 -12.91 -5.10 -8.11
CA SER A 134 -13.55 -6.34 -8.55
C SER A 134 -13.36 -7.41 -7.48
N SER A 135 -14.07 -8.52 -7.60
CA SER A 135 -13.93 -9.57 -6.59
C SER A 135 -14.37 -10.91 -7.16
N GLY A 136 -13.77 -11.97 -6.66
CA GLY A 136 -14.18 -13.31 -7.12
C GLY A 136 -13.04 -14.29 -6.92
N LEU A 137 -11.86 -13.91 -7.38
CA LEU A 137 -10.73 -14.83 -7.30
C LEU A 137 -10.19 -14.83 -5.86
N ASN A 138 -9.29 -15.76 -5.55
CA ASN A 138 -8.81 -15.88 -4.18
C ASN A 138 -7.41 -15.27 -4.08
N GLU A 139 -6.95 -15.19 -2.84
CA GLU A 139 -5.69 -14.49 -2.58
C GLU A 139 -4.45 -15.26 -3.01
N ASP A 140 -4.56 -16.58 -3.14
CA ASP A 140 -3.41 -17.35 -3.63
C ASP A 140 -3.48 -17.46 -5.16
N GLU A 141 -4.59 -17.02 -5.75
CA GLU A 141 -4.68 -16.96 -7.22
C GLU A 141 -3.79 -15.81 -7.60
N ILE A 142 -3.92 -14.81 -6.76
CA ILE A 142 -3.04 -13.65 -6.85
C ILE A 142 -1.62 -14.21 -6.65
N GLN A 143 -1.36 -15.08 -5.67
CA GLN A 143 -0.03 -15.71 -5.57
C GLN A 143 0.37 -16.59 -6.78
N LYS A 144 -0.52 -16.94 -7.69
CA LYS A 144 -0.05 -17.64 -8.87
C LYS A 144 0.71 -16.60 -9.68
N MET A 145 0.03 -15.46 -9.83
CA MET A 145 0.60 -14.36 -10.61
C MET A 145 1.90 -13.90 -9.98
N VAL A 146 1.78 -13.62 -8.70
CA VAL A 146 2.93 -13.13 -7.97
C VAL A 146 3.71 -14.23 -7.28
N ARG A 147 3.49 -15.47 -7.68
CA ARG A 147 4.29 -16.57 -7.19
C ARG A 147 5.45 -16.55 -8.18
N ASP A 148 5.07 -16.25 -9.42
CA ASP A 148 6.10 -16.04 -10.43
C ASP A 148 6.89 -14.80 -9.99
N ALA A 149 6.19 -13.73 -9.59
CA ALA A 149 6.94 -12.60 -9.01
C ALA A 149 7.20 -12.69 -7.49
N GLU A 150 7.08 -13.88 -6.90
CA GLU A 150 7.42 -14.03 -5.48
C GLU A 150 8.91 -14.27 -5.61
N ALA A 151 9.21 -15.08 -6.64
CA ALA A 151 10.60 -15.33 -7.01
C ALA A 151 11.24 -14.04 -7.52
N ASN A 152 10.50 -13.21 -8.26
CA ASN A 152 11.09 -11.92 -8.66
C ASN A 152 11.08 -10.87 -7.53
N ALA A 153 10.51 -11.18 -6.37
CA ALA A 153 10.61 -10.26 -5.23
C ALA A 153 12.01 -10.13 -4.64
N GLU A 154 12.96 -10.97 -5.05
CA GLU A 154 14.35 -10.79 -4.60
C GLU A 154 14.97 -9.64 -5.40
N ALA A 155 14.45 -9.38 -6.60
CA ALA A 155 14.92 -8.21 -7.35
C ALA A 155 14.30 -6.99 -6.66
N ASP A 156 13.08 -7.19 -6.17
CA ASP A 156 12.45 -6.13 -5.38
C ASP A 156 13.19 -5.90 -4.06
N ARG A 157 13.95 -6.88 -3.56
CA ARG A 157 14.77 -6.65 -2.37
C ARG A 157 15.92 -5.69 -2.69
N LYS A 158 16.37 -5.70 -3.95
CA LYS A 158 17.37 -4.71 -4.38
C LYS A 158 16.74 -3.33 -4.29
N PHE A 159 15.47 -3.24 -4.68
CA PHE A 159 14.78 -1.95 -4.50
C PHE A 159 14.52 -1.66 -3.00
N GLU A 160 14.51 -2.67 -2.13
CA GLU A 160 14.40 -2.40 -0.70
C GLU A 160 15.74 -1.91 -0.15
N GLU A 161 16.83 -2.17 -0.85
CA GLU A 161 18.11 -1.61 -0.41
C GLU A 161 18.08 -0.12 -0.74
N LEU A 162 17.41 0.22 -1.83
CA LEU A 162 17.21 1.63 -2.18
C LEU A 162 16.25 2.30 -1.19
N VAL A 163 15.35 1.54 -0.60
CA VAL A 163 14.42 2.14 0.37
C VAL A 163 15.16 2.29 1.70
N GLN A 164 15.34 1.18 2.43
CA GLN A 164 15.92 1.22 3.77
C GLN A 164 15.87 -0.22 4.25
N THR A 165 14.93 -0.93 3.65
CA THR A 165 14.75 -2.37 3.84
C THR A 165 13.97 -2.72 5.12
N ARG A 166 12.75 -3.15 4.79
CA ARG A 166 11.79 -3.68 5.76
C ARG A 166 11.70 -2.96 7.10
N ASN A 167 10.78 -2.02 7.16
CA ASN A 167 10.50 -1.34 8.43
C ASN A 167 9.01 -1.05 8.51
N GLN A 168 8.33 -1.84 9.33
CA GLN A 168 6.87 -1.72 9.42
C GLN A 168 6.46 -1.66 10.89
N GLY A 169 6.31 -0.44 11.39
CA GLY A 169 5.81 -0.27 12.77
C GLY A 169 4.75 0.81 12.79
N ASP A 170 5.00 1.84 13.58
CA ASP A 170 4.11 3.00 13.62
C ASP A 170 5.02 4.19 13.43
N HIS A 171 4.47 5.39 13.30
CA HIS A 171 5.28 6.59 13.02
C HIS A 171 5.82 6.49 11.59
N LEU A 172 6.97 5.88 11.41
CA LEU A 172 7.51 5.78 10.06
C LEU A 172 6.67 4.79 9.26
N LEU A 173 6.77 4.87 7.95
CA LEU A 173 6.03 3.92 7.12
C LEU A 173 6.82 3.69 5.83
N HIS A 174 6.73 4.59 4.86
CA HIS A 174 7.50 4.39 3.64
C HIS A 174 7.46 5.66 2.79
N SER A 175 8.62 6.11 2.35
CA SER A 175 8.63 7.25 1.42
C SER A 175 9.92 7.28 0.62
N THR A 176 9.84 6.92 -0.65
CA THR A 176 11.02 7.04 -1.50
C THR A 176 10.57 7.29 -2.93
N ARG A 177 11.17 8.28 -3.57
CA ARG A 177 10.80 8.57 -4.96
C ARG A 177 11.56 7.64 -5.87
N LYS A 178 10.93 7.24 -6.97
CA LYS A 178 11.63 6.39 -7.92
C LYS A 178 12.56 7.25 -8.75
N GLN A 179 13.85 7.02 -8.60
CA GLN A 179 14.85 7.81 -9.33
C GLN A 179 15.82 6.85 -10.01
N VAL A 180 15.61 6.59 -11.27
CA VAL A 180 16.52 5.70 -11.97
C VAL A 180 17.83 6.45 -12.25
N GLU A 181 18.93 5.80 -11.93
CA GLU A 181 20.25 6.40 -12.14
C GLU A 181 20.38 7.70 -11.35
N GLU A 182 20.91 7.60 -10.14
CA GLU A 182 21.04 8.82 -9.33
C GLU A 182 22.31 9.55 -9.76
N ALA A 183 23.43 8.86 -9.75
CA ALA A 183 24.67 9.52 -10.15
C ALA A 183 24.70 9.64 -11.67
N SER A 11 -7.03 -28.60 2.70
CA SER A 11 -6.65 -27.21 2.96
C SER A 11 -7.85 -26.31 2.72
N ILE A 12 -8.84 -26.44 3.59
CA ILE A 12 -10.00 -25.56 3.52
C ILE A 12 -9.75 -24.35 4.42
N GLU A 13 -8.72 -24.42 5.24
CA GLU A 13 -8.44 -23.30 6.12
C GLU A 13 -7.79 -22.18 5.32
N GLY A 14 -8.57 -21.21 4.90
CA GLY A 14 -7.99 -20.12 4.13
C GLY A 14 -7.32 -19.12 5.05
N ARG A 15 -6.04 -19.33 5.33
CA ARG A 15 -5.35 -18.41 6.24
C ARG A 15 -4.94 -17.17 5.47
N VAL A 16 -4.69 -17.35 4.18
CA VAL A 16 -4.25 -16.20 3.37
C VAL A 16 -5.47 -15.43 2.89
N LYS A 17 -6.62 -16.10 2.86
CA LYS A 17 -7.81 -15.43 2.33
C LYS A 17 -9.06 -16.04 2.96
N ASP A 18 -9.97 -15.18 3.37
CA ASP A 18 -11.24 -15.69 3.88
C ASP A 18 -12.29 -14.58 3.82
N VAL A 19 -13.04 -14.59 2.71
CA VAL A 19 -14.16 -13.66 2.55
C VAL A 19 -15.36 -14.55 2.28
N LEU A 20 -15.91 -15.09 3.37
CA LEU A 20 -17.13 -15.87 3.31
C LEU A 20 -17.96 -15.45 4.52
N LEU A 21 -18.15 -14.15 4.56
CA LEU A 21 -18.81 -13.43 5.65
C LEU A 21 -18.46 -12.09 5.03
N LEU A 22 -19.30 -11.67 4.12
CA LEU A 22 -19.01 -10.51 3.35
C LEU A 22 -20.19 -9.69 2.91
N ASP A 23 -19.74 -8.53 3.16
CA ASP A 23 -20.40 -7.29 2.77
C ASP A 23 -19.15 -6.46 2.94
N VAL A 24 -18.05 -7.20 2.92
CA VAL A 24 -16.73 -6.64 3.22
C VAL A 24 -15.75 -6.62 2.06
N THR A 25 -14.61 -5.97 2.30
CA THR A 25 -13.63 -5.79 1.24
C THR A 25 -13.02 -7.16 0.88
N PRO A 26 -12.37 -7.38 -0.26
CA PRO A 26 -12.20 -8.75 -0.73
C PRO A 26 -10.87 -9.43 -0.42
N LEU A 27 -9.86 -8.75 0.12
CA LEU A 27 -8.60 -9.46 0.37
C LEU A 27 -7.78 -8.65 1.36
N SER A 28 -7.46 -7.45 0.91
CA SER A 28 -6.61 -6.49 1.65
C SER A 28 -6.20 -5.38 0.69
N LEU A 29 -6.05 -4.16 1.22
CA LEU A 29 -5.79 -3.01 0.33
C LEU A 29 -4.93 -1.88 0.94
N GLY A 30 -3.59 -1.91 0.91
CA GLY A 30 -2.80 -0.79 1.43
C GLY A 30 -1.70 -0.20 0.60
N ILE A 31 -0.44 -0.37 0.97
CA ILE A 31 0.60 0.36 0.21
C ILE A 31 1.82 -0.57 0.15
N GLU A 32 2.61 -0.43 -0.91
CA GLU A 32 3.86 -1.18 -0.94
C GLU A 32 4.71 -0.53 0.15
N THR A 33 5.22 -1.32 1.10
CA THR A 33 5.92 -0.70 2.24
C THR A 33 7.23 -1.42 2.46
N MET A 34 8.03 -0.87 3.37
CA MET A 34 9.30 -1.45 3.86
C MET A 34 10.26 -2.17 2.89
N GLY A 35 10.30 -1.76 1.64
CA GLY A 35 11.25 -2.37 0.72
C GLY A 35 10.83 -3.74 0.21
N GLY A 36 9.77 -3.79 -0.58
CA GLY A 36 9.39 -5.08 -1.17
C GLY A 36 8.53 -5.85 -0.20
N VAL A 37 7.79 -5.09 0.59
CA VAL A 37 6.97 -5.66 1.66
C VAL A 37 5.59 -5.09 1.33
N MET A 38 4.53 -5.65 1.89
CA MET A 38 3.20 -5.08 1.66
C MET A 38 2.46 -5.02 2.98
N THR A 39 1.86 -3.87 3.24
CA THR A 39 1.03 -3.72 4.43
C THR A 39 -0.34 -3.29 3.96
N THR A 40 -1.39 -3.93 4.46
CA THR A 40 -2.73 -3.60 3.99
C THR A 40 -3.21 -2.34 4.67
N LEU A 41 -4.18 -1.64 4.09
CA LEU A 41 -4.53 -0.37 4.68
C LEU A 41 -5.73 -0.77 5.49
N ILE A 42 -6.62 -1.42 4.74
CA ILE A 42 -7.81 -2.00 5.37
C ILE A 42 -7.89 -3.41 4.80
N ALA A 43 -8.22 -4.32 5.68
CA ALA A 43 -8.23 -5.73 5.31
C ALA A 43 -9.62 -6.21 5.05
N LYS A 44 -9.69 -7.45 4.61
CA LYS A 44 -10.97 -8.13 4.42
C LYS A 44 -11.63 -8.24 5.81
N ASN A 45 -12.97 -8.31 5.87
CA ASN A 45 -13.70 -8.28 7.15
C ASN A 45 -13.98 -6.82 7.55
N THR A 46 -13.57 -5.86 6.72
CA THR A 46 -13.91 -4.45 6.97
C THR A 46 -15.10 -4.30 6.04
N THR A 47 -16.21 -3.90 6.63
CA THR A 47 -17.47 -3.89 5.92
C THR A 47 -17.79 -2.61 5.19
N ILE A 48 -17.99 -2.83 3.91
CA ILE A 48 -18.18 -1.71 3.01
C ILE A 48 -19.55 -1.07 3.26
N PRO A 49 -19.74 0.26 3.18
CA PRO A 49 -18.69 1.23 2.85
C PRO A 49 -17.86 1.51 4.09
N THR A 50 -16.57 1.50 3.88
CA THR A 50 -15.62 1.61 4.98
C THR A 50 -15.06 3.02 5.09
N LYS A 51 -14.51 3.22 6.26
CA LYS A 51 -13.84 4.48 6.56
C LYS A 51 -12.94 4.27 7.77
N HIS A 52 -11.66 4.57 7.62
CA HIS A 52 -10.78 4.51 8.79
C HIS A 52 -9.55 5.36 8.53
N SER A 53 -9.34 6.35 9.38
CA SER A 53 -8.18 7.21 9.19
C SER A 53 -6.92 6.55 9.73
N GLN A 54 -5.94 6.44 8.85
CA GLN A 54 -4.67 5.82 9.24
C GLN A 54 -3.55 6.80 8.97
N VAL A 55 -2.95 7.32 10.04
CA VAL A 55 -1.94 8.36 9.89
C VAL A 55 -0.52 7.83 10.09
N PHE A 56 0.28 8.07 9.06
CA PHE A 56 1.66 7.57 9.06
C PHE A 56 2.60 8.69 8.56
N SER A 57 3.76 8.30 8.06
CA SER A 57 4.68 9.29 7.50
C SER A 57 5.68 8.56 6.61
N THR A 58 6.74 9.23 6.19
CA THR A 58 7.69 8.57 5.28
C THR A 58 8.72 7.79 6.07
N ALA A 59 9.45 6.93 5.35
CA ALA A 59 10.40 6.03 6.00
C ALA A 59 11.83 6.39 5.65
N GLU A 60 11.99 6.92 4.44
CA GLU A 60 13.33 7.20 3.94
C GLU A 60 13.69 8.63 4.26
N ASP A 61 14.95 8.99 4.01
CA ASP A 61 15.35 10.37 4.20
C ASP A 61 14.88 11.20 3.02
N ASN A 62 13.67 11.72 3.16
CA ASN A 62 13.10 12.56 2.13
C ASN A 62 12.03 13.41 2.81
N GLN A 63 10.97 12.73 3.27
CA GLN A 63 9.76 13.37 3.85
C GLN A 63 9.38 14.53 2.96
N SER A 64 9.22 14.17 1.71
CA SER A 64 9.04 15.19 0.71
C SER A 64 8.44 14.48 -0.48
N ALA A 65 7.99 13.26 -0.22
CA ALA A 65 7.28 12.51 -1.25
C ALA A 65 6.57 11.31 -0.61
N VAL A 66 5.51 10.83 -1.23
CA VAL A 66 4.90 9.60 -0.75
C VAL A 66 4.27 8.97 -1.96
N THR A 67 4.74 7.76 -2.15
CA THR A 67 4.33 7.04 -3.34
C THR A 67 2.94 6.48 -3.11
N ILE A 68 2.06 6.74 -4.06
CA ILE A 68 0.68 6.26 -3.96
C ILE A 68 0.52 5.01 -4.81
N HIS A 69 1.32 4.01 -4.47
CA HIS A 69 1.22 2.70 -5.11
C HIS A 69 0.42 1.96 -4.06
N VAL A 70 -0.90 1.91 -4.24
CA VAL A 70 -1.70 1.34 -3.17
C VAL A 70 -1.64 -0.13 -3.57
N LEU A 71 -1.47 -1.05 -2.62
CA LEU A 71 -1.31 -2.46 -2.99
C LEU A 71 -2.42 -3.33 -2.47
N GLN A 72 -3.09 -3.88 -3.46
CA GLN A 72 -4.14 -4.87 -3.16
C GLN A 72 -3.49 -6.25 -3.15
N GLY A 73 -3.22 -6.74 -1.95
CA GLY A 73 -2.63 -8.06 -1.81
C GLY A 73 -2.97 -8.59 -0.42
N GLU A 74 -1.98 -8.92 0.40
CA GLU A 74 -2.27 -9.50 1.71
C GLU A 74 -1.44 -8.83 2.80
N ARG A 75 -0.23 -9.31 3.06
CA ARG A 75 0.55 -8.75 4.18
C ARG A 75 2.04 -8.95 3.88
N LYS A 76 2.80 -9.62 4.73
CA LYS A 76 4.24 -9.75 4.46
C LYS A 76 4.43 -10.78 3.36
N ARG A 77 5.70 -10.98 2.97
CA ARG A 77 6.01 -11.86 1.83
C ARG A 77 5.29 -11.25 0.65
N ALA A 78 5.97 -10.34 -0.03
CA ALA A 78 5.28 -9.60 -1.09
C ALA A 78 5.07 -10.35 -2.41
N ALA A 79 3.88 -10.96 -2.43
CA ALA A 79 3.34 -11.60 -3.64
C ALA A 79 1.95 -10.98 -3.58
N ASP A 80 1.97 -9.88 -2.86
CA ASP A 80 0.78 -9.11 -2.53
C ASP A 80 0.83 -7.84 -3.36
N ASN A 81 1.20 -8.02 -4.62
CA ASN A 81 1.41 -6.86 -5.48
C ASN A 81 0.29 -6.67 -6.48
N LYS A 82 -0.95 -6.82 -6.04
CA LYS A 82 -2.03 -6.52 -6.97
C LYS A 82 -2.06 -5.01 -7.08
N SER A 83 -2.20 -4.52 -8.29
CA SER A 83 -2.10 -3.08 -8.48
C SER A 83 -3.33 -2.41 -7.92
N LEU A 84 -3.09 -1.41 -7.09
CA LEU A 84 -4.16 -0.60 -6.57
C LEU A 84 -3.47 0.75 -6.76
N GLY A 85 -2.74 0.75 -7.86
CA GLY A 85 -2.13 1.98 -8.32
C GLY A 85 -0.62 2.08 -8.38
N GLN A 86 -0.18 3.22 -8.92
CA GLN A 86 1.24 3.54 -8.95
C GLN A 86 1.37 5.01 -9.35
N PHE A 87 1.33 5.90 -8.37
CA PHE A 87 1.50 7.33 -8.65
C PHE A 87 2.43 7.89 -7.57
N ASN A 88 2.66 9.19 -7.55
CA ASN A 88 3.52 9.74 -6.51
C ASN A 88 3.23 11.20 -6.16
N LEU A 89 3.10 11.46 -4.87
CA LEU A 89 2.95 12.85 -4.40
C LEU A 89 4.38 13.30 -4.14
N ASP A 90 4.73 14.50 -4.59
CA ASP A 90 6.10 14.98 -4.40
C ASP A 90 6.09 16.44 -4.00
N GLY A 91 7.15 16.85 -3.32
CA GLY A 91 7.21 18.21 -2.83
C GLY A 91 6.45 18.33 -1.51
N ILE A 92 7.01 17.80 -0.43
CA ILE A 92 6.37 18.00 0.89
C ILE A 92 7.50 18.58 1.73
N ASN A 93 8.28 19.39 1.04
CA ASN A 93 9.44 20.09 1.63
C ASN A 93 10.52 19.08 2.09
N PRO A 94 11.80 19.15 1.70
CA PRO A 94 12.83 18.28 2.28
C PRO A 94 12.90 18.47 3.78
N ALA A 95 12.47 17.47 4.53
CA ALA A 95 12.41 17.66 5.99
C ALA A 95 12.55 16.28 6.62
N PRO A 96 13.68 15.58 6.49
CA PRO A 96 13.57 14.25 5.94
C PRO A 96 13.30 13.21 7.03
N ARG A 97 12.93 12.01 6.61
CA ARG A 97 12.74 10.88 7.53
C ARG A 97 11.83 11.09 8.73
N GLY A 98 10.56 10.77 8.54
CA GLY A 98 9.62 10.81 9.67
C GLY A 98 9.35 12.17 10.28
N MET A 99 8.14 12.32 10.77
CA MET A 99 7.73 13.53 11.50
C MET A 99 6.86 13.18 12.72
N PRO A 100 5.64 12.64 12.75
CA PRO A 100 4.89 12.11 11.59
C PRO A 100 3.79 13.07 11.16
N GLN A 101 3.83 13.50 9.90
CA GLN A 101 2.85 14.48 9.41
C GLN A 101 2.22 14.09 8.07
N ILE A 102 1.76 12.85 7.91
CA ILE A 102 1.02 12.51 6.68
C ILE A 102 -0.17 11.67 7.11
N GLU A 103 -1.37 12.22 7.08
CA GLU A 103 -2.53 11.39 7.39
C GLU A 103 -2.98 10.75 6.08
N VAL A 104 -3.36 9.48 6.15
CA VAL A 104 -3.76 8.76 4.93
C VAL A 104 -5.12 8.15 5.23
N THR A 105 -6.16 8.80 4.74
CA THR A 105 -7.51 8.35 5.07
C THR A 105 -8.04 7.36 4.05
N PHE A 106 -8.39 6.18 4.53
CA PHE A 106 -8.91 5.15 3.63
C PHE A 106 -10.42 5.17 3.77
N ASP A 107 -11.12 5.34 2.66
CA ASP A 107 -12.56 5.28 2.71
C ASP A 107 -12.99 4.46 1.53
N ILE A 108 -13.47 3.23 1.72
CA ILE A 108 -13.90 2.53 0.52
C ILE A 108 -15.36 2.91 0.32
N ASP A 109 -15.79 3.00 -0.92
CA ASP A 109 -17.15 3.47 -1.17
C ASP A 109 -18.10 2.30 -1.20
N ALA A 110 -19.39 2.58 -1.30
CA ALA A 110 -20.36 1.49 -1.21
C ALA A 110 -20.50 0.78 -2.56
N ASP A 111 -20.09 1.43 -3.63
CA ASP A 111 -20.17 0.79 -4.94
C ASP A 111 -18.93 -0.07 -5.10
N GLY A 112 -17.85 0.34 -4.44
CA GLY A 112 -16.63 -0.47 -4.43
C GLY A 112 -15.45 0.29 -5.01
N ILE A 113 -15.57 1.61 -5.15
CA ILE A 113 -14.44 2.39 -5.65
C ILE A 113 -13.68 2.90 -4.44
N LEU A 114 -12.36 2.80 -4.49
CA LEU A 114 -11.57 3.18 -3.31
C LEU A 114 -11.31 4.67 -3.31
N HIS A 115 -11.95 5.29 -2.35
CA HIS A 115 -11.72 6.72 -2.11
C HIS A 115 -10.63 6.84 -1.06
N VAL A 116 -9.39 7.09 -1.48
CA VAL A 116 -8.30 7.23 -0.51
C VAL A 116 -7.51 8.50 -0.82
N SER A 117 -7.26 9.28 0.23
CA SER A 117 -6.63 10.59 0.04
C SER A 117 -5.43 10.65 0.95
N ALA A 118 -4.27 10.64 0.33
CA ALA A 118 -3.06 10.80 1.13
C ALA A 118 -2.91 12.29 1.32
N LYS A 119 -3.32 12.77 2.48
CA LYS A 119 -3.17 14.20 2.80
C LYS A 119 -1.90 14.37 3.59
N ASP A 120 -1.13 15.37 3.20
CA ASP A 120 0.11 15.64 3.93
C ASP A 120 -0.15 16.85 4.77
N LYS A 121 0.25 16.69 6.01
CA LYS A 121 0.02 17.79 6.97
C LYS A 121 1.16 18.81 7.02
N ASN A 122 1.89 18.99 5.94
CA ASN A 122 2.92 20.03 5.90
C ASN A 122 2.76 20.81 4.60
N SER A 123 1.52 20.96 4.13
CA SER A 123 1.23 21.79 2.94
C SER A 123 1.69 21.10 1.66
N GLY A 124 1.69 19.77 1.71
CA GLY A 124 1.97 19.01 0.48
C GLY A 124 0.57 18.64 0.04
N LYS A 125 -0.24 18.55 1.08
CA LYS A 125 -1.66 18.33 0.93
C LYS A 125 -1.95 16.97 0.31
N GLU A 126 -3.12 16.87 -0.30
CA GLU A 126 -3.57 15.56 -0.77
C GLU A 126 -3.62 15.20 -2.23
N GLN A 127 -3.73 13.89 -2.39
CA GLN A 127 -3.95 13.33 -3.71
C GLN A 127 -4.99 12.27 -3.49
N LYS A 128 -6.18 12.62 -3.94
CA LYS A 128 -7.33 11.76 -3.71
C LYS A 128 -7.59 10.98 -4.98
N ILE A 129 -7.80 9.68 -4.81
CA ILE A 129 -7.98 8.81 -5.97
C ILE A 129 -9.21 7.95 -5.79
N THR A 130 -9.67 7.55 -6.95
CA THR A 130 -10.91 6.77 -7.06
C THR A 130 -10.47 5.57 -7.86
N ILE A 131 -9.92 4.58 -7.15
CA ILE A 131 -9.33 3.44 -7.86
C ILE A 131 -10.10 2.13 -7.65
N LYS A 132 -10.27 1.42 -8.75
CA LYS A 132 -11.08 0.20 -8.73
C LYS A 132 -10.49 -0.89 -7.85
N ALA A 133 -11.20 -2.00 -7.81
CA ALA A 133 -10.80 -3.08 -6.93
C ALA A 133 -11.58 -4.32 -7.31
N SER A 134 -11.30 -4.84 -8.49
CA SER A 134 -12.10 -5.96 -8.98
C SER A 134 -11.79 -7.24 -8.20
N SER A 135 -12.56 -8.28 -8.47
CA SER A 135 -12.35 -9.54 -7.76
C SER A 135 -11.26 -10.33 -8.49
N GLY A 136 -11.35 -11.65 -8.43
CA GLY A 136 -10.34 -12.45 -9.11
C GLY A 136 -9.00 -12.35 -8.37
N LEU A 137 -9.01 -12.74 -7.11
CA LEU A 137 -7.80 -12.57 -6.31
C LEU A 137 -7.89 -13.49 -5.08
N ASN A 138 -7.01 -14.48 -5.04
CA ASN A 138 -7.08 -15.48 -3.96
C ASN A 138 -5.65 -15.83 -3.51
N GLU A 139 -5.52 -17.06 -3.02
CA GLU A 139 -4.26 -17.52 -2.43
C GLU A 139 -3.15 -17.79 -3.45
N ASP A 140 -3.43 -17.70 -4.74
CA ASP A 140 -2.37 -17.82 -5.73
C ASP A 140 -2.39 -16.60 -6.59
N GLU A 141 -2.86 -15.60 -5.86
CA GLU A 141 -2.78 -14.24 -6.36
C GLU A 141 -1.45 -14.09 -5.64
N ILE A 142 -1.48 -14.60 -4.41
CA ILE A 142 -0.25 -14.65 -3.62
C ILE A 142 0.69 -15.76 -4.17
N GLN A 143 0.45 -17.04 -4.01
CA GLN A 143 1.35 -18.08 -4.56
C GLN A 143 1.68 -17.99 -6.08
N LYS A 144 0.74 -17.47 -6.86
CA LYS A 144 0.97 -17.37 -8.30
C LYS A 144 1.90 -16.20 -8.52
N MET A 145 1.75 -15.17 -7.67
CA MET A 145 2.71 -14.08 -7.75
C MET A 145 3.86 -14.36 -6.79
N VAL A 146 3.98 -15.56 -6.22
CA VAL A 146 5.15 -15.90 -5.41
C VAL A 146 6.09 -16.39 -6.48
N ARG A 147 5.57 -17.01 -7.51
CA ARG A 147 6.50 -17.33 -8.57
C ARG A 147 6.88 -16.06 -9.28
N ASP A 148 5.93 -15.50 -10.03
CA ASP A 148 6.26 -14.32 -10.82
C ASP A 148 6.85 -13.22 -9.96
N ALA A 149 6.08 -12.80 -8.96
CA ALA A 149 6.57 -11.68 -8.16
C ALA A 149 7.27 -12.09 -6.87
N GLU A 150 7.38 -13.36 -6.41
CA GLU A 150 7.99 -13.45 -5.09
C GLU A 150 9.46 -13.53 -5.52
N ALA A 151 9.65 -14.15 -6.70
CA ALA A 151 10.98 -14.19 -7.29
C ALA A 151 11.37 -12.80 -7.78
N ASN A 152 10.41 -11.97 -8.22
CA ASN A 152 10.80 -10.58 -8.56
C ASN A 152 11.03 -9.72 -7.31
N ALA A 153 10.66 -10.21 -6.13
CA ALA A 153 10.99 -9.46 -4.90
C ALA A 153 12.51 -9.37 -4.64
N GLU A 154 13.33 -10.17 -5.30
CA GLU A 154 14.79 -10.01 -5.16
C GLU A 154 15.25 -8.74 -5.86
N ALA A 155 14.51 -8.28 -6.87
CA ALA A 155 14.82 -6.99 -7.47
C ALA A 155 14.33 -5.94 -6.47
N ASP A 156 13.26 -6.28 -5.75
CA ASP A 156 12.80 -5.39 -4.69
C ASP A 156 13.76 -5.40 -3.48
N ARG A 157 14.72 -6.32 -3.37
CA ARG A 157 15.69 -6.23 -2.27
C ARG A 157 16.65 -5.09 -2.59
N LYS A 158 16.88 -4.86 -3.88
CA LYS A 158 17.69 -3.71 -4.30
C LYS A 158 16.91 -2.44 -3.92
N PHE A 159 15.60 -2.49 -4.08
CA PHE A 159 14.76 -1.36 -3.62
C PHE A 159 14.64 -1.32 -2.08
N GLU A 160 15.04 -2.40 -1.40
CA GLU A 160 15.01 -2.44 0.06
C GLU A 160 16.28 -1.78 0.59
N GLU A 161 17.30 -1.71 -0.26
CA GLU A 161 18.50 -0.98 0.15
C GLU A 161 18.15 0.50 0.00
N LEU A 162 17.34 0.79 -1.01
CA LEU A 162 16.85 2.16 -1.19
C LEU A 162 15.92 2.56 -0.03
N VAL A 163 15.13 1.62 0.46
CA VAL A 163 14.29 1.95 1.61
C VAL A 163 15.17 2.15 2.84
N GLN A 164 15.88 1.10 3.27
CA GLN A 164 16.73 1.12 4.48
C GLN A 164 15.76 0.63 5.52
N THR A 165 15.29 -0.53 5.11
CA THR A 165 14.24 -1.32 5.77
C THR A 165 13.81 -0.95 7.18
N ARG A 166 12.52 -0.92 7.38
CA ARG A 166 11.99 -0.47 8.66
C ARG A 166 11.97 -1.58 9.70
N ASN A 167 11.09 -2.56 9.49
CA ASN A 167 10.90 -3.63 10.46
C ASN A 167 10.44 -3.04 11.80
N GLN A 168 11.33 -3.02 12.78
CA GLN A 168 10.93 -2.47 14.08
C GLN A 168 10.98 -0.95 14.03
N GLY A 169 9.83 -0.33 13.82
CA GLY A 169 9.81 1.13 13.84
C GLY A 169 8.40 1.61 14.18
N ASP A 170 7.60 1.82 13.15
CA ASP A 170 6.20 2.17 13.39
C ASP A 170 5.41 1.64 12.20
N HIS A 171 4.88 2.51 11.34
CA HIS A 171 4.22 2.01 10.13
C HIS A 171 4.52 3.03 9.04
N LEU A 172 5.79 3.37 8.92
CA LEU A 172 6.17 4.35 7.90
C LEU A 172 6.00 3.68 6.55
N LEU A 173 5.78 4.50 5.53
CA LEU A 173 5.57 3.96 4.18
C LEU A 173 6.92 4.01 3.46
N HIS A 174 7.01 4.82 2.42
CA HIS A 174 8.29 4.98 1.75
C HIS A 174 8.17 6.22 0.87
N SER A 175 9.21 6.53 0.11
CA SER A 175 9.15 7.77 -0.66
C SER A 175 10.21 7.80 -1.74
N THR A 176 10.15 6.84 -2.65
CA THR A 176 11.08 6.86 -3.79
C THR A 176 10.45 6.22 -5.00
N ARG A 177 10.67 6.83 -6.14
CA ARG A 177 10.19 6.20 -7.36
C ARG A 177 11.00 6.72 -8.53
N LYS A 178 11.99 5.96 -8.96
CA LYS A 178 12.79 6.42 -10.10
C LYS A 178 12.00 6.19 -11.38
N GLN A 179 11.84 7.25 -12.14
CA GLN A 179 11.08 7.09 -13.39
C GLN A 179 11.41 8.25 -14.31
N VAL A 180 12.52 8.14 -15.03
CA VAL A 180 12.88 9.23 -15.94
C VAL A 180 11.99 9.16 -17.17
N GLU A 181 11.71 10.31 -17.76
CA GLU A 181 10.87 10.31 -18.94
C GLU A 181 11.69 9.86 -20.13
N GLU A 182 12.94 10.31 -20.16
CA GLU A 182 13.84 9.93 -21.25
C GLU A 182 15.15 9.46 -20.64
N ALA A 183 15.88 8.66 -21.42
CA ALA A 183 17.17 8.13 -20.97
C ALA A 183 17.01 7.31 -19.69
N SER A 11 -0.37 -26.24 10.91
CA SER A 11 -0.59 -24.92 10.29
C SER A 11 -1.83 -24.98 9.41
N ILE A 12 -2.98 -25.12 10.06
CA ILE A 12 -4.24 -25.07 9.33
C ILE A 12 -4.77 -23.65 9.33
N GLU A 13 -4.16 -22.79 10.12
CA GLU A 13 -4.63 -21.41 10.17
C GLU A 13 -4.16 -20.70 8.91
N GLY A 14 -5.05 -19.94 8.29
CA GLY A 14 -4.67 -19.23 7.08
C GLY A 14 -5.90 -18.80 6.30
N ARG A 15 -6.04 -17.49 6.13
CA ARG A 15 -7.19 -16.97 5.38
C ARG A 15 -6.67 -15.93 4.40
N VAL A 16 -6.26 -16.40 3.23
CA VAL A 16 -5.74 -15.45 2.24
C VAL A 16 -6.91 -14.85 1.47
N LYS A 17 -8.03 -15.56 1.43
CA LYS A 17 -9.18 -15.04 0.68
C LYS A 17 -10.45 -15.65 1.25
N ASP A 18 -11.40 -14.79 1.60
CA ASP A 18 -12.66 -15.30 2.14
C ASP A 18 -13.68 -14.17 2.15
N VAL A 19 -14.55 -14.16 1.15
CA VAL A 19 -15.63 -13.16 1.11
C VAL A 19 -16.94 -13.95 1.16
N LEU A 20 -16.93 -14.99 1.97
CA LEU A 20 -18.07 -15.89 2.04
C LEU A 20 -19.14 -15.36 2.99
N LEU A 21 -18.78 -15.26 4.27
CA LEU A 21 -19.70 -14.70 5.27
C LEU A 21 -19.06 -13.41 5.77
N LEU A 22 -18.35 -12.81 4.83
CA LEU A 22 -17.65 -11.55 5.05
C LEU A 22 -17.95 -10.84 3.75
N ASP A 23 -18.86 -9.93 3.94
CA ASP A 23 -19.28 -9.01 2.87
C ASP A 23 -18.54 -7.73 3.18
N VAL A 24 -17.25 -7.84 2.92
CA VAL A 24 -16.29 -6.82 3.30
C VAL A 24 -15.48 -6.34 2.12
N THR A 25 -14.42 -5.60 2.42
CA THR A 25 -13.50 -5.17 1.37
C THR A 25 -12.88 -6.40 0.69
N PRO A 26 -12.37 -6.38 -0.55
CA PRO A 26 -12.16 -7.60 -1.33
C PRO A 26 -11.31 -8.73 -0.77
N LEU A 27 -10.20 -8.42 -0.16
CA LEU A 27 -9.30 -9.48 0.29
C LEU A 27 -8.38 -8.82 1.29
N SER A 28 -8.01 -7.62 0.86
CA SER A 28 -7.07 -6.75 1.56
C SER A 28 -6.50 -5.80 0.52
N LEU A 29 -6.36 -4.55 0.92
CA LEU A 29 -5.88 -3.56 -0.05
C LEU A 29 -5.25 -2.29 0.51
N GLY A 30 -3.92 -2.18 0.42
CA GLY A 30 -3.24 -0.95 0.81
C GLY A 30 -2.17 -0.39 -0.04
N ILE A 31 -0.93 -0.48 0.38
CA ILE A 31 0.11 0.20 -0.40
C ILE A 31 1.31 -0.74 -0.49
N GLU A 32 2.02 -0.65 -1.60
CA GLU A 32 3.27 -1.41 -1.71
C GLU A 32 4.20 -0.72 -0.73
N THR A 33 4.76 -1.45 0.23
CA THR A 33 5.56 -0.76 1.26
C THR A 33 6.99 -1.23 1.13
N MET A 34 7.92 -0.35 1.49
CA MET A 34 9.34 -0.71 1.47
C MET A 34 9.72 -1.22 0.08
N GLY A 35 10.73 -2.04 -0.03
CA GLY A 35 11.20 -2.47 -1.34
C GLY A 35 10.72 -3.88 -1.64
N GLY A 36 9.40 -4.01 -1.77
CA GLY A 36 8.83 -5.31 -2.16
C GLY A 36 8.13 -5.96 -1.00
N VAL A 37 7.53 -5.13 -0.14
CA VAL A 37 6.76 -5.63 0.99
C VAL A 37 5.33 -5.18 0.73
N MET A 38 4.34 -5.77 1.41
CA MET A 38 2.95 -5.35 1.19
C MET A 38 2.29 -5.11 2.53
N THR A 39 1.60 -3.98 2.63
CA THR A 39 0.82 -3.70 3.85
C THR A 39 -0.59 -3.33 3.42
N THR A 40 -1.55 -4.13 3.86
CA THR A 40 -2.92 -3.86 3.45
C THR A 40 -3.41 -2.62 4.15
N LEU A 41 -4.44 -1.97 3.60
CA LEU A 41 -4.84 -0.71 4.19
C LEU A 41 -6.16 -1.01 4.85
N ILE A 42 -7.00 -1.67 4.06
CA ILE A 42 -8.30 -2.09 4.58
C ILE A 42 -8.43 -3.58 4.34
N ALA A 43 -8.29 -4.34 5.40
CA ALA A 43 -8.35 -5.78 5.25
C ALA A 43 -9.80 -6.23 5.15
N LYS A 44 -9.94 -7.47 4.72
CA LYS A 44 -11.27 -8.08 4.70
C LYS A 44 -11.62 -8.25 6.18
N ASN A 45 -12.92 -8.24 6.55
CA ASN A 45 -13.39 -8.22 7.95
C ASN A 45 -13.81 -6.76 8.22
N THR A 46 -13.45 -5.86 7.31
CA THR A 46 -13.89 -4.46 7.38
C THR A 46 -15.06 -4.41 6.40
N THR A 47 -16.20 -4.13 6.98
CA THR A 47 -17.46 -4.20 6.25
C THR A 47 -17.81 -2.93 5.53
N ILE A 48 -18.17 -3.10 4.26
CA ILE A 48 -18.41 -1.90 3.46
C ILE A 48 -19.83 -1.39 3.78
N PRO A 49 -20.11 -0.09 3.90
CA PRO A 49 -19.16 1.01 3.66
C PRO A 49 -18.26 1.22 4.87
N THR A 50 -16.98 1.40 4.58
CA THR A 50 -15.98 1.55 5.63
C THR A 50 -15.49 2.97 5.62
N LYS A 51 -15.01 3.38 6.78
CA LYS A 51 -14.42 4.71 6.85
C LYS A 51 -13.57 4.85 8.12
N HIS A 52 -12.27 4.98 7.98
CA HIS A 52 -11.47 5.23 9.18
C HIS A 52 -10.12 5.87 8.81
N SER A 53 -9.71 6.86 9.58
CA SER A 53 -8.44 7.51 9.31
C SER A 53 -7.28 6.71 9.87
N GLN A 54 -6.42 6.33 8.94
CA GLN A 54 -5.19 5.63 9.32
C GLN A 54 -4.03 6.56 9.03
N VAL A 55 -3.55 7.22 10.06
CA VAL A 55 -2.50 8.22 9.86
C VAL A 55 -1.12 7.62 9.91
N PHE A 56 -0.39 7.92 8.85
CA PHE A 56 1.02 7.53 8.76
C PHE A 56 1.87 8.80 8.69
N SER A 57 3.17 8.58 8.58
CA SER A 57 4.11 9.68 8.61
C SER A 57 5.33 9.31 7.78
N THR A 58 6.49 9.85 8.16
CA THR A 58 7.70 9.64 7.37
C THR A 58 8.83 9.18 8.31
N ALA A 59 10.01 8.91 7.74
CA ALA A 59 11.10 8.35 8.54
C ALA A 59 12.37 9.21 8.58
N GLU A 60 12.85 9.67 7.43
CA GLU A 60 14.13 10.39 7.38
C GLU A 60 13.87 11.82 6.89
N ASP A 61 14.71 12.79 7.24
CA ASP A 61 14.42 14.18 6.89
C ASP A 61 14.82 14.58 5.46
N ASN A 62 14.27 13.90 4.47
CA ASN A 62 14.52 14.33 3.10
C ASN A 62 13.52 13.76 2.10
N GLN A 63 12.43 13.14 2.55
CA GLN A 63 11.54 12.48 1.59
C GLN A 63 10.23 12.08 2.26
N SER A 64 9.17 12.65 1.73
CA SER A 64 7.83 12.35 2.19
C SER A 64 7.11 11.86 0.96
N ALA A 65 7.91 11.44 0.02
CA ALA A 65 7.33 11.02 -1.22
C ALA A 65 6.76 9.66 -0.97
N VAL A 66 5.45 9.62 -0.98
CA VAL A 66 4.76 8.34 -0.86
C VAL A 66 4.52 7.96 -2.29
N THR A 67 4.78 6.71 -2.58
CA THR A 67 4.47 6.21 -3.91
C THR A 67 3.09 5.62 -3.72
N ILE A 68 2.12 6.20 -4.40
CA ILE A 68 0.73 5.79 -4.20
C ILE A 68 0.40 4.72 -5.23
N HIS A 69 0.96 3.55 -4.98
CA HIS A 69 0.67 2.36 -5.79
C HIS A 69 -0.19 1.65 -4.78
N VAL A 70 -1.51 1.62 -4.96
CA VAL A 70 -2.29 1.07 -3.88
C VAL A 70 -2.11 -0.42 -4.20
N LEU A 71 -1.93 -1.29 -3.22
CA LEU A 71 -1.63 -2.70 -3.52
C LEU A 71 -2.64 -3.67 -2.94
N GLN A 72 -3.35 -4.26 -3.88
CA GLN A 72 -4.35 -5.27 -3.55
C GLN A 72 -3.76 -6.67 -3.56
N GLY A 73 -3.46 -7.13 -2.36
CA GLY A 73 -3.00 -8.51 -2.17
C GLY A 73 -3.37 -8.87 -0.74
N GLU A 74 -2.51 -9.60 -0.03
CA GLU A 74 -2.82 -9.97 1.37
C GLU A 74 -1.98 -9.15 2.35
N ARG A 75 -0.85 -9.66 2.81
CA ARG A 75 -0.06 -8.97 3.84
C ARG A 75 1.25 -9.74 4.00
N LYS A 76 2.36 -9.01 3.94
CA LYS A 76 3.71 -9.60 4.01
C LYS A 76 4.00 -10.71 3.00
N ARG A 77 5.29 -10.83 2.65
CA ARG A 77 5.70 -11.77 1.60
C ARG A 77 4.98 -11.31 0.35
N ALA A 78 5.61 -10.42 -0.40
CA ALA A 78 4.89 -9.84 -1.53
C ALA A 78 4.73 -10.71 -2.78
N ALA A 79 3.57 -11.35 -2.77
CA ALA A 79 3.05 -12.12 -3.91
C ALA A 79 1.66 -11.52 -3.94
N ASP A 80 1.62 -10.45 -3.15
CA ASP A 80 0.41 -9.68 -2.85
C ASP A 80 0.48 -8.41 -3.66
N ASN A 81 0.87 -8.56 -4.91
CA ASN A 81 1.09 -7.41 -5.76
C ASN A 81 0.00 -7.24 -6.80
N LYS A 82 -1.25 -7.22 -6.36
CA LYS A 82 -2.32 -6.96 -7.32
C LYS A 82 -2.33 -5.46 -7.52
N SER A 83 -2.40 -5.04 -8.77
CA SER A 83 -2.29 -3.62 -9.02
C SER A 83 -3.57 -2.94 -8.58
N LEU A 84 -3.41 -1.94 -7.74
CA LEU A 84 -4.54 -1.15 -7.30
C LEU A 84 -3.89 0.21 -7.45
N GLY A 85 -2.99 0.27 -8.42
CA GLY A 85 -2.41 1.57 -8.74
C GLY A 85 -0.94 1.70 -9.05
N GLN A 86 -0.61 2.98 -9.25
CA GLN A 86 0.78 3.43 -9.44
C GLN A 86 0.71 4.95 -9.70
N PHE A 87 1.10 5.64 -8.66
CA PHE A 87 1.10 7.11 -8.69
C PHE A 87 2.22 7.56 -7.75
N ASN A 88 2.44 8.86 -7.63
CA ASN A 88 3.44 9.32 -6.65
C ASN A 88 3.14 10.73 -6.13
N LEU A 89 3.09 10.84 -4.81
CA LEU A 89 2.92 12.13 -4.16
C LEU A 89 4.34 12.52 -3.78
N ASP A 90 4.81 13.71 -4.12
CA ASP A 90 6.16 14.10 -3.72
C ASP A 90 6.29 15.61 -3.46
N GLY A 91 7.37 15.98 -2.79
CA GLY A 91 7.66 17.41 -2.61
C GLY A 91 7.17 18.01 -1.30
N ILE A 92 7.43 17.35 -0.18
CA ILE A 92 7.08 17.93 1.12
C ILE A 92 8.41 18.02 1.89
N ASN A 93 9.18 19.07 1.64
CA ASN A 93 10.52 19.14 2.25
C ASN A 93 11.04 20.58 2.16
N PRO A 94 12.03 21.10 2.91
CA PRO A 94 12.84 20.35 3.90
C PRO A 94 12.07 20.06 5.18
N ALA A 95 11.87 18.79 5.43
CA ALA A 95 11.01 18.37 6.55
C ALA A 95 11.06 16.89 7.02
N PRO A 96 11.08 15.79 6.23
CA PRO A 96 10.31 14.59 6.65
C PRO A 96 10.81 13.57 7.65
N ARG A 97 11.36 13.97 8.78
CA ARG A 97 11.72 12.97 9.78
C ARG A 97 10.59 12.89 10.80
N GLY A 98 9.51 12.22 10.43
CA GLY A 98 8.41 12.07 11.37
C GLY A 98 7.65 13.39 11.58
N MET A 99 6.34 13.27 11.73
CA MET A 99 5.52 14.46 12.04
C MET A 99 4.62 14.19 13.27
N PRO A 100 3.64 13.30 13.40
CA PRO A 100 3.17 12.33 12.38
C PRO A 100 1.79 12.74 11.87
N GLN A 101 1.73 13.60 10.85
CA GLN A 101 0.43 14.12 10.42
C GLN A 101 0.13 14.05 8.91
N ILE A 102 0.50 12.97 8.24
CA ILE A 102 0.09 12.81 6.84
C ILE A 102 -0.99 11.76 6.99
N GLU A 103 -2.22 12.23 7.14
CA GLU A 103 -3.28 11.27 7.40
C GLU A 103 -3.59 10.53 6.12
N VAL A 104 -3.59 9.22 6.21
CA VAL A 104 -3.92 8.40 5.04
C VAL A 104 -5.29 7.83 5.34
N THR A 105 -6.30 8.49 4.80
CA THR A 105 -7.66 8.08 5.15
C THR A 105 -8.17 6.99 4.22
N PHE A 106 -8.74 5.96 4.82
CA PHE A 106 -9.22 4.82 4.04
C PHE A 106 -10.74 4.84 4.14
N ASP A 107 -11.38 5.06 3.01
CA ASP A 107 -12.83 5.11 3.01
C ASP A 107 -13.35 4.35 1.82
N ILE A 108 -13.96 3.19 2.03
CA ILE A 108 -14.55 2.53 0.85
C ILE A 108 -16.02 2.91 0.88
N ASP A 109 -16.64 3.01 -0.29
CA ASP A 109 -18.03 3.46 -0.31
C ASP A 109 -18.92 2.22 -0.25
N ALA A 110 -20.23 2.41 -0.28
CA ALA A 110 -21.12 1.26 -0.14
C ALA A 110 -21.30 0.55 -1.50
N ASP A 111 -20.99 1.25 -2.57
CA ASP A 111 -21.15 0.64 -3.89
C ASP A 111 -19.92 -0.19 -4.22
N GLY A 112 -18.80 0.16 -3.58
CA GLY A 112 -17.58 -0.63 -3.77
C GLY A 112 -16.57 0.14 -4.59
N ILE A 113 -15.92 1.10 -3.95
CA ILE A 113 -14.86 1.82 -4.65
C ILE A 113 -13.92 2.35 -3.57
N LEU A 114 -12.63 2.23 -3.79
CA LEU A 114 -11.69 2.61 -2.73
C LEU A 114 -11.40 4.09 -2.83
N HIS A 115 -12.10 4.86 -2.00
CA HIS A 115 -11.80 6.30 -1.93
C HIS A 115 -10.75 6.49 -0.85
N VAL A 116 -9.49 6.60 -1.27
CA VAL A 116 -8.38 6.69 -0.33
C VAL A 116 -7.52 7.89 -0.72
N SER A 117 -7.16 8.70 0.27
CA SER A 117 -6.43 9.94 -0.02
C SER A 117 -5.31 10.09 0.96
N ALA A 118 -4.11 10.17 0.42
CA ALA A 118 -2.97 10.44 1.31
C ALA A 118 -2.97 11.94 1.41
N LYS A 119 -3.39 12.44 2.55
CA LYS A 119 -3.45 13.89 2.74
C LYS A 119 -2.30 14.32 3.64
N ASP A 120 -1.56 15.33 3.20
CA ASP A 120 -0.37 15.73 3.94
C ASP A 120 -0.63 16.95 4.79
N LYS A 121 0.20 17.04 5.80
CA LYS A 121 0.04 18.10 6.80
C LYS A 121 0.84 19.36 6.53
N ASN A 122 1.38 19.39 5.35
CA ASN A 122 2.30 20.49 5.01
C ASN A 122 1.60 21.51 4.15
N SER A 123 0.84 21.09 3.15
CA SER A 123 0.06 22.07 2.41
C SER A 123 -1.20 21.34 2.00
N GLY A 124 -1.36 20.13 2.51
CA GLY A 124 -2.49 19.36 2.05
C GLY A 124 -2.15 18.88 0.67
N LYS A 125 -0.90 18.46 0.53
CA LYS A 125 -0.51 17.87 -0.74
C LYS A 125 -1.20 16.53 -0.68
N GLU A 126 -2.14 16.26 -1.57
CA GLU A 126 -2.89 15.01 -1.42
C GLU A 126 -2.98 14.23 -2.72
N GLN A 127 -3.31 12.95 -2.62
CA GLN A 127 -3.53 12.19 -3.85
C GLN A 127 -4.64 11.24 -3.50
N LYS A 128 -5.81 11.71 -3.89
CA LYS A 128 -7.04 11.00 -3.55
C LYS A 128 -7.65 10.43 -4.80
N ILE A 129 -7.93 9.14 -4.71
CA ILE A 129 -8.47 8.44 -5.88
C ILE A 129 -9.55 7.45 -5.49
N THR A 130 -10.53 7.40 -6.37
CA THR A 130 -11.62 6.43 -6.24
C THR A 130 -11.26 5.39 -7.28
N ILE A 131 -10.53 4.39 -6.83
CA ILE A 131 -9.99 3.39 -7.75
C ILE A 131 -10.67 2.02 -7.64
N LYS A 132 -10.94 1.44 -8.79
CA LYS A 132 -11.57 0.12 -8.81
C LYS A 132 -10.63 -0.93 -8.25
N ALA A 133 -11.17 -2.14 -8.10
CA ALA A 133 -10.37 -3.24 -7.57
C ALA A 133 -10.66 -4.48 -8.42
N SER A 134 -11.44 -4.26 -9.46
CA SER A 134 -11.76 -5.33 -10.42
C SER A 134 -12.39 -6.54 -9.74
N SER A 135 -12.23 -7.70 -10.34
CA SER A 135 -12.80 -8.91 -9.74
C SER A 135 -11.95 -10.10 -10.14
N GLY A 136 -12.32 -11.27 -9.68
CA GLY A 136 -11.48 -12.44 -9.98
C GLY A 136 -10.18 -12.33 -9.20
N LEU A 137 -10.11 -13.02 -8.08
CA LEU A 137 -8.92 -12.88 -7.24
C LEU A 137 -8.84 -14.09 -6.31
N ASN A 138 -7.70 -14.76 -6.34
CA ASN A 138 -7.53 -15.99 -5.57
C ASN A 138 -6.23 -15.98 -4.79
N GLU A 139 -6.07 -16.98 -3.94
CA GLU A 139 -4.91 -17.01 -3.06
C GLU A 139 -3.63 -17.44 -3.77
N ASP A 140 -3.80 -18.13 -4.89
CA ASP A 140 -2.63 -18.49 -5.69
C ASP A 140 -2.70 -17.75 -7.01
N GLU A 141 -3.37 -16.62 -6.90
CA GLU A 141 -3.41 -15.66 -7.98
C GLU A 141 -2.24 -14.85 -7.44
N ILE A 142 -2.30 -14.77 -6.12
CA ILE A 142 -1.22 -14.17 -5.36
C ILE A 142 0.00 -15.08 -5.62
N GLN A 143 -0.07 -16.39 -5.45
CA GLN A 143 1.05 -17.31 -5.84
C GLN A 143 1.36 -17.37 -7.35
N LYS A 144 0.46 -16.89 -8.19
CA LYS A 144 0.79 -16.77 -9.62
C LYS A 144 1.80 -15.61 -9.66
N MET A 145 1.50 -14.65 -8.78
CA MET A 145 2.41 -13.54 -8.54
C MET A 145 3.52 -13.98 -7.56
N VAL A 146 3.59 -15.21 -7.03
CA VAL A 146 4.78 -15.61 -6.23
C VAL A 146 5.82 -15.85 -7.30
N ARG A 147 5.40 -16.35 -8.44
CA ARG A 147 6.40 -16.46 -9.48
C ARG A 147 6.78 -15.10 -9.99
N ASP A 148 5.90 -14.46 -10.75
CA ASP A 148 6.28 -13.18 -11.36
C ASP A 148 6.79 -12.20 -10.31
N ALA A 149 5.96 -11.98 -9.31
CA ALA A 149 6.32 -10.98 -8.30
C ALA A 149 6.95 -11.53 -7.02
N GLU A 150 7.04 -12.84 -6.70
CA GLU A 150 7.58 -13.10 -5.35
C GLU A 150 9.06 -13.16 -5.69
N ALA A 151 9.33 -13.66 -6.90
CA ALA A 151 10.72 -13.74 -7.37
C ALA A 151 11.20 -12.38 -7.84
N ASN A 152 10.32 -11.51 -8.36
CA ASN A 152 10.80 -10.16 -8.69
C ASN A 152 10.98 -9.31 -7.43
N ALA A 153 10.40 -9.72 -6.30
CA ALA A 153 10.66 -9.00 -5.04
C ALA A 153 12.12 -9.10 -4.59
N GLU A 154 12.89 -10.08 -5.05
CA GLU A 154 14.32 -10.12 -4.71
C GLU A 154 15.10 -9.04 -5.45
N ALA A 155 14.58 -8.56 -6.58
CA ALA A 155 15.23 -7.43 -7.26
C ALA A 155 14.80 -6.18 -6.49
N ASP A 156 13.62 -6.28 -5.89
CA ASP A 156 13.17 -5.19 -5.01
C ASP A 156 13.90 -5.25 -3.66
N ARG A 157 14.65 -6.30 -3.36
CA ARG A 157 15.46 -6.29 -2.14
C ARG A 157 16.64 -5.33 -2.35
N LYS A 158 17.12 -5.25 -3.59
CA LYS A 158 18.15 -4.26 -3.91
C LYS A 158 17.52 -2.88 -3.81
N PHE A 159 16.25 -2.78 -4.20
CA PHE A 159 15.53 -1.52 -4.01
C PHE A 159 15.12 -1.27 -2.53
N GLU A 160 15.30 -2.27 -1.67
CA GLU A 160 15.06 -2.13 -0.23
C GLU A 160 16.33 -1.65 0.42
N GLU A 161 17.44 -1.79 -0.29
CA GLU A 161 18.67 -1.21 0.23
C GLU A 161 18.49 0.29 -0.03
N LEU A 162 17.90 0.58 -1.17
CA LEU A 162 17.56 1.96 -1.49
C LEU A 162 16.39 2.53 -0.67
N VAL A 163 15.52 1.68 -0.13
CA VAL A 163 14.34 2.25 0.55
C VAL A 163 14.74 2.81 1.93
N GLN A 164 15.30 1.99 2.80
CA GLN A 164 15.58 2.42 4.19
C GLN A 164 16.05 1.15 4.88
N THR A 165 15.86 0.09 4.12
CA THR A 165 16.22 -1.26 4.55
C THR A 165 15.56 -1.73 5.83
N ARG A 166 14.40 -2.32 5.58
CA ARG A 166 13.62 -2.98 6.63
C ARG A 166 13.30 -2.10 7.82
N ASN A 167 12.18 -1.41 7.71
CA ASN A 167 11.71 -0.62 8.83
C ASN A 167 10.19 -0.53 8.76
N GLN A 168 9.54 -1.64 9.02
CA GLN A 168 8.08 -1.67 8.87
C GLN A 168 7.42 -1.14 10.13
N GLY A 169 7.09 0.15 10.11
CA GLY A 169 6.37 0.74 11.24
C GLY A 169 4.92 0.95 10.88
N ASP A 170 4.18 1.56 11.80
CA ASP A 170 2.78 1.91 11.53
C ASP A 170 2.69 3.43 11.49
N HIS A 171 3.84 4.03 11.23
CA HIS A 171 3.91 5.49 11.10
C HIS A 171 5.07 5.74 10.17
N LEU A 172 6.17 5.04 10.42
CA LEU A 172 7.31 5.16 9.52
C LEU A 172 7.03 4.22 8.35
N LEU A 173 6.40 4.77 7.32
CA LEU A 173 5.97 3.94 6.20
C LEU A 173 7.05 4.01 5.12
N HIS A 174 7.44 5.23 4.78
CA HIS A 174 8.47 5.46 3.77
C HIS A 174 8.13 4.93 2.39
N SER A 175 8.67 5.60 1.40
CA SER A 175 8.51 5.11 0.04
C SER A 175 9.49 5.86 -0.83
N THR A 176 10.23 5.10 -1.61
CA THR A 176 11.25 5.71 -2.49
C THR A 176 10.94 5.35 -3.93
N ARG A 177 10.85 6.36 -4.77
CA ARG A 177 10.50 6.10 -6.17
C ARG A 177 11.74 5.70 -6.95
N LYS A 178 11.56 4.93 -8.00
CA LYS A 178 12.71 4.51 -8.79
C LYS A 178 13.08 5.66 -9.73
N GLN A 179 14.32 6.12 -9.62
CA GLN A 179 14.73 7.21 -10.51
C GLN A 179 14.98 6.65 -11.90
N VAL A 180 14.76 7.47 -12.91
CA VAL A 180 14.99 6.99 -14.27
C VAL A 180 15.17 8.19 -15.20
N GLU A 181 16.21 8.14 -16.02
CA GLU A 181 16.44 9.27 -16.92
C GLU A 181 15.42 9.22 -18.05
N GLU A 182 15.29 10.33 -18.77
CA GLU A 182 14.33 10.35 -19.87
C GLU A 182 14.97 9.71 -21.08
N ALA A 183 16.12 10.21 -21.48
CA ALA A 183 16.78 9.63 -22.65
C ALA A 183 17.45 8.32 -22.25
N SER A 11 -16.36 -24.41 1.89
CA SER A 11 -15.27 -23.54 2.38
C SER A 11 -14.03 -24.40 2.64
N ILE A 12 -13.44 -24.86 1.55
CA ILE A 12 -12.17 -25.59 1.66
C ILE A 12 -11.03 -24.59 1.57
N GLU A 13 -11.34 -23.40 1.09
CA GLU A 13 -10.28 -22.39 0.98
C GLU A 13 -9.95 -21.89 2.38
N GLY A 14 -8.67 -21.75 2.66
CA GLY A 14 -8.28 -21.27 3.99
C GLY A 14 -6.80 -21.52 4.22
N ARG A 15 -5.98 -20.71 3.58
CA ARG A 15 -4.52 -20.84 3.75
C ARG A 15 -3.95 -19.47 4.04
N VAL A 16 -4.10 -18.56 3.09
CA VAL A 16 -3.57 -17.21 3.31
C VAL A 16 -4.47 -16.52 4.32
N LYS A 17 -5.73 -16.30 3.96
CA LYS A 17 -6.70 -15.74 4.92
C LYS A 17 -8.04 -16.42 4.74
N ASP A 18 -9.09 -15.77 5.20
CA ASP A 18 -10.41 -16.40 5.17
C ASP A 18 -11.50 -15.36 5.42
N VAL A 19 -12.11 -14.92 4.33
CA VAL A 19 -13.25 -13.99 4.42
C VAL A 19 -14.53 -14.84 4.33
N LEU A 20 -14.75 -15.62 5.39
CA LEU A 20 -15.84 -16.56 5.44
C LEU A 20 -17.02 -15.99 6.21
N LEU A 21 -16.76 -15.57 7.45
CA LEU A 21 -17.79 -14.98 8.30
C LEU A 21 -17.36 -13.54 8.51
N LEU A 22 -16.98 -12.95 7.40
CA LEU A 22 -16.46 -11.61 7.33
C LEU A 22 -17.10 -11.15 6.04
N ASP A 23 -18.04 -10.28 6.29
CA ASP A 23 -18.79 -9.60 5.21
C ASP A 23 -18.14 -8.24 4.99
N VAL A 24 -16.93 -8.35 4.49
CA VAL A 24 -16.04 -7.21 4.34
C VAL A 24 -15.45 -7.20 2.93
N THR A 25 -14.49 -6.30 2.71
CA THR A 25 -13.81 -6.33 1.40
C THR A 25 -12.80 -7.50 1.42
N PRO A 26 -12.39 -8.16 0.34
CA PRO A 26 -11.95 -9.55 0.48
C PRO A 26 -10.45 -9.86 0.55
N LEU A 27 -9.54 -8.90 0.49
CA LEU A 27 -8.10 -9.25 0.43
C LEU A 27 -7.35 -9.20 1.77
N SER A 28 -6.48 -8.21 1.98
CA SER A 28 -5.65 -8.18 3.18
C SER A 28 -5.09 -6.82 3.62
N LEU A 29 -5.50 -5.78 2.93
CA LEU A 29 -5.20 -4.38 3.30
C LEU A 29 -3.76 -3.93 3.11
N GLY A 30 -3.30 -3.08 2.19
CA GLY A 30 -1.91 -2.67 2.36
C GLY A 30 -1.31 -1.60 1.47
N ILE A 31 -0.33 -0.88 2.00
CA ILE A 31 0.45 0.07 1.15
C ILE A 31 1.79 -0.67 1.13
N GLU A 32 2.49 -0.68 0.00
CA GLU A 32 3.83 -1.25 0.02
C GLU A 32 4.65 -0.32 0.89
N THR A 33 5.37 -0.88 1.83
CA THR A 33 6.24 -0.08 2.69
C THR A 33 7.61 -0.70 2.61
N MET A 34 8.59 0.19 2.72
CA MET A 34 9.98 -0.24 2.61
C MET A 34 10.13 -0.85 1.22
N GLY A 35 11.03 -1.78 1.07
CA GLY A 35 11.30 -2.31 -0.28
C GLY A 35 10.11 -3.07 -0.84
N GLY A 36 9.91 -4.27 -0.32
CA GLY A 36 8.79 -5.09 -0.80
C GLY A 36 8.12 -5.71 0.40
N VAL A 37 7.71 -4.86 1.33
CA VAL A 37 7.10 -5.35 2.56
C VAL A 37 5.70 -4.77 2.59
N MET A 38 4.76 -5.42 3.25
CA MET A 38 3.38 -4.89 3.29
C MET A 38 2.92 -4.47 4.69
N THR A 39 2.45 -3.23 4.81
CA THR A 39 1.86 -2.77 6.09
C THR A 39 0.39 -2.62 5.70
N THR A 40 -0.57 -2.29 6.58
CA THR A 40 -1.98 -2.30 6.17
C THR A 40 -2.65 -1.01 5.70
N LEU A 41 -3.65 -1.19 4.80
CA LEU A 41 -4.49 -0.10 4.33
C LEU A 41 -6.00 -0.42 4.26
N ILE A 42 -6.55 -1.23 3.33
CA ILE A 42 -8.02 -1.49 3.37
C ILE A 42 -8.42 -2.82 2.71
N ALA A 43 -9.31 -3.58 3.37
CA ALA A 43 -9.68 -4.96 2.94
C ALA A 43 -10.55 -5.75 3.95
N LYS A 44 -10.14 -7.00 4.15
CA LYS A 44 -10.68 -7.95 5.12
C LYS A 44 -10.83 -7.31 6.49
N ASN A 45 -11.84 -7.68 7.30
CA ASN A 45 -12.06 -6.98 8.58
C ASN A 45 -12.42 -5.49 8.42
N THR A 46 -12.86 -5.10 7.22
CA THR A 46 -13.33 -3.74 7.00
C THR A 46 -14.64 -3.97 6.25
N THR A 47 -15.66 -3.76 7.03
CA THR A 47 -17.05 -4.04 6.62
C THR A 47 -17.52 -2.99 5.66
N ILE A 48 -17.94 -3.45 4.51
CA ILE A 48 -18.29 -2.49 3.47
C ILE A 48 -19.74 -1.99 3.67
N PRO A 49 -20.10 -0.73 3.40
CA PRO A 49 -19.20 0.32 2.92
C PRO A 49 -18.39 0.87 4.09
N THR A 50 -17.10 0.96 3.84
CA THR A 50 -16.17 1.35 4.88
C THR A 50 -15.83 2.83 4.78
N LYS A 51 -15.31 3.28 5.89
CA LYS A 51 -14.81 4.65 6.02
C LYS A 51 -13.93 4.73 7.26
N HIS A 52 -12.63 4.94 7.10
CA HIS A 52 -11.77 4.99 8.28
C HIS A 52 -10.46 5.70 7.94
N SER A 53 -9.96 6.47 8.89
CA SER A 53 -8.77 7.28 8.65
C SER A 53 -7.53 6.74 9.35
N GLN A 54 -6.49 6.44 8.59
CA GLN A 54 -5.23 6.04 9.27
C GLN A 54 -4.13 7.02 8.86
N VAL A 55 -3.61 7.70 9.87
CA VAL A 55 -2.62 8.76 9.61
C VAL A 55 -1.20 8.19 9.74
N PHE A 56 -0.44 8.47 8.70
CA PHE A 56 0.97 8.04 8.66
C PHE A 56 1.86 9.25 8.44
N SER A 57 3.14 8.98 8.20
CA SER A 57 4.11 10.07 8.08
C SER A 57 5.12 9.72 7.00
N THR A 58 6.22 10.45 6.98
CA THR A 58 7.29 10.11 6.03
C THR A 58 8.20 9.12 6.76
N ALA A 59 9.51 9.27 6.70
CA ALA A 59 10.35 8.29 7.40
C ALA A 59 11.77 8.78 7.65
N GLU A 60 12.41 9.35 6.62
CA GLU A 60 13.81 9.74 6.75
C GLU A 60 14.02 11.11 6.12
N ASP A 61 13.85 12.14 6.93
CA ASP A 61 14.13 13.51 6.49
C ASP A 61 13.28 13.97 5.31
N ASN A 62 13.45 15.25 5.02
CA ASN A 62 12.64 15.90 4.01
C ASN A 62 12.95 15.50 2.58
N GLN A 63 12.09 14.59 2.20
CA GLN A 63 12.02 14.10 0.83
C GLN A 63 10.54 14.37 0.72
N SER A 64 9.83 13.63 1.55
CA SER A 64 8.41 13.83 1.71
C SER A 64 7.70 13.66 0.38
N ALA A 65 7.59 12.38 0.09
CA ALA A 65 6.87 11.95 -1.10
C ALA A 65 6.09 10.71 -0.71
N VAL A 66 4.79 10.76 -0.86
CA VAL A 66 4.02 9.54 -0.61
C VAL A 66 4.12 8.87 -1.95
N THR A 67 4.12 7.56 -1.99
CA THR A 67 4.09 6.87 -3.27
C THR A 67 2.79 6.10 -3.21
N ILE A 68 1.99 6.21 -4.26
CA ILE A 68 0.65 5.60 -4.24
C ILE A 68 0.72 4.24 -4.96
N HIS A 69 1.59 3.44 -4.41
CA HIS A 69 1.85 2.04 -4.76
C HIS A 69 1.19 1.15 -3.74
N VAL A 70 -0.07 1.43 -3.54
CA VAL A 70 -0.75 0.73 -2.49
C VAL A 70 -0.98 -0.67 -3.03
N LEU A 71 -1.08 -1.54 -2.05
CA LEU A 71 -1.20 -2.97 -2.30
C LEU A 71 -2.45 -3.60 -1.68
N GLN A 72 -3.27 -4.09 -2.59
CA GLN A 72 -4.44 -4.88 -2.16
C GLN A 72 -4.06 -6.34 -2.47
N GLY A 73 -3.63 -7.14 -1.50
CA GLY A 73 -3.26 -8.53 -1.84
C GLY A 73 -3.35 -9.53 -0.70
N GLU A 74 -2.20 -10.11 -0.38
CA GLU A 74 -2.09 -11.06 0.74
C GLU A 74 -1.40 -10.30 1.87
N ARG A 75 -0.63 -10.94 2.74
CA ARG A 75 -0.04 -10.19 3.87
C ARG A 75 1.38 -10.65 4.18
N LYS A 76 2.29 -9.69 4.15
CA LYS A 76 3.71 -9.93 4.48
C LYS A 76 4.35 -10.88 3.47
N ARG A 77 5.55 -10.56 3.01
CA ARG A 77 6.11 -11.39 1.95
C ARG A 77 5.30 -10.91 0.76
N ALA A 78 5.78 -9.83 0.18
CA ALA A 78 4.99 -9.19 -0.87
C ALA A 78 5.00 -9.87 -2.23
N ALA A 79 3.92 -10.65 -2.32
CA ALA A 79 3.50 -11.31 -3.56
C ALA A 79 2.04 -10.89 -3.48
N ASP A 80 1.90 -9.77 -2.80
CA ASP A 80 0.61 -9.21 -2.43
C ASP A 80 0.28 -7.99 -3.25
N ASN A 81 0.51 -8.10 -4.55
CA ASN A 81 0.36 -6.92 -5.41
C ASN A 81 -0.88 -6.77 -6.27
N LYS A 82 -2.05 -6.79 -5.65
CA LYS A 82 -3.25 -6.49 -6.44
C LYS A 82 -3.13 -4.98 -6.55
N SER A 83 -3.68 -4.40 -7.60
CA SER A 83 -3.44 -2.97 -7.77
C SER A 83 -4.19 -2.06 -6.82
N LEU A 84 -3.40 -1.26 -6.10
CA LEU A 84 -3.96 -0.21 -5.26
C LEU A 84 -3.00 0.91 -5.68
N GLY A 85 -2.61 0.66 -6.92
CA GLY A 85 -1.84 1.60 -7.68
C GLY A 85 -0.34 1.48 -7.78
N GLN A 86 0.18 2.53 -8.42
CA GLN A 86 1.62 2.71 -8.54
C GLN A 86 1.85 4.11 -9.13
N PHE A 87 1.59 5.13 -8.33
CA PHE A 87 1.82 6.51 -8.79
C PHE A 87 2.65 7.21 -7.72
N ASN A 88 2.77 8.53 -7.77
CA ASN A 88 3.66 9.19 -6.79
C ASN A 88 3.28 10.62 -6.46
N LEU A 89 3.12 10.86 -5.16
CA LEU A 89 2.90 12.20 -4.64
C LEU A 89 4.30 12.68 -4.27
N ASP A 90 4.71 13.85 -4.74
CA ASP A 90 6.07 14.31 -4.42
C ASP A 90 6.06 15.81 -4.18
N GLY A 91 7.02 16.26 -3.39
CA GLY A 91 7.15 17.69 -3.17
C GLY A 91 6.23 18.13 -2.05
N ILE A 92 6.63 17.82 -0.82
CA ILE A 92 5.81 18.22 0.33
C ILE A 92 6.82 18.81 1.29
N ASN A 93 7.91 19.27 0.70
CA ASN A 93 9.02 19.76 1.50
C ASN A 93 8.90 21.28 1.68
N PRO A 94 9.43 21.92 2.72
CA PRO A 94 10.18 21.29 3.82
C PRO A 94 9.23 20.67 4.83
N ALA A 95 9.35 19.38 5.09
CA ALA A 95 8.49 18.80 6.13
C ALA A 95 9.16 17.52 6.61
N PRO A 96 10.18 17.52 7.47
CA PRO A 96 11.14 16.42 7.39
C PRO A 96 10.87 15.32 8.40
N ARG A 97 11.16 14.12 7.92
CA ARG A 97 11.08 12.93 8.75
C ARG A 97 9.69 12.71 9.35
N GLY A 98 9.51 11.73 10.22
CA GLY A 98 8.15 11.47 10.71
C GLY A 98 7.71 12.57 11.66
N MET A 99 6.39 12.76 11.75
CA MET A 99 5.85 13.84 12.60
C MET A 99 4.67 13.39 13.49
N PRO A 100 3.46 12.97 13.11
CA PRO A 100 3.05 12.60 11.74
C PRO A 100 2.40 13.78 11.02
N GLN A 101 2.70 13.91 9.73
CA GLN A 101 2.05 14.96 8.94
C GLN A 101 1.53 14.47 7.60
N ILE A 102 1.06 13.22 7.52
CA ILE A 102 0.42 12.78 6.28
C ILE A 102 -0.79 11.94 6.67
N GLU A 103 -1.97 12.53 6.69
CA GLU A 103 -3.15 11.70 6.95
C GLU A 103 -3.38 10.84 5.71
N VAL A 104 -3.75 9.57 5.90
CA VAL A 104 -4.02 8.73 4.74
C VAL A 104 -5.38 8.09 4.98
N THR A 105 -6.40 8.67 4.38
CA THR A 105 -7.74 8.19 4.66
C THR A 105 -8.09 7.08 3.68
N PHE A 106 -8.96 6.20 4.12
CA PHE A 106 -9.35 5.10 3.24
C PHE A 106 -10.82 4.83 3.43
N ASP A 107 -11.52 4.92 2.31
CA ASP A 107 -12.97 4.80 2.35
C ASP A 107 -13.30 3.95 1.16
N ILE A 108 -14.11 2.94 1.38
CA ILE A 108 -14.48 2.09 0.25
C ILE A 108 -16.00 2.27 0.19
N ASP A 109 -16.55 2.32 -1.01
CA ASP A 109 -17.98 2.61 -1.12
C ASP A 109 -18.71 1.28 -1.11
N ALA A 110 -20.02 1.32 -1.31
CA ALA A 110 -20.80 0.08 -1.24
C ALA A 110 -20.78 -0.67 -2.57
N ASP A 111 -20.21 -0.06 -3.60
CA ASP A 111 -20.07 -0.77 -4.86
C ASP A 111 -18.82 -1.62 -4.73
N GLY A 112 -17.75 -0.97 -4.31
CA GLY A 112 -16.52 -1.71 -4.04
C GLY A 112 -15.38 -0.91 -4.62
N ILE A 113 -15.62 0.39 -4.67
CA ILE A 113 -14.65 1.27 -5.32
C ILE A 113 -13.69 1.74 -4.23
N LEU A 114 -12.43 1.90 -4.58
CA LEU A 114 -11.42 2.23 -3.57
C LEU A 114 -11.15 3.73 -3.51
N HIS A 115 -11.92 4.40 -2.68
CA HIS A 115 -11.70 5.85 -2.54
C HIS A 115 -10.65 6.13 -1.47
N VAL A 116 -9.44 6.45 -1.89
CA VAL A 116 -8.34 6.67 -0.93
C VAL A 116 -7.67 8.00 -1.24
N SER A 117 -7.44 8.82 -0.21
CA SER A 117 -6.81 10.13 -0.44
C SER A 117 -5.62 10.26 0.48
N ALA A 118 -4.46 10.22 -0.13
CA ALA A 118 -3.26 10.47 0.67
C ALA A 118 -3.23 11.98 0.83
N LYS A 119 -3.70 12.43 1.98
CA LYS A 119 -3.82 13.86 2.22
C LYS A 119 -2.62 14.28 3.05
N ASP A 120 -1.93 15.33 2.65
CA ASP A 120 -0.76 15.72 3.44
C ASP A 120 -1.15 16.83 4.36
N LYS A 121 -0.60 16.69 5.56
CA LYS A 121 -0.76 17.73 6.58
C LYS A 121 0.40 18.73 6.50
N ASN A 122 0.57 19.32 5.33
CA ASN A 122 1.57 20.38 5.15
C ASN A 122 0.85 21.50 4.45
N SER A 123 0.14 21.19 3.38
CA SER A 123 -0.66 22.21 2.73
C SER A 123 -1.91 21.52 2.19
N GLY A 124 -2.13 20.27 2.57
CA GLY A 124 -3.27 19.59 1.98
C GLY A 124 -2.84 19.17 0.60
N LYS A 125 -1.61 18.71 0.51
CA LYS A 125 -1.15 18.18 -0.77
C LYS A 125 -1.77 16.80 -0.90
N GLU A 126 -2.90 16.71 -1.57
CA GLU A 126 -3.62 15.43 -1.60
C GLU A 126 -3.55 14.69 -2.93
N GLN A 127 -3.80 13.38 -2.91
CA GLN A 127 -3.86 12.66 -4.18
C GLN A 127 -4.91 11.59 -3.99
N LYS A 128 -6.01 11.80 -4.68
CA LYS A 128 -7.15 10.92 -4.52
C LYS A 128 -7.14 9.86 -5.62
N ILE A 129 -7.50 8.65 -5.22
CA ILE A 129 -7.61 7.55 -6.17
C ILE A 129 -8.99 6.95 -6.03
N THR A 130 -9.37 6.24 -7.08
CA THR A 130 -10.69 5.60 -7.12
C THR A 130 -10.43 4.34 -7.94
N ILE A 131 -9.85 3.36 -7.28
CA ILE A 131 -9.42 2.16 -8.01
C ILE A 131 -10.49 1.07 -8.00
N LYS A 132 -10.73 0.50 -9.18
CA LYS A 132 -11.80 -0.50 -9.27
C LYS A 132 -11.40 -1.77 -8.55
N ALA A 133 -12.29 -2.75 -8.56
CA ALA A 133 -12.02 -3.96 -7.80
C ALA A 133 -12.96 -5.07 -8.26
N SER A 134 -12.52 -5.87 -9.20
CA SER A 134 -13.41 -6.92 -9.73
C SER A 134 -13.44 -8.10 -8.78
N SER A 135 -14.52 -8.86 -8.85
CA SER A 135 -14.65 -10.02 -7.95
C SER A 135 -13.98 -11.23 -8.60
N GLY A 136 -14.12 -12.39 -7.99
CA GLY A 136 -13.48 -13.57 -8.56
C GLY A 136 -11.98 -13.49 -8.33
N LEU A 137 -11.54 -13.82 -7.13
CA LEU A 137 -10.12 -13.64 -6.83
C LEU A 137 -9.73 -14.42 -5.59
N ASN A 138 -8.57 -15.06 -5.64
CA ASN A 138 -8.06 -15.74 -4.45
C ASN A 138 -6.75 -15.05 -4.13
N GLU A 139 -6.27 -15.13 -2.90
CA GLU A 139 -5.08 -14.36 -2.55
C GLU A 139 -3.83 -14.95 -3.19
N ASP A 140 -3.81 -16.25 -3.41
CA ASP A 140 -2.63 -16.87 -4.04
C ASP A 140 -2.84 -16.86 -5.57
N GLU A 141 -4.05 -16.53 -6.02
CA GLU A 141 -4.25 -16.38 -7.47
C GLU A 141 -3.52 -15.09 -7.83
N ILE A 142 -3.68 -14.15 -6.92
CA ILE A 142 -2.94 -12.89 -7.00
C ILE A 142 -1.47 -13.26 -6.93
N GLN A 143 -1.05 -14.18 -6.05
CA GLN A 143 0.35 -14.63 -6.07
C GLN A 143 0.75 -15.30 -7.39
N LYS A 144 -0.12 -15.83 -8.23
CA LYS A 144 0.36 -16.35 -9.51
C LYS A 144 0.81 -15.17 -10.37
N MET A 145 0.01 -14.10 -10.30
CA MET A 145 0.38 -12.87 -11.01
C MET A 145 1.71 -12.37 -10.46
N VAL A 146 1.78 -12.35 -9.14
CA VAL A 146 3.03 -11.98 -8.52
C VAL A 146 3.94 -13.17 -8.20
N ARG A 147 3.79 -14.24 -8.94
CA ARG A 147 4.71 -15.38 -8.85
C ARG A 147 5.70 -14.96 -9.90
N ASP A 148 5.12 -14.42 -10.96
CA ASP A 148 5.95 -13.83 -12.00
C ASP A 148 6.69 -12.66 -11.37
N ALA A 149 5.98 -11.81 -10.62
CA ALA A 149 6.72 -10.77 -9.88
C ALA A 149 7.21 -11.18 -8.47
N GLU A 150 7.25 -12.48 -8.18
CA GLU A 150 7.81 -12.92 -6.89
C GLU A 150 9.28 -12.92 -7.28
N ALA A 151 9.49 -13.42 -8.50
CA ALA A 151 10.81 -13.39 -9.12
C ALA A 151 11.23 -11.95 -9.42
N ASN A 152 10.30 -11.06 -9.78
CA ASN A 152 10.71 -9.66 -9.95
C ASN A 152 10.97 -8.94 -8.62
N ALA A 153 10.66 -9.55 -7.47
CA ALA A 153 11.03 -8.94 -6.19
C ALA A 153 12.56 -8.89 -5.94
N GLU A 154 13.36 -9.54 -6.79
CA GLU A 154 14.82 -9.41 -6.67
C GLU A 154 15.22 -8.06 -7.24
N ALA A 155 14.41 -7.52 -8.14
CA ALA A 155 14.64 -6.15 -8.63
C ALA A 155 14.17 -5.23 -7.50
N ASP A 156 13.17 -5.69 -6.76
CA ASP A 156 12.75 -4.95 -5.58
C ASP A 156 13.85 -4.99 -4.50
N ARG A 157 14.79 -5.94 -4.55
CA ARG A 157 15.92 -5.91 -3.63
C ARG A 157 16.84 -4.73 -3.97
N LYS A 158 16.87 -4.32 -5.23
CA LYS A 158 17.61 -3.10 -5.60
C LYS A 158 16.90 -1.93 -4.96
N PHE A 159 15.57 -2.00 -4.89
CA PHE A 159 14.83 -0.96 -4.16
C PHE A 159 14.96 -1.14 -2.63
N GLU A 160 15.47 -2.28 -2.15
CA GLU A 160 15.72 -2.42 -0.71
C GLU A 160 17.03 -1.73 -0.39
N GLU A 161 17.90 -1.57 -1.38
CA GLU A 161 19.12 -0.79 -1.16
C GLU A 161 18.75 0.68 -1.22
N LEU A 162 17.72 0.99 -2.00
CA LEU A 162 17.22 2.36 -2.04
C LEU A 162 16.57 2.72 -0.71
N VAL A 163 15.89 1.76 -0.12
CA VAL A 163 15.16 2.04 1.12
C VAL A 163 16.14 2.10 2.28
N GLN A 164 16.83 0.99 2.49
CA GLN A 164 17.75 0.76 3.61
C GLN A 164 16.82 -0.01 4.52
N THR A 165 16.37 -1.09 3.88
CA THR A 165 15.34 -1.97 4.43
C THR A 165 15.45 -2.25 5.92
N ARG A 166 14.31 -2.58 6.52
CA ARG A 166 14.31 -2.74 7.97
C ARG A 166 13.15 -3.63 8.42
N ASN A 167 12.11 -3.70 7.61
CA ASN A 167 10.95 -4.56 7.89
C ASN A 167 10.21 -4.17 9.17
N GLN A 168 8.90 -4.11 9.05
CA GLN A 168 8.03 -3.79 10.19
C GLN A 168 8.34 -2.41 10.76
N GLY A 169 7.56 -1.43 10.34
CA GLY A 169 7.73 -0.09 10.90
C GLY A 169 6.39 0.64 10.91
N ASP A 170 5.76 0.68 12.07
CA ASP A 170 4.47 1.38 12.15
C ASP A 170 4.71 2.87 12.23
N HIS A 171 3.79 3.63 11.66
CA HIS A 171 3.93 5.09 11.63
C HIS A 171 5.18 5.55 10.88
N LEU A 172 5.50 4.87 9.80
CA LEU A 172 6.63 5.30 8.97
C LEU A 172 6.31 4.84 7.56
N LEU A 173 6.96 5.45 6.59
CA LEU A 173 6.70 5.06 5.20
C LEU A 173 7.92 5.47 4.39
N HIS A 174 8.85 4.55 4.23
CA HIS A 174 10.02 4.86 3.41
C HIS A 174 9.65 4.65 1.96
N SER A 175 9.12 5.71 1.36
CA SER A 175 8.61 5.62 0.00
C SER A 175 9.53 6.42 -0.90
N THR A 176 10.31 5.71 -1.71
CA THR A 176 11.30 6.39 -2.54
C THR A 176 11.44 5.60 -3.84
N ARG A 177 11.47 6.32 -4.96
CA ARG A 177 11.62 5.65 -6.24
C ARG A 177 12.28 6.60 -7.23
N LYS A 178 13.32 6.12 -7.88
CA LYS A 178 14.04 6.94 -8.86
C LYS A 178 14.31 6.10 -10.09
N GLN A 179 13.27 5.71 -10.80
CA GLN A 179 13.50 4.91 -12.00
C GLN A 179 13.98 5.82 -13.12
N VAL A 180 15.22 5.59 -13.54
CA VAL A 180 15.80 6.40 -14.62
C VAL A 180 16.26 5.43 -15.71
N GLU A 181 15.86 5.68 -16.94
CA GLU A 181 16.28 4.79 -18.01
C GLU A 181 17.76 4.96 -18.27
N GLU A 182 18.45 3.85 -18.43
CA GLU A 182 19.89 3.95 -18.69
C GLU A 182 20.35 2.66 -19.37
N ALA A 183 20.19 2.60 -20.68
CA ALA A 183 20.62 1.39 -21.37
C ALA A 183 22.14 1.32 -21.37
N SER A 11 -12.32 -23.72 10.37
CA SER A 11 -12.44 -22.88 9.17
C SER A 11 -11.30 -23.20 8.21
N ILE A 12 -11.37 -24.40 7.65
CA ILE A 12 -10.38 -24.78 6.64
C ILE A 12 -10.93 -24.44 5.26
N GLU A 13 -12.20 -24.09 5.21
CA GLU A 13 -12.77 -23.73 3.90
C GLU A 13 -12.33 -22.32 3.54
N GLY A 14 -11.30 -22.23 2.72
CA GLY A 14 -10.84 -20.89 2.35
C GLY A 14 -10.05 -20.28 3.50
N ARG A 15 -8.84 -19.83 3.19
CA ARG A 15 -7.99 -19.22 4.21
C ARG A 15 -7.49 -17.88 3.67
N VAL A 16 -6.86 -17.92 2.51
CA VAL A 16 -6.35 -16.67 1.96
C VAL A 16 -7.52 -15.88 1.38
N LYS A 17 -8.09 -16.39 0.29
CA LYS A 17 -9.19 -15.67 -0.33
C LYS A 17 -10.49 -15.95 0.42
N ASP A 18 -11.31 -14.93 0.59
CA ASP A 18 -12.59 -15.16 1.27
C ASP A 18 -13.52 -13.99 1.00
N VAL A 19 -14.17 -14.02 -0.16
CA VAL A 19 -15.18 -13.01 -0.49
C VAL A 19 -16.39 -13.79 -1.00
N LEU A 20 -17.21 -14.25 -0.09
CA LEU A 20 -18.43 -14.92 -0.49
C LEU A 20 -19.45 -14.79 0.64
N LEU A 21 -18.93 -14.79 1.86
CA LEU A 21 -19.79 -14.57 3.04
C LEU A 21 -19.18 -13.34 3.72
N LEU A 22 -18.44 -12.64 2.91
CA LEU A 22 -17.82 -11.38 3.29
C LEU A 22 -17.89 -10.60 2.01
N ASP A 23 -18.80 -9.66 2.07
CA ASP A 23 -18.99 -8.68 0.99
C ASP A 23 -18.30 -7.41 1.47
N VAL A 24 -16.99 -7.56 1.50
CA VAL A 24 -16.12 -6.54 2.08
C VAL A 24 -15.08 -6.07 1.09
N THR A 25 -14.13 -5.28 1.58
CA THR A 25 -13.02 -4.88 0.73
C THR A 25 -12.24 -6.16 0.34
N PRO A 26 -11.91 -6.49 -0.92
CA PRO A 26 -11.86 -7.91 -1.26
C PRO A 26 -10.50 -8.63 -1.23
N LEU A 27 -9.44 -8.08 -0.67
CA LEU A 27 -8.22 -8.90 -0.59
C LEU A 27 -7.29 -8.28 0.43
N SER A 28 -7.82 -7.25 1.07
CA SER A 28 -7.09 -6.42 2.01
C SER A 28 -6.23 -5.50 1.18
N LEU A 29 -6.34 -4.21 1.51
CA LEU A 29 -5.71 -3.20 0.66
C LEU A 29 -4.88 -2.09 1.34
N GLY A 30 -3.54 -2.11 1.33
CA GLY A 30 -2.75 -1.00 1.86
C GLY A 30 -1.57 -0.47 1.10
N ILE A 31 -0.36 -0.74 1.55
CA ILE A 31 0.79 -0.09 0.90
C ILE A 31 2.01 -1.03 0.90
N GLU A 32 2.80 -0.94 -0.14
CA GLU A 32 4.06 -1.69 -0.14
C GLU A 32 4.94 -1.09 0.96
N THR A 33 5.45 -1.90 1.89
CA THR A 33 6.19 -1.33 3.02
C THR A 33 7.66 -1.77 3.05
N MET A 34 8.42 -0.97 3.79
CA MET A 34 9.87 -1.14 3.85
C MET A 34 10.33 -2.51 4.32
N GLY A 35 11.01 -3.20 3.41
CA GLY A 35 11.63 -4.49 3.72
C GLY A 35 11.10 -5.60 2.80
N GLY A 36 10.27 -5.26 1.82
CA GLY A 36 9.68 -6.33 1.01
C GLY A 36 8.56 -6.90 1.85
N VAL A 37 7.76 -5.99 2.36
CA VAL A 37 6.70 -6.35 3.31
C VAL A 37 5.40 -5.79 2.77
N MET A 38 4.28 -6.38 3.15
CA MET A 38 2.99 -5.81 2.77
C MET A 38 2.25 -5.43 4.04
N THR A 39 1.75 -4.20 4.07
CA THR A 39 0.96 -3.75 5.23
C THR A 39 -0.41 -3.32 4.71
N THR A 40 -1.43 -4.04 5.11
CA THR A 40 -2.76 -3.77 4.59
C THR A 40 -3.26 -2.47 5.14
N LEU A 41 -4.24 -1.84 4.48
CA LEU A 41 -4.61 -0.52 4.97
C LEU A 41 -5.90 -0.84 5.68
N ILE A 42 -6.86 -1.23 4.84
CA ILE A 42 -8.14 -1.70 5.35
C ILE A 42 -8.10 -3.19 5.08
N ALA A 43 -9.10 -3.96 5.50
CA ALA A 43 -9.00 -5.40 5.34
C ALA A 43 -10.36 -6.02 5.09
N LYS A 44 -10.31 -7.31 4.79
CA LYS A 44 -11.56 -8.06 4.65
C LYS A 44 -12.20 -8.06 6.04
N ASN A 45 -13.53 -8.17 6.11
CA ASN A 45 -14.29 -8.03 7.37
C ASN A 45 -14.53 -6.53 7.59
N THR A 46 -14.38 -5.76 6.51
CA THR A 46 -14.69 -4.33 6.52
C THR A 46 -15.63 -4.19 5.33
N THR A 47 -16.87 -4.02 5.71
CA THR A 47 -17.98 -4.05 4.76
C THR A 47 -18.16 -2.75 4.02
N ILE A 48 -18.29 -2.88 2.71
CA ILE A 48 -18.35 -1.68 1.91
C ILE A 48 -19.77 -1.11 1.96
N PRO A 49 -20.02 0.20 2.15
CA PRO A 49 -19.01 1.25 2.18
C PRO A 49 -18.36 1.35 3.56
N THR A 50 -17.06 1.59 3.54
CA THR A 50 -16.25 1.61 4.76
C THR A 50 -15.65 2.99 4.94
N LYS A 51 -15.15 3.21 6.15
CA LYS A 51 -14.48 4.47 6.45
C LYS A 51 -13.50 4.21 7.59
N HIS A 52 -12.22 4.52 7.42
CA HIS A 52 -11.27 4.22 8.50
C HIS A 52 -10.00 5.08 8.32
N SER A 53 -9.41 5.48 9.45
CA SER A 53 -8.27 6.39 9.44
C SER A 53 -7.03 5.79 10.09
N GLN A 54 -5.88 5.96 9.43
CA GLN A 54 -4.61 5.54 10.05
C GLN A 54 -3.64 6.70 9.91
N VAL A 55 -2.45 6.59 10.47
CA VAL A 55 -1.52 7.71 10.41
C VAL A 55 -0.07 7.27 10.53
N PHE A 56 0.71 7.76 9.58
CA PHE A 56 2.14 7.42 9.52
C PHE A 56 2.95 8.71 9.43
N SER A 57 4.26 8.59 9.25
CA SER A 57 5.09 9.78 9.05
C SER A 57 6.12 9.45 7.98
N THR A 58 6.98 10.40 7.63
CA THR A 58 7.92 10.12 6.54
C THR A 58 9.14 9.40 7.16
N ALA A 59 10.27 9.29 6.46
CA ALA A 59 11.38 8.49 6.98
C ALA A 59 12.49 9.21 7.74
N GLU A 60 13.34 9.98 7.05
CA GLU A 60 14.49 10.58 7.75
C GLU A 60 14.96 11.93 7.22
N ASP A 61 15.17 12.03 5.92
CA ASP A 61 15.53 13.31 5.28
C ASP A 61 15.52 13.13 3.77
N ASN A 62 14.65 13.85 3.07
CA ASN A 62 14.65 13.75 1.62
C ASN A 62 14.11 14.97 0.89
N GLN A 63 12.79 15.03 0.69
CA GLN A 63 12.26 16.09 -0.14
C GLN A 63 10.76 16.18 0.00
N SER A 64 10.12 15.06 0.39
CA SER A 64 8.70 15.02 0.69
C SER A 64 7.90 14.57 -0.51
N ALA A 65 7.66 13.29 -0.46
CA ALA A 65 6.79 12.72 -1.47
C ALA A 65 6.31 11.34 -1.06
N VAL A 66 5.01 11.19 -0.94
CA VAL A 66 4.50 9.85 -0.71
C VAL A 66 4.33 9.43 -2.17
N THR A 67 4.51 8.14 -2.41
CA THR A 67 4.36 7.57 -3.74
C THR A 67 3.75 6.27 -3.28
N ILE A 68 2.52 6.00 -3.67
CA ILE A 68 1.85 4.84 -3.10
C ILE A 68 1.44 3.81 -4.12
N HIS A 69 2.01 2.64 -3.89
CA HIS A 69 1.61 1.47 -4.66
C HIS A 69 0.60 0.96 -3.64
N VAL A 70 -0.72 1.14 -3.88
CA VAL A 70 -1.60 0.77 -2.80
C VAL A 70 -1.58 -0.74 -3.02
N LEU A 71 -1.38 -1.55 -1.99
CA LEU A 71 -1.24 -3.00 -2.25
C LEU A 71 -2.47 -3.83 -1.92
N GLN A 72 -3.05 -4.39 -2.96
CA GLN A 72 -4.17 -5.32 -2.76
C GLN A 72 -3.59 -6.72 -2.60
N GLY A 73 -3.46 -7.12 -1.35
CA GLY A 73 -3.02 -8.48 -1.03
C GLY A 73 -3.19 -8.58 0.49
N GLU A 74 -2.80 -9.68 1.14
CA GLU A 74 -3.08 -9.80 2.58
C GLU A 74 -1.91 -10.32 3.41
N ARG A 75 -1.74 -9.70 4.57
CA ARG A 75 -0.75 -10.14 5.56
C ARG A 75 0.68 -10.00 5.05
N LYS A 76 1.61 -10.55 5.83
CA LYS A 76 3.03 -10.39 5.50
C LYS A 76 3.39 -11.35 4.37
N ARG A 77 4.69 -11.49 4.09
CA ARG A 77 5.15 -12.29 2.95
C ARG A 77 4.60 -11.58 1.71
N ALA A 78 5.47 -10.85 1.03
CA ALA A 78 4.98 -10.03 -0.08
C ALA A 78 4.71 -10.76 -1.41
N ALA A 79 3.56 -11.42 -1.44
CA ALA A 79 3.04 -12.04 -2.66
C ALA A 79 1.62 -11.51 -2.62
N ASP A 80 1.54 -10.47 -1.80
CA ASP A 80 0.33 -9.68 -1.63
C ASP A 80 0.52 -8.42 -2.48
N ASN A 81 1.06 -8.62 -3.68
CA ASN A 81 1.42 -7.50 -4.53
C ASN A 81 0.42 -7.34 -5.65
N LYS A 82 -0.84 -7.41 -5.32
CA LYS A 82 -1.83 -7.12 -6.35
C LYS A 82 -1.75 -5.62 -6.52
N SER A 83 -1.59 -5.19 -7.76
CA SER A 83 -1.37 -3.76 -7.96
C SER A 83 -2.68 -3.04 -7.71
N LEU A 84 -2.62 -2.07 -6.81
CA LEU A 84 -3.81 -1.32 -6.50
C LEU A 84 -3.12 0.04 -6.53
N GLY A 85 -2.19 0.20 -7.45
CA GLY A 85 -1.62 1.53 -7.58
C GLY A 85 -0.16 1.68 -7.92
N GLN A 86 0.27 2.95 -8.00
CA GLN A 86 1.70 3.27 -8.17
C GLN A 86 1.97 4.79 -8.21
N PHE A 87 1.37 5.57 -7.32
CA PHE A 87 1.69 7.01 -7.25
C PHE A 87 1.02 7.68 -6.05
N ASN A 88 1.50 8.86 -5.66
CA ASN A 88 0.82 9.63 -4.61
C ASN A 88 1.02 11.14 -4.70
N LEU A 89 1.64 11.58 -3.64
CA LEU A 89 1.81 13.02 -3.37
C LEU A 89 3.24 13.56 -3.42
N ASP A 90 3.36 14.81 -3.81
CA ASP A 90 4.66 15.49 -3.77
C ASP A 90 4.40 16.97 -3.50
N GLY A 91 4.14 17.35 -2.27
CA GLY A 91 3.79 18.76 -2.04
C GLY A 91 3.89 19.17 -0.57
N ILE A 92 4.98 18.74 0.07
CA ILE A 92 5.19 19.09 1.48
C ILE A 92 6.63 19.55 1.42
N ASN A 93 6.98 19.88 0.19
CA ASN A 93 8.37 20.19 -0.16
C ASN A 93 8.99 21.45 0.45
N PRO A 94 10.22 21.47 0.98
CA PRO A 94 10.95 20.29 1.46
C PRO A 94 10.30 19.92 2.79
N ALA A 95 10.26 18.67 3.22
CA ALA A 95 9.65 18.46 4.55
C ALA A 95 10.67 18.80 5.66
N PRO A 96 11.86 18.21 5.86
CA PRO A 96 12.35 17.00 5.19
C PRO A 96 11.76 15.82 5.90
N ARG A 97 12.15 14.63 5.48
CA ARG A 97 11.52 13.46 6.05
C ARG A 97 11.93 13.23 7.49
N GLY A 98 11.25 12.33 8.18
CA GLY A 98 11.63 12.02 9.56
C GLY A 98 10.93 12.90 10.59
N MET A 99 9.87 13.57 10.18
CA MET A 99 9.23 14.51 11.10
C MET A 99 7.74 14.91 10.90
N PRO A 100 7.07 15.14 9.77
CA PRO A 100 5.71 15.63 9.82
C PRO A 100 4.76 14.50 10.20
N GLN A 101 3.51 14.87 10.38
CA GLN A 101 2.49 13.87 10.74
C GLN A 101 1.57 13.70 9.54
N ILE A 102 1.76 12.62 8.81
CA ILE A 102 0.98 12.41 7.59
C ILE A 102 -0.10 11.40 7.91
N GLU A 103 -1.35 11.85 7.96
CA GLU A 103 -2.44 10.90 8.16
C GLU A 103 -2.87 10.36 6.81
N VAL A 104 -3.37 9.13 6.81
CA VAL A 104 -3.82 8.50 5.56
C VAL A 104 -5.21 7.95 5.85
N THR A 105 -6.23 8.64 5.34
CA THR A 105 -7.60 8.17 5.56
C THR A 105 -8.04 7.40 4.33
N PHE A 106 -8.86 6.38 4.56
CA PHE A 106 -9.23 5.51 3.45
C PHE A 106 -10.65 5.04 3.65
N ASP A 107 -11.48 5.56 2.77
CA ASP A 107 -12.90 5.25 2.78
C ASP A 107 -13.19 4.57 1.48
N ILE A 108 -13.76 3.38 1.52
CA ILE A 108 -14.12 2.77 0.23
C ILE A 108 -15.57 3.13 0.00
N ASP A 109 -15.99 3.17 -1.25
CA ASP A 109 -17.40 3.50 -1.52
C ASP A 109 -18.16 2.19 -1.59
N ALA A 110 -19.46 2.27 -1.85
CA ALA A 110 -20.25 1.05 -1.81
C ALA A 110 -20.16 0.31 -3.15
N ASP A 111 -19.72 1.00 -4.19
CA ASP A 111 -19.64 0.36 -5.50
C ASP A 111 -18.33 -0.39 -5.61
N GLY A 112 -17.30 0.14 -4.97
CA GLY A 112 -16.01 -0.55 -4.92
C GLY A 112 -14.89 0.31 -5.49
N ILE A 113 -14.49 1.32 -4.74
CA ILE A 113 -13.34 2.11 -5.18
C ILE A 113 -12.71 2.73 -3.95
N LEU A 114 -11.39 2.59 -3.82
CA LEU A 114 -10.74 3.07 -2.61
C LEU A 114 -10.46 4.55 -2.77
N HIS A 115 -11.27 5.28 -2.04
CA HIS A 115 -11.10 6.73 -1.98
C HIS A 115 -10.12 7.07 -0.85
N VAL A 116 -8.83 6.88 -1.12
CA VAL A 116 -7.82 7.11 -0.07
C VAL A 116 -7.10 8.44 -0.33
N SER A 117 -7.08 9.25 0.71
CA SER A 117 -6.46 10.58 0.61
C SER A 117 -5.30 10.58 1.56
N ALA A 118 -4.11 10.67 1.00
CA ALA A 118 -2.96 10.79 1.89
C ALA A 118 -2.91 12.27 2.21
N LYS A 119 -3.32 12.59 3.43
CA LYS A 119 -3.37 13.99 3.87
C LYS A 119 -2.12 14.26 4.69
N ASP A 120 -1.51 15.41 4.46
CA ASP A 120 -0.32 15.76 5.22
C ASP A 120 -0.77 16.77 6.23
N LYS A 121 -0.27 16.53 7.42
CA LYS A 121 -0.70 17.36 8.54
C LYS A 121 -0.05 18.74 8.59
N ASN A 122 0.95 19.02 7.75
CA ASN A 122 1.67 20.29 7.85
C ASN A 122 1.36 21.20 6.66
N SER A 123 0.12 21.16 6.15
CA SER A 123 -0.30 22.06 5.07
C SER A 123 0.36 21.63 3.76
N GLY A 124 0.56 20.32 3.66
CA GLY A 124 1.07 19.76 2.43
C GLY A 124 -0.21 19.25 1.79
N LYS A 125 -1.05 18.88 2.74
CA LYS A 125 -2.40 18.45 2.46
C LYS A 125 -2.46 17.14 1.72
N GLU A 126 -3.56 16.95 1.03
CA GLU A 126 -3.85 15.66 0.41
C GLU A 126 -3.86 15.50 -1.08
N GLN A 127 -3.79 14.22 -1.41
CA GLN A 127 -3.91 13.84 -2.81
C GLN A 127 -4.75 12.59 -2.77
N LYS A 128 -5.91 12.73 -3.37
CA LYS A 128 -6.89 11.66 -3.31
C LYS A 128 -6.77 10.79 -4.55
N ILE A 129 -6.97 9.51 -4.32
CA ILE A 129 -7.00 8.57 -5.43
C ILE A 129 -8.23 7.70 -5.27
N THR A 130 -8.66 7.26 -6.42
CA THR A 130 -9.90 6.50 -6.54
C THR A 130 -9.43 5.33 -7.38
N ILE A 131 -9.00 4.30 -6.69
CA ILE A 131 -8.40 3.20 -7.44
C ILE A 131 -9.41 2.28 -8.14
N LYS A 132 -9.06 1.86 -9.34
CA LYS A 132 -9.91 0.90 -10.04
C LYS A 132 -9.78 -0.44 -9.30
N ALA A 133 -10.90 -1.13 -9.13
CA ALA A 133 -10.86 -2.36 -8.34
C ALA A 133 -10.10 -3.45 -9.08
N SER A 134 -10.62 -3.84 -10.23
CA SER A 134 -10.02 -4.92 -11.04
C SER A 134 -10.04 -6.27 -10.32
N SER A 135 -10.39 -7.31 -11.06
CA SER A 135 -10.51 -8.63 -10.44
C SER A 135 -9.13 -9.28 -10.36
N GLY A 136 -9.08 -10.59 -10.49
CA GLY A 136 -7.79 -11.27 -10.40
C GLY A 136 -7.49 -11.63 -8.94
N LEU A 137 -8.25 -12.59 -8.43
CA LEU A 137 -8.10 -12.97 -7.02
C LEU A 137 -7.95 -14.48 -6.91
N ASN A 138 -6.87 -14.93 -6.32
CA ASN A 138 -6.74 -16.37 -6.10
C ASN A 138 -5.72 -16.61 -4.97
N GLU A 139 -5.86 -17.74 -4.29
CA GLU A 139 -5.01 -18.00 -3.13
C GLU A 139 -3.56 -18.31 -3.50
N ASP A 140 -3.32 -18.66 -4.76
CA ASP A 140 -1.94 -18.84 -5.23
C ASP A 140 -1.68 -17.85 -6.31
N GLU A 141 -2.46 -16.79 -6.13
CA GLU A 141 -2.22 -15.61 -6.90
C GLU A 141 -1.15 -15.23 -5.90
N ILE A 142 -1.55 -15.23 -4.62
CA ILE A 142 -0.57 -15.01 -3.57
C ILE A 142 0.42 -16.19 -3.41
N GLN A 143 0.08 -17.37 -2.93
CA GLN A 143 1.07 -18.48 -2.80
C GLN A 143 1.90 -18.86 -4.05
N LYS A 144 1.36 -18.68 -5.23
CA LYS A 144 2.14 -18.98 -6.45
C LYS A 144 3.12 -17.85 -6.66
N MET A 145 2.66 -16.65 -6.27
CA MET A 145 3.55 -15.52 -6.31
C MET A 145 4.44 -15.63 -5.09
N VAL A 146 4.21 -16.47 -4.08
CA VAL A 146 5.15 -16.58 -2.96
C VAL A 146 6.36 -17.31 -3.49
N ARG A 147 6.15 -18.29 -4.33
CA ARG A 147 7.36 -18.92 -4.82
C ARG A 147 8.10 -18.03 -5.77
N ASP A 148 7.56 -17.85 -6.97
CA ASP A 148 8.35 -17.10 -7.95
C ASP A 148 8.61 -15.70 -7.41
N ALA A 149 7.53 -15.06 -7.06
CA ALA A 149 7.65 -13.66 -6.76
C ALA A 149 7.82 -13.42 -5.27
N GLU A 150 7.75 -14.35 -4.32
CA GLU A 150 7.82 -13.79 -2.98
C GLU A 150 9.31 -13.95 -2.76
N ALA A 151 9.84 -15.00 -3.37
CA ALA A 151 11.28 -15.23 -3.24
C ALA A 151 12.08 -14.13 -3.92
N ASN A 152 11.67 -13.62 -5.08
CA ASN A 152 12.55 -12.66 -5.76
C ASN A 152 11.94 -11.34 -6.25
N ALA A 153 10.61 -11.17 -6.26
CA ALA A 153 10.05 -9.96 -6.87
C ALA A 153 10.50 -8.68 -6.19
N GLU A 154 9.96 -8.54 -5.01
CA GLU A 154 10.18 -7.31 -4.25
C GLU A 154 11.10 -7.69 -3.12
N ALA A 155 11.44 -8.97 -3.14
CA ALA A 155 12.44 -9.41 -2.19
C ALA A 155 13.69 -8.76 -2.75
N ASP A 156 13.98 -8.98 -4.03
CA ASP A 156 15.24 -8.44 -4.54
C ASP A 156 15.20 -7.03 -5.09
N ARG A 157 14.15 -6.66 -5.80
CA ARG A 157 14.18 -5.34 -6.44
C ARG A 157 13.59 -4.38 -5.45
N LYS A 158 12.71 -4.96 -4.66
CA LYS A 158 12.08 -4.21 -3.60
C LYS A 158 13.19 -3.82 -2.64
N PHE A 159 13.98 -4.78 -2.17
CA PHE A 159 14.94 -4.40 -1.14
C PHE A 159 16.03 -3.47 -1.66
N GLU A 160 16.61 -3.79 -2.80
CA GLU A 160 17.75 -3.00 -3.22
C GLU A 160 17.48 -1.58 -3.63
N GLU A 161 16.50 -1.33 -4.49
CA GLU A 161 16.32 0.03 -4.97
C GLU A 161 15.12 0.70 -4.33
N LEU A 162 14.27 -0.09 -3.70
CA LEU A 162 13.05 0.48 -3.16
C LEU A 162 13.09 0.48 -1.65
N VAL A 163 14.09 -0.15 -1.02
CA VAL A 163 14.18 -0.03 0.44
C VAL A 163 15.47 0.72 0.72
N GLN A 164 16.54 0.42 -0.05
CA GLN A 164 17.83 1.13 0.03
C GLN A 164 18.56 0.29 1.03
N THR A 165 18.19 -0.96 0.84
CA THR A 165 18.61 -2.10 1.64
C THR A 165 18.90 -1.80 3.12
N ARG A 166 17.94 -2.08 3.98
CA ARG A 166 18.10 -1.70 5.38
C ARG A 166 17.20 -2.47 6.35
N ASN A 167 15.99 -2.84 5.91
CA ASN A 167 15.04 -3.54 6.80
C ASN A 167 14.70 -2.75 8.06
N GLN A 168 13.48 -2.22 8.10
CA GLN A 168 13.00 -1.54 9.31
C GLN A 168 11.62 -2.09 9.67
N GLY A 169 10.57 -1.47 9.16
CA GLY A 169 9.24 -1.97 9.51
C GLY A 169 8.13 -1.03 9.04
N ASP A 170 7.54 -0.31 9.99
CA ASP A 170 6.38 0.54 9.68
C ASP A 170 6.68 1.93 10.23
N HIS A 171 5.67 2.81 10.18
CA HIS A 171 5.84 4.22 10.58
C HIS A 171 6.71 4.98 9.59
N LEU A 172 8.01 4.86 9.72
CA LEU A 172 8.92 5.46 8.74
C LEU A 172 8.67 4.78 7.40
N LEU A 173 8.48 5.57 6.35
CA LEU A 173 8.13 4.98 5.07
C LEU A 173 8.60 5.93 3.97
N HIS A 174 9.82 5.75 3.51
CA HIS A 174 10.29 6.59 2.41
C HIS A 174 9.57 6.13 1.15
N SER A 175 9.22 7.07 0.30
CA SER A 175 8.43 6.72 -0.88
C SER A 175 8.64 7.74 -1.98
N THR A 176 9.85 7.82 -2.50
CA THR A 176 10.10 8.84 -3.52
C THR A 176 9.55 8.38 -4.86
N ARG A 177 9.10 9.33 -5.66
CA ARG A 177 8.54 8.96 -6.96
C ARG A 177 9.69 8.80 -7.95
N LYS A 178 9.71 7.67 -8.64
CA LYS A 178 10.79 7.47 -9.61
C LYS A 178 10.51 8.33 -10.83
N GLN A 179 11.55 8.84 -11.45
CA GLN A 179 11.33 9.68 -12.62
C GLN A 179 12.64 9.78 -13.40
N VAL A 180 12.94 8.75 -14.16
CA VAL A 180 14.18 8.79 -14.94
C VAL A 180 13.95 9.70 -16.14
N GLU A 181 14.45 10.92 -16.06
CA GLU A 181 14.24 11.84 -17.18
C GLU A 181 15.21 11.47 -18.28
N GLU A 182 16.39 11.02 -17.91
CA GLU A 182 17.37 10.67 -18.93
C GLU A 182 17.06 9.26 -19.44
N ALA A 183 16.33 9.18 -20.53
CA ALA A 183 16.00 7.87 -21.07
C ALA A 183 15.58 8.01 -22.52
N SER A 11 -14.75 -25.52 11.60
CA SER A 11 -13.84 -25.35 10.46
C SER A 11 -14.12 -24.02 9.78
N ILE A 12 -13.77 -22.95 10.48
CA ILE A 12 -13.89 -21.62 9.89
C ILE A 12 -12.58 -21.29 9.18
N GLU A 13 -11.54 -22.05 9.48
CA GLU A 13 -10.27 -21.79 8.82
C GLU A 13 -10.33 -22.35 7.41
N GLY A 14 -10.58 -21.49 6.43
CA GLY A 14 -10.65 -21.97 5.06
C GLY A 14 -9.24 -22.14 4.50
N ARG A 15 -9.10 -21.94 3.21
CA ARG A 15 -7.77 -22.09 2.62
C ARG A 15 -6.97 -20.84 2.95
N VAL A 16 -6.50 -20.16 1.92
CA VAL A 16 -5.69 -18.95 2.15
C VAL A 16 -6.62 -17.73 2.18
N LYS A 17 -7.86 -17.92 1.75
CA LYS A 17 -8.79 -16.78 1.67
C LYS A 17 -10.21 -17.28 1.93
N ASP A 18 -11.01 -16.48 2.64
CA ASP A 18 -12.42 -16.83 2.83
C ASP A 18 -13.27 -15.58 2.81
N VAL A 19 -13.68 -15.16 1.61
CA VAL A 19 -14.60 -14.04 1.47
C VAL A 19 -15.92 -14.69 1.08
N LEU A 20 -16.54 -15.29 2.07
CA LEU A 20 -17.86 -15.87 1.88
C LEU A 20 -18.61 -15.76 3.20
N LEU A 21 -17.84 -15.60 4.27
CA LEU A 21 -18.44 -15.37 5.59
C LEU A 21 -17.80 -14.09 6.06
N LEU A 22 -17.32 -13.39 5.06
CA LEU A 22 -16.67 -12.09 5.20
C LEU A 22 -17.01 -11.46 3.87
N ASP A 23 -17.92 -10.53 3.98
CA ASP A 23 -18.32 -9.70 2.83
C ASP A 23 -17.67 -8.35 3.13
N VAL A 24 -16.35 -8.41 2.99
CA VAL A 24 -15.50 -7.30 3.38
C VAL A 24 -14.62 -6.83 2.24
N THR A 25 -13.70 -5.92 2.58
CA THR A 25 -12.70 -5.48 1.62
C THR A 25 -11.90 -6.74 1.30
N PRO A 26 -11.93 -7.36 0.12
CA PRO A 26 -11.88 -8.81 0.10
C PRO A 26 -10.50 -9.40 -0.23
N LEU A 27 -9.42 -8.95 0.40
CA LEU A 27 -8.16 -9.64 0.13
C LEU A 27 -7.19 -9.24 1.22
N SER A 28 -7.29 -7.93 1.48
CA SER A 28 -6.42 -7.16 2.37
C SER A 28 -5.66 -6.30 1.38
N LEU A 29 -5.59 -4.98 1.60
CA LEU A 29 -5.00 -4.14 0.54
C LEU A 29 -4.38 -2.76 0.91
N GLY A 30 -3.04 -2.64 0.90
CA GLY A 30 -2.37 -1.38 1.25
C GLY A 30 -1.13 -0.94 0.53
N ILE A 31 0.10 -1.23 0.91
CA ILE A 31 1.22 -0.61 0.16
C ILE A 31 2.41 -1.57 0.20
N GLU A 32 3.17 -1.60 -0.88
CA GLU A 32 4.40 -2.39 -0.88
C GLU A 32 5.33 -1.76 0.16
N THR A 33 5.84 -2.57 1.07
CA THR A 33 6.64 -2.01 2.18
C THR A 33 8.01 -2.67 2.31
N MET A 34 8.81 -2.01 3.14
CA MET A 34 10.23 -2.32 3.38
C MET A 34 10.71 -3.77 3.32
N GLY A 35 11.17 -4.20 2.17
CA GLY A 35 11.77 -5.54 2.07
C GLY A 35 10.86 -6.61 1.48
N GLY A 36 9.97 -6.26 0.57
CA GLY A 36 9.18 -7.31 -0.07
C GLY A 36 8.07 -7.68 0.89
N VAL A 37 7.42 -6.65 1.38
CA VAL A 37 6.40 -6.82 2.41
C VAL A 37 5.12 -6.22 1.85
N MET A 38 4.00 -6.66 2.37
CA MET A 38 2.72 -6.07 2.00
C MET A 38 2.07 -5.61 3.29
N THR A 39 2.05 -4.31 3.52
CA THR A 39 1.35 -3.79 4.70
C THR A 39 -0.06 -3.45 4.24
N THR A 40 -1.04 -4.22 4.68
CA THR A 40 -2.40 -3.99 4.20
C THR A 40 -2.92 -2.68 4.70
N LEU A 41 -3.88 -2.08 3.99
CA LEU A 41 -4.29 -0.75 4.40
C LEU A 41 -5.57 -1.05 5.14
N ILE A 42 -6.41 -1.79 4.40
CA ILE A 42 -7.72 -2.15 4.94
C ILE A 42 -7.81 -3.66 4.81
N ALA A 43 -7.68 -4.33 5.92
CA ALA A 43 -7.66 -5.79 5.85
C ALA A 43 -9.06 -6.32 5.69
N LYS A 44 -9.13 -7.62 5.49
CA LYS A 44 -10.44 -8.28 5.43
C LYS A 44 -10.98 -8.21 6.86
N ASN A 45 -12.31 -8.32 7.05
CA ASN A 45 -12.98 -8.13 8.36
C ASN A 45 -13.45 -6.66 8.44
N THR A 46 -13.09 -5.85 7.44
CA THR A 46 -13.60 -4.47 7.37
C THR A 46 -14.74 -4.59 6.37
N THR A 47 -15.93 -4.38 6.88
CA THR A 47 -17.15 -4.63 6.12
C THR A 47 -17.55 -3.45 5.27
N ILE A 48 -17.73 -3.71 3.99
CA ILE A 48 -18.00 -2.59 3.12
C ILE A 48 -19.43 -2.07 3.34
N PRO A 49 -19.72 -0.76 3.48
CA PRO A 49 -18.76 0.33 3.27
C PRO A 49 -17.90 0.55 4.51
N THR A 50 -16.72 1.08 4.27
CA THR A 50 -15.72 1.25 5.33
C THR A 50 -15.12 2.64 5.33
N LYS A 51 -14.47 2.90 6.44
CA LYS A 51 -13.73 4.16 6.58
C LYS A 51 -12.61 3.90 7.56
N HIS A 52 -11.38 4.29 7.22
CA HIS A 52 -10.27 3.96 8.10
C HIS A 52 -9.10 4.89 7.85
N SER A 53 -8.82 5.74 8.83
CA SER A 53 -7.70 6.67 8.70
C SER A 53 -6.43 6.04 9.25
N GLN A 54 -5.43 6.00 8.39
CA GLN A 54 -4.12 5.51 8.83
C GLN A 54 -3.08 6.55 8.45
N VAL A 55 -2.48 7.15 9.46
CA VAL A 55 -1.53 8.24 9.21
C VAL A 55 -0.12 7.69 9.12
N PHE A 56 0.55 8.09 8.04
CA PHE A 56 1.91 7.61 7.78
C PHE A 56 2.80 8.79 7.40
N SER A 57 4.05 8.48 7.13
CA SER A 57 4.96 9.50 6.65
C SER A 57 6.10 8.79 5.95
N THR A 58 7.27 9.42 5.83
CA THR A 58 8.41 8.72 5.21
C THR A 58 9.62 8.71 6.13
N ALA A 59 10.67 8.05 5.68
CA ALA A 59 11.93 8.06 6.44
C ALA A 59 12.77 9.22 5.94
N GLU A 60 12.88 9.35 4.63
CA GLU A 60 13.61 10.47 4.03
C GLU A 60 12.63 11.24 3.16
N ASP A 61 12.75 12.56 3.18
CA ASP A 61 11.79 13.43 2.48
C ASP A 61 10.40 13.13 3.02
N ASN A 62 10.03 13.80 4.10
CA ASN A 62 8.79 13.47 4.76
C ASN A 62 7.62 14.15 4.10
N GLN A 63 7.67 15.47 4.11
CA GLN A 63 6.67 16.22 3.39
C GLN A 63 7.33 16.55 2.08
N SER A 64 7.32 15.58 1.19
CA SER A 64 7.82 15.84 -0.15
C SER A 64 7.27 14.79 -1.10
N ALA A 65 7.21 13.53 -0.68
CA ALA A 65 6.57 12.55 -1.55
C ALA A 65 6.22 11.24 -0.86
N VAL A 66 5.31 10.49 -1.48
CA VAL A 66 5.00 9.16 -0.97
C VAL A 66 4.41 8.38 -2.12
N THR A 67 5.05 7.25 -2.32
CA THR A 67 4.68 6.40 -3.44
C THR A 67 3.43 5.62 -3.02
N ILE A 68 2.44 5.65 -3.89
CA ILE A 68 1.15 5.04 -3.55
C ILE A 68 0.96 3.82 -4.45
N HIS A 69 1.91 2.89 -4.40
CA HIS A 69 1.78 1.60 -5.12
C HIS A 69 1.02 0.79 -4.10
N VAL A 70 -0.29 0.71 -4.32
CA VAL A 70 -1.09 0.08 -3.30
C VAL A 70 -1.03 -1.42 -3.62
N LEU A 71 -0.85 -2.28 -2.62
CA LEU A 71 -0.81 -3.72 -2.91
C LEU A 71 -1.97 -4.49 -2.30
N GLN A 72 -2.76 -4.98 -3.22
CA GLN A 72 -3.90 -5.85 -2.88
C GLN A 72 -3.47 -7.32 -2.93
N GLY A 73 -3.18 -7.85 -1.75
CA GLY A 73 -2.88 -9.27 -1.63
C GLY A 73 -3.21 -9.69 -0.20
N GLU A 74 -2.21 -10.09 0.56
CA GLU A 74 -2.41 -10.49 1.96
C GLU A 74 -1.30 -9.86 2.81
N ARG A 75 -1.57 -9.64 4.09
CA ARG A 75 -0.54 -9.08 4.96
C ARG A 75 0.64 -10.02 5.10
N LYS A 76 1.84 -9.48 4.89
CA LYS A 76 3.09 -10.26 5.05
C LYS A 76 3.20 -11.45 4.12
N ARG A 77 4.44 -11.92 3.97
CA ARG A 77 4.75 -13.00 3.03
C ARG A 77 4.32 -12.55 1.65
N ALA A 78 5.11 -11.69 1.04
CA ALA A 78 4.69 -11.11 -0.24
C ALA A 78 4.74 -12.02 -1.46
N ALA A 79 3.53 -12.53 -1.67
CA ALA A 79 3.16 -13.29 -2.86
C ALA A 79 1.79 -12.62 -3.02
N ASP A 80 1.81 -11.40 -2.50
CA ASP A 80 0.64 -10.55 -2.35
C ASP A 80 0.67 -9.34 -3.26
N ASN A 81 1.00 -9.58 -4.51
CA ASN A 81 1.17 -8.45 -5.43
C ASN A 81 0.03 -8.20 -6.40
N LYS A 82 -1.18 -8.05 -5.88
CA LYS A 82 -2.28 -7.68 -6.74
C LYS A 82 -2.15 -6.18 -6.97
N SER A 83 -2.35 -5.77 -8.20
CA SER A 83 -2.13 -4.36 -8.50
C SER A 83 -3.22 -3.46 -7.96
N LEU A 84 -2.79 -2.49 -7.17
CA LEU A 84 -3.70 -1.47 -6.68
C LEU A 84 -2.83 -0.22 -6.94
N GLY A 85 -2.09 -0.43 -8.03
CA GLY A 85 -1.22 0.54 -8.71
C GLY A 85 -0.59 1.78 -8.07
N GLN A 86 0.37 2.32 -8.82
CA GLN A 86 1.19 3.42 -8.30
C GLN A 86 0.79 4.85 -8.68
N PHE A 87 0.75 5.69 -7.64
CA PHE A 87 0.52 7.12 -7.84
C PHE A 87 1.53 7.87 -6.96
N ASN A 88 2.46 8.55 -7.58
CA ASN A 88 3.53 9.20 -6.82
C ASN A 88 3.10 10.61 -6.50
N LEU A 89 2.88 10.89 -5.23
CA LEU A 89 2.52 12.26 -4.85
C LEU A 89 3.86 12.95 -4.68
N ASP A 90 4.03 14.14 -5.25
CA ASP A 90 5.35 14.79 -5.19
C ASP A 90 5.19 16.29 -4.99
N GLY A 91 6.21 16.89 -4.40
CA GLY A 91 6.19 18.34 -4.26
C GLY A 91 5.35 18.76 -3.07
N ILE A 92 5.80 18.45 -1.86
CA ILE A 92 5.10 18.92 -0.67
C ILE A 92 6.26 19.58 0.05
N ASN A 93 6.08 20.63 0.83
CA ASN A 93 7.26 21.28 1.43
C ASN A 93 6.84 22.11 2.64
N PRO A 94 7.64 22.43 3.67
CA PRO A 94 9.06 22.03 3.81
C PRO A 94 9.27 21.15 5.05
N ALA A 95 9.52 19.85 4.90
CA ALA A 95 9.82 19.07 6.10
C ALA A 95 10.56 17.80 5.67
N PRO A 96 11.87 17.77 5.49
CA PRO A 96 12.50 16.57 4.96
C PRO A 96 12.82 15.60 6.11
N ARG A 97 12.60 14.32 5.85
CA ARG A 97 12.97 13.27 6.82
C ARG A 97 12.34 13.36 8.22
N GLY A 98 11.45 12.42 8.50
CA GLY A 98 10.89 12.31 9.86
C GLY A 98 10.02 13.48 10.31
N MET A 99 8.72 13.24 10.50
CA MET A 99 7.85 14.29 11.05
C MET A 99 6.96 13.69 12.17
N PRO A 100 5.90 12.87 12.06
CA PRO A 100 5.35 12.29 10.82
C PRO A 100 4.14 13.13 10.38
N GLN A 101 4.08 13.55 9.11
CA GLN A 101 3.01 14.47 8.69
C GLN A 101 2.30 14.13 7.36
N ILE A 102 1.83 12.90 7.16
CA ILE A 102 1.03 12.61 5.96
C ILE A 102 -0.14 11.75 6.41
N GLU A 103 -1.30 12.32 6.68
CA GLU A 103 -2.44 11.47 7.04
C GLU A 103 -2.97 10.82 5.77
N VAL A 104 -3.15 9.51 5.79
CA VAL A 104 -3.56 8.81 4.57
C VAL A 104 -4.86 8.10 4.85
N THR A 105 -5.95 8.65 4.33
CA THR A 105 -7.25 8.08 4.64
C THR A 105 -7.65 7.06 3.58
N PHE A 106 -8.30 6.01 4.03
CA PHE A 106 -8.63 4.91 3.13
C PHE A 106 -10.04 4.46 3.48
N ASP A 107 -10.97 4.78 2.58
CA ASP A 107 -12.37 4.48 2.84
C ASP A 107 -12.93 3.86 1.58
N ILE A 108 -13.67 2.78 1.73
CA ILE A 108 -14.26 2.18 0.51
C ILE A 108 -15.72 2.63 0.49
N ASP A 109 -16.30 2.71 -0.68
CA ASP A 109 -17.69 3.14 -0.77
C ASP A 109 -18.54 1.88 -0.73
N ALA A 110 -19.85 2.02 -0.73
CA ALA A 110 -20.69 0.82 -0.62
C ALA A 110 -20.88 0.16 -1.98
N ASP A 111 -20.57 0.87 -3.05
CA ASP A 111 -20.74 0.28 -4.38
C ASP A 111 -19.50 -0.53 -4.70
N GLY A 112 -18.39 -0.15 -4.09
CA GLY A 112 -17.15 -0.93 -4.26
C GLY A 112 -16.12 -0.16 -5.06
N ILE A 113 -15.54 0.85 -4.43
CA ILE A 113 -14.46 1.58 -5.08
C ILE A 113 -13.57 2.09 -3.96
N LEU A 114 -12.27 1.96 -4.12
CA LEU A 114 -11.37 2.33 -3.03
C LEU A 114 -11.07 3.81 -3.10
N HIS A 115 -11.85 4.52 -2.31
CA HIS A 115 -11.76 5.98 -2.31
C HIS A 115 -10.75 6.42 -1.25
N VAL A 116 -9.56 6.84 -1.69
CA VAL A 116 -8.49 7.18 -0.74
C VAL A 116 -7.91 8.54 -1.10
N SER A 117 -7.55 9.32 -0.08
CA SER A 117 -6.88 10.60 -0.34
C SER A 117 -5.60 10.62 0.47
N ALA A 118 -4.48 10.63 -0.24
CA ALA A 118 -3.23 10.79 0.51
C ALA A 118 -3.23 12.26 0.80
N LYS A 119 -3.48 12.57 2.04
CA LYS A 119 -3.62 13.97 2.46
C LYS A 119 -2.41 14.36 3.28
N ASP A 120 -1.72 15.40 2.87
CA ASP A 120 -0.49 15.74 3.56
C ASP A 120 -0.78 16.81 4.56
N LYS A 121 -0.02 16.72 5.63
CA LYS A 121 -0.19 17.68 6.73
C LYS A 121 0.79 18.85 6.60
N ASN A 122 0.86 19.38 5.40
CA ASN A 122 1.65 20.57 5.12
C ASN A 122 0.62 21.66 4.89
N SER A 123 -0.34 21.36 4.02
CA SER A 123 -1.42 22.31 3.84
C SER A 123 -2.65 21.52 3.41
N GLY A 124 -2.61 20.20 3.55
CA GLY A 124 -3.75 19.44 3.06
C GLY A 124 -3.57 19.26 1.57
N LYS A 125 -2.32 19.16 1.16
CA LYS A 125 -2.08 18.93 -0.26
C LYS A 125 -2.45 17.47 -0.45
N GLU A 126 -3.36 17.14 -1.37
CA GLU A 126 -3.77 15.74 -1.45
C GLU A 126 -3.88 15.19 -2.86
N GLN A 127 -4.08 13.88 -2.96
CA GLN A 127 -4.32 13.30 -4.28
C GLN A 127 -5.30 12.17 -4.07
N LYS A 128 -6.47 12.36 -4.66
CA LYS A 128 -7.54 11.39 -4.43
C LYS A 128 -7.59 10.37 -5.55
N ILE A 129 -7.73 9.11 -5.16
CA ILE A 129 -7.92 8.04 -6.15
C ILE A 129 -9.19 7.29 -5.80
N THR A 130 -9.68 6.62 -6.83
CA THR A 130 -10.96 5.92 -6.74
C THR A 130 -10.74 4.74 -7.66
N ILE A 131 -10.09 3.74 -7.10
CA ILE A 131 -9.67 2.58 -7.92
C ILE A 131 -10.40 1.28 -7.60
N LYS A 132 -10.51 0.48 -8.64
CA LYS A 132 -11.27 -0.76 -8.56
C LYS A 132 -10.65 -1.74 -7.58
N ALA A 133 -11.52 -2.45 -6.87
CA ALA A 133 -11.07 -3.51 -5.97
C ALA A 133 -11.84 -4.76 -6.35
N SER A 134 -11.33 -5.48 -7.33
CA SER A 134 -12.06 -6.63 -7.84
C SER A 134 -12.16 -7.74 -6.80
N SER A 135 -12.89 -8.79 -7.13
CA SER A 135 -13.12 -9.83 -6.13
C SER A 135 -13.53 -11.13 -6.84
N GLY A 136 -13.64 -12.20 -6.09
CA GLY A 136 -14.13 -13.45 -6.68
C GLY A 136 -12.95 -14.31 -7.14
N LEU A 137 -11.94 -14.41 -6.30
CA LEU A 137 -10.78 -15.23 -6.68
C LEU A 137 -10.00 -15.57 -5.41
N ASN A 138 -9.15 -16.57 -5.46
CA ASN A 138 -8.47 -16.99 -4.24
C ASN A 138 -7.26 -16.12 -3.94
N GLU A 139 -6.80 -16.16 -2.70
CA GLU A 139 -5.60 -15.41 -2.36
C GLU A 139 -4.40 -16.17 -2.91
N ASP A 140 -4.53 -17.49 -2.93
CA ASP A 140 -3.47 -18.28 -3.55
C ASP A 140 -3.58 -18.24 -5.08
N GLU A 141 -4.69 -17.76 -5.65
CA GLU A 141 -4.75 -17.60 -7.12
C GLU A 141 -3.84 -16.42 -7.45
N ILE A 142 -3.91 -15.43 -6.56
CA ILE A 142 -3.01 -14.29 -6.66
C ILE A 142 -1.62 -14.88 -6.46
N GLN A 143 -1.41 -15.80 -5.51
CA GLN A 143 -0.11 -16.46 -5.42
C GLN A 143 0.25 -17.25 -6.68
N LYS A 144 -0.63 -17.67 -7.57
CA LYS A 144 -0.18 -18.32 -8.79
C LYS A 144 0.55 -17.30 -9.65
N MET A 145 -0.04 -16.11 -9.74
CA MET A 145 0.63 -15.10 -10.55
C MET A 145 1.93 -14.66 -9.88
N VAL A 146 1.88 -14.59 -8.55
CA VAL A 146 3.09 -14.30 -7.81
C VAL A 146 3.78 -15.56 -7.32
N ARG A 147 3.53 -16.67 -7.97
CA ARG A 147 4.26 -17.93 -7.71
C ARG A 147 5.38 -17.76 -8.68
N ASP A 148 4.96 -17.27 -9.83
CA ASP A 148 5.93 -16.91 -10.86
C ASP A 148 6.82 -15.82 -10.28
N ALA A 149 6.24 -14.80 -9.63
CA ALA A 149 7.12 -13.87 -8.90
C ALA A 149 7.49 -14.29 -7.46
N GLU A 150 7.19 -15.51 -7.03
CA GLU A 150 7.48 -15.87 -5.62
C GLU A 150 8.95 -16.21 -5.71
N ALA A 151 9.24 -16.93 -6.79
CA ALA A 151 10.62 -17.31 -7.08
C ALA A 151 11.35 -16.17 -7.78
N ASN A 152 10.63 -15.35 -8.56
CA ASN A 152 11.30 -14.23 -9.24
C ASN A 152 11.28 -12.93 -8.42
N ALA A 153 10.98 -13.04 -7.12
CA ALA A 153 11.08 -11.87 -6.23
C ALA A 153 12.54 -11.53 -5.86
N GLU A 154 13.51 -12.17 -6.49
CA GLU A 154 14.91 -11.80 -6.29
C GLU A 154 15.19 -10.66 -7.26
N ALA A 155 14.39 -10.60 -8.32
CA ALA A 155 14.47 -9.46 -9.24
C ALA A 155 13.61 -8.40 -8.58
N ASP A 156 12.61 -8.88 -7.84
CA ASP A 156 11.80 -7.97 -7.04
C ASP A 156 12.64 -7.41 -5.88
N ARG A 157 13.76 -8.05 -5.51
CA ARG A 157 14.65 -7.49 -4.50
C ARG A 157 15.35 -6.25 -5.07
N LYS A 158 15.53 -6.21 -6.39
CA LYS A 158 16.06 -4.99 -7.02
C LYS A 158 14.99 -3.92 -6.84
N PHE A 159 13.72 -4.32 -6.97
CA PHE A 159 12.65 -3.36 -6.66
C PHE A 159 12.53 -3.07 -5.15
N GLU A 160 13.14 -3.87 -4.27
CA GLU A 160 13.17 -3.57 -2.84
C GLU A 160 14.28 -2.57 -2.58
N GLU A 161 15.23 -2.46 -3.51
CA GLU A 161 16.23 -1.41 -3.36
C GLU A 161 15.47 -0.11 -3.66
N LEU A 162 14.55 -0.19 -4.61
CA LEU A 162 13.68 0.95 -4.88
C LEU A 162 12.68 1.16 -3.73
N VAL A 163 12.33 0.13 -2.96
CA VAL A 163 11.47 0.38 -1.80
C VAL A 163 12.37 1.13 -0.82
N GLN A 164 13.28 0.43 -0.16
CA GLN A 164 14.25 1.11 0.70
C GLN A 164 15.18 0.02 1.19
N THR A 165 14.59 -1.17 1.24
CA THR A 165 15.22 -2.37 1.78
C THR A 165 15.92 -2.14 3.12
N ARG A 166 15.20 -2.40 4.20
CA ARG A 166 15.81 -2.22 5.52
C ARG A 166 15.01 -2.96 6.58
N ASN A 167 13.72 -3.11 6.31
CA ASN A 167 12.81 -3.77 7.26
C ASN A 167 12.83 -3.11 8.64
N GLN A 168 12.22 -1.94 8.73
CA GLN A 168 12.17 -1.25 10.02
C GLN A 168 10.91 -1.66 10.77
N GLY A 169 9.78 -1.13 10.35
CA GLY A 169 8.53 -1.48 11.06
C GLY A 169 7.34 -0.82 10.41
N ASP A 170 6.75 0.14 11.12
CA ASP A 170 5.55 0.83 10.62
C ASP A 170 5.81 2.32 10.76
N HIS A 171 4.78 3.11 10.44
CA HIS A 171 4.87 4.58 10.50
C HIS A 171 5.74 5.15 9.39
N LEU A 172 7.05 5.11 9.59
CA LEU A 172 7.97 5.57 8.54
C LEU A 172 7.83 4.63 7.35
N LEU A 173 7.23 5.13 6.29
CA LEU A 173 6.96 4.26 5.14
C LEU A 173 8.17 4.33 4.21
N HIS A 174 8.04 4.96 3.05
CA HIS A 174 9.21 5.13 2.19
C HIS A 174 8.87 6.16 1.12
N SER A 175 9.90 6.70 0.48
CA SER A 175 9.63 7.61 -0.63
C SER A 175 10.91 7.79 -1.44
N THR A 176 10.90 7.29 -2.66
CA THR A 176 12.09 7.45 -3.50
C THR A 176 12.08 8.84 -4.10
N ARG A 177 13.26 9.37 -4.36
CA ARG A 177 13.34 10.72 -4.92
C ARG A 177 14.66 10.88 -5.65
N LYS A 178 14.59 11.01 -6.97
CA LYS A 178 15.83 11.21 -7.72
C LYS A 178 16.27 12.65 -7.57
N GLN A 179 17.54 12.85 -7.27
CA GLN A 179 18.04 14.22 -7.11
C GLN A 179 19.53 14.21 -7.38
N VAL A 180 19.90 14.03 -8.64
CA VAL A 180 21.32 13.99 -8.96
C VAL A 180 21.82 15.43 -8.99
N GLU A 181 22.90 15.68 -8.26
CA GLU A 181 23.43 17.04 -8.26
C GLU A 181 24.88 17.00 -7.76
N GLU A 182 25.81 16.94 -8.70
CA GLU A 182 27.21 16.88 -8.29
C GLU A 182 27.68 18.30 -8.00
N ALA A 183 28.02 18.56 -6.75
CA ALA A 183 28.49 19.90 -6.42
C ALA A 183 29.86 20.13 -7.02
N SER A 11 -13.69 -23.03 12.69
CA SER A 11 -13.23 -22.36 11.47
C SER A 11 -11.72 -22.47 11.37
N ILE A 12 -11.27 -23.67 11.05
CA ILE A 12 -9.85 -23.88 10.82
C ILE A 12 -9.60 -23.67 9.33
N GLU A 13 -10.66 -23.74 8.55
CA GLU A 13 -10.50 -23.54 7.12
C GLU A 13 -10.43 -22.04 6.83
N GLY A 14 -9.22 -21.51 6.80
CA GLY A 14 -9.09 -20.08 6.54
C GLY A 14 -7.74 -19.59 7.01
N ARG A 15 -7.07 -18.81 6.18
CA ARG A 15 -5.76 -18.30 6.58
C ARG A 15 -5.42 -17.09 5.73
N VAL A 16 -5.42 -17.27 4.42
CA VAL A 16 -5.08 -16.14 3.54
C VAL A 16 -6.35 -15.38 3.22
N LYS A 17 -7.49 -16.01 3.42
CA LYS A 17 -8.76 -15.32 3.18
C LYS A 17 -9.81 -15.88 4.11
N ASP A 18 -10.55 -15.00 4.77
CA ASP A 18 -11.53 -15.48 5.73
C ASP A 18 -12.47 -14.33 6.11
N VAL A 19 -13.59 -14.25 5.42
CA VAL A 19 -14.58 -13.25 5.80
C VAL A 19 -15.95 -13.74 5.35
N LEU A 20 -16.66 -14.33 6.30
CA LEU A 20 -17.94 -14.96 6.00
C LEU A 20 -19.12 -13.99 6.01
N LEU A 21 -18.89 -12.74 6.39
CA LEU A 21 -19.96 -11.74 6.38
C LEU A 21 -19.54 -10.75 5.32
N LEU A 22 -19.30 -11.30 4.15
CA LEU A 22 -18.77 -10.53 3.06
C LEU A 22 -19.81 -9.76 2.28
N ASP A 23 -19.62 -8.59 2.77
CA ASP A 23 -20.28 -7.39 2.27
C ASP A 23 -19.10 -6.46 2.46
N VAL A 24 -17.94 -7.10 2.33
CA VAL A 24 -16.66 -6.46 2.61
C VAL A 24 -15.78 -6.19 1.41
N THR A 25 -14.67 -5.52 1.70
CA THR A 25 -13.65 -5.29 0.67
C THR A 25 -13.16 -6.66 0.14
N PRO A 26 -12.62 -6.81 -1.07
CA PRO A 26 -12.78 -8.10 -1.75
C PRO A 26 -11.67 -9.11 -1.47
N LEU A 27 -10.58 -8.73 -0.83
CA LEU A 27 -9.48 -9.68 -0.68
C LEU A 27 -8.64 -9.25 0.52
N SER A 28 -8.23 -7.99 0.41
CA SER A 28 -7.41 -7.28 1.42
C SER A 28 -6.54 -6.34 0.61
N LEU A 29 -6.53 -5.08 0.99
CA LEU A 29 -5.79 -4.09 0.21
C LEU A 29 -4.46 -3.86 0.91
N GLY A 30 -3.70 -2.86 0.49
CA GLY A 30 -2.36 -2.64 1.03
C GLY A 30 -1.63 -1.53 0.36
N ILE A 31 -0.39 -1.49 0.75
CA ILE A 31 0.56 -0.58 0.11
C ILE A 31 1.81 -1.45 0.03
N GLU A 32 2.55 -1.30 -1.06
CA GLU A 32 3.82 -2.00 -1.17
C GLU A 32 4.75 -1.30 -0.20
N THR A 33 5.43 -2.03 0.68
CA THR A 33 6.24 -1.33 1.70
C THR A 33 7.58 -2.00 1.93
N MET A 34 8.48 -1.20 2.50
CA MET A 34 9.82 -1.62 2.95
C MET A 34 10.55 -2.78 2.24
N GLY A 35 10.54 -2.84 0.91
CA GLY A 35 11.32 -3.87 0.21
C GLY A 35 10.50 -5.03 -0.31
N GLY A 36 9.32 -4.80 -0.84
CA GLY A 36 8.55 -5.91 -1.39
C GLY A 36 7.90 -6.64 -0.23
N VAL A 37 7.24 -5.83 0.60
CA VAL A 37 6.64 -6.35 1.83
C VAL A 37 5.20 -5.86 1.79
N MET A 38 4.32 -6.57 2.47
CA MET A 38 2.90 -6.22 2.39
C MET A 38 2.39 -5.54 3.66
N THR A 39 1.89 -4.31 3.53
CA THR A 39 1.27 -3.65 4.69
C THR A 39 -0.18 -3.43 4.29
N THR A 40 -1.12 -4.14 4.90
CA THR A 40 -2.50 -4.04 4.42
C THR A 40 -3.15 -2.68 4.63
N LEU A 41 -4.14 -2.34 3.79
CA LEU A 41 -4.68 -0.99 3.82
C LEU A 41 -6.07 -1.00 4.46
N ILE A 42 -7.05 -1.48 3.69
CA ILE A 42 -8.41 -1.66 4.21
C ILE A 42 -8.73 -3.09 3.82
N ALA A 43 -8.24 -4.03 4.60
CA ALA A 43 -8.38 -5.44 4.24
C ALA A 43 -9.80 -5.96 4.32
N LYS A 44 -9.93 -7.24 3.98
CA LYS A 44 -11.21 -7.92 4.11
C LYS A 44 -11.60 -7.94 5.59
N ASN A 45 -12.92 -8.05 5.83
CA ASN A 45 -13.52 -7.96 7.18
C ASN A 45 -13.91 -6.52 7.47
N THR A 46 -13.58 -5.62 6.53
CA THR A 46 -14.02 -4.24 6.64
C THR A 46 -15.21 -4.19 5.70
N THR A 47 -16.34 -3.87 6.29
CA THR A 47 -17.63 -3.91 5.58
C THR A 47 -17.85 -2.60 4.91
N ILE A 48 -18.31 -2.73 3.68
CA ILE A 48 -18.42 -1.55 2.84
C ILE A 48 -19.76 -0.84 3.03
N PRO A 49 -19.90 0.49 2.85
CA PRO A 49 -18.80 1.39 2.49
C PRO A 49 -17.97 1.70 3.73
N THR A 50 -16.68 1.59 3.54
CA THR A 50 -15.74 1.73 4.66
C THR A 50 -15.26 3.15 4.75
N LYS A 51 -14.57 3.39 5.84
CA LYS A 51 -13.94 4.68 6.08
C LYS A 51 -12.64 4.36 6.79
N HIS A 52 -11.50 4.83 6.31
CA HIS A 52 -10.26 4.39 6.96
C HIS A 52 -9.11 5.33 6.66
N SER A 53 -8.44 5.65 7.75
CA SER A 53 -7.36 6.62 7.74
C SER A 53 -6.00 6.01 7.97
N GLN A 54 -5.14 5.99 6.95
CA GLN A 54 -3.87 5.28 7.20
C GLN A 54 -2.73 5.29 6.18
N VAL A 55 -1.52 5.66 6.58
CA VAL A 55 -0.34 5.51 5.71
C VAL A 55 0.87 5.65 6.61
N PHE A 56 0.61 6.53 7.57
CA PHE A 56 1.55 6.81 8.68
C PHE A 56 2.57 7.87 8.30
N SER A 57 3.68 7.50 7.70
CA SER A 57 4.69 8.52 7.38
C SER A 57 5.48 8.12 6.16
N THR A 58 6.17 9.08 5.56
CA THR A 58 7.05 8.72 4.46
C THR A 58 8.36 8.28 5.09
N ALA A 59 9.02 7.29 4.50
CA ALA A 59 10.21 6.76 5.15
C ALA A 59 11.42 7.67 4.98
N GLU A 60 11.74 8.02 3.74
CA GLU A 60 12.95 8.80 3.49
C GLU A 60 12.61 10.28 3.47
N ASP A 61 11.33 10.57 3.49
CA ASP A 61 10.87 11.95 3.54
C ASP A 61 10.04 12.16 4.81
N ASN A 62 9.88 13.41 5.23
CA ASN A 62 9.01 13.70 6.34
C ASN A 62 7.65 13.72 5.68
N GLN A 63 7.64 14.61 4.70
CA GLN A 63 6.44 14.87 3.94
C GLN A 63 6.96 15.36 2.61
N SER A 64 7.24 14.46 1.70
CA SER A 64 7.64 14.93 0.37
C SER A 64 7.29 13.93 -0.71
N ALA A 65 7.09 12.66 -0.39
CA ALA A 65 6.62 11.75 -1.44
C ALA A 65 6.11 10.40 -0.94
N VAL A 66 4.84 10.10 -1.19
CA VAL A 66 4.32 8.76 -0.87
C VAL A 66 4.03 8.17 -2.24
N THR A 67 4.76 7.12 -2.60
CA THR A 67 4.43 6.49 -3.87
C THR A 67 3.20 5.64 -3.60
N ILE A 68 2.10 6.05 -4.18
CA ILE A 68 0.82 5.38 -3.90
C ILE A 68 0.65 4.18 -4.83
N HIS A 69 1.32 3.11 -4.43
CA HIS A 69 1.17 1.84 -5.13
C HIS A 69 0.32 1.09 -4.13
N VAL A 70 -1.00 1.05 -4.36
CA VAL A 70 -1.82 0.44 -3.34
C VAL A 70 -1.67 -0.98 -3.82
N LEU A 71 -1.49 -1.89 -2.88
CA LEU A 71 -1.25 -3.27 -3.25
C LEU A 71 -2.43 -4.11 -2.82
N GLN A 72 -2.97 -4.82 -3.81
CA GLN A 72 -4.04 -5.78 -3.51
C GLN A 72 -3.48 -7.20 -3.43
N GLY A 73 -3.21 -7.63 -2.22
CA GLY A 73 -2.79 -9.01 -1.97
C GLY A 73 -2.96 -9.25 -0.48
N GLU A 74 -2.61 -10.43 0.06
CA GLU A 74 -2.88 -10.69 1.48
C GLU A 74 -1.72 -11.37 2.21
N ARG A 75 -1.16 -10.72 3.22
CA ARG A 75 -0.16 -11.41 4.02
C ARG A 75 1.27 -10.98 3.68
N LYS A 76 2.19 -11.14 4.62
CA LYS A 76 3.61 -10.87 4.33
C LYS A 76 4.13 -11.91 3.34
N ARG A 77 5.42 -11.81 3.00
CA ARG A 77 6.00 -12.66 1.95
C ARG A 77 5.22 -12.24 0.73
N ALA A 78 5.73 -11.23 0.07
CA ALA A 78 4.98 -10.63 -1.02
C ALA A 78 4.82 -11.43 -2.32
N ALA A 79 3.66 -12.11 -2.32
CA ALA A 79 3.15 -12.83 -3.50
C ALA A 79 1.77 -12.19 -3.53
N ASP A 80 1.74 -11.05 -2.87
CA ASP A 80 0.53 -10.28 -2.63
C ASP A 80 0.66 -9.03 -3.45
N ASN A 81 1.08 -9.21 -4.70
CA ASN A 81 1.36 -8.06 -5.54
C ASN A 81 0.32 -7.86 -6.63
N LYS A 82 -0.95 -7.92 -6.28
CA LYS A 82 -1.95 -7.61 -7.31
C LYS A 82 -1.93 -6.09 -7.40
N SER A 83 -2.02 -5.56 -8.60
CA SER A 83 -1.87 -4.11 -8.72
C SER A 83 -3.12 -3.40 -8.19
N LEU A 84 -2.90 -2.38 -7.37
CA LEU A 84 -4.00 -1.58 -6.91
C LEU A 84 -3.36 -0.21 -7.06
N GLY A 85 -2.55 -0.19 -8.11
CA GLY A 85 -1.96 1.05 -8.56
C GLY A 85 -0.46 1.28 -8.48
N GLN A 86 -0.09 2.48 -8.95
CA GLN A 86 1.29 2.95 -8.88
C GLN A 86 1.28 4.42 -9.26
N PHE A 87 1.16 5.29 -8.27
CA PHE A 87 1.09 6.74 -8.53
C PHE A 87 2.02 7.43 -7.54
N ASN A 88 1.98 8.76 -7.48
CA ASN A 88 2.82 9.48 -6.50
C ASN A 88 2.20 10.81 -6.09
N LEU A 89 2.27 11.11 -4.79
CA LEU A 89 1.84 12.44 -4.30
C LEU A 89 3.17 12.99 -3.81
N ASP A 90 3.79 13.79 -4.67
CA ASP A 90 5.13 14.30 -4.38
C ASP A 90 5.14 15.81 -4.22
N GLY A 91 6.27 16.30 -3.74
CA GLY A 91 6.43 17.75 -3.61
C GLY A 91 5.66 18.29 -2.42
N ILE A 92 6.01 17.86 -1.22
CA ILE A 92 5.34 18.39 -0.02
C ILE A 92 6.50 18.94 0.82
N ASN A 93 7.55 19.25 0.07
CA ASN A 93 8.80 19.75 0.65
C ASN A 93 8.56 21.13 1.27
N PRO A 94 9.38 21.73 2.15
CA PRO A 94 10.73 21.27 2.50
C PRO A 94 10.80 20.60 3.87
N ALA A 95 10.87 19.27 3.88
CA ALA A 95 11.05 18.59 5.17
C ALA A 95 11.57 17.16 4.91
N PRO A 96 12.72 16.67 5.41
CA PRO A 96 13.19 15.34 5.03
C PRO A 96 13.25 14.34 6.21
N ARG A 97 12.98 13.08 5.86
CA ARG A 97 12.93 11.93 6.78
C ARG A 97 12.23 12.06 8.14
N GLY A 98 11.13 11.33 8.31
CA GLY A 98 10.46 11.28 9.62
C GLY A 98 9.58 12.47 9.99
N MET A 99 8.27 12.32 9.84
CA MET A 99 7.34 13.40 10.24
C MET A 99 6.71 13.15 11.63
N PRO A 100 5.84 12.18 11.97
CA PRO A 100 5.38 11.07 11.11
C PRO A 100 3.87 11.17 10.86
N GLN A 101 3.40 12.20 10.14
CA GLN A 101 1.94 12.41 10.00
C GLN A 101 1.36 12.65 8.60
N ILE A 102 1.17 11.58 7.84
CA ILE A 102 0.48 11.62 6.55
C ILE A 102 -0.44 10.41 6.74
N GLU A 103 -1.71 10.50 6.42
CA GLU A 103 -2.58 9.31 6.48
C GLU A 103 -3.29 9.22 5.15
N VAL A 104 -3.21 8.08 4.47
CA VAL A 104 -4.00 7.97 3.24
C VAL A 104 -5.38 7.63 3.72
N THR A 105 -6.20 8.65 3.67
CA THR A 105 -7.53 8.54 4.23
C THR A 105 -8.71 8.91 3.40
N PHE A 106 -9.61 7.95 3.23
CA PHE A 106 -10.90 8.26 2.58
C PHE A 106 -11.91 7.14 2.84
N ASP A 107 -12.60 6.63 1.82
CA ASP A 107 -13.64 5.65 2.08
C ASP A 107 -13.65 4.60 1.00
N ILE A 108 -13.87 3.33 1.30
CA ILE A 108 -14.01 2.46 0.14
C ILE A 108 -15.48 2.68 -0.17
N ASP A 109 -15.88 2.62 -1.43
CA ASP A 109 -17.27 2.96 -1.73
C ASP A 109 -18.08 1.68 -1.65
N ALA A 110 -19.39 1.80 -1.66
CA ALA A 110 -20.21 0.60 -1.56
C ALA A 110 -20.36 -0.07 -2.92
N ASP A 111 -20.06 0.66 -3.98
CA ASP A 111 -20.12 0.05 -5.31
C ASP A 111 -18.81 -0.68 -5.56
N GLY A 112 -17.73 -0.19 -4.93
CA GLY A 112 -16.45 -0.89 -5.02
C GLY A 112 -15.40 -0.07 -5.73
N ILE A 113 -15.07 1.07 -5.13
CA ILE A 113 -13.97 1.87 -5.66
C ILE A 113 -13.30 2.52 -4.46
N LEU A 114 -12.00 2.33 -4.36
CA LEU A 114 -11.27 2.81 -3.20
C LEU A 114 -10.90 4.24 -3.41
N HIS A 115 -11.63 4.99 -2.64
CA HIS A 115 -11.35 6.42 -2.58
C HIS A 115 -10.28 6.54 -1.53
N VAL A 116 -9.16 7.17 -1.85
CA VAL A 116 -8.17 7.40 -0.80
C VAL A 116 -7.39 8.68 -1.10
N SER A 117 -7.49 9.65 -0.19
CA SER A 117 -6.72 10.90 -0.38
C SER A 117 -5.46 10.78 0.43
N ALA A 118 -4.33 10.90 -0.24
CA ALA A 118 -3.09 10.92 0.54
C ALA A 118 -3.11 12.30 1.09
N LYS A 119 -3.37 12.38 2.38
CA LYS A 119 -3.55 13.66 3.04
C LYS A 119 -2.41 13.87 4.03
N ASP A 120 -1.81 15.04 3.92
CA ASP A 120 -0.69 15.36 4.79
C ASP A 120 -1.20 16.24 5.88
N LYS A 121 -0.73 15.89 7.06
CA LYS A 121 -1.13 16.64 8.25
C LYS A 121 -0.21 17.83 8.54
N ASN A 122 0.10 18.63 7.51
CA ASN A 122 0.88 19.84 7.71
C ASN A 122 0.08 21.00 7.13
N SER A 123 -0.55 20.80 5.97
CA SER A 123 -1.41 21.84 5.44
C SER A 123 -2.65 21.17 4.90
N GLY A 124 -2.71 19.85 4.97
CA GLY A 124 -3.85 19.18 4.35
C GLY A 124 -3.49 19.05 2.88
N LYS A 125 -2.21 18.86 2.64
CA LYS A 125 -1.76 18.76 1.27
C LYS A 125 -2.27 17.42 0.78
N GLU A 126 -3.16 17.36 -0.20
CA GLU A 126 -3.72 16.05 -0.55
C GLU A 126 -4.02 15.79 -2.02
N GLN A 127 -4.19 14.50 -2.34
CA GLN A 127 -4.60 14.17 -3.72
C GLN A 127 -5.39 12.88 -3.70
N LYS A 128 -6.57 12.91 -4.30
CA LYS A 128 -7.46 11.75 -4.22
C LYS A 128 -7.39 10.87 -5.46
N ILE A 129 -7.54 9.57 -5.19
CA ILE A 129 -7.61 8.59 -6.27
C ILE A 129 -8.90 7.82 -6.09
N THR A 130 -9.31 7.21 -7.19
CA THR A 130 -10.57 6.46 -7.20
C THR A 130 -10.25 5.25 -8.03
N ILE A 131 -9.70 4.26 -7.36
CA ILE A 131 -9.20 3.07 -8.07
C ILE A 131 -10.06 1.82 -7.88
N LYS A 132 -9.97 0.95 -8.87
CA LYS A 132 -10.81 -0.25 -8.89
C LYS A 132 -10.44 -1.19 -7.74
N ALA A 133 -11.44 -1.85 -7.19
CA ALA A 133 -11.17 -2.77 -6.10
C ALA A 133 -12.32 -3.75 -5.97
N SER A 134 -12.36 -4.74 -6.85
CA SER A 134 -13.46 -5.70 -6.79
C SER A 134 -13.10 -6.92 -7.62
N SER A 135 -12.87 -8.04 -6.96
CA SER A 135 -12.49 -9.24 -7.72
C SER A 135 -12.69 -10.50 -6.90
N GLY A 136 -12.05 -10.56 -5.74
CA GLY A 136 -12.12 -11.79 -4.96
C GLY A 136 -11.09 -12.77 -5.51
N LEU A 137 -9.87 -12.67 -5.01
CA LEU A 137 -8.80 -13.50 -5.57
C LEU A 137 -8.70 -14.84 -4.85
N ASN A 138 -7.87 -15.70 -5.41
CA ASN A 138 -7.71 -17.04 -4.85
C ASN A 138 -6.44 -17.10 -3.99
N GLU A 139 -6.37 -18.09 -3.12
CA GLU A 139 -5.22 -18.20 -2.22
C GLU A 139 -3.91 -18.51 -2.95
N ASP A 140 -3.99 -19.13 -4.12
CA ASP A 140 -2.78 -19.34 -4.93
C ASP A 140 -2.91 -18.52 -6.18
N GLU A 141 -3.45 -17.35 -5.90
CA GLU A 141 -3.48 -16.30 -6.87
C GLU A 141 -2.24 -15.73 -6.19
N ILE A 142 -2.33 -15.71 -4.86
CA ILE A 142 -1.17 -15.33 -4.05
C ILE A 142 -0.07 -16.42 -4.15
N GLN A 143 -0.22 -17.62 -3.62
CA GLN A 143 0.79 -18.69 -3.83
C GLN A 143 1.12 -19.09 -5.29
N LYS A 144 0.26 -18.80 -6.25
CA LYS A 144 0.58 -19.04 -7.67
C LYS A 144 1.60 -17.95 -7.98
N MET A 145 1.32 -16.78 -7.40
CA MET A 145 2.28 -15.68 -7.47
C MET A 145 3.46 -15.97 -6.52
N VAL A 146 3.51 -16.98 -5.63
CA VAL A 146 4.76 -17.24 -4.88
C VAL A 146 5.71 -17.88 -5.85
N ARG A 147 5.20 -18.67 -6.76
CA ARG A 147 6.14 -19.17 -7.75
C ARG A 147 6.57 -18.08 -8.69
N ASP A 148 5.70 -17.67 -9.60
CA ASP A 148 6.11 -16.69 -10.60
C ASP A 148 6.63 -15.43 -9.95
N ALA A 149 5.85 -14.88 -9.04
CA ALA A 149 6.25 -13.61 -8.44
C ALA A 149 6.94 -13.72 -7.08
N GLU A 150 7.05 -14.87 -6.36
CA GLU A 150 7.66 -14.69 -5.04
C GLU A 150 9.13 -14.86 -5.46
N ALA A 151 9.32 -15.70 -6.48
CA ALA A 151 10.65 -15.86 -7.06
C ALA A 151 11.03 -14.59 -7.82
N ASN A 152 10.06 -13.87 -8.42
CA ASN A 152 10.42 -12.58 -9.03
C ASN A 152 10.59 -11.48 -7.99
N ALA A 153 10.30 -11.75 -6.72
CA ALA A 153 10.57 -10.76 -5.67
C ALA A 153 12.08 -10.48 -5.49
N GLU A 154 12.97 -11.33 -6.02
CA GLU A 154 14.40 -11.02 -5.98
C GLU A 154 14.71 -9.87 -6.95
N ALA A 155 13.88 -9.72 -7.98
CA ALA A 155 14.02 -8.56 -8.87
C ALA A 155 13.46 -7.37 -8.08
N ASP A 156 12.49 -7.66 -7.19
CA ASP A 156 12.00 -6.61 -6.30
C ASP A 156 13.01 -6.34 -5.17
N ARG A 157 14.07 -7.14 -5.03
CA ARG A 157 15.13 -6.80 -4.06
C ARG A 157 15.97 -5.67 -4.68
N LYS A 158 16.01 -5.63 -6.02
CA LYS A 158 16.67 -4.51 -6.69
C LYS A 158 15.79 -3.29 -6.43
N PHE A 159 14.48 -3.51 -6.41
CA PHE A 159 13.56 -2.42 -6.03
C PHE A 159 13.62 -2.15 -4.52
N GLU A 160 14.23 -3.03 -3.72
CA GLU A 160 14.42 -2.78 -2.29
C GLU A 160 15.67 -1.92 -2.12
N GLU A 161 16.52 -1.90 -3.14
CA GLU A 161 17.65 -0.97 -3.08
C GLU A 161 17.05 0.40 -3.37
N LEU A 162 16.02 0.41 -4.22
CA LEU A 162 15.28 1.65 -4.46
C LEU A 162 14.44 2.04 -3.24
N VAL A 163 14.03 1.08 -2.41
CA VAL A 163 13.33 1.45 -1.18
C VAL A 163 14.43 2.09 -0.35
N GLN A 164 15.28 1.27 0.27
CA GLN A 164 16.38 1.77 1.10
C GLN A 164 16.86 0.55 1.87
N THR A 165 15.92 -0.37 2.01
CA THR A 165 16.12 -1.57 2.81
C THR A 165 16.22 -1.18 4.28
N ARG A 166 15.32 -1.72 5.08
CA ARG A 166 15.28 -1.30 6.48
C ARG A 166 14.60 -2.33 7.36
N ASN A 167 13.38 -2.73 7.01
CA ASN A 167 12.60 -3.64 7.86
C ASN A 167 12.43 -3.08 9.26
N GLN A 168 11.37 -2.31 9.46
CA GLN A 168 11.12 -1.69 10.76
C GLN A 168 9.68 -1.95 11.17
N GLY A 169 8.76 -1.11 10.75
CA GLY A 169 7.37 -1.34 11.14
C GLY A 169 6.51 -0.11 10.90
N ASP A 170 5.91 0.38 11.97
CA ASP A 170 4.96 1.49 11.80
C ASP A 170 5.72 2.81 11.72
N HIS A 171 4.99 3.87 11.42
CA HIS A 171 5.56 5.22 11.37
C HIS A 171 6.56 5.43 10.22
N LEU A 172 6.51 4.62 9.18
CA LEU A 172 7.40 4.77 8.05
C LEU A 172 6.70 4.09 6.87
N LEU A 173 7.22 4.25 5.66
CA LEU A 173 6.61 3.58 4.52
C LEU A 173 7.71 3.28 3.49
N HIS A 174 7.76 4.02 2.39
CA HIS A 174 8.84 3.81 1.41
C HIS A 174 8.76 4.97 0.43
N SER A 175 9.91 5.50 0.04
CA SER A 175 9.89 6.62 -0.90
C SER A 175 11.29 6.85 -1.44
N THR A 176 11.47 6.57 -2.72
CA THR A 176 12.76 6.86 -3.34
C THR A 176 12.80 8.36 -3.65
N ARG A 177 13.96 8.86 -4.04
CA ARG A 177 14.06 10.28 -4.34
C ARG A 177 15.21 10.54 -5.31
N LYS A 178 15.26 9.75 -6.38
CA LYS A 178 16.34 9.96 -7.33
C LYS A 178 16.05 11.21 -8.14
N GLN A 179 16.99 12.13 -8.16
CA GLN A 179 16.75 13.36 -8.91
C GLN A 179 18.09 14.03 -9.20
N VAL A 180 18.28 14.46 -10.43
CA VAL A 180 19.55 15.10 -10.77
C VAL A 180 19.36 15.95 -12.02
N GLU A 181 19.83 17.19 -11.97
CA GLU A 181 19.66 18.05 -13.12
C GLU A 181 20.58 17.56 -14.24
N GLU A 182 19.99 17.24 -15.38
CA GLU A 182 20.79 16.73 -16.49
C GLU A 182 21.38 17.89 -17.28
N ALA A 183 20.81 19.07 -17.14
CA ALA A 183 21.34 20.20 -17.89
C ALA A 183 20.87 21.50 -17.25
N SER A 11 -9.13 -25.89 0.18
CA SER A 11 -8.99 -24.76 1.10
C SER A 11 -9.91 -24.96 2.28
N ILE A 12 -9.56 -25.92 3.12
CA ILE A 12 -10.31 -26.14 4.35
C ILE A 12 -9.67 -25.31 5.46
N GLU A 13 -8.45 -24.84 5.21
CA GLU A 13 -7.80 -23.93 6.15
C GLU A 13 -7.10 -22.84 5.35
N GLY A 14 -7.71 -21.68 5.28
CA GLY A 14 -7.09 -20.60 4.53
C GLY A 14 -7.96 -19.35 4.59
N ARG A 15 -7.31 -18.20 4.50
CA ARG A 15 -8.06 -16.93 4.52
C ARG A 15 -7.52 -16.06 3.41
N VAL A 16 -7.19 -16.68 2.29
CA VAL A 16 -6.65 -15.91 1.17
C VAL A 16 -7.81 -15.35 0.37
N LYS A 17 -8.96 -16.00 0.44
CA LYS A 17 -10.11 -15.50 -0.31
C LYS A 17 -11.38 -16.02 0.34
N ASP A 18 -12.24 -15.11 0.76
CA ASP A 18 -13.50 -15.53 1.36
C ASP A 18 -14.43 -14.33 1.41
N VAL A 19 -15.30 -14.24 0.42
CA VAL A 19 -16.30 -13.16 0.40
C VAL A 19 -17.65 -13.83 0.29
N LEU A 20 -18.12 -14.32 1.43
CA LEU A 20 -19.46 -14.89 1.51
C LEU A 20 -20.10 -14.44 2.82
N LEU A 21 -19.36 -14.58 3.92
CA LEU A 21 -19.84 -14.09 5.22
C LEU A 21 -18.94 -12.92 5.63
N LEU A 22 -18.35 -12.35 4.61
CA LEU A 22 -17.53 -11.14 4.74
C LEU A 22 -17.85 -10.43 3.45
N ASP A 23 -18.64 -9.41 3.66
CA ASP A 23 -19.00 -8.48 2.57
C ASP A 23 -18.13 -7.27 2.81
N VAL A 24 -16.85 -7.51 2.56
CA VAL A 24 -15.82 -6.54 2.87
C VAL A 24 -15.00 -6.18 1.66
N THR A 25 -13.93 -5.43 1.90
CA THR A 25 -13.03 -5.05 0.82
C THR A 25 -12.47 -6.30 0.10
N PRO A 26 -11.99 -6.28 -1.15
CA PRO A 26 -12.04 -7.50 -1.95
C PRO A 26 -10.80 -8.38 -1.94
N LEU A 27 -9.85 -8.20 -1.03
CA LEU A 27 -8.70 -9.10 -1.04
C LEU A 27 -7.98 -9.04 0.29
N SER A 28 -7.77 -7.80 0.70
CA SER A 28 -7.02 -7.37 1.88
C SER A 28 -6.04 -6.37 1.29
N LEU A 29 -6.06 -5.15 1.78
CA LEU A 29 -5.22 -4.12 1.14
C LEU A 29 -3.94 -4.07 1.94
N GLY A 30 -2.90 -3.34 1.53
CA GLY A 30 -1.65 -3.45 2.27
C GLY A 30 -0.48 -2.81 1.60
N ILE A 31 -0.01 -1.78 2.26
CA ILE A 31 1.07 -0.98 1.67
C ILE A 31 2.33 -1.85 1.59
N GLU A 32 3.15 -1.69 0.56
CA GLU A 32 4.41 -2.46 0.58
C GLU A 32 5.31 -1.90 1.68
N THR A 33 5.72 -2.77 2.60
CA THR A 33 6.51 -2.33 3.76
C THR A 33 7.85 -3.07 3.85
N MET A 34 8.62 -2.66 4.86
CA MET A 34 10.00 -3.14 5.05
C MET A 34 10.16 -4.65 5.09
N GLY A 35 11.11 -5.17 4.31
CA GLY A 35 11.38 -6.60 4.28
C GLY A 35 10.86 -7.28 3.00
N GLY A 36 9.92 -6.66 2.30
CA GLY A 36 9.32 -7.33 1.13
C GLY A 36 8.04 -7.92 1.69
N VAL A 37 7.40 -7.09 2.47
CA VAL A 37 6.21 -7.51 3.22
C VAL A 37 5.04 -6.67 2.73
N MET A 38 3.84 -7.18 2.96
CA MET A 38 2.64 -6.41 2.65
C MET A 38 1.88 -6.26 3.96
N THR A 39 2.00 -5.09 4.56
CA THR A 39 1.33 -4.83 5.84
C THR A 39 0.03 -4.12 5.52
N THR A 40 -1.07 -4.57 6.10
CA THR A 40 -2.37 -4.05 5.72
C THR A 40 -2.67 -2.55 5.80
N LEU A 41 -3.44 -2.07 4.80
CA LEU A 41 -3.76 -0.64 4.82
C LEU A 41 -5.06 -0.63 5.63
N ILE A 42 -6.01 -1.30 5.00
CA ILE A 42 -7.33 -1.57 5.55
C ILE A 42 -7.51 -2.95 4.90
N ALA A 43 -8.39 -3.84 5.34
CA ALA A 43 -8.38 -5.16 4.72
C ALA A 43 -9.71 -5.89 4.80
N LYS A 44 -9.64 -7.18 4.49
CA LYS A 44 -10.79 -8.08 4.63
C LYS A 44 -11.18 -8.03 6.11
N ASN A 45 -12.49 -8.15 6.40
CA ASN A 45 -13.01 -7.96 7.77
C ASN A 45 -13.30 -6.46 7.96
N THR A 46 -13.28 -5.72 6.85
CA THR A 46 -13.66 -4.30 6.88
C THR A 46 -14.75 -4.16 5.82
N THR A 47 -15.90 -4.00 6.41
CA THR A 47 -17.18 -4.01 5.70
C THR A 47 -17.47 -2.73 4.98
N ILE A 48 -17.90 -2.88 3.75
CA ILE A 48 -18.10 -1.72 2.92
C ILE A 48 -19.52 -1.15 3.11
N PRO A 49 -19.77 0.16 3.21
CA PRO A 49 -18.78 1.22 3.02
C PRO A 49 -17.96 1.42 4.29
N THR A 50 -16.66 1.52 4.07
CA THR A 50 -15.71 1.61 5.19
C THR A 50 -15.21 3.03 5.27
N LYS A 51 -14.73 3.36 6.45
CA LYS A 51 -14.12 4.67 6.63
C LYS A 51 -13.24 4.64 7.88
N HIS A 52 -11.92 4.75 7.74
CA HIS A 52 -11.10 4.84 8.95
C HIS A 52 -9.75 5.46 8.63
N SER A 53 -9.03 5.85 9.67
CA SER A 53 -7.77 6.58 9.50
C SER A 53 -6.54 5.87 10.02
N GLN A 54 -5.53 5.77 9.17
CA GLN A 54 -4.25 5.22 9.65
C GLN A 54 -3.15 6.18 9.22
N VAL A 55 -2.44 6.71 10.21
CA VAL A 55 -1.43 7.74 9.95
C VAL A 55 -0.04 7.16 9.84
N PHE A 56 0.64 7.58 8.78
CA PHE A 56 2.05 7.20 8.60
C PHE A 56 2.87 8.46 8.31
N SER A 57 4.02 8.27 7.70
CA SER A 57 4.89 9.41 7.41
C SER A 57 5.81 9.06 6.25
N THR A 58 6.71 9.97 5.95
CA THR A 58 7.67 9.73 4.87
C THR A 58 9.00 9.35 5.50
N ALA A 59 10.04 9.20 4.68
CA ALA A 59 11.31 8.72 5.22
C ALA A 59 12.47 9.43 4.55
N GLU A 60 12.18 10.27 3.58
CA GLU A 60 13.24 10.98 2.87
C GLU A 60 12.71 12.34 2.43
N ASP A 61 11.41 12.51 2.45
CA ASP A 61 10.86 13.75 1.91
C ASP A 61 9.43 14.01 2.37
N ASN A 62 9.24 15.10 3.10
CA ASN A 62 7.91 15.54 3.50
C ASN A 62 7.83 17.01 3.10
N GLN A 63 8.76 17.31 2.21
CA GLN A 63 8.82 18.63 1.55
C GLN A 63 8.43 18.28 0.14
N SER A 64 8.26 16.98 -0.04
CA SER A 64 8.06 16.49 -1.38
C SER A 64 7.23 15.24 -1.60
N ALA A 65 7.33 14.11 -0.91
CA ALA A 65 6.51 12.99 -1.40
C ALA A 65 6.23 11.80 -0.49
N VAL A 66 5.20 11.08 -0.94
CA VAL A 66 4.86 9.80 -0.30
C VAL A 66 4.47 8.89 -1.44
N THR A 67 5.19 7.80 -1.43
CA THR A 67 5.04 6.86 -2.53
C THR A 67 3.79 6.01 -2.32
N ILE A 68 2.82 6.21 -3.20
CA ILE A 68 1.59 5.41 -3.13
C ILE A 68 1.81 4.13 -3.92
N HIS A 69 2.37 3.18 -3.19
CA HIS A 69 2.79 1.88 -3.72
C HIS A 69 2.11 0.79 -2.93
N VAL A 70 0.84 0.98 -2.90
CA VAL A 70 0.04 0.13 -2.07
C VAL A 70 -0.18 -1.17 -2.82
N LEU A 71 -0.17 -2.21 -2.03
CA LEU A 71 -0.41 -3.54 -2.57
C LEU A 71 -1.78 -4.04 -2.15
N GLN A 72 -2.56 -4.36 -3.16
CA GLN A 72 -3.86 -5.00 -2.94
C GLN A 72 -3.65 -6.52 -3.01
N GLY A 73 -3.49 -7.17 -1.87
CA GLY A 73 -3.40 -8.63 -1.88
C GLY A 73 -3.89 -9.32 -0.59
N GLU A 74 -3.00 -10.03 0.09
CA GLU A 74 -3.40 -10.81 1.27
C GLU A 74 -2.75 -10.23 2.54
N ARG A 75 -1.56 -10.68 2.91
CA ARG A 75 -0.99 -10.22 4.18
C ARG A 75 0.52 -10.43 4.16
N LYS A 76 1.11 -11.26 5.01
CA LYS A 76 2.57 -11.39 4.96
C LYS A 76 2.93 -12.23 3.75
N ARG A 77 4.23 -12.35 3.49
CA ARG A 77 4.71 -13.03 2.28
C ARG A 77 4.18 -12.26 1.09
N ALA A 78 5.01 -11.42 0.50
CA ALA A 78 4.50 -10.55 -0.56
C ALA A 78 4.38 -11.19 -1.96
N ALA A 79 3.21 -11.82 -2.11
CA ALA A 79 2.79 -12.37 -3.41
C ALA A 79 1.39 -11.76 -3.43
N ASP A 80 1.36 -10.67 -2.69
CA ASP A 80 0.13 -9.94 -2.45
C ASP A 80 0.21 -8.67 -3.26
N ASN A 81 0.66 -8.82 -4.49
CA ASN A 81 0.91 -7.62 -5.29
C ASN A 81 -0.15 -7.29 -6.33
N LYS A 82 -1.34 -6.96 -5.84
CA LYS A 82 -2.37 -6.48 -6.77
C LYS A 82 -2.07 -4.99 -6.85
N SER A 83 -2.77 -4.27 -7.72
CA SER A 83 -2.41 -2.86 -7.90
C SER A 83 -3.11 -1.90 -6.95
N LEU A 84 -2.33 -1.19 -6.15
CA LEU A 84 -2.90 -0.14 -5.31
C LEU A 84 -1.84 0.92 -5.45
N GLY A 85 -1.34 0.80 -6.66
CA GLY A 85 -0.42 1.75 -7.21
C GLY A 85 1.06 1.50 -7.06
N GLN A 86 1.75 2.50 -7.57
CA GLN A 86 3.20 2.57 -7.44
C GLN A 86 3.59 3.94 -8.00
N PHE A 87 2.96 4.96 -7.43
CA PHE A 87 3.15 6.33 -7.93
C PHE A 87 3.59 7.17 -6.73
N ASN A 88 3.43 8.49 -6.81
CA ASN A 88 3.80 9.31 -5.66
C ASN A 88 3.01 10.62 -5.58
N LEU A 89 2.79 11.05 -4.35
CA LEU A 89 2.17 12.36 -4.13
C LEU A 89 3.40 13.26 -4.16
N ASP A 90 3.32 14.44 -4.76
CA ASP A 90 4.51 15.28 -4.90
C ASP A 90 4.28 16.72 -4.44
N GLY A 91 5.36 17.38 -4.03
CA GLY A 91 5.28 18.79 -3.65
C GLY A 91 4.67 18.96 -2.27
N ILE A 92 5.41 18.59 -1.21
CA ILE A 92 4.82 18.75 0.14
C ILE A 92 5.63 19.80 0.90
N ASN A 93 6.06 20.83 0.21
CA ASN A 93 6.96 21.83 0.82
C ASN A 93 6.34 22.55 2.04
N PRO A 94 7.05 23.03 3.08
CA PRO A 94 8.53 23.12 3.15
C PRO A 94 9.15 22.36 4.33
N ALA A 95 9.22 21.02 4.29
CA ALA A 95 9.80 20.31 5.44
C ALA A 95 10.27 18.88 5.10
N PRO A 96 11.50 18.59 4.63
CA PRO A 96 11.82 17.25 4.09
C PRO A 96 11.81 16.22 5.23
N ARG A 97 11.98 14.95 4.90
CA ARG A 97 12.03 13.88 5.93
C ARG A 97 10.72 13.75 6.70
N GLY A 98 10.44 12.54 7.16
CA GLY A 98 9.18 12.31 7.86
C GLY A 98 9.16 13.02 9.20
N MET A 99 8.03 13.66 9.49
CA MET A 99 7.92 14.45 10.72
C MET A 99 7.64 13.73 12.06
N PRO A 100 6.69 12.81 12.35
CA PRO A 100 5.86 12.06 11.39
C PRO A 100 4.49 12.71 11.17
N GLN A 101 4.26 13.32 10.01
CA GLN A 101 2.98 14.00 9.77
C GLN A 101 2.35 13.72 8.41
N ILE A 102 1.87 12.51 8.14
CA ILE A 102 1.12 12.27 6.91
C ILE A 102 -0.03 11.37 7.34
N GLU A 103 -1.21 11.91 7.57
CA GLU A 103 -2.34 11.05 7.93
C GLU A 103 -2.98 10.53 6.66
N VAL A 104 -3.19 9.22 6.61
CA VAL A 104 -3.70 8.61 5.37
C VAL A 104 -5.05 8.01 5.69
N THR A 105 -6.09 8.60 5.15
CA THR A 105 -7.44 8.15 5.49
C THR A 105 -8.04 7.38 4.33
N PHE A 106 -8.59 6.23 4.66
CA PHE A 106 -9.16 5.37 3.63
C PHE A 106 -10.65 5.27 3.85
N ASP A 107 -11.34 5.47 2.73
CA ASP A 107 -12.79 5.42 2.75
C ASP A 107 -13.19 4.62 1.54
N ILE A 108 -13.61 3.37 1.72
CA ILE A 108 -14.10 2.69 0.51
C ILE A 108 -15.56 3.08 0.44
N ASP A 109 -16.08 3.18 -0.77
CA ASP A 109 -17.45 3.66 -0.90
C ASP A 109 -18.33 2.43 -0.85
N ALA A 110 -19.62 2.61 -1.07
CA ALA A 110 -20.53 1.46 -0.95
C ALA A 110 -20.58 0.68 -2.27
N ASP A 111 -20.01 1.22 -3.32
CA ASP A 111 -19.98 0.49 -4.58
C ASP A 111 -18.80 -0.45 -4.58
N GLY A 112 -17.67 0.04 -4.11
CA GLY A 112 -16.48 -0.81 -4.01
C GLY A 112 -15.35 -0.12 -4.77
N ILE A 113 -14.97 1.04 -4.27
CA ILE A 113 -13.98 1.83 -4.97
C ILE A 113 -13.17 2.49 -3.86
N LEU A 114 -11.84 2.39 -3.92
CA LEU A 114 -11.05 2.89 -2.79
C LEU A 114 -10.79 4.37 -2.89
N HIS A 115 -11.65 5.11 -2.22
CA HIS A 115 -11.46 6.56 -2.13
C HIS A 115 -10.57 6.84 -0.93
N VAL A 116 -9.27 6.99 -1.18
CA VAL A 116 -8.32 7.15 -0.08
C VAL A 116 -7.57 8.44 -0.32
N SER A 117 -7.50 9.28 0.70
CA SER A 117 -6.79 10.55 0.56
C SER A 117 -5.52 10.48 1.36
N ALA A 118 -4.39 10.49 0.67
CA ALA A 118 -3.13 10.54 1.42
C ALA A 118 -3.02 12.00 1.77
N LYS A 119 -3.37 12.30 3.02
CA LYS A 119 -3.44 13.69 3.46
C LYS A 119 -2.15 14.00 4.19
N ASP A 120 -1.54 15.12 3.85
CA ASP A 120 -0.27 15.46 4.51
C ASP A 120 -0.55 16.45 5.58
N LYS A 121 0.09 16.21 6.70
CA LYS A 121 -0.01 17.13 7.83
C LYS A 121 1.16 18.14 7.78
N ASN A 122 1.26 18.83 6.66
CA ASN A 122 2.26 19.87 6.49
C ASN A 122 1.52 21.08 5.94
N SER A 123 0.64 20.85 4.98
CA SER A 123 -0.19 21.95 4.50
C SER A 123 -1.56 21.38 4.18
N GLY A 124 -1.77 20.10 4.44
CA GLY A 124 -3.05 19.52 4.03
C GLY A 124 -2.90 19.16 2.58
N LYS A 125 -1.69 18.76 2.22
CA LYS A 125 -1.43 18.49 0.83
C LYS A 125 -1.99 17.10 0.55
N GLU A 126 -3.18 17.00 0.00
CA GLU A 126 -3.79 15.67 -0.15
C GLU A 126 -3.80 15.19 -1.58
N GLN A 127 -3.95 13.88 -1.74
CA GLN A 127 -4.11 13.34 -3.09
C GLN A 127 -5.03 12.16 -2.95
N LYS A 128 -6.04 12.18 -3.79
CA LYS A 128 -7.10 11.19 -3.69
C LYS A 128 -7.02 10.13 -4.78
N ILE A 129 -6.77 8.90 -4.37
CA ILE A 129 -6.80 7.78 -5.31
C ILE A 129 -8.20 7.21 -5.30
N THR A 130 -8.50 6.49 -6.36
CA THR A 130 -9.85 5.94 -6.54
C THR A 130 -9.65 4.61 -7.23
N ILE A 131 -9.24 3.63 -6.45
CA ILE A 131 -8.90 2.34 -7.07
C ILE A 131 -10.15 1.51 -7.35
N LYS A 132 -10.18 0.94 -8.55
CA LYS A 132 -11.34 0.12 -8.92
C LYS A 132 -11.32 -1.20 -8.15
N ALA A 133 -12.23 -2.09 -8.50
CA ALA A 133 -12.30 -3.35 -7.75
C ALA A 133 -13.01 -4.41 -8.58
N SER A 134 -12.43 -4.73 -9.73
CA SER A 134 -13.03 -5.79 -10.54
C SER A 134 -12.62 -7.14 -9.98
N SER A 135 -13.58 -8.03 -9.82
CA SER A 135 -13.23 -9.34 -9.27
C SER A 135 -12.60 -10.19 -10.35
N GLY A 136 -11.60 -10.98 -9.97
CA GLY A 136 -10.95 -11.83 -10.97
C GLY A 136 -9.56 -12.21 -10.47
N LEU A 137 -9.51 -13.12 -9.53
CA LEU A 137 -8.20 -13.50 -8.99
C LEU A 137 -8.28 -14.85 -8.30
N ASN A 138 -7.14 -15.34 -7.83
CA ASN A 138 -7.09 -16.68 -7.25
C ASN A 138 -6.16 -16.71 -6.03
N GLU A 139 -6.31 -17.78 -5.27
CA GLU A 139 -5.48 -17.96 -4.06
C GLU A 139 -4.05 -18.36 -4.40
N ASP A 140 -3.82 -18.78 -5.63
CA ASP A 140 -2.47 -19.05 -6.09
C ASP A 140 -2.21 -18.11 -7.22
N GLU A 141 -2.93 -17.02 -7.10
CA GLU A 141 -2.65 -15.90 -7.96
C GLU A 141 -1.56 -15.52 -6.97
N ILE A 142 -1.98 -15.40 -5.71
CA ILE A 142 -1.00 -15.18 -4.65
C ILE A 142 -0.04 -16.37 -4.44
N GLN A 143 -0.42 -17.52 -3.93
CA GLN A 143 0.53 -18.63 -3.70
C GLN A 143 1.37 -19.12 -4.90
N LYS A 144 0.89 -19.01 -6.14
CA LYS A 144 1.81 -19.38 -7.25
C LYS A 144 2.75 -18.21 -7.47
N MET A 145 2.25 -17.02 -7.12
CA MET A 145 3.12 -15.87 -7.16
C MET A 145 4.02 -16.04 -5.94
N VAL A 146 3.73 -16.81 -4.89
CA VAL A 146 4.67 -17.00 -3.78
C VAL A 146 5.86 -17.76 -4.32
N ARG A 147 5.64 -18.72 -5.17
CA ARG A 147 6.83 -19.40 -5.63
C ARG A 147 7.66 -18.55 -6.55
N ASP A 148 7.22 -18.31 -7.78
CA ASP A 148 8.12 -17.60 -8.67
C ASP A 148 8.34 -16.20 -8.13
N ALA A 149 7.23 -15.56 -7.92
CA ALA A 149 7.31 -14.17 -7.61
C ALA A 149 7.48 -13.92 -6.12
N GLU A 150 7.36 -14.87 -5.17
CA GLU A 150 7.43 -14.29 -3.83
C GLU A 150 8.91 -14.54 -3.53
N ALA A 151 9.45 -15.55 -4.22
CA ALA A 151 10.88 -15.79 -4.09
C ALA A 151 11.67 -14.59 -4.59
N ASN A 152 11.30 -13.96 -5.71
CA ASN A 152 12.17 -12.85 -6.14
C ASN A 152 11.55 -11.65 -6.87
N ALA A 153 10.23 -11.53 -7.00
CA ALA A 153 9.68 -10.44 -7.81
C ALA A 153 9.97 -9.07 -7.26
N GLU A 154 9.19 -8.81 -6.22
CA GLU A 154 9.22 -7.53 -5.55
C GLU A 154 9.86 -7.84 -4.24
N ALA A 155 10.08 -9.13 -4.08
CA ALA A 155 10.83 -9.58 -2.94
C ALA A 155 12.18 -9.02 -3.29
N ASP A 156 12.78 -9.34 -4.45
CA ASP A 156 14.13 -8.82 -4.64
C ASP A 156 14.21 -7.42 -5.16
N ARG A 157 13.35 -7.02 -6.09
CA ARG A 157 13.56 -5.70 -6.66
C ARG A 157 13.05 -4.64 -5.71
N LYS A 158 11.90 -4.89 -5.14
CA LYS A 158 11.33 -3.88 -4.27
C LYS A 158 12.01 -3.92 -2.91
N PHE A 159 12.64 -5.01 -2.48
CA PHE A 159 13.36 -4.88 -1.21
C PHE A 159 14.60 -4.05 -1.43
N GLU A 160 15.27 -4.22 -2.56
CA GLU A 160 16.54 -3.52 -2.69
C GLU A 160 16.41 -2.01 -2.83
N GLU A 161 15.58 -1.55 -3.74
CA GLU A 161 15.54 -0.10 -3.95
C GLU A 161 14.39 0.52 -3.18
N LEU A 162 13.36 -0.24 -2.89
CA LEU A 162 12.21 0.36 -2.24
C LEU A 162 12.29 0.19 -0.74
N VAL A 163 12.86 -0.90 -0.24
CA VAL A 163 12.97 -0.99 1.22
C VAL A 163 14.24 -0.23 1.59
N GLN A 164 15.34 -0.47 0.87
CA GLN A 164 16.65 0.18 1.15
C GLN A 164 17.20 -0.75 2.20
N THR A 165 16.88 -1.97 1.81
CA THR A 165 17.13 -3.19 2.57
C THR A 165 17.32 -3.12 4.09
N ARG A 166 16.34 -3.72 4.74
CA ARG A 166 16.34 -3.90 6.19
C ARG A 166 16.10 -2.64 7.01
N ASN A 167 14.84 -2.52 7.40
CA ASN A 167 14.41 -1.47 8.32
C ASN A 167 14.66 -0.03 7.90
N GLN A 168 13.61 0.77 8.12
CA GLN A 168 13.71 2.21 7.89
C GLN A 168 12.73 2.84 8.87
N GLY A 169 11.60 2.18 9.04
CA GLY A 169 10.61 2.68 9.99
C GLY A 169 9.22 2.18 9.61
N ASP A 170 8.31 2.17 10.58
CA ASP A 170 6.95 1.70 10.26
C ASP A 170 6.21 2.80 9.52
N HIS A 171 6.01 3.93 10.17
CA HIS A 171 5.36 5.05 9.49
C HIS A 171 6.29 5.59 8.42
N LEU A 172 7.56 5.68 8.74
CA LEU A 172 8.51 6.18 7.76
C LEU A 172 8.73 5.11 6.71
N LEU A 173 8.11 5.27 5.55
CA LEU A 173 8.21 4.24 4.52
C LEU A 173 9.45 4.52 3.66
N HIS A 174 9.25 4.96 2.43
CA HIS A 174 10.40 5.16 1.56
C HIS A 174 10.00 6.07 0.41
N SER A 175 10.07 7.36 0.65
CA SER A 175 9.67 8.29 -0.40
C SER A 175 10.83 8.54 -1.34
N THR A 176 10.84 7.84 -2.45
CA THR A 176 11.93 8.03 -3.41
C THR A 176 11.66 9.28 -4.23
N ARG A 177 12.71 10.06 -4.46
CA ARG A 177 12.52 11.29 -5.23
C ARG A 177 12.57 10.97 -6.71
N LYS A 178 12.13 11.91 -7.53
CA LYS A 178 12.15 11.65 -8.97
C LYS A 178 13.58 11.81 -9.46
N GLN A 179 14.07 10.81 -10.19
CA GLN A 179 15.43 10.90 -10.69
C GLN A 179 15.45 11.86 -11.87
N VAL A 180 16.01 13.04 -11.66
CA VAL A 180 16.06 13.99 -12.76
C VAL A 180 17.14 13.57 -13.74
N GLU A 181 16.96 13.97 -14.99
CA GLU A 181 17.91 13.64 -16.06
C GLU A 181 18.04 12.12 -16.19
N GLU A 182 17.27 11.55 -17.10
CA GLU A 182 17.35 10.10 -17.28
C GLU A 182 16.83 9.75 -18.66
N ALA A 183 17.53 8.86 -19.34
CA ALA A 183 17.06 8.47 -20.67
C ALA A 183 15.90 7.50 -20.54
N SER A 11 -13.45 -28.32 3.89
CA SER A 11 -12.02 -28.61 3.96
C SER A 11 -11.45 -28.75 2.55
N ILE A 12 -11.30 -27.61 1.89
CA ILE A 12 -10.67 -27.60 0.58
C ILE A 12 -9.17 -27.40 0.80
N GLU A 13 -8.85 -26.86 1.97
CA GLU A 13 -7.45 -26.60 2.33
C GLU A 13 -6.80 -25.67 1.32
N GLY A 14 -7.18 -24.41 1.36
CA GLY A 14 -6.58 -23.46 0.41
C GLY A 14 -7.46 -22.22 0.30
N ARG A 15 -7.06 -21.17 1.00
CA ARG A 15 -7.86 -19.94 0.92
C ARG A 15 -7.00 -18.76 1.37
N VAL A 16 -7.32 -17.60 0.81
CA VAL A 16 -6.60 -16.38 1.19
C VAL A 16 -7.63 -15.36 1.66
N LYS A 17 -8.55 -15.00 0.79
CA LYS A 17 -9.54 -13.99 1.17
C LYS A 17 -10.71 -14.65 1.91
N ASP A 18 -11.73 -13.86 2.16
CA ASP A 18 -12.94 -14.43 2.75
C ASP A 18 -14.08 -13.45 2.43
N VAL A 19 -14.74 -13.68 1.31
CA VAL A 19 -15.80 -12.78 0.87
C VAL A 19 -16.95 -13.67 0.42
N LEU A 20 -17.77 -14.06 1.37
CA LEU A 20 -18.96 -14.82 1.06
C LEU A 20 -20.03 -14.53 2.11
N LEU A 21 -19.60 -14.41 3.35
CA LEU A 21 -20.52 -14.01 4.43
C LEU A 21 -19.93 -12.73 5.01
N LEU A 22 -19.14 -12.12 4.15
CA LEU A 22 -18.43 -10.89 4.46
C LEU A 22 -18.47 -10.18 3.12
N ASP A 23 -19.33 -9.20 3.14
CA ASP A 23 -19.49 -8.27 2.00
C ASP A 23 -18.66 -7.05 2.36
N VAL A 24 -17.37 -7.29 2.33
CA VAL A 24 -16.39 -6.32 2.80
C VAL A 24 -15.36 -5.99 1.73
N THR A 25 -14.35 -5.23 2.15
CA THR A 25 -13.26 -4.90 1.24
C THR A 25 -12.53 -6.20 0.80
N PRO A 26 -11.85 -6.33 -0.34
CA PRO A 26 -12.00 -7.62 -1.04
C PRO A 26 -10.90 -8.68 -0.91
N LEU A 27 -9.80 -8.44 -0.22
CA LEU A 27 -8.75 -9.46 -0.25
C LEU A 27 -7.84 -9.11 0.91
N SER A 28 -8.16 -7.92 1.38
CA SER A 28 -7.40 -7.21 2.42
C SER A 28 -6.44 -6.29 1.68
N LEU A 29 -6.59 -5.01 1.97
CA LEU A 29 -5.80 -4.02 1.23
C LEU A 29 -4.44 -3.88 1.90
N GLY A 30 -3.64 -2.93 1.45
CA GLY A 30 -2.28 -2.78 1.93
C GLY A 30 -1.54 -1.68 1.23
N ILE A 31 -0.33 -1.45 1.69
CA ILE A 31 0.55 -0.51 1.00
C ILE A 31 1.88 -1.22 1.10
N GLU A 32 2.60 -1.00 0.04
CA GLU A 32 3.95 -1.58 -0.01
C GLU A 32 4.82 -0.82 0.99
N THR A 33 5.42 -1.56 1.93
CA THR A 33 6.18 -0.93 3.01
C THR A 33 7.61 -1.49 3.11
N MET A 34 8.36 -0.82 3.98
CA MET A 34 9.79 -1.09 4.17
C MET A 34 10.23 -2.55 4.33
N GLY A 35 10.80 -3.11 3.27
CA GLY A 35 11.36 -4.47 3.34
C GLY A 35 10.73 -5.44 2.34
N GLY A 36 9.82 -4.99 1.49
CA GLY A 36 9.14 -5.95 0.62
C GLY A 36 8.03 -6.56 1.44
N VAL A 37 7.36 -5.67 2.17
CA VAL A 37 6.34 -6.10 3.12
C VAL A 37 5.02 -5.48 2.69
N MET A 38 3.92 -6.10 3.08
CA MET A 38 2.60 -5.51 2.81
C MET A 38 1.93 -5.21 4.14
N THR A 39 2.00 -3.97 4.57
CA THR A 39 1.27 -3.60 5.78
C THR A 39 -0.16 -3.42 5.31
N THR A 40 -1.13 -4.06 5.93
CA THR A 40 -2.47 -3.98 5.38
C THR A 40 -3.14 -2.62 5.57
N LEU A 41 -4.06 -2.24 4.67
CA LEU A 41 -4.61 -0.90 4.75
C LEU A 41 -5.95 -1.04 5.49
N ILE A 42 -6.84 -1.77 4.86
CA ILE A 42 -8.12 -2.10 5.49
C ILE A 42 -8.39 -3.56 5.12
N ALA A 43 -8.59 -4.39 6.13
CA ALA A 43 -8.74 -5.82 5.84
C ALA A 43 -10.20 -6.18 5.61
N LYS A 44 -10.43 -7.48 5.45
CA LYS A 44 -11.82 -7.94 5.33
C LYS A 44 -12.45 -7.78 6.72
N ASN A 45 -13.80 -7.84 6.81
CA ASN A 45 -14.54 -7.55 8.06
C ASN A 45 -14.81 -6.03 8.13
N THR A 46 -14.41 -5.32 7.08
CA THR A 46 -14.71 -3.89 6.97
C THR A 46 -15.72 -3.83 5.82
N THR A 47 -16.93 -3.64 6.27
CA THR A 47 -18.10 -3.71 5.41
C THR A 47 -18.35 -2.43 4.65
N ILE A 48 -18.57 -2.57 3.36
CA ILE A 48 -18.70 -1.36 2.56
C ILE A 48 -20.11 -0.77 2.77
N PRO A 49 -20.31 0.52 3.08
CA PRO A 49 -19.28 1.57 3.06
C PRO A 49 -18.47 1.57 4.37
N THR A 50 -17.21 1.95 4.20
CA THR A 50 -16.25 1.91 5.31
C THR A 50 -15.60 3.26 5.49
N LYS A 51 -15.02 3.39 6.66
CA LYS A 51 -14.25 4.60 6.96
C LYS A 51 -13.21 4.25 8.03
N HIS A 52 -11.94 4.51 7.75
CA HIS A 52 -10.92 4.25 8.77
C HIS A 52 -9.68 5.07 8.47
N SER A 53 -9.12 5.68 9.50
CA SER A 53 -7.91 6.50 9.32
C SER A 53 -6.66 5.69 9.61
N GLN A 54 -5.69 5.81 8.73
CA GLN A 54 -4.41 5.16 8.97
C GLN A 54 -3.27 6.14 8.67
N VAL A 55 -2.64 6.62 9.74
CA VAL A 55 -1.61 7.65 9.61
C VAL A 55 -0.21 7.09 9.39
N PHE A 56 0.52 7.78 8.50
CA PHE A 56 1.90 7.36 8.21
C PHE A 56 2.87 8.57 8.18
N SER A 57 4.13 8.22 7.98
CA SER A 57 5.22 9.20 8.04
C SER A 57 6.30 8.90 7.01
N THR A 58 7.11 9.89 6.68
CA THR A 58 8.26 9.63 5.79
C THR A 58 9.46 9.29 6.69
N ALA A 59 10.71 9.38 6.23
CA ALA A 59 11.83 8.95 7.07
C ALA A 59 13.20 9.50 6.64
N GLU A 60 13.29 10.17 5.50
CA GLU A 60 14.60 10.60 4.99
C GLU A 60 14.97 12.04 5.44
N ASP A 61 14.69 13.05 4.57
CA ASP A 61 14.88 14.48 4.87
C ASP A 61 14.88 15.20 3.52
N ASN A 62 13.74 15.35 2.86
CA ASN A 62 13.78 15.94 1.52
C ASN A 62 12.50 16.50 0.91
N GLN A 63 11.53 15.63 0.65
CA GLN A 63 10.34 16.08 -0.10
C GLN A 63 9.02 15.71 0.53
N SER A 64 9.09 14.88 1.58
CA SER A 64 7.87 14.55 2.34
C SER A 64 6.86 13.67 1.58
N ALA A 65 7.28 13.05 0.49
CA ALA A 65 6.36 12.28 -0.34
C ALA A 65 6.00 10.91 0.21
N VAL A 66 4.79 10.46 -0.11
CA VAL A 66 4.39 9.09 0.23
C VAL A 66 4.11 8.45 -1.11
N THR A 67 4.46 7.20 -1.26
CA THR A 67 4.13 6.47 -2.49
C THR A 67 2.88 5.67 -2.21
N ILE A 68 1.85 5.95 -3.00
CA ILE A 68 0.55 5.34 -2.77
C ILE A 68 0.38 4.15 -3.71
N HIS A 69 1.20 3.14 -3.46
CA HIS A 69 1.09 1.88 -4.20
C HIS A 69 0.26 1.05 -3.24
N VAL A 70 -1.06 0.89 -3.52
CA VAL A 70 -1.87 0.23 -2.53
C VAL A 70 -1.89 -1.20 -3.04
N LEU A 71 -1.89 -2.12 -2.10
CA LEU A 71 -1.77 -3.52 -2.43
C LEU A 71 -3.02 -4.26 -2.01
N GLN A 72 -3.66 -4.83 -3.00
CA GLN A 72 -4.79 -5.71 -2.74
C GLN A 72 -4.15 -7.10 -2.71
N GLY A 73 -3.97 -7.61 -1.50
CA GLY A 73 -3.40 -8.94 -1.36
C GLY A 73 -3.55 -9.41 0.10
N GLU A 74 -2.54 -10.11 0.61
CA GLU A 74 -2.66 -10.69 1.96
C GLU A 74 -1.86 -9.87 2.98
N ARG A 75 -0.61 -10.20 3.25
CA ARG A 75 0.08 -9.48 4.32
C ARG A 75 1.43 -10.10 4.66
N LYS A 76 2.44 -9.25 4.81
CA LYS A 76 3.74 -9.73 5.26
C LYS A 76 4.57 -10.27 4.10
N ARG A 77 4.40 -11.53 3.77
CA ARG A 77 5.11 -12.06 2.60
C ARG A 77 4.48 -11.38 1.40
N ALA A 78 5.24 -10.52 0.74
CA ALA A 78 4.65 -9.74 -0.35
C ALA A 78 4.51 -10.48 -1.68
N ALA A 79 3.38 -11.17 -1.76
CA ALA A 79 2.94 -11.82 -2.99
C ALA A 79 1.50 -11.34 -2.97
N ASP A 80 1.45 -10.15 -2.43
CA ASP A 80 0.20 -9.47 -2.16
C ASP A 80 0.16 -8.30 -3.11
N ASN A 81 0.60 -8.58 -4.32
CA ASN A 81 0.75 -7.51 -5.30
C ASN A 81 -0.38 -7.49 -6.31
N LYS A 82 -1.60 -7.52 -5.81
CA LYS A 82 -2.72 -7.34 -6.72
C LYS A 82 -2.64 -5.83 -6.92
N SER A 83 -2.81 -5.34 -8.12
CA SER A 83 -2.59 -3.90 -8.30
C SER A 83 -3.73 -3.12 -7.68
N LEU A 84 -3.41 -2.31 -6.67
CA LEU A 84 -4.41 -1.44 -6.10
C LEU A 84 -3.61 -0.16 -6.08
N GLY A 85 -2.64 -0.09 -6.98
CA GLY A 85 -1.96 1.18 -7.04
C GLY A 85 -0.55 1.26 -7.56
N GLN A 86 -0.19 2.54 -7.65
CA GLN A 86 1.16 2.98 -7.99
C GLN A 86 1.05 4.47 -8.28
N PHE A 87 0.97 5.28 -7.24
CA PHE A 87 0.89 6.73 -7.42
C PHE A 87 1.84 7.37 -6.41
N ASN A 88 1.92 8.68 -6.40
CA ASN A 88 2.83 9.32 -5.45
C ASN A 88 2.39 10.74 -5.08
N LEU A 89 2.28 11.00 -3.78
CA LEU A 89 1.99 12.37 -3.34
C LEU A 89 3.38 12.98 -3.26
N ASP A 90 3.60 14.09 -3.95
CA ASP A 90 4.89 14.75 -3.85
C ASP A 90 4.68 16.25 -3.94
N GLY A 91 4.38 16.87 -2.81
CA GLY A 91 4.14 18.31 -2.86
C GLY A 91 4.10 18.91 -1.46
N ILE A 92 4.94 18.41 -0.56
CA ILE A 92 5.06 19.00 0.76
C ILE A 92 6.57 19.12 0.77
N ASN A 93 7.06 19.74 -0.30
CA ASN A 93 8.50 19.85 -0.54
C ASN A 93 8.85 21.30 -0.92
N PRO A 94 9.99 21.91 -0.57
CA PRO A 94 11.02 21.33 0.30
C PRO A 94 10.57 21.49 1.74
N ALA A 95 10.33 20.40 2.44
CA ALA A 95 9.81 20.58 3.81
C ALA A 95 10.06 19.23 4.45
N PRO A 96 11.22 18.94 5.03
CA PRO A 96 11.72 17.58 4.92
C PRO A 96 10.97 16.53 5.70
N ARG A 97 11.43 15.32 5.49
CA ARG A 97 10.77 14.15 6.03
C ARG A 97 10.94 14.08 7.55
N GLY A 98 10.58 12.95 8.14
CA GLY A 98 10.64 12.89 9.60
C GLY A 98 9.55 13.77 10.18
N MET A 99 8.35 13.63 9.62
CA MET A 99 7.23 14.46 10.03
C MET A 99 6.02 13.55 10.18
N PRO A 100 5.69 12.99 11.34
CA PRO A 100 4.73 11.89 11.38
C PRO A 100 3.29 12.36 11.57
N GLN A 101 2.84 13.26 10.72
CA GLN A 101 1.44 13.69 10.74
C GLN A 101 0.89 13.69 9.32
N ILE A 102 1.17 12.67 8.52
CA ILE A 102 0.55 12.62 7.19
C ILE A 102 -0.55 11.59 7.35
N GLU A 103 -1.70 12.04 7.81
CA GLU A 103 -2.76 11.07 8.09
C GLU A 103 -3.36 10.67 6.77
N VAL A 104 -3.48 9.36 6.56
CA VAL A 104 -3.96 8.88 5.26
C VAL A 104 -5.26 8.16 5.52
N THR A 105 -6.34 8.85 5.19
CA THR A 105 -7.64 8.28 5.50
C THR A 105 -8.11 7.42 4.34
N PHE A 106 -8.72 6.30 4.69
CA PHE A 106 -9.24 5.40 3.67
C PHE A 106 -10.71 5.19 3.95
N ASP A 107 -11.51 5.62 3.00
CA ASP A 107 -12.97 5.52 3.17
C ASP A 107 -13.50 4.97 1.88
N ILE A 108 -14.09 3.79 1.93
CA ILE A 108 -14.61 3.27 0.66
C ILE A 108 -16.07 3.72 0.61
N ASP A 109 -16.59 3.89 -0.58
CA ASP A 109 -17.97 4.38 -0.68
C ASP A 109 -18.86 3.17 -0.72
N ALA A 110 -20.16 3.39 -0.81
CA ALA A 110 -21.08 2.25 -0.77
C ALA A 110 -21.23 1.63 -2.16
N ASP A 111 -20.82 2.36 -3.17
CA ASP A 111 -20.95 1.83 -4.53
C ASP A 111 -19.74 0.96 -4.84
N GLY A 112 -18.60 1.32 -4.26
CA GLY A 112 -17.40 0.48 -4.41
C GLY A 112 -16.26 1.24 -5.05
N ILE A 113 -15.71 2.20 -4.33
CA ILE A 113 -14.53 2.89 -4.84
C ILE A 113 -13.77 3.42 -3.63
N LEU A 114 -12.46 3.30 -3.66
CA LEU A 114 -11.69 3.72 -2.49
C LEU A 114 -11.39 5.20 -2.58
N HIS A 115 -12.20 5.90 -1.83
CA HIS A 115 -12.01 7.34 -1.70
C HIS A 115 -11.05 7.60 -0.54
N VAL A 116 -9.80 7.87 -0.90
CA VAL A 116 -8.75 8.03 0.12
C VAL A 116 -8.08 9.37 -0.14
N SER A 117 -7.76 10.08 0.93
CA SER A 117 -7.03 11.34 0.79
C SER A 117 -5.82 11.29 1.67
N ALA A 118 -4.65 11.35 1.06
CA ALA A 118 -3.45 11.44 1.90
C ALA A 118 -3.46 12.89 2.28
N LYS A 119 -3.82 13.13 3.52
CA LYS A 119 -3.91 14.48 4.04
C LYS A 119 -2.68 14.72 4.87
N ASP A 120 -1.95 15.75 4.48
CA ASP A 120 -0.68 16.02 5.11
C ASP A 120 -0.83 17.09 6.15
N LYS A 121 -0.03 16.88 7.18
CA LYS A 121 -0.10 17.76 8.35
C LYS A 121 1.11 18.70 8.33
N ASN A 122 1.42 19.17 7.14
CA ASN A 122 2.47 20.17 6.98
C ASN A 122 1.77 21.46 6.60
N SER A 123 0.74 21.35 5.76
CA SER A 123 -0.04 22.55 5.46
C SER A 123 -1.48 22.14 5.21
N GLY A 124 -1.81 20.85 5.40
CA GLY A 124 -3.18 20.46 5.06
C GLY A 124 -3.17 20.22 3.56
N LYS A 125 -2.03 19.72 3.10
CA LYS A 125 -1.90 19.47 1.67
C LYS A 125 -2.69 18.18 1.47
N GLU A 126 -3.19 17.83 0.29
CA GLU A 126 -3.80 16.51 0.18
C GLU A 126 -3.85 16.02 -1.25
N GLN A 127 -4.04 14.71 -1.43
CA GLN A 127 -4.20 14.22 -2.81
C GLN A 127 -5.19 13.08 -2.75
N LYS A 128 -6.33 13.31 -3.38
CA LYS A 128 -7.39 12.33 -3.28
C LYS A 128 -7.36 11.38 -4.45
N ILE A 129 -7.61 10.11 -4.16
CA ILE A 129 -7.72 9.11 -5.24
C ILE A 129 -9.02 8.36 -5.08
N THR A 130 -9.41 7.80 -6.21
CA THR A 130 -10.67 7.06 -6.31
C THR A 130 -10.24 5.85 -7.09
N ILE A 131 -9.74 4.89 -6.34
CA ILE A 131 -9.14 3.70 -6.98
C ILE A 131 -9.97 2.43 -6.85
N LYS A 132 -10.17 1.80 -8.00
CA LYS A 132 -10.98 0.58 -8.04
C LYS A 132 -10.33 -0.56 -7.30
N ALA A 133 -11.08 -1.65 -7.18
CA ALA A 133 -10.57 -2.78 -6.41
C ALA A 133 -11.30 -4.04 -6.90
N SER A 134 -10.94 -4.49 -8.09
CA SER A 134 -11.68 -5.62 -8.66
C SER A 134 -11.16 -6.93 -8.09
N SER A 135 -11.99 -7.95 -8.16
CA SER A 135 -11.57 -9.25 -7.62
C SER A 135 -10.73 -9.98 -8.67
N GLY A 136 -10.95 -11.27 -8.85
CA GLY A 136 -10.13 -12.01 -9.79
C GLY A 136 -8.81 -12.40 -9.13
N LEU A 137 -8.77 -13.58 -8.56
CA LEU A 137 -7.54 -13.98 -7.86
C LEU A 137 -7.51 -15.48 -7.61
N ASN A 138 -6.35 -15.96 -7.20
CA ASN A 138 -6.22 -17.37 -6.82
C ASN A 138 -5.23 -17.43 -5.66
N GLU A 139 -5.26 -18.55 -4.95
CA GLU A 139 -4.42 -18.66 -3.75
C GLU A 139 -2.93 -18.76 -4.07
N ASP A 140 -2.59 -19.21 -5.28
CA ASP A 140 -1.18 -19.22 -5.70
C ASP A 140 -1.01 -18.24 -6.82
N GLU A 141 -1.88 -17.27 -6.69
CA GLU A 141 -1.77 -16.10 -7.52
C GLU A 141 -0.81 -15.53 -6.50
N ILE A 142 -1.25 -15.57 -5.24
CA ILE A 142 -0.36 -15.19 -4.14
C ILE A 142 0.79 -16.19 -3.97
N GLN A 143 0.64 -17.41 -3.48
CA GLN A 143 1.79 -18.35 -3.34
C GLN A 143 2.66 -18.65 -4.59
N LYS A 144 2.08 -18.53 -5.76
CA LYS A 144 2.87 -18.71 -6.99
C LYS A 144 3.72 -17.46 -7.18
N MET A 145 3.11 -16.36 -6.76
CA MET A 145 3.85 -15.11 -6.76
C MET A 145 4.73 -15.13 -5.54
N VAL A 146 4.62 -16.03 -4.56
CA VAL A 146 5.60 -16.05 -3.46
C VAL A 146 6.88 -16.59 -4.03
N ARG A 147 6.80 -17.56 -4.91
CA ARG A 147 8.07 -17.99 -5.44
C ARG A 147 8.66 -16.96 -6.35
N ASP A 148 8.11 -16.79 -7.55
CA ASP A 148 8.79 -15.88 -8.47
C ASP A 148 8.86 -14.49 -7.86
N ALA A 149 7.70 -14.02 -7.49
CA ALA A 149 7.61 -12.64 -7.12
C ALA A 149 7.72 -12.44 -5.63
N GLU A 150 7.82 -13.42 -4.72
CA GLU A 150 7.79 -12.93 -3.36
C GLU A 150 9.28 -12.90 -3.11
N ALA A 151 9.97 -13.82 -3.80
CA ALA A 151 11.41 -13.85 -3.68
C ALA A 151 12.04 -12.58 -4.23
N ASN A 152 11.67 -12.12 -5.43
CA ASN A 152 12.39 -10.96 -5.96
C ASN A 152 11.58 -9.80 -6.55
N ALA A 153 10.26 -9.76 -6.48
CA ALA A 153 9.55 -8.69 -7.19
C ALA A 153 9.88 -7.31 -6.65
N GLU A 154 9.24 -7.10 -5.53
CA GLU A 154 9.31 -5.83 -4.84
C GLU A 154 10.12 -6.12 -3.61
N ALA A 155 10.42 -7.40 -3.51
CA ALA A 155 11.33 -7.84 -2.48
C ALA A 155 12.63 -7.27 -3.00
N ASP A 156 13.00 -7.52 -4.26
CA ASP A 156 14.31 -7.06 -4.70
C ASP A 156 14.37 -5.63 -5.19
N ARG A 157 13.41 -5.18 -5.97
CA ARG A 157 13.57 -3.84 -6.54
C ARG A 157 13.04 -2.85 -5.56
N LYS A 158 12.03 -3.30 -4.84
CA LYS A 158 11.48 -2.42 -3.83
C LYS A 158 12.51 -2.28 -2.73
N PHE A 159 13.19 -3.34 -2.30
CA PHE A 159 14.05 -3.10 -1.15
C PHE A 159 15.24 -2.25 -1.53
N GLU A 160 15.83 -2.53 -2.67
CA GLU A 160 17.07 -1.83 -2.95
C GLU A 160 16.97 -0.38 -3.38
N GLU A 161 15.89 0.06 -4.01
CA GLU A 161 15.92 1.44 -4.50
C GLU A 161 14.69 2.19 -4.04
N LEU A 162 13.90 1.54 -3.21
CA LEU A 162 12.71 2.20 -2.72
C LEU A 162 12.64 2.03 -1.21
N VAL A 163 13.51 1.20 -0.61
CA VAL A 163 13.50 1.11 0.86
C VAL A 163 14.83 1.65 1.40
N GLN A 164 15.96 1.37 0.73
CA GLN A 164 17.30 1.80 1.21
C GLN A 164 17.73 0.56 1.95
N THR A 165 17.26 -0.49 1.32
CA THR A 165 17.56 -1.86 1.68
C THR A 165 17.47 -2.20 3.17
N ARG A 166 16.33 -2.79 3.48
CA ARG A 166 16.05 -3.26 4.84
C ARG A 166 16.11 -2.17 5.90
N ASN A 167 14.95 -1.57 6.11
CA ASN A 167 14.81 -0.59 7.18
C ASN A 167 13.38 -0.75 7.65
N GLN A 168 13.08 -1.95 8.14
CA GLN A 168 11.71 -2.27 8.51
C GLN A 168 11.27 -1.56 9.79
N GLY A 169 10.58 -0.45 9.59
CA GLY A 169 9.99 0.27 10.72
C GLY A 169 8.62 0.78 10.31
N ASP A 170 7.62 0.55 11.14
CA ASP A 170 6.29 1.04 10.79
C ASP A 170 6.28 2.54 11.01
N HIS A 171 5.30 3.23 10.43
CA HIS A 171 5.23 4.70 10.46
C HIS A 171 6.21 5.33 9.48
N LEU A 172 7.49 5.25 9.80
CA LEU A 172 8.52 5.72 8.87
C LEU A 172 8.42 4.90 7.59
N LEU A 173 8.48 5.57 6.44
CA LEU A 173 8.28 4.88 5.18
C LEU A 173 9.10 5.63 4.14
N HIS A 174 10.28 5.11 3.87
CA HIS A 174 11.10 5.69 2.80
C HIS A 174 10.38 5.51 1.48
N SER A 175 9.90 6.62 0.95
CA SER A 175 9.09 6.59 -0.26
C SER A 175 9.71 7.53 -1.26
N THR A 176 10.36 6.98 -2.27
CA THR A 176 11.08 7.82 -3.22
C THR A 176 11.13 7.16 -4.58
N ARG A 177 10.26 7.56 -5.48
CA ARG A 177 10.24 6.90 -6.78
C ARG A 177 11.32 7.50 -7.67
N LYS A 178 12.10 6.63 -8.28
CA LYS A 178 13.18 7.11 -9.14
C LYS A 178 13.58 5.97 -10.07
N GLN A 179 13.82 6.28 -11.32
CA GLN A 179 14.20 5.22 -12.26
C GLN A 179 14.97 5.82 -13.43
N VAL A 180 16.22 6.16 -13.20
CA VAL A 180 17.02 6.70 -14.30
C VAL A 180 17.44 5.55 -15.20
N GLU A 181 18.05 5.87 -16.32
CA GLU A 181 18.48 4.80 -17.22
C GLU A 181 19.57 5.32 -18.15
N GLU A 182 20.61 4.51 -18.32
CA GLU A 182 21.71 4.89 -19.19
C GLU A 182 22.02 3.72 -20.12
N ALA A 183 22.03 3.97 -21.41
CA ALA A 183 22.31 2.88 -22.34
C ALA A 183 22.70 3.46 -23.69
N SER A 11 -17.66 -26.41 2.66
CA SER A 11 -16.51 -25.56 2.34
C SER A 11 -16.39 -24.47 3.39
N ILE A 12 -16.01 -24.89 4.59
CA ILE A 12 -15.75 -23.91 5.66
C ILE A 12 -14.27 -23.54 5.63
N GLU A 13 -13.49 -24.32 4.89
CA GLU A 13 -12.06 -24.01 4.83
C GLU A 13 -11.86 -22.74 4.01
N GLY A 14 -10.79 -22.01 4.31
CA GLY A 14 -10.54 -20.79 3.56
C GLY A 14 -9.59 -19.90 4.33
N ARG A 15 -8.91 -19.01 3.63
CA ARG A 15 -7.99 -18.12 4.32
C ARG A 15 -7.72 -16.90 3.45
N VAL A 16 -7.21 -17.13 2.25
CA VAL A 16 -6.92 -15.99 1.39
C VAL A 16 -8.23 -15.48 0.80
N LYS A 17 -8.84 -16.27 -0.08
CA LYS A 17 -10.10 -15.81 -0.67
C LYS A 17 -11.24 -16.06 0.30
N ASP A 18 -12.04 -15.04 0.53
CA ASP A 18 -13.19 -15.22 1.42
C ASP A 18 -14.15 -14.05 1.23
N VAL A 19 -14.92 -14.09 0.14
CA VAL A 19 -15.95 -13.08 -0.08
C VAL A 19 -17.24 -13.84 -0.35
N LEU A 20 -17.86 -14.33 0.72
CA LEU A 20 -19.16 -14.98 0.60
C LEU A 20 -19.97 -14.65 1.84
N LEU A 21 -19.32 -14.69 2.99
CA LEU A 21 -19.97 -14.28 4.24
C LEU A 21 -19.20 -13.07 4.75
N LEU A 22 -18.58 -12.43 3.80
CA LEU A 22 -17.86 -11.18 4.02
C LEU A 22 -18.09 -10.45 2.72
N ASP A 23 -18.94 -9.47 2.86
CA ASP A 23 -19.25 -8.55 1.76
C ASP A 23 -18.42 -7.30 2.03
N VAL A 24 -17.13 -7.52 1.88
CA VAL A 24 -16.13 -6.53 2.24
C VAL A 24 -15.24 -6.16 1.08
N THR A 25 -14.18 -5.42 1.39
CA THR A 25 -13.19 -5.08 0.36
C THR A 25 -12.58 -6.36 -0.25
N PRO A 26 -11.98 -6.39 -1.45
CA PRO A 26 -12.05 -7.65 -2.20
C PRO A 26 -10.93 -8.68 -2.04
N LEU A 27 -9.85 -8.43 -1.31
CA LEU A 27 -8.81 -9.46 -1.25
C LEU A 27 -7.92 -9.14 -0.08
N SER A 28 -8.10 -7.89 0.32
CA SER A 28 -7.33 -7.19 1.35
C SER A 28 -6.42 -6.22 0.62
N LEU A 29 -6.14 -5.11 1.29
CA LEU A 29 -5.39 -4.02 0.64
C LEU A 29 -4.07 -3.93 1.39
N GLY A 30 -3.10 -3.14 0.93
CA GLY A 30 -1.80 -3.15 1.57
C GLY A 30 -0.64 -2.57 0.83
N ILE A 31 -0.22 -1.46 1.36
CA ILE A 31 0.84 -0.69 0.68
C ILE A 31 2.12 -1.52 0.76
N GLU A 32 2.92 -1.35 -0.27
CA GLU A 32 4.23 -2.00 -0.26
C GLU A 32 5.09 -1.19 0.70
N THR A 33 5.64 -1.82 1.72
CA THR A 33 6.37 -1.07 2.75
C THR A 33 7.83 -1.50 2.87
N MET A 34 8.53 -0.75 3.72
CA MET A 34 9.97 -0.90 3.92
C MET A 34 10.39 -2.33 4.24
N GLY A 35 11.09 -2.92 3.28
CA GLY A 35 11.49 -4.32 3.38
C GLY A 35 11.11 -5.12 2.14
N GLY A 36 9.92 -4.87 1.58
CA GLY A 36 9.43 -5.67 0.47
C GLY A 36 8.29 -6.42 1.12
N VAL A 37 7.61 -5.66 1.98
CA VAL A 37 6.56 -6.24 2.81
C VAL A 37 5.20 -5.71 2.38
N MET A 38 4.14 -6.38 2.82
CA MET A 38 2.78 -5.88 2.56
C MET A 38 2.10 -5.56 3.88
N THR A 39 2.03 -4.27 4.18
CA THR A 39 1.31 -3.83 5.39
C THR A 39 -0.06 -3.39 4.94
N THR A 40 -1.10 -3.94 5.54
CA THR A 40 -2.44 -3.67 5.03
C THR A 40 -2.96 -2.24 5.07
N LEU A 41 -3.72 -1.84 4.03
CA LEU A 41 -4.14 -0.45 4.03
C LEU A 41 -5.42 -0.53 4.85
N ILE A 42 -6.32 -1.34 4.33
CA ILE A 42 -7.57 -1.66 5.00
C ILE A 42 -7.68 -3.13 4.60
N ALA A 43 -8.70 -3.89 4.96
CA ALA A 43 -8.68 -5.29 4.52
C ALA A 43 -10.05 -5.93 4.49
N LYS A 44 -10.05 -7.24 4.24
CA LYS A 44 -11.30 -8.00 4.29
C LYS A 44 -11.74 -7.96 5.76
N ASN A 45 -13.05 -8.07 6.00
CA ASN A 45 -13.64 -7.89 7.34
C ASN A 45 -13.88 -6.38 7.51
N THR A 46 -13.83 -5.66 6.39
CA THR A 46 -14.16 -4.23 6.37
C THR A 46 -15.18 -4.09 5.25
N THR A 47 -16.37 -3.89 5.75
CA THR A 47 -17.58 -3.87 4.93
C THR A 47 -17.77 -2.59 4.18
N ILE A 48 -18.02 -2.73 2.90
CA ILE A 48 -18.10 -1.54 2.07
C ILE A 48 -19.49 -0.92 2.24
N PRO A 49 -19.69 0.39 2.44
CA PRO A 49 -18.64 1.41 2.38
C PRO A 49 -17.86 1.49 3.68
N THR A 50 -16.56 1.60 3.52
CA THR A 50 -15.64 1.60 4.67
C THR A 50 -15.03 2.97 4.81
N LYS A 51 -14.47 3.17 5.98
CA LYS A 51 -13.74 4.40 6.25
C LYS A 51 -12.68 4.08 7.30
N HIS A 52 -11.42 4.38 7.04
CA HIS A 52 -10.40 4.03 8.04
C HIS A 52 -9.13 4.86 7.83
N SER A 53 -8.48 5.19 8.93
CA SER A 53 -7.32 6.07 8.91
C SER A 53 -6.05 5.41 9.42
N GLN A 54 -5.07 5.28 8.55
CA GLN A 54 -3.76 4.78 9.03
C GLN A 54 -2.72 5.80 8.64
N VAL A 55 -1.96 6.21 9.65
CA VAL A 55 -0.98 7.28 9.48
C VAL A 55 0.41 6.71 9.29
N PHE A 56 1.07 7.24 8.27
CA PHE A 56 2.44 6.82 7.98
C PHE A 56 3.30 8.07 7.83
N SER A 57 4.57 7.89 7.52
CA SER A 57 5.45 9.05 7.36
C SER A 57 6.35 8.84 6.16
N THR A 58 7.36 9.70 6.04
CA THR A 58 8.30 9.59 4.94
C THR A 58 9.69 9.43 5.54
N ALA A 59 10.47 8.50 4.99
CA ALA A 59 11.76 8.20 5.59
C ALA A 59 12.83 9.18 5.11
N GLU A 60 12.90 9.38 3.80
CA GLU A 60 13.96 10.21 3.24
C GLU A 60 13.48 11.65 3.10
N ASP A 61 12.20 11.85 3.35
CA ASP A 61 11.63 13.19 3.34
C ASP A 61 10.90 13.40 4.65
N ASN A 62 10.72 14.65 5.05
CA ASN A 62 9.94 14.96 6.24
C ASN A 62 8.54 14.92 5.67
N GLN A 63 8.49 15.60 4.55
CA GLN A 63 7.28 15.62 3.75
C GLN A 63 7.76 16.19 2.42
N SER A 64 7.74 15.36 1.39
CA SER A 64 8.07 15.89 0.06
C SER A 64 7.63 14.88 -0.97
N ALA A 65 7.45 13.64 -0.55
CA ALA A 65 6.91 12.65 -1.48
C ALA A 65 6.44 11.43 -0.70
N VAL A 66 5.22 10.98 -0.94
CA VAL A 66 4.78 9.72 -0.32
C VAL A 66 4.15 8.91 -1.41
N THR A 67 4.83 7.81 -1.57
CA THR A 67 4.47 6.91 -2.67
C THR A 67 3.30 6.04 -2.26
N ILE A 68 2.18 6.27 -2.93
CA ILE A 68 0.97 5.52 -2.63
C ILE A 68 0.83 4.41 -3.67
N HIS A 69 1.61 3.38 -3.42
CA HIS A 69 1.56 2.17 -4.22
C HIS A 69 0.80 1.22 -3.31
N VAL A 70 -0.51 1.06 -3.58
CA VAL A 70 -1.28 0.28 -2.66
C VAL A 70 -1.25 -1.08 -3.30
N LEU A 71 -1.23 -2.13 -2.51
CA LEU A 71 -1.27 -3.47 -3.13
C LEU A 71 -2.53 -4.18 -2.70
N GLN A 72 -3.21 -4.66 -3.71
CA GLN A 72 -4.38 -5.51 -3.46
C GLN A 72 -3.85 -6.94 -3.40
N GLY A 73 -3.66 -7.41 -2.17
CA GLY A 73 -3.27 -8.80 -1.98
C GLY A 73 -3.83 -9.26 -0.64
N GLU A 74 -3.10 -10.10 0.11
CA GLU A 74 -3.66 -10.65 1.35
C GLU A 74 -3.08 -9.94 2.58
N ARG A 75 -1.99 -10.45 3.15
CA ARG A 75 -1.48 -9.85 4.39
C ARG A 75 -0.11 -10.43 4.70
N LYS A 76 0.90 -9.57 4.69
CA LYS A 76 2.28 -9.99 5.00
C LYS A 76 2.82 -10.97 3.95
N ARG A 77 4.14 -10.96 3.80
CA ARG A 77 4.81 -11.75 2.75
C ARG A 77 4.31 -11.20 1.41
N ALA A 78 5.19 -10.53 0.69
CA ALA A 78 4.75 -9.86 -0.52
C ALA A 78 4.58 -10.73 -1.78
N ALA A 79 3.46 -11.47 -1.76
CA ALA A 79 3.01 -12.25 -2.92
C ALA A 79 1.59 -11.72 -3.01
N ASP A 80 1.46 -10.64 -2.29
CA ASP A 80 0.21 -9.91 -2.16
C ASP A 80 0.36 -8.65 -3.00
N ASN A 81 0.87 -8.84 -4.21
CA ASN A 81 1.19 -7.70 -5.05
C ASN A 81 0.26 -7.50 -6.24
N LYS A 82 -1.05 -7.54 -6.03
CA LYS A 82 -1.93 -7.21 -7.14
C LYS A 82 -1.83 -5.69 -7.21
N SER A 83 -1.88 -5.08 -8.38
CA SER A 83 -1.66 -3.64 -8.43
C SER A 83 -2.88 -2.89 -7.88
N LEU A 84 -2.62 -1.95 -6.98
CA LEU A 84 -3.68 -1.12 -6.46
C LEU A 84 -2.97 0.20 -6.38
N GLY A 85 -2.12 0.32 -7.39
CA GLY A 85 -1.45 1.58 -7.60
C GLY A 85 0.05 1.65 -7.60
N GLN A 86 0.48 2.85 -7.95
CA GLN A 86 1.89 3.21 -7.90
C GLN A 86 1.94 4.68 -8.30
N PHE A 87 1.61 5.55 -7.36
CA PHE A 87 1.62 6.99 -7.64
C PHE A 87 2.36 7.67 -6.50
N ASN A 88 2.44 8.99 -6.48
CA ASN A 88 3.05 9.64 -5.32
C ASN A 88 2.52 11.05 -5.10
N LEU A 89 2.37 11.41 -3.83
CA LEU A 89 2.00 12.79 -3.51
C LEU A 89 3.29 13.56 -3.40
N ASP A 90 3.68 14.19 -4.49
CA ASP A 90 4.98 14.86 -4.53
C ASP A 90 4.87 16.36 -4.33
N GLY A 91 5.96 16.95 -3.88
CA GLY A 91 6.00 18.41 -3.77
C GLY A 91 5.38 18.86 -2.46
N ILE A 92 6.05 18.60 -1.35
CA ILE A 92 5.53 19.04 -0.05
C ILE A 92 6.72 19.74 0.58
N ASN A 93 7.58 20.19 -0.31
CA ASN A 93 8.86 20.79 0.10
C ASN A 93 8.62 22.18 0.70
N PRO A 94 9.48 22.81 1.49
CA PRO A 94 10.87 22.37 1.77
C PRO A 94 11.02 21.75 3.16
N ALA A 95 11.14 20.43 3.23
CA ALA A 95 11.40 19.81 4.52
C ALA A 95 11.95 18.39 4.31
N PRO A 96 13.15 17.98 4.76
CA PRO A 96 13.64 16.63 4.47
C PRO A 96 13.77 15.74 5.72
N ARG A 97 13.88 14.45 5.45
CA ARG A 97 14.09 13.40 6.47
C ARG A 97 13.28 13.44 7.77
N GLY A 98 12.38 12.46 7.94
CA GLY A 98 11.66 12.33 9.21
C GLY A 98 10.67 13.45 9.49
N MET A 99 9.52 13.09 10.07
CA MET A 99 8.56 14.13 10.49
C MET A 99 7.91 13.81 11.84
N PRO A 100 7.09 12.79 12.15
CA PRO A 100 6.69 11.69 11.25
C PRO A 100 5.17 11.74 11.01
N GLN A 101 4.68 12.77 10.32
CA GLN A 101 3.22 12.93 10.19
C GLN A 101 2.67 13.17 8.78
N ILE A 102 2.18 12.10 8.19
CA ILE A 102 1.47 12.19 6.91
C ILE A 102 0.30 11.23 7.16
N GLU A 103 -0.85 11.73 7.56
CA GLU A 103 -1.95 10.81 7.86
C GLU A 103 -2.63 10.44 6.56
N VAL A 104 -2.82 9.15 6.34
CA VAL A 104 -3.36 8.69 5.06
C VAL A 104 -4.70 8.05 5.35
N THR A 105 -5.76 8.64 4.80
CA THR A 105 -7.10 8.08 5.03
C THR A 105 -7.58 7.38 3.79
N PHE A 106 -8.49 6.44 4.01
CA PHE A 106 -8.91 5.61 2.89
C PHE A 106 -10.30 5.11 3.18
N ASP A 107 -11.17 5.56 2.29
CA ASP A 107 -12.59 5.28 2.43
C ASP A 107 -12.98 4.59 1.17
N ILE A 108 -13.45 3.36 1.26
CA ILE A 108 -13.89 2.75 0.00
C ILE A 108 -15.36 3.14 -0.09
N ASP A 109 -15.90 3.29 -1.29
CA ASP A 109 -17.30 3.69 -1.40
C ASP A 109 -18.12 2.41 -1.46
N ALA A 110 -19.42 2.55 -1.59
CA ALA A 110 -20.26 1.35 -1.55
C ALA A 110 -20.33 0.70 -2.93
N ASP A 111 -19.95 1.44 -3.95
CA ASP A 111 -19.98 0.87 -5.30
C ASP A 111 -18.70 0.10 -5.53
N GLY A 112 -17.62 0.53 -4.90
CA GLY A 112 -16.36 -0.22 -4.97
C GLY A 112 -15.27 0.60 -5.65
N ILE A 113 -14.72 1.55 -4.91
CA ILE A 113 -13.59 2.28 -5.46
C ILE A 113 -12.77 2.78 -4.28
N LEU A 114 -11.46 2.63 -4.35
CA LEU A 114 -10.64 2.99 -3.19
C LEU A 114 -10.33 4.47 -3.24
N HIS A 115 -11.07 5.20 -2.44
CA HIS A 115 -10.78 6.63 -2.32
C HIS A 115 -9.74 6.84 -1.22
N VAL A 116 -8.45 6.78 -1.60
CA VAL A 116 -7.38 6.98 -0.61
C VAL A 116 -6.69 8.30 -0.90
N SER A 117 -6.64 9.14 0.12
CA SER A 117 -6.05 10.47 -0.03
C SER A 117 -4.91 10.55 0.98
N ALA A 118 -3.69 10.72 0.49
CA ALA A 118 -2.60 10.88 1.45
C ALA A 118 -2.68 12.31 1.88
N LYS A 119 -2.92 12.52 3.15
CA LYS A 119 -3.04 13.87 3.71
C LYS A 119 -1.79 14.17 4.52
N ASP A 120 -1.26 15.38 4.37
CA ASP A 120 -0.08 15.75 5.16
C ASP A 120 -0.59 16.65 6.26
N LYS A 121 -0.13 16.29 7.44
CA LYS A 121 -0.60 16.95 8.66
C LYS A 121 -0.20 18.41 8.90
N ASN A 122 0.64 19.01 8.04
CA ASN A 122 1.10 20.37 8.30
C ASN A 122 0.93 21.26 7.07
N SER A 123 -0.27 21.24 6.50
CA SER A 123 -0.61 22.13 5.37
C SER A 123 0.10 21.70 4.10
N GLY A 124 0.31 20.40 4.00
CA GLY A 124 0.86 19.83 2.77
C GLY A 124 -0.39 19.27 2.13
N LYS A 125 -1.26 18.92 3.05
CA LYS A 125 -2.59 18.47 2.70
C LYS A 125 -2.59 17.22 1.83
N GLU A 126 -3.70 17.01 1.14
CA GLU A 126 -3.88 15.76 0.40
C GLU A 126 -3.98 15.72 -1.10
N GLN A 127 -3.94 14.48 -1.55
CA GLN A 127 -4.15 14.21 -2.97
C GLN A 127 -4.60 12.78 -2.99
N LYS A 128 -5.61 12.53 -3.79
CA LYS A 128 -6.24 11.22 -3.78
C LYS A 128 -6.39 10.53 -5.12
N ILE A 129 -6.45 9.21 -4.98
CA ILE A 129 -6.72 8.35 -6.13
C ILE A 129 -8.04 7.64 -5.87
N THR A 130 -8.63 7.25 -6.98
CA THR A 130 -9.90 6.52 -6.96
C THR A 130 -9.56 5.34 -7.83
N ILE A 131 -9.02 4.33 -7.17
CA ILE A 131 -8.49 3.17 -7.91
C ILE A 131 -9.30 1.88 -7.72
N LYS A 132 -9.57 1.26 -8.86
CA LYS A 132 -10.42 0.06 -8.86
C LYS A 132 -9.76 -1.11 -8.15
N ALA A 133 -10.44 -2.24 -8.21
CA ALA A 133 -9.94 -3.39 -7.47
C ALA A 133 -10.62 -4.65 -7.98
N SER A 134 -10.01 -5.30 -8.94
CA SER A 134 -10.64 -6.47 -9.53
C SER A 134 -10.50 -7.67 -8.62
N SER A 135 -11.60 -8.34 -8.35
CA SER A 135 -11.57 -9.50 -7.47
C SER A 135 -11.22 -10.74 -8.28
N GLY A 136 -11.33 -11.90 -7.65
CA GLY A 136 -11.11 -13.14 -8.38
C GLY A 136 -9.65 -13.58 -8.29
N LEU A 137 -9.14 -13.60 -7.06
CA LEU A 137 -7.75 -14.04 -6.86
C LEU A 137 -7.81 -15.21 -5.88
N ASN A 138 -6.76 -16.03 -5.90
CA ASN A 138 -6.75 -17.25 -5.09
C ASN A 138 -5.45 -17.36 -4.29
N GLU A 139 -5.43 -18.39 -3.46
CA GLU A 139 -4.33 -18.58 -2.52
C GLU A 139 -2.98 -18.92 -3.14
N ASP A 140 -2.92 -19.42 -4.36
CA ASP A 140 -1.60 -19.67 -4.96
C ASP A 140 -1.41 -18.87 -6.20
N GLU A 141 -2.02 -17.71 -6.05
CA GLU A 141 -1.83 -16.66 -7.02
C GLU A 141 -0.84 -16.03 -6.07
N ILE A 142 -1.24 -16.11 -4.81
CA ILE A 142 -0.35 -15.68 -3.75
C ILE A 142 0.84 -16.69 -3.65
N GLN A 143 0.67 -17.94 -3.30
CA GLN A 143 1.80 -18.88 -3.19
C GLN A 143 2.62 -19.10 -4.47
N LYS A 144 2.03 -19.00 -5.66
CA LYS A 144 2.90 -19.10 -6.86
C LYS A 144 3.68 -17.81 -6.99
N MET A 145 3.06 -16.73 -6.51
CA MET A 145 3.79 -15.47 -6.48
C MET A 145 4.66 -15.49 -5.22
N VAL A 146 4.63 -16.48 -4.33
CA VAL A 146 5.56 -16.50 -3.20
C VAL A 146 6.85 -17.03 -3.75
N ARG A 147 6.77 -17.93 -4.68
CA ARG A 147 8.04 -18.36 -5.21
C ARG A 147 8.61 -17.28 -6.07
N ASP A 148 8.04 -17.08 -7.25
CA ASP A 148 8.65 -16.12 -8.16
C ASP A 148 8.74 -14.76 -7.49
N ALA A 149 7.60 -14.33 -7.02
CA ALA A 149 7.53 -12.96 -6.59
C ALA A 149 7.65 -12.83 -5.09
N GLU A 150 7.72 -13.86 -4.23
CA GLU A 150 7.71 -13.44 -2.83
C GLU A 150 9.20 -13.39 -2.63
N ALA A 151 9.88 -14.29 -3.32
CA ALA A 151 11.33 -14.33 -3.20
C ALA A 151 11.96 -13.09 -3.79
N ASN A 152 11.55 -12.62 -4.98
CA ASN A 152 12.28 -11.49 -5.57
C ASN A 152 11.46 -10.33 -6.13
N ALA A 153 10.16 -10.18 -5.89
CA ALA A 153 9.43 -9.10 -6.57
C ALA A 153 9.94 -7.75 -6.15
N GLU A 154 9.41 -7.41 -4.99
CA GLU A 154 9.79 -6.16 -4.33
C GLU A 154 10.63 -6.62 -3.17
N ALA A 155 10.72 -7.93 -3.09
CA ALA A 155 11.62 -8.52 -2.13
C ALA A 155 12.96 -8.15 -2.75
N ASP A 156 13.21 -8.45 -4.03
CA ASP A 156 14.55 -8.17 -4.52
C ASP A 156 14.75 -6.79 -5.09
N ARG A 157 13.80 -6.25 -5.84
CA ARG A 157 14.10 -4.97 -6.48
C ARG A 157 13.64 -3.90 -5.54
N LYS A 158 12.65 -4.29 -4.77
CA LYS A 158 12.11 -3.35 -3.83
C LYS A 158 13.15 -3.21 -2.73
N PHE A 159 13.73 -4.30 -2.24
CA PHE A 159 14.62 -4.09 -1.10
C PHE A 159 15.91 -3.43 -1.57
N GLU A 160 16.48 -3.92 -2.66
CA GLU A 160 17.78 -3.40 -3.02
C GLU A 160 17.85 -1.98 -3.56
N GLU A 161 16.80 -1.45 -4.19
CA GLU A 161 16.97 -0.12 -4.78
C GLU A 161 15.79 0.75 -4.44
N LEU A 162 14.96 0.27 -3.53
CA LEU A 162 13.86 1.11 -3.07
C LEU A 162 13.78 1.05 -1.56
N VAL A 163 14.58 0.22 -0.90
CA VAL A 163 14.60 0.26 0.56
C VAL A 163 16.02 0.71 0.90
N GLN A 164 17.01 0.16 0.19
CA GLN A 164 18.42 0.57 0.31
C GLN A 164 18.91 -0.39 1.36
N THR A 165 18.29 -1.54 1.15
CA THR A 165 18.43 -2.74 1.97
C THR A 165 18.86 -2.52 3.42
N ARG A 166 17.88 -2.64 4.30
CA ARG A 166 18.15 -2.32 5.71
C ARG A 166 17.23 -3.08 6.66
N ASN A 167 16.10 -2.52 7.05
CA ASN A 167 15.27 -3.16 8.06
C ASN A 167 13.82 -2.74 7.88
N GLN A 168 12.91 -3.50 8.48
CA GLN A 168 11.49 -3.15 8.38
C GLN A 168 11.11 -2.16 9.48
N GLY A 169 11.40 -0.89 9.25
CA GLY A 169 10.99 0.10 10.25
C GLY A 169 9.54 0.50 10.04
N ASP A 170 8.78 0.56 11.12
CA ASP A 170 7.39 0.98 11.00
C ASP A 170 7.37 2.49 10.77
N HIS A 171 6.41 2.93 9.95
CA HIS A 171 6.21 4.37 9.66
C HIS A 171 7.19 4.96 8.64
N LEU A 172 8.48 4.71 8.80
CA LEU A 172 9.43 5.23 7.83
C LEU A 172 9.38 4.34 6.59
N LEU A 173 8.59 4.76 5.61
CA LEU A 173 8.39 3.91 4.44
C LEU A 173 9.46 4.21 3.39
N HIS A 174 9.10 4.90 2.33
CA HIS A 174 10.07 5.13 1.26
C HIS A 174 9.59 6.33 0.45
N SER A 175 10.52 7.19 0.07
CA SER A 175 10.15 8.36 -0.71
C SER A 175 11.28 8.69 -1.68
N THR A 176 11.28 8.04 -2.82
CA THR A 176 12.33 8.32 -3.80
C THR A 176 11.98 9.59 -4.57
N ARG A 177 12.96 10.47 -4.72
CA ARG A 177 12.69 11.72 -5.41
C ARG A 177 12.80 11.49 -6.90
N LYS A 178 13.76 10.69 -7.30
CA LYS A 178 13.92 10.43 -8.73
C LYS A 178 12.86 9.45 -9.19
N GLN A 179 11.79 9.96 -9.77
CA GLN A 179 10.74 9.06 -10.23
C GLN A 179 11.19 8.44 -11.55
N VAL A 180 11.03 7.13 -11.67
CA VAL A 180 11.46 6.49 -12.91
C VAL A 180 10.50 6.88 -14.03
N GLU A 181 11.07 7.18 -15.18
CA GLU A 181 10.25 7.57 -16.34
C GLU A 181 10.72 6.76 -17.54
N GLU A 182 9.91 5.80 -17.95
CA GLU A 182 10.30 4.98 -19.10
C GLU A 182 9.98 5.74 -20.37
N ALA A 183 11.02 6.09 -21.13
CA ALA A 183 10.76 6.81 -22.36
C ALA A 183 11.97 6.70 -23.27
N SER A 11 -5.54 -25.43 12.53
CA SER A 11 -5.64 -24.41 11.48
C SER A 11 -5.32 -23.05 12.08
N ILE A 12 -4.08 -22.88 12.48
CA ILE A 12 -3.63 -21.58 12.98
C ILE A 12 -3.03 -20.78 11.83
N GLU A 13 -2.85 -21.42 10.69
CA GLU A 13 -2.27 -20.69 9.56
C GLU A 13 -2.59 -21.45 8.28
N GLY A 14 -3.26 -20.79 7.35
CA GLY A 14 -3.59 -21.47 6.10
C GLY A 14 -4.70 -20.73 5.38
N ARG A 15 -5.66 -20.23 6.14
CA ARG A 15 -6.77 -19.53 5.50
C ARG A 15 -6.32 -18.13 5.13
N VAL A 16 -5.95 -17.93 3.89
CA VAL A 16 -5.51 -16.59 3.48
C VAL A 16 -6.74 -15.74 3.26
N LYS A 17 -7.76 -16.33 2.65
CA LYS A 17 -8.95 -15.55 2.29
C LYS A 17 -10.01 -15.63 3.39
N ASP A 18 -10.70 -14.51 3.60
CA ASP A 18 -11.80 -14.52 4.56
C ASP A 18 -12.88 -13.57 4.04
N VAL A 19 -13.40 -13.89 2.86
CA VAL A 19 -14.47 -13.08 2.26
C VAL A 19 -15.69 -14.03 2.23
N LEU A 20 -15.87 -14.72 3.35
CA LEU A 20 -16.90 -15.74 3.43
C LEU A 20 -18.26 -15.15 3.80
N LEU A 21 -18.25 -14.14 4.66
CA LEU A 21 -19.49 -13.48 5.09
C LEU A 21 -19.49 -12.10 4.46
N LEU A 22 -19.22 -12.12 3.17
CA LEU A 22 -19.04 -10.94 2.41
C LEU A 22 -20.25 -10.14 2.08
N ASP A 23 -19.74 -9.01 2.33
CA ASP A 23 -20.37 -7.74 2.07
C ASP A 23 -19.16 -6.87 2.22
N VAL A 24 -18.03 -7.54 2.09
CA VAL A 24 -16.73 -6.92 2.38
C VAL A 24 -15.79 -6.69 1.21
N THR A 25 -14.72 -5.95 1.53
CA THR A 25 -13.69 -5.66 0.56
C THR A 25 -13.09 -6.96 -0.03
N PRO A 26 -12.47 -7.03 -1.20
CA PRO A 26 -12.33 -8.32 -1.86
C PRO A 26 -11.01 -9.06 -1.64
N LEU A 27 -10.04 -8.52 -0.91
CA LEU A 27 -8.76 -9.23 -0.82
C LEU A 27 -8.08 -8.76 0.45
N SER A 28 -8.07 -7.43 0.48
CA SER A 28 -7.41 -6.59 1.48
C SER A 28 -6.53 -5.74 0.59
N LEU A 29 -6.34 -4.46 0.91
CA LEU A 29 -5.63 -3.63 -0.06
C LEU A 29 -5.04 -2.31 0.46
N GLY A 30 -3.71 -2.19 0.42
CA GLY A 30 -3.04 -0.96 0.78
C GLY A 30 -1.87 -0.43 0.04
N ILE A 31 -0.66 -0.66 0.51
CA ILE A 31 0.50 -0.01 -0.16
C ILE A 31 1.67 -1.00 -0.19
N GLU A 32 2.47 -0.92 -1.24
CA GLU A 32 3.68 -1.73 -1.28
C GLU A 32 4.62 -1.14 -0.23
N THR A 33 5.20 -1.97 0.63
CA THR A 33 6.01 -1.43 1.74
C THR A 33 7.46 -1.89 1.78
N MET A 34 8.19 -1.16 2.64
CA MET A 34 9.64 -1.28 2.83
C MET A 34 10.33 -2.62 2.68
N GLY A 35 10.79 -2.93 1.48
CA GLY A 35 11.56 -4.15 1.28
C GLY A 35 10.80 -5.34 0.73
N GLY A 36 9.79 -5.13 -0.10
CA GLY A 36 9.13 -6.28 -0.71
C GLY A 36 8.13 -6.84 0.29
N VAL A 37 7.44 -5.91 0.91
CA VAL A 37 6.51 -6.24 1.98
C VAL A 37 5.17 -5.71 1.49
N MET A 38 4.08 -6.18 2.06
CA MET A 38 2.77 -5.67 1.71
C MET A 38 1.99 -5.36 2.97
N THR A 39 1.63 -4.09 3.12
CA THR A 39 0.78 -3.69 4.25
C THR A 39 -0.59 -3.34 3.70
N THR A 40 -1.58 -4.09 4.13
CA THR A 40 -2.93 -3.85 3.63
C THR A 40 -3.46 -2.62 4.29
N LEU A 41 -4.34 -1.91 3.57
CA LEU A 41 -4.76 -0.64 4.13
C LEU A 41 -6.13 -0.89 4.74
N ILE A 42 -7.11 -1.07 3.87
CA ILE A 42 -8.45 -1.46 4.37
C ILE A 42 -8.35 -2.98 4.30
N ALA A 43 -9.38 -3.74 4.67
CA ALA A 43 -9.18 -5.19 4.69
C ALA A 43 -10.45 -5.99 4.49
N LYS A 44 -10.21 -7.25 4.22
CA LYS A 44 -11.30 -8.20 4.10
C LYS A 44 -11.93 -8.31 5.49
N ASN A 45 -13.22 -8.67 5.61
CA ASN A 45 -13.88 -8.65 6.93
C ASN A 45 -14.10 -7.20 7.36
N THR A 46 -14.28 -6.34 6.35
CA THR A 46 -14.62 -4.94 6.59
C THR A 46 -15.65 -4.70 5.50
N THR A 47 -16.84 -4.38 5.94
CA THR A 47 -17.98 -4.29 5.04
C THR A 47 -18.08 -2.95 4.36
N ILE A 48 -18.31 -3.06 3.07
CA ILE A 48 -18.31 -1.87 2.24
C ILE A 48 -19.69 -1.21 2.32
N PRO A 49 -19.85 0.11 2.43
CA PRO A 49 -18.76 1.09 2.38
C PRO A 49 -18.08 1.20 3.75
N THR A 50 -16.77 1.13 3.68
CA THR A 50 -15.94 1.17 4.87
C THR A 50 -15.41 2.59 4.98
N LYS A 51 -14.96 2.92 6.16
CA LYS A 51 -14.45 4.27 6.37
C LYS A 51 -13.61 4.31 7.64
N HIS A 52 -12.33 4.63 7.53
CA HIS A 52 -11.53 4.76 8.75
C HIS A 52 -10.30 5.63 8.43
N SER A 53 -9.66 6.20 9.44
CA SER A 53 -8.50 7.07 9.20
C SER A 53 -7.26 6.48 9.85
N GLN A 54 -6.19 6.34 9.07
CA GLN A 54 -4.93 5.87 9.67
C GLN A 54 -3.78 6.79 9.28
N VAL A 55 -3.16 7.37 10.31
CA VAL A 55 -2.09 8.34 10.08
C VAL A 55 -0.72 7.68 10.07
N PHE A 56 0.06 8.07 9.08
CA PHE A 56 1.41 7.52 8.91
C PHE A 56 2.41 8.65 8.63
N SER A 57 3.66 8.22 8.53
CA SER A 57 4.75 9.12 8.14
C SER A 57 5.60 8.33 7.16
N THR A 58 6.69 8.92 6.68
CA THR A 58 7.55 8.20 5.73
C THR A 58 8.86 7.83 6.42
N ALA A 59 9.88 7.53 5.63
CA ALA A 59 11.19 7.17 6.20
C ALA A 59 12.33 7.92 5.52
N GLU A 60 12.01 8.86 4.63
CA GLU A 60 13.09 9.59 3.95
C GLU A 60 12.65 11.01 3.60
N ASP A 61 11.36 11.21 3.52
CA ASP A 61 10.84 12.54 3.19
C ASP A 61 9.41 12.58 3.71
N ASN A 62 9.17 13.11 4.88
CA ASN A 62 7.83 13.03 5.44
C ASN A 62 6.93 13.97 4.69
N GLN A 63 7.22 15.24 4.83
CA GLN A 63 6.40 16.26 4.20
C GLN A 63 6.97 16.62 2.83
N SER A 64 7.07 15.64 1.95
CA SER A 64 7.49 15.95 0.59
C SER A 64 7.05 14.88 -0.38
N ALA A 65 7.05 13.60 0.00
CA ALA A 65 6.50 12.62 -0.94
C ALA A 65 6.16 11.29 -0.30
N VAL A 66 5.13 10.66 -0.87
CA VAL A 66 4.77 9.31 -0.45
C VAL A 66 4.56 8.61 -1.79
N THR A 67 4.96 7.36 -1.89
CA THR A 67 4.67 6.63 -3.12
C THR A 67 3.25 6.09 -2.99
N ILE A 68 2.48 6.30 -4.03
CA ILE A 68 1.08 5.89 -4.01
C ILE A 68 0.95 4.68 -4.92
N HIS A 69 1.76 3.68 -4.61
CA HIS A 69 1.66 2.40 -5.31
C HIS A 69 0.71 1.70 -4.37
N VAL A 70 -0.56 1.59 -4.73
CA VAL A 70 -1.48 1.07 -3.75
C VAL A 70 -1.38 -0.43 -4.07
N LEU A 71 -1.44 -1.32 -3.09
CA LEU A 71 -1.23 -2.75 -3.39
C LEU A 71 -2.37 -3.65 -2.93
N GLN A 72 -2.86 -4.37 -3.91
CA GLN A 72 -3.91 -5.39 -3.68
C GLN A 72 -3.31 -6.79 -3.52
N GLY A 73 -3.19 -7.17 -2.27
CA GLY A 73 -2.77 -8.53 -1.90
C GLY A 73 -2.75 -8.55 -0.37
N GLU A 74 -2.58 -9.71 0.28
CA GLU A 74 -2.65 -9.72 1.76
C GLU A 74 -1.54 -10.56 2.40
N ARG A 75 -1.29 -10.24 3.67
CA ARG A 75 -0.23 -10.86 4.49
C ARG A 75 1.12 -10.23 4.18
N LYS A 76 2.11 -10.54 5.00
CA LYS A 76 3.41 -9.89 4.87
C LYS A 76 4.31 -10.54 3.83
N ARG A 77 4.15 -11.83 3.61
CA ARG A 77 4.93 -12.47 2.55
C ARG A 77 4.42 -11.92 1.24
N ALA A 78 5.25 -11.15 0.56
CA ALA A 78 4.76 -10.48 -0.65
C ALA A 78 4.70 -11.36 -1.89
N ALA A 79 3.50 -11.91 -2.01
CA ALA A 79 3.08 -12.67 -3.18
C ALA A 79 1.72 -11.97 -3.35
N ASP A 80 1.75 -10.76 -2.84
CA ASP A 80 0.60 -9.86 -2.71
C ASP A 80 0.79 -8.71 -3.66
N ASN A 81 1.15 -9.04 -4.88
CA ASN A 81 1.48 -8.01 -5.86
C ASN A 81 0.44 -7.74 -6.92
N LYS A 82 -0.79 -7.54 -6.48
CA LYS A 82 -1.81 -7.13 -7.44
C LYS A 82 -1.71 -5.62 -7.51
N SER A 83 -1.62 -5.13 -8.72
CA SER A 83 -1.39 -3.70 -8.87
C SER A 83 -2.65 -2.94 -8.52
N LEU A 84 -2.47 -1.96 -7.65
CA LEU A 84 -3.56 -1.08 -7.31
C LEU A 84 -2.79 0.23 -7.43
N GLY A 85 -1.81 0.19 -8.31
CA GLY A 85 -1.10 1.40 -8.61
C GLY A 85 0.42 1.41 -8.68
N GLN A 86 0.88 2.62 -8.97
CA GLN A 86 2.31 2.93 -8.97
C GLN A 86 2.43 4.42 -9.30
N PHE A 87 2.16 5.28 -8.32
CA PHE A 87 2.23 6.73 -8.58
C PHE A 87 3.01 7.36 -7.43
N ASN A 88 3.03 8.68 -7.35
CA ASN A 88 3.67 9.32 -6.20
C ASN A 88 3.07 10.70 -5.93
N LEU A 89 2.81 10.99 -4.66
CA LEU A 89 2.36 12.33 -4.30
C LEU A 89 3.68 13.06 -4.09
N ASP A 90 3.78 14.30 -4.56
CA ASP A 90 5.06 15.01 -4.43
C ASP A 90 4.84 16.49 -4.19
N GLY A 91 5.78 17.09 -3.48
CA GLY A 91 5.74 18.53 -3.28
C GLY A 91 4.90 18.93 -2.07
N ILE A 92 5.31 18.53 -0.87
CA ILE A 92 4.61 19.01 0.33
C ILE A 92 5.70 19.90 0.93
N ASN A 93 5.35 20.90 1.74
CA ASN A 93 6.34 21.85 2.25
C ASN A 93 7.49 21.11 2.97
N PRO A 94 8.78 21.43 2.82
CA PRO A 94 9.81 20.43 3.11
C PRO A 94 10.07 20.26 4.59
N ALA A 95 9.96 19.02 5.02
CA ALA A 95 10.30 18.69 6.40
C ALA A 95 10.60 17.19 6.39
N PRO A 96 11.79 16.71 6.04
CA PRO A 96 11.91 15.32 5.60
C PRO A 96 12.15 14.37 6.79
N ARG A 97 11.93 13.09 6.56
CA ARG A 97 12.25 12.06 7.55
C ARG A 97 11.59 12.18 8.93
N GLY A 98 10.52 11.43 9.12
CA GLY A 98 9.88 11.36 10.45
C GLY A 98 9.30 12.66 10.97
N MET A 99 8.00 12.65 11.30
CA MET A 99 7.39 13.83 11.91
C MET A 99 6.53 13.44 13.13
N PRO A 100 5.39 12.73 13.16
CA PRO A 100 4.72 12.11 12.01
C PRO A 100 3.54 12.98 11.56
N GLN A 101 3.56 13.46 10.33
CA GLN A 101 2.53 14.39 9.86
C GLN A 101 1.92 14.07 8.50
N ILE A 102 1.51 12.83 8.24
CA ILE A 102 0.80 12.56 6.98
C ILE A 102 -0.38 11.69 7.35
N GLU A 103 -1.55 12.30 7.51
CA GLU A 103 -2.71 11.45 7.77
C GLU A 103 -3.04 10.73 6.47
N VAL A 104 -3.49 9.49 6.56
CA VAL A 104 -3.87 8.76 5.34
C VAL A 104 -5.22 8.15 5.64
N THR A 105 -6.26 8.71 5.03
CA THR A 105 -7.59 8.18 5.30
C THR A 105 -7.83 7.05 4.32
N PHE A 106 -8.64 6.09 4.74
CA PHE A 106 -8.82 4.89 3.94
C PHE A 106 -10.26 4.42 4.07
N ASP A 107 -11.02 4.75 3.04
CA ASP A 107 -12.43 4.40 3.03
C ASP A 107 -12.75 3.86 1.67
N ILE A 108 -13.50 2.77 1.66
CA ILE A 108 -13.87 2.19 0.36
C ILE A 108 -15.34 2.55 0.16
N ASP A 109 -15.80 2.61 -1.09
CA ASP A 109 -17.18 3.03 -1.32
C ASP A 109 -18.04 1.78 -1.34
N ALA A 110 -19.33 1.93 -1.63
CA ALA A 110 -20.22 0.77 -1.56
C ALA A 110 -20.18 -0.03 -2.85
N ASP A 111 -19.68 0.59 -3.91
CA ASP A 111 -19.61 -0.12 -5.19
C ASP A 111 -18.33 -0.94 -5.27
N GLY A 112 -17.37 -0.60 -4.41
CA GLY A 112 -16.12 -1.37 -4.38
C GLY A 112 -15.02 -0.58 -5.07
N ILE A 113 -14.54 0.45 -4.40
CA ILE A 113 -13.44 1.23 -4.99
C ILE A 113 -12.71 1.92 -3.86
N LEU A 114 -11.38 1.91 -3.90
CA LEU A 114 -10.62 2.45 -2.77
C LEU A 114 -10.43 3.95 -2.89
N HIS A 115 -11.20 4.64 -2.08
CA HIS A 115 -11.04 6.10 -1.99
C HIS A 115 -10.03 6.33 -0.87
N VAL A 116 -8.76 6.34 -1.24
CA VAL A 116 -7.70 6.57 -0.24
C VAL A 116 -7.08 7.92 -0.53
N SER A 117 -7.12 8.78 0.48
CA SER A 117 -6.63 10.15 0.33
C SER A 117 -5.46 10.34 1.26
N ALA A 118 -4.30 10.48 0.66
CA ALA A 118 -3.15 10.80 1.49
C ALA A 118 -3.32 12.28 1.76
N LYS A 119 -3.75 12.58 2.96
CA LYS A 119 -3.96 13.95 3.37
C LYS A 119 -2.76 14.33 4.22
N ASP A 120 -1.90 15.20 3.72
CA ASP A 120 -0.69 15.50 4.47
C ASP A 120 -0.86 16.75 5.23
N LYS A 121 -0.35 16.67 6.45
CA LYS A 121 -0.54 17.76 7.41
C LYS A 121 0.49 18.87 7.29
N ASN A 122 0.47 19.50 6.13
CA ASN A 122 1.28 20.68 5.88
C ASN A 122 0.20 21.73 5.84
N SER A 123 -0.87 21.35 5.17
CA SER A 123 -2.04 22.22 5.16
C SER A 123 -3.24 21.31 4.91
N GLY A 124 -3.09 20.00 5.03
CA GLY A 124 -4.22 19.16 4.67
C GLY A 124 -4.27 19.13 3.15
N LYS A 125 -3.10 19.09 2.54
CA LYS A 125 -3.09 19.01 1.08
C LYS A 125 -3.37 17.55 0.82
N GLU A 126 -3.90 17.13 -0.32
CA GLU A 126 -4.12 15.68 -0.44
C GLU A 126 -4.26 15.19 -1.87
N GLN A 127 -4.28 13.88 -2.01
CA GLN A 127 -4.55 13.30 -3.33
C GLN A 127 -5.36 12.06 -3.06
N LYS A 128 -6.62 12.21 -3.38
CA LYS A 128 -7.61 11.16 -3.10
C LYS A 128 -8.02 10.54 -4.40
N ILE A 129 -7.55 9.32 -4.58
CA ILE A 129 -7.84 8.59 -5.81
C ILE A 129 -8.81 7.46 -5.52
N THR A 130 -9.72 7.30 -6.46
CA THR A 130 -10.69 6.22 -6.39
C THR A 130 -10.19 5.15 -7.32
N ILE A 131 -9.33 4.29 -6.80
CA ILE A 131 -8.68 3.30 -7.67
C ILE A 131 -9.48 2.00 -7.67
N LYS A 132 -9.71 1.51 -8.89
CA LYS A 132 -10.55 0.33 -9.11
C LYS A 132 -10.18 -0.88 -8.25
N ALA A 133 -11.10 -1.82 -8.19
CA ALA A 133 -10.90 -2.96 -7.31
C ALA A 133 -11.88 -4.06 -7.67
N SER A 134 -11.45 -4.99 -8.48
CA SER A 134 -12.36 -6.06 -8.89
C SER A 134 -12.66 -6.97 -7.71
N SER A 135 -13.55 -7.93 -7.91
CA SER A 135 -13.94 -8.79 -6.80
C SER A 135 -14.42 -10.14 -7.33
N GLY A 136 -13.90 -11.20 -6.75
CA GLY A 136 -14.32 -12.53 -7.18
C GLY A 136 -13.20 -13.52 -6.91
N LEU A 137 -12.02 -13.21 -7.43
CA LEU A 137 -10.89 -14.12 -7.23
C LEU A 137 -10.36 -13.96 -5.81
N ASN A 138 -9.47 -14.86 -5.40
CA ASN A 138 -8.96 -14.84 -4.03
C ASN A 138 -7.50 -14.41 -4.05
N GLU A 139 -6.90 -14.34 -2.87
CA GLU A 139 -5.54 -13.80 -2.80
C GLU A 139 -4.48 -14.84 -3.14
N ASP A 140 -4.84 -16.11 -3.17
CA ASP A 140 -3.86 -17.11 -3.60
C ASP A 140 -3.95 -17.25 -5.13
N GLU A 141 -5.00 -16.71 -5.74
CA GLU A 141 -5.11 -16.69 -7.20
C GLU A 141 -4.13 -15.62 -7.65
N ILE A 142 -4.15 -14.59 -6.80
CA ILE A 142 -3.17 -13.52 -6.94
C ILE A 142 -1.82 -14.22 -6.75
N GLN A 143 -1.62 -15.06 -5.75
CA GLN A 143 -0.37 -15.84 -5.65
C GLN A 143 -0.11 -16.79 -6.85
N LYS A 144 -1.05 -17.07 -7.72
CA LYS A 144 -0.68 -17.84 -8.91
C LYS A 144 0.15 -16.91 -9.76
N MET A 145 -0.34 -15.68 -9.92
CA MET A 145 0.38 -14.78 -10.82
C MET A 145 1.69 -14.33 -10.15
N VAL A 146 1.60 -14.09 -8.84
CA VAL A 146 2.81 -13.78 -8.09
C VAL A 146 3.49 -15.03 -7.55
N ARG A 147 3.09 -16.20 -8.00
CA ARG A 147 3.77 -17.44 -7.63
C ARG A 147 4.90 -17.50 -8.62
N ASP A 148 4.52 -17.10 -9.83
CA ASP A 148 5.52 -16.97 -10.89
C ASP A 148 6.49 -15.88 -10.44
N ALA A 149 5.99 -14.76 -9.91
CA ALA A 149 6.92 -13.80 -9.30
C ALA A 149 7.30 -14.10 -7.83
N GLU A 150 6.95 -15.26 -7.28
CA GLU A 150 7.24 -15.49 -5.85
C GLU A 150 8.68 -15.94 -5.94
N ALA A 151 8.88 -16.78 -6.96
CA ALA A 151 10.23 -17.24 -7.29
C ALA A 151 10.99 -16.15 -8.03
N ASN A 152 10.31 -15.30 -8.81
CA ASN A 152 11.05 -14.24 -9.53
C ASN A 152 11.14 -12.93 -8.73
N ALA A 153 10.86 -12.99 -7.43
CA ALA A 153 11.04 -11.88 -6.57
C ALA A 153 12.50 -11.55 -6.21
N GLU A 154 13.44 -12.24 -6.84
CA GLU A 154 14.85 -11.93 -6.66
C GLU A 154 15.18 -10.82 -7.65
N ALA A 155 14.38 -10.74 -8.71
CA ALA A 155 14.50 -9.62 -9.65
C ALA A 155 13.68 -8.51 -9.00
N ASP A 156 12.66 -8.96 -8.26
CA ASP A 156 11.89 -8.00 -7.48
C ASP A 156 12.75 -7.43 -6.36
N ARG A 157 13.84 -8.10 -5.94
CA ARG A 157 14.75 -7.52 -4.95
C ARG A 157 15.44 -6.27 -5.53
N LYS A 158 15.67 -6.26 -6.84
CA LYS A 158 16.19 -5.05 -7.48
C LYS A 158 15.11 -3.97 -7.35
N PHE A 159 13.85 -4.37 -7.50
CA PHE A 159 12.77 -3.41 -7.25
C PHE A 159 12.53 -3.14 -5.74
N GLU A 160 13.19 -3.88 -4.84
CA GLU A 160 13.10 -3.58 -3.41
C GLU A 160 14.13 -2.52 -3.12
N GLU A 161 15.15 -2.43 -3.95
CA GLU A 161 16.10 -1.33 -3.80
C GLU A 161 15.35 -0.08 -4.22
N LEU A 162 14.50 -0.24 -5.22
CA LEU A 162 13.63 0.87 -5.62
C LEU A 162 12.56 1.15 -4.55
N VAL A 163 12.14 0.15 -3.78
CA VAL A 163 11.21 0.44 -2.70
C VAL A 163 12.01 1.23 -1.67
N GLN A 164 12.88 0.57 -0.90
CA GLN A 164 13.62 1.30 0.14
C GLN A 164 14.60 0.32 0.76
N THR A 165 14.25 -0.94 0.58
CA THR A 165 15.06 -2.08 1.07
C THR A 165 15.44 -2.03 2.55
N ARG A 166 14.44 -1.81 3.40
CA ARG A 166 14.72 -1.87 4.84
C ARG A 166 13.42 -2.03 5.62
N ASN A 167 12.98 -3.27 5.79
CA ASN A 167 11.71 -3.48 6.48
C ASN A 167 11.81 -3.13 7.96
N GLN A 168 11.19 -2.01 8.32
CA GLN A 168 11.20 -1.60 9.72
C GLN A 168 10.01 -2.25 10.42
N GLY A 169 8.82 -1.77 10.10
CA GLY A 169 7.64 -2.35 10.73
C GLY A 169 6.40 -1.54 10.36
N ASP A 170 6.22 -0.43 11.05
CA ASP A 170 5.07 0.42 10.77
C ASP A 170 5.47 1.86 11.08
N HIS A 171 4.52 2.78 10.94
CA HIS A 171 4.78 4.22 11.11
C HIS A 171 5.66 4.76 9.99
N LEU A 172 6.97 4.61 10.11
CA LEU A 172 7.86 5.08 9.05
C LEU A 172 7.63 4.24 7.81
N LEU A 173 7.02 4.85 6.80
CA LEU A 173 6.68 4.10 5.59
C LEU A 173 7.90 4.19 4.66
N HIS A 174 7.80 4.91 3.56
CA HIS A 174 8.98 5.10 2.70
C HIS A 174 8.72 6.21 1.71
N SER A 175 9.78 6.67 1.06
CA SER A 175 9.61 7.65 0.00
C SER A 175 10.91 7.73 -0.78
N THR A 176 10.89 7.25 -2.01
CA THR A 176 12.13 7.23 -2.78
C THR A 176 12.42 8.62 -3.34
N ARG A 177 13.64 9.06 -3.20
CA ARG A 177 14.01 10.38 -3.71
C ARG A 177 14.38 10.24 -5.18
N LYS A 178 13.88 11.13 -6.01
CA LYS A 178 14.21 11.02 -7.43
C LYS A 178 15.64 11.48 -7.64
N GLN A 179 16.51 10.56 -8.02
CA GLN A 179 17.90 10.95 -8.25
C GLN A 179 18.60 9.90 -9.09
N VAL A 180 19.56 10.34 -9.88
CA VAL A 180 20.32 9.41 -10.73
C VAL A 180 21.79 9.62 -10.41
N GLU A 181 22.38 8.67 -9.69
CA GLU A 181 23.79 8.82 -9.35
C GLU A 181 24.62 8.47 -10.57
N GLU A 182 24.20 7.44 -11.28
CA GLU A 182 24.91 7.03 -12.49
C GLU A 182 23.90 6.86 -13.60
N ALA A 183 24.25 7.30 -14.79
CA ALA A 183 23.32 7.16 -15.91
C ALA A 183 23.33 5.73 -16.41
N SER A 11 -14.05 -22.48 -15.02
CA SER A 11 -13.75 -21.42 -14.03
C SER A 11 -13.17 -22.07 -12.79
N ILE A 12 -11.95 -22.58 -12.93
CA ILE A 12 -11.25 -23.13 -11.77
C ILE A 12 -10.39 -22.04 -11.16
N GLU A 13 -10.24 -20.93 -11.87
CA GLU A 13 -9.43 -19.85 -11.32
C GLU A 13 -10.22 -19.15 -10.23
N GLY A 14 -9.77 -19.29 -9.00
CA GLY A 14 -10.49 -18.63 -7.91
C GLY A 14 -9.96 -19.11 -6.57
N ARG A 15 -8.72 -18.75 -6.28
CA ARG A 15 -8.10 -19.12 -5.00
C ARG A 15 -7.48 -17.88 -4.40
N VAL A 16 -7.07 -16.96 -5.27
CA VAL A 16 -6.45 -15.72 -4.80
C VAL A 16 -7.54 -14.66 -4.69
N LYS A 17 -8.73 -14.97 -5.21
CA LYS A 17 -9.88 -14.05 -5.09
C LYS A 17 -11.10 -14.83 -4.61
N ASP A 18 -11.78 -14.29 -3.60
CA ASP A 18 -12.93 -14.97 -3.01
C ASP A 18 -13.59 -14.07 -1.97
N VAL A 19 -14.65 -13.37 -2.39
CA VAL A 19 -15.38 -12.50 -1.46
C VAL A 19 -16.62 -13.28 -1.02
N LEU A 20 -16.40 -14.26 -0.16
CA LEU A 20 -17.48 -15.15 0.23
C LEU A 20 -18.34 -14.60 1.38
N LEU A 21 -17.92 -14.80 2.63
CA LEU A 21 -18.74 -14.42 3.79
C LEU A 21 -18.04 -13.26 4.49
N LEU A 22 -17.56 -12.37 3.66
CA LEU A 22 -16.82 -11.21 4.12
C LEU A 22 -16.91 -10.31 2.90
N ASP A 23 -17.70 -9.32 3.18
CA ASP A 23 -18.05 -8.29 2.19
C ASP A 23 -17.51 -7.02 2.81
N VAL A 24 -16.21 -7.11 2.96
CA VAL A 24 -15.46 -6.08 3.67
C VAL A 24 -14.31 -5.67 2.78
N THR A 25 -13.39 -4.92 3.36
CA THR A 25 -12.17 -4.59 2.65
C THR A 25 -11.47 -5.96 2.45
N PRO A 26 -11.20 -6.50 1.25
CA PRO A 26 -11.28 -7.96 1.05
C PRO A 26 -10.57 -9.00 1.91
N LEU A 27 -9.48 -8.71 2.58
CA LEU A 27 -8.82 -9.79 3.32
C LEU A 27 -7.90 -9.12 4.31
N SER A 28 -7.50 -7.95 3.83
CA SER A 28 -6.53 -7.07 4.48
C SER A 28 -5.83 -6.37 3.34
N LEU A 29 -5.79 -5.06 3.47
CA LEU A 29 -5.15 -4.26 2.43
C LEU A 29 -3.75 -4.11 2.98
N GLY A 30 -2.86 -3.33 2.39
CA GLY A 30 -1.53 -3.24 2.96
C GLY A 30 -0.49 -2.50 2.19
N ILE A 31 -0.17 -1.38 2.76
CA ILE A 31 0.75 -0.51 2.05
C ILE A 31 2.16 -1.04 2.13
N GLU A 32 2.75 -0.80 0.99
CA GLU A 32 4.10 -1.29 0.71
C GLU A 32 5.03 -0.72 1.76
N THR A 33 5.62 -1.60 2.58
CA THR A 33 6.44 -1.11 3.69
C THR A 33 7.89 -1.53 3.60
N MET A 34 8.66 -0.81 4.39
CA MET A 34 10.11 -0.91 4.40
C MET A 34 10.74 -2.30 4.50
N GLY A 35 11.14 -2.85 3.35
CA GLY A 35 11.86 -4.13 3.35
C GLY A 35 11.13 -5.28 2.65
N GLY A 36 10.18 -5.00 1.76
CA GLY A 36 9.45 -6.11 1.16
C GLY A 36 8.45 -6.61 2.19
N VAL A 37 7.82 -5.64 2.82
CA VAL A 37 6.91 -5.93 3.94
C VAL A 37 5.55 -5.39 3.52
N MET A 38 4.50 -5.91 4.11
CA MET A 38 3.16 -5.37 3.86
C MET A 38 2.50 -5.09 5.20
N THR A 39 2.46 -3.83 5.60
CA THR A 39 1.74 -3.48 6.83
C THR A 39 0.32 -3.21 6.38
N THR A 40 -0.67 -3.77 7.06
CA THR A 40 -2.02 -3.64 6.55
C THR A 40 -2.63 -2.24 6.52
N LEU A 41 -3.43 -1.96 5.47
CA LEU A 41 -3.95 -0.60 5.36
C LEU A 41 -5.26 -0.61 6.12
N ILE A 42 -6.10 -1.59 5.79
CA ILE A 42 -7.39 -1.79 6.47
C ILE A 42 -7.63 -3.29 6.50
N ALA A 43 -7.95 -3.87 7.65
CA ALA A 43 -8.12 -5.32 7.70
C ALA A 43 -9.53 -5.74 7.35
N LYS A 44 -9.74 -7.05 7.22
CA LYS A 44 -11.08 -7.54 6.93
C LYS A 44 -11.98 -7.31 8.13
N ASN A 45 -13.30 -7.50 7.98
CA ASN A 45 -14.28 -7.16 9.05
C ASN A 45 -14.58 -5.65 9.05
N THR A 46 -13.98 -4.91 8.12
CA THR A 46 -14.28 -3.49 7.96
C THR A 46 -15.24 -3.54 6.78
N THR A 47 -16.49 -3.50 7.18
CA THR A 47 -17.62 -3.69 6.27
C THR A 47 -17.91 -2.45 5.49
N ILE A 48 -18.12 -2.67 4.21
CA ILE A 48 -18.27 -1.51 3.34
C ILE A 48 -19.70 -0.95 3.45
N PRO A 49 -19.94 0.36 3.56
CA PRO A 49 -18.93 1.42 3.41
C PRO A 49 -18.16 1.64 4.70
N THR A 50 -16.89 2.02 4.53
CA THR A 50 -15.98 2.17 5.67
C THR A 50 -15.33 3.53 5.62
N LYS A 51 -14.79 3.91 6.77
CA LYS A 51 -14.05 5.17 6.83
C LYS A 51 -13.18 5.22 8.09
N HIS A 52 -11.86 5.21 7.95
CA HIS A 52 -11.04 5.40 9.15
C HIS A 52 -9.64 5.90 8.78
N SER A 53 -9.02 6.62 9.70
CA SER A 53 -7.74 7.26 9.41
C SER A 53 -6.51 6.56 9.94
N GLN A 54 -5.59 6.30 9.00
CA GLN A 54 -4.29 5.74 9.40
C GLN A 54 -3.19 6.70 8.95
N VAL A 55 -2.55 7.33 9.91
CA VAL A 55 -1.56 8.36 9.59
C VAL A 55 -0.13 7.84 9.54
N PHE A 56 0.57 8.27 8.48
CA PHE A 56 2.00 7.94 8.35
C PHE A 56 2.77 9.24 8.05
N SER A 57 4.04 9.08 7.72
CA SER A 57 4.85 10.23 7.36
C SER A 57 5.95 9.72 6.42
N THR A 58 6.93 10.56 6.11
CA THR A 58 8.03 10.09 5.26
C THR A 58 9.04 9.38 6.16
N ALA A 59 10.33 9.46 5.87
CA ALA A 59 11.28 8.70 6.69
C ALA A 59 12.71 9.17 6.50
N GLU A 60 13.08 9.45 5.26
CA GLU A 60 14.46 9.80 4.97
C GLU A 60 14.41 10.90 3.92
N ASP A 61 15.55 11.35 3.42
CA ASP A 61 15.52 12.39 2.41
C ASP A 61 14.89 11.82 1.15
N ASN A 62 14.06 12.63 0.53
CA ASN A 62 13.29 12.18 -0.62
C ASN A 62 13.13 13.35 -1.60
N GLN A 63 11.97 13.98 -1.50
CA GLN A 63 11.62 15.05 -2.44
C GLN A 63 10.34 15.59 -1.84
N SER A 64 10.02 15.01 -0.69
CA SER A 64 8.81 15.37 0.05
C SER A 64 7.63 14.94 -0.80
N ALA A 65 7.38 13.65 -0.69
CA ALA A 65 6.37 13.02 -1.53
C ALA A 65 5.97 11.68 -0.92
N VAL A 66 4.88 11.14 -1.44
CA VAL A 66 4.50 9.79 -1.04
C VAL A 66 4.14 9.16 -2.39
N THR A 67 4.28 7.87 -2.34
CA THR A 67 4.13 6.99 -3.49
C THR A 67 3.43 5.84 -2.82
N ILE A 68 2.22 5.53 -3.27
CA ILE A 68 1.42 4.53 -2.59
C ILE A 68 1.02 3.40 -3.49
N HIS A 69 1.47 2.24 -3.08
CA HIS A 69 1.07 1.00 -3.74
C HIS A 69 0.33 0.33 -2.61
N VAL A 70 -1.00 0.29 -2.66
CA VAL A 70 -1.66 -0.33 -1.53
C VAL A 70 -1.65 -1.73 -2.05
N LEU A 71 -1.56 -2.70 -1.17
CA LEU A 71 -1.43 -4.07 -1.64
C LEU A 71 -2.58 -4.83 -1.08
N GLN A 72 -3.26 -5.49 -2.01
CA GLN A 72 -4.33 -6.40 -1.59
C GLN A 72 -3.64 -7.77 -1.44
N GLY A 73 -3.36 -8.09 -0.19
CA GLY A 73 -2.81 -9.41 0.14
C GLY A 73 -3.05 -9.70 1.62
N GLU A 74 -2.20 -10.50 2.27
CA GLU A 74 -2.50 -10.89 3.66
C GLU A 74 -1.67 -10.18 4.73
N ARG A 75 -0.43 -10.59 4.95
CA ARG A 75 0.35 -10.01 6.07
C ARG A 75 1.84 -9.96 5.71
N LYS A 76 2.73 -10.37 6.61
CA LYS A 76 4.16 -10.27 6.30
C LYS A 76 4.52 -11.34 5.28
N ARG A 77 5.80 -11.38 4.90
CA ARG A 77 6.26 -12.29 3.84
C ARG A 77 5.45 -11.82 2.63
N ALA A 78 6.00 -10.85 1.93
CA ALA A 78 5.22 -10.23 0.86
C ALA A 78 5.03 -11.02 -0.45
N ALA A 79 3.95 -11.80 -0.42
CA ALA A 79 3.41 -12.53 -1.58
C ALA A 79 1.97 -12.08 -1.44
N ASP A 80 1.90 -10.89 -0.89
CA ASP A 80 0.66 -10.27 -0.53
C ASP A 80 0.60 -9.02 -1.37
N ASN A 81 1.13 -9.13 -2.58
CA ASN A 81 1.25 -7.94 -3.42
C ASN A 81 0.36 -7.98 -4.65
N LYS A 82 -0.93 -8.26 -4.47
CA LYS A 82 -1.81 -8.15 -5.62
C LYS A 82 -2.03 -6.64 -5.67
N SER A 83 -2.26 -6.09 -6.85
CA SER A 83 -2.31 -4.62 -6.92
C SER A 83 -3.56 -4.02 -6.29
N LEU A 84 -3.31 -3.00 -5.49
CA LEU A 84 -4.39 -2.24 -4.90
C LEU A 84 -3.78 -0.86 -5.03
N GLY A 85 -3.15 -0.76 -6.18
CA GLY A 85 -2.62 0.52 -6.59
C GLY A 85 -1.14 0.74 -6.77
N GLN A 86 -0.83 1.97 -7.19
CA GLN A 86 0.56 2.40 -7.31
C GLN A 86 0.63 3.91 -7.55
N PHE A 87 1.55 4.55 -6.81
CA PHE A 87 1.90 5.98 -6.94
C PHE A 87 1.05 6.86 -6.02
N ASN A 88 1.48 8.10 -5.81
CA ASN A 88 0.70 9.01 -4.98
C ASN A 88 0.83 10.48 -5.34
N LEU A 89 1.51 11.10 -4.42
CA LEU A 89 1.65 12.55 -4.40
C LEU A 89 3.12 13.01 -4.43
N ASP A 90 3.31 14.22 -4.93
CA ASP A 90 4.65 14.82 -4.89
C ASP A 90 4.54 16.31 -4.67
N GLY A 91 5.57 16.89 -4.08
CA GLY A 91 5.59 18.33 -3.91
C GLY A 91 4.98 18.73 -2.57
N ILE A 92 5.77 18.56 -1.52
CA ILE A 92 5.32 18.98 -0.18
C ILE A 92 6.43 19.91 0.27
N ASN A 93 7.10 20.45 -0.74
CA ASN A 93 8.30 21.29 -0.57
C ASN A 93 9.45 20.42 0.00
N PRO A 94 10.65 20.30 -0.58
CA PRO A 94 11.70 19.41 -0.06
C PRO A 94 11.98 19.62 1.42
N ALA A 95 11.80 18.56 2.21
CA ALA A 95 11.93 18.76 3.66
C ALA A 95 13.42 18.81 4.07
N PRO A 96 14.33 17.83 3.92
CA PRO A 96 14.06 16.45 3.50
C PRO A 96 13.92 15.62 4.76
N ARG A 97 13.26 14.48 4.68
CA ARG A 97 13.21 13.60 5.86
C ARG A 97 12.33 14.17 6.97
N GLY A 98 11.40 13.36 7.45
CA GLY A 98 10.60 13.77 8.59
C GLY A 98 9.69 14.95 8.30
N MET A 99 8.43 14.67 8.05
CA MET A 99 7.46 15.75 7.87
C MET A 99 6.99 16.32 9.23
N PRO A 100 6.31 15.69 10.21
CA PRO A 100 5.99 14.26 10.27
C PRO A 100 4.48 14.07 10.23
N GLN A 101 3.81 14.81 9.36
CA GLN A 101 2.34 14.78 9.34
C GLN A 101 1.77 14.58 7.94
N ILE A 102 1.47 13.34 7.57
CA ILE A 102 0.80 13.08 6.31
C ILE A 102 -0.25 12.04 6.68
N GLU A 103 -1.47 12.45 6.96
CA GLU A 103 -2.49 11.45 7.26
C GLU A 103 -2.81 10.71 5.97
N VAL A 104 -3.09 9.41 6.10
CA VAL A 104 -3.52 8.64 4.93
C VAL A 104 -4.84 8.02 5.36
N THR A 105 -5.92 8.69 5.00
CA THR A 105 -7.23 8.25 5.47
C THR A 105 -8.03 7.55 4.39
N PHE A 106 -8.53 6.38 4.73
CA PHE A 106 -9.21 5.56 3.75
C PHE A 106 -10.71 5.65 3.97
N ASP A 107 -11.39 5.70 2.86
CA ASP A 107 -12.84 5.67 2.87
C ASP A 107 -13.23 4.71 1.76
N ILE A 108 -13.67 3.49 2.06
CA ILE A 108 -14.11 2.71 0.89
C ILE A 108 -15.57 3.12 0.73
N ASP A 109 -16.09 3.11 -0.48
CA ASP A 109 -17.47 3.55 -0.66
C ASP A 109 -18.35 2.32 -0.51
N ALA A 110 -19.65 2.49 -0.69
CA ALA A 110 -20.54 1.34 -0.52
C ALA A 110 -20.63 0.55 -1.81
N ASP A 111 -20.19 1.15 -2.92
CA ASP A 111 -20.23 0.43 -4.19
C ASP A 111 -19.00 -0.44 -4.32
N GLY A 112 -17.90 0.00 -3.71
CA GLY A 112 -16.69 -0.83 -3.69
C GLY A 112 -15.56 -0.16 -4.45
N ILE A 113 -14.99 0.86 -3.86
CA ILE A 113 -13.82 1.49 -4.48
C ILE A 113 -13.02 2.12 -3.36
N LEU A 114 -11.71 1.99 -3.43
CA LEU A 114 -10.87 2.47 -2.33
C LEU A 114 -10.61 3.94 -2.55
N HIS A 115 -11.48 4.75 -1.96
CA HIS A 115 -11.31 6.20 -2.06
C HIS A 115 -10.46 6.65 -0.88
N VAL A 116 -9.15 6.59 -1.07
CA VAL A 116 -8.22 6.89 0.04
C VAL A 116 -7.40 8.10 -0.38
N SER A 117 -7.30 9.05 0.54
CA SER A 117 -6.65 10.33 0.25
C SER A 117 -5.44 10.51 1.12
N ALA A 118 -4.29 10.60 0.48
CA ALA A 118 -3.11 10.92 1.27
C ALA A 118 -3.25 12.41 1.45
N LYS A 119 -3.71 12.81 2.62
CA LYS A 119 -3.85 14.24 2.91
C LYS A 119 -2.62 14.63 3.70
N ASP A 120 -2.03 15.71 3.27
CA ASP A 120 -0.77 16.15 3.85
C ASP A 120 -1.03 17.30 4.77
N LYS A 121 -0.36 17.17 5.91
CA LYS A 121 -0.45 18.21 6.94
C LYS A 121 0.73 19.17 6.84
N ASN A 122 0.88 19.75 5.67
CA ASN A 122 1.89 20.80 5.46
C ASN A 122 1.16 21.93 4.79
N SER A 123 0.19 21.62 3.93
CA SER A 123 -0.60 22.69 3.36
C SER A 123 -1.98 22.13 3.07
N GLY A 124 -2.21 20.87 3.42
CA GLY A 124 -3.49 20.30 3.03
C GLY A 124 -3.32 19.89 1.59
N LYS A 125 -2.13 19.37 1.31
CA LYS A 125 -1.91 18.84 -0.03
C LYS A 125 -2.74 17.58 -0.06
N GLU A 126 -3.22 17.08 -1.20
CA GLU A 126 -3.92 15.79 -1.12
C GLU A 126 -3.98 15.06 -2.44
N GLN A 127 -4.10 13.73 -2.40
CA GLN A 127 -4.24 13.00 -3.66
C GLN A 127 -5.11 11.78 -3.40
N LYS A 128 -6.24 11.75 -4.08
CA LYS A 128 -7.22 10.69 -3.82
C LYS A 128 -7.22 9.63 -4.91
N ILE A 129 -6.75 8.44 -4.56
CA ILE A 129 -6.84 7.33 -5.52
C ILE A 129 -8.17 6.63 -5.32
N THR A 130 -8.56 5.96 -6.38
CA THR A 130 -9.87 5.31 -6.43
C THR A 130 -9.60 3.98 -7.07
N ILE A 131 -9.19 3.05 -6.23
CA ILE A 131 -8.75 1.74 -6.74
C ILE A 131 -9.73 0.59 -6.54
N LYS A 132 -9.75 -0.36 -7.48
CA LYS A 132 -10.68 -1.49 -7.38
C LYS A 132 -10.25 -2.43 -6.25
N ALA A 133 -10.91 -3.57 -6.10
CA ALA A 133 -10.58 -4.44 -4.97
C ALA A 133 -10.90 -5.90 -5.31
N SER A 134 -11.85 -6.47 -4.58
CA SER A 134 -12.26 -7.87 -4.80
C SER A 134 -11.09 -8.86 -4.66
N SER A 135 -11.01 -9.50 -3.50
CA SER A 135 -9.97 -10.53 -3.31
C SER A 135 -10.47 -11.54 -2.27
N GLY A 136 -9.59 -12.20 -1.52
CA GLY A 136 -10.07 -13.25 -0.63
C GLY A 136 -8.91 -14.04 -0.04
N LEU A 137 -8.85 -13.94 1.27
CA LEU A 137 -7.81 -14.59 2.10
C LEU A 137 -7.50 -16.03 1.74
N ASN A 138 -6.20 -16.32 1.58
CA ASN A 138 -5.81 -17.70 1.33
C ASN A 138 -4.32 -17.92 1.62
N GLU A 139 -4.00 -19.17 1.95
CA GLU A 139 -2.58 -19.52 2.14
C GLU A 139 -1.83 -19.48 0.82
N ASP A 140 -2.53 -19.61 -0.30
CA ASP A 140 -1.90 -19.45 -1.61
C ASP A 140 -2.38 -18.17 -2.24
N GLU A 141 -2.74 -17.27 -1.33
CA GLU A 141 -2.98 -15.92 -1.77
C GLU A 141 -1.48 -15.68 -1.69
N ILE A 142 -0.94 -16.08 -0.54
CA ILE A 142 0.52 -16.03 -0.41
C ILE A 142 1.25 -17.02 -1.35
N GLN A 143 1.23 -18.32 -1.11
CA GLN A 143 2.00 -19.27 -1.92
C GLN A 143 1.77 -19.22 -3.44
N LYS A 144 0.55 -18.92 -3.90
CA LYS A 144 0.37 -18.85 -5.36
C LYS A 144 0.97 -17.54 -5.81
N MET A 145 0.94 -16.52 -4.94
CA MET A 145 1.62 -15.31 -5.32
C MET A 145 3.06 -15.37 -4.80
N VAL A 146 3.56 -16.51 -4.34
CA VAL A 146 4.97 -16.63 -3.98
C VAL A 146 5.58 -17.01 -5.30
N ARG A 147 4.85 -17.76 -6.10
CA ARG A 147 5.44 -17.97 -7.42
C ARG A 147 5.31 -16.68 -8.21
N ASP A 148 4.10 -16.26 -8.56
CA ASP A 148 3.97 -15.07 -9.40
C ASP A 148 4.61 -13.86 -8.74
N ALA A 149 4.16 -13.54 -7.54
CA ALA A 149 4.67 -12.33 -6.91
C ALA A 149 5.81 -12.55 -5.92
N GLU A 150 6.28 -13.77 -5.58
CA GLU A 150 7.35 -13.74 -4.57
C GLU A 150 8.55 -13.62 -5.51
N ALA A 151 8.40 -14.20 -6.70
CA ALA A 151 9.44 -14.03 -7.73
C ALA A 151 9.44 -12.58 -8.21
N ASN A 152 8.29 -11.92 -8.26
CA ASN A 152 8.31 -10.49 -8.61
C ASN A 152 8.79 -9.63 -7.44
N ALA A 153 8.88 -10.21 -6.23
CA ALA A 153 9.47 -9.45 -5.12
C ALA A 153 10.99 -9.27 -5.22
N GLU A 154 11.65 -9.84 -6.23
CA GLU A 154 13.07 -9.57 -6.44
C GLU A 154 13.19 -8.23 -7.16
N ALA A 155 12.14 -7.83 -7.87
CA ALA A 155 12.13 -6.49 -8.47
C ALA A 155 11.82 -5.54 -7.32
N ASP A 156 11.02 -6.01 -6.37
CA ASP A 156 10.79 -5.22 -5.17
C ASP A 156 12.04 -5.18 -4.29
N ARG A 157 13.02 -6.07 -4.48
CA ARG A 157 14.28 -5.97 -3.73
C ARG A 157 15.06 -4.75 -4.23
N LYS A 158 14.88 -4.40 -5.51
CA LYS A 158 15.48 -3.18 -6.02
C LYS A 158 14.80 -2.01 -5.32
N PHE A 159 13.49 -2.14 -5.08
CA PHE A 159 12.79 -1.12 -4.28
C PHE A 159 13.19 -1.19 -2.79
N GLU A 160 13.80 -2.29 -2.34
CA GLU A 160 14.31 -2.36 -0.96
C GLU A 160 15.67 -1.69 -0.90
N GLU A 161 16.31 -1.48 -2.04
CA GLU A 161 17.55 -0.71 -2.02
C GLU A 161 17.11 0.73 -1.86
N LEU A 162 15.97 1.06 -2.45
CA LEU A 162 15.38 2.38 -2.27
C LEU A 162 14.91 2.57 -0.82
N VAL A 163 14.42 1.50 -0.19
CA VAL A 163 14.06 1.59 1.23
C VAL A 163 15.31 1.91 2.04
N GLN A 164 16.29 1.01 1.89
CA GLN A 164 17.57 0.99 2.62
C GLN A 164 17.46 -0.27 3.46
N THR A 165 16.46 -1.02 3.04
CA THR A 165 16.17 -2.36 3.58
C THR A 165 16.07 -2.48 5.10
N ARG A 166 14.86 -2.84 5.50
CA ARG A 166 14.58 -3.11 6.91
C ARG A 166 14.83 -1.91 7.81
N ASN A 167 13.75 -1.17 8.04
CA ASN A 167 13.80 -0.04 8.97
C ASN A 167 12.83 -0.33 10.11
N GLN A 168 13.35 -0.46 11.31
CA GLN A 168 12.47 -0.84 12.42
C GLN A 168 11.75 0.39 12.95
N GLY A 169 10.60 0.71 12.39
CA GLY A 169 9.85 1.84 12.91
C GLY A 169 8.51 1.98 12.21
N ASP A 170 7.43 1.90 12.97
CA ASP A 170 6.12 2.14 12.35
C ASP A 170 5.97 3.64 12.16
N HIS A 171 4.90 4.03 11.45
CA HIS A 171 4.58 5.44 11.17
C HIS A 171 5.41 6.06 10.03
N LEU A 172 6.72 5.94 10.10
CA LEU A 172 7.56 6.42 9.00
C LEU A 172 7.26 5.55 7.78
N LEU A 173 7.62 6.04 6.60
CA LEU A 173 7.32 5.25 5.41
C LEU A 173 8.17 5.82 4.28
N HIS A 174 9.26 5.12 3.98
CA HIS A 174 10.11 5.54 2.87
C HIS A 174 9.34 5.48 1.56
N SER A 175 9.20 6.62 0.92
CA SER A 175 8.43 6.66 -0.32
C SER A 175 8.87 7.84 -1.17
N THR A 176 9.24 7.56 -2.41
CA THR A 176 9.63 8.65 -3.29
C THR A 176 9.53 8.19 -4.74
N ARG A 177 9.03 9.05 -5.60
CA ARG A 177 8.90 8.66 -7.00
C ARG A 177 10.23 8.87 -7.72
N LYS A 178 10.61 7.92 -8.54
CA LYS A 178 11.88 8.08 -9.26
C LYS A 178 11.67 9.03 -10.42
N GLN A 179 12.38 10.14 -10.41
CA GLN A 179 12.21 11.09 -11.50
C GLN A 179 12.99 10.58 -12.71
N VAL A 180 12.44 10.86 -13.89
CA VAL A 180 13.08 10.44 -15.14
C VAL A 180 13.22 8.92 -15.17
N GLU A 181 12.25 8.27 -15.79
CA GLU A 181 12.30 6.81 -15.91
C GLU A 181 11.96 6.45 -17.35
N GLU A 182 12.98 6.46 -18.20
CA GLU A 182 12.72 6.14 -19.61
C GLU A 182 12.70 4.63 -19.76
N ALA A 183 13.81 4.03 -20.14
CA ALA A 183 13.81 2.58 -20.31
C ALA A 183 13.78 1.93 -18.94
N SER A 11 -8.39 -24.12 12.02
CA SER A 11 -7.89 -23.67 10.72
C SER A 11 -7.25 -24.83 9.98
N ILE A 12 -8.08 -25.74 9.54
CA ILE A 12 -7.60 -26.85 8.73
C ILE A 12 -7.68 -26.46 7.26
N GLU A 13 -8.43 -25.40 7.00
CA GLU A 13 -8.55 -24.90 5.62
C GLU A 13 -8.37 -23.38 5.66
N GLY A 14 -7.13 -22.94 5.75
CA GLY A 14 -6.90 -21.50 5.82
C GLY A 14 -6.91 -20.90 4.42
N ARG A 15 -8.09 -20.62 3.90
CA ARG A 15 -8.14 -20.02 2.57
C ARG A 15 -7.78 -18.55 2.69
N VAL A 16 -6.98 -18.06 1.77
CA VAL A 16 -6.59 -16.66 1.85
C VAL A 16 -7.76 -15.81 1.39
N LYS A 17 -8.44 -16.26 0.35
CA LYS A 17 -9.57 -15.49 -0.16
C LYS A 17 -10.82 -15.78 0.67
N ASP A 18 -11.64 -14.77 0.87
CA ASP A 18 -12.89 -14.99 1.59
C ASP A 18 -13.84 -13.83 1.34
N VAL A 19 -14.52 -13.88 0.20
CA VAL A 19 -15.51 -12.85 -0.12
C VAL A 19 -16.73 -13.62 -0.63
N LEU A 20 -17.57 -14.06 0.30
CA LEU A 20 -18.81 -14.69 -0.09
C LEU A 20 -19.82 -14.53 1.03
N LEU A 21 -19.33 -14.52 2.26
CA LEU A 21 -20.20 -14.25 3.41
C LEU A 21 -19.57 -13.05 4.10
N LEU A 22 -18.79 -12.36 3.27
CA LEU A 22 -18.11 -11.14 3.66
C LEU A 22 -18.13 -10.35 2.38
N ASP A 23 -19.00 -9.38 2.44
CA ASP A 23 -19.14 -8.38 1.35
C ASP A 23 -18.39 -7.16 1.84
N VAL A 24 -17.09 -7.36 1.87
CA VAL A 24 -16.17 -6.41 2.46
C VAL A 24 -15.09 -5.99 1.48
N THR A 25 -14.12 -5.24 2.01
CA THR A 25 -12.97 -4.88 1.21
C THR A 25 -12.20 -6.17 0.83
N PRO A 26 -11.74 -6.50 -0.39
CA PRO A 26 -11.81 -7.91 -0.79
C PRO A 26 -10.64 -8.84 -0.51
N LEU A 27 -9.53 -8.40 0.07
CA LEU A 27 -8.41 -9.33 0.22
C LEU A 27 -7.46 -8.77 1.25
N SER A 28 -7.87 -7.59 1.70
CA SER A 28 -7.10 -6.74 2.63
C SER A 28 -6.26 -5.87 1.71
N LEU A 29 -6.17 -4.59 2.02
CA LEU A 29 -5.51 -3.70 1.07
C LEU A 29 -4.93 -2.37 1.58
N GLY A 30 -3.61 -2.23 1.45
CA GLY A 30 -2.94 -0.98 1.79
C GLY A 30 -1.81 -0.54 0.92
N ILE A 31 -0.56 -0.77 1.29
CA ILE A 31 0.54 -0.19 0.49
C ILE A 31 1.72 -1.19 0.47
N GLU A 32 2.36 -1.21 -0.68
CA GLU A 32 3.60 -2.00 -0.87
C GLU A 32 4.71 -1.27 -0.11
N THR A 33 5.45 -1.92 0.79
CA THR A 33 6.42 -1.12 1.57
C THR A 33 7.52 -1.96 2.21
N MET A 34 8.56 -1.23 2.63
CA MET A 34 9.69 -1.79 3.37
C MET A 34 10.27 -3.05 2.71
N GLY A 35 11.00 -3.86 3.43
CA GLY A 35 11.69 -5.00 2.82
C GLY A 35 10.85 -6.25 2.57
N GLY A 36 9.86 -6.08 1.72
CA GLY A 36 9.05 -7.22 1.29
C GLY A 36 7.86 -7.30 2.21
N VAL A 37 7.16 -6.18 2.31
CA VAL A 37 6.06 -6.11 3.26
C VAL A 37 4.85 -5.57 2.56
N MET A 38 3.78 -6.28 2.82
CA MET A 38 2.46 -5.90 2.36
C MET A 38 1.69 -5.42 3.57
N THR A 39 1.69 -4.11 3.78
CA THR A 39 0.95 -3.58 4.93
C THR A 39 -0.48 -3.35 4.47
N THR A 40 -1.41 -4.17 4.92
CA THR A 40 -2.79 -3.92 4.54
C THR A 40 -3.25 -2.68 5.26
N LEU A 41 -4.17 -1.96 4.63
CA LEU A 41 -4.56 -0.70 5.21
C LEU A 41 -5.88 -0.99 5.88
N ILE A 42 -6.77 -1.57 5.07
CA ILE A 42 -8.09 -1.93 5.60
C ILE A 42 -8.32 -3.37 5.19
N ALA A 43 -8.80 -4.15 6.15
CA ALA A 43 -8.93 -5.58 5.92
C ALA A 43 -10.34 -6.04 5.64
N LYS A 44 -10.42 -7.32 5.30
CA LYS A 44 -11.72 -7.96 5.11
C LYS A 44 -12.40 -7.94 6.48
N ASN A 45 -13.75 -8.01 6.52
CA ASN A 45 -14.54 -7.84 7.76
C ASN A 45 -14.77 -6.34 7.96
N THR A 46 -14.48 -5.57 6.91
CA THR A 46 -14.76 -4.13 6.89
C THR A 46 -15.69 -4.03 5.69
N THR A 47 -16.92 -3.85 6.06
CA THR A 47 -18.04 -3.90 5.13
C THR A 47 -18.26 -2.60 4.41
N ILE A 48 -18.42 -2.71 3.12
CA ILE A 48 -18.50 -1.47 2.35
C ILE A 48 -19.89 -0.83 2.52
N PRO A 49 -20.05 0.48 2.81
CA PRO A 49 -18.97 1.48 2.78
C PRO A 49 -18.18 1.49 4.09
N THR A 50 -16.93 1.92 3.96
CA THR A 50 -15.99 1.89 5.08
C THR A 50 -15.27 3.21 5.21
N LYS A 51 -14.63 3.36 6.34
CA LYS A 51 -13.88 4.58 6.60
C LYS A 51 -12.86 4.31 7.70
N HIS A 52 -11.60 4.65 7.45
CA HIS A 52 -10.60 4.42 8.50
C HIS A 52 -9.38 5.30 8.28
N SER A 53 -9.05 6.09 9.29
CA SER A 53 -7.90 7.00 9.18
C SER A 53 -6.65 6.36 9.77
N GLN A 54 -5.59 6.33 8.96
CA GLN A 54 -4.30 5.84 9.47
C GLN A 54 -3.20 6.82 9.06
N VAL A 55 -2.44 7.26 10.05
CA VAL A 55 -1.43 8.30 9.82
C VAL A 55 -0.03 7.72 9.77
N PHE A 56 0.72 8.18 8.77
CA PHE A 56 2.07 7.63 8.54
C PHE A 56 3.09 8.75 8.34
N SER A 57 4.33 8.33 8.14
CA SER A 57 5.45 9.26 7.98
C SER A 57 6.16 8.95 6.68
N THR A 58 7.24 9.68 6.43
CA THR A 58 8.07 9.38 5.26
C THR A 58 9.50 9.22 5.74
N ALA A 59 10.23 8.29 5.15
CA ALA A 59 11.59 7.98 5.63
C ALA A 59 12.65 8.72 4.85
N GLU A 60 12.43 8.87 3.56
CA GLU A 60 13.43 9.53 2.72
C GLU A 60 13.10 11.00 2.64
N ASP A 61 11.87 11.31 3.05
CA ASP A 61 11.43 12.71 3.11
C ASP A 61 10.79 12.95 4.47
N ASN A 62 10.67 14.21 4.86
CA ASN A 62 9.96 14.52 6.08
C ASN A 62 8.51 14.50 5.66
N GLN A 63 8.35 15.14 4.52
CA GLN A 63 7.04 15.29 3.91
C GLN A 63 7.30 15.88 2.54
N SER A 64 7.67 15.03 1.60
CA SER A 64 7.91 15.51 0.23
C SER A 64 7.49 14.45 -0.76
N ALA A 65 7.38 13.20 -0.35
CA ALA A 65 6.86 12.20 -1.29
C ALA A 65 6.45 10.90 -0.62
N VAL A 66 5.43 10.27 -1.19
CA VAL A 66 5.02 8.94 -0.74
C VAL A 66 4.70 8.21 -2.03
N THR A 67 5.06 6.95 -2.14
CA THR A 67 4.65 6.20 -3.33
C THR A 67 3.29 5.62 -3.03
N ILE A 68 2.37 5.85 -3.95
CA ILE A 68 0.98 5.44 -3.74
C ILE A 68 0.72 4.19 -4.56
N HIS A 69 1.49 3.15 -4.26
CA HIS A 69 1.26 1.86 -4.89
C HIS A 69 0.35 1.21 -3.86
N VAL A 70 -0.95 1.11 -4.11
CA VAL A 70 -1.79 0.65 -3.03
C VAL A 70 -1.73 -0.86 -3.26
N LEU A 71 -1.67 -1.68 -2.22
CA LEU A 71 -1.46 -3.13 -2.45
C LEU A 71 -2.52 -4.01 -1.81
N GLN A 72 -3.19 -4.72 -2.71
CA GLN A 72 -4.32 -5.56 -2.33
C GLN A 72 -3.97 -7.05 -2.23
N GLY A 73 -3.72 -7.46 -1.01
CA GLY A 73 -3.51 -8.87 -0.75
C GLY A 73 -3.63 -9.09 0.76
N GLU A 74 -3.25 -10.26 1.29
CA GLU A 74 -3.48 -10.53 2.72
C GLU A 74 -2.22 -10.59 3.60
N ARG A 75 -1.51 -11.71 3.58
CA ARG A 75 -0.39 -11.87 4.51
C ARG A 75 0.77 -10.89 4.29
N LYS A 76 1.76 -10.98 5.17
CA LYS A 76 2.89 -10.05 5.10
C LYS A 76 3.93 -10.56 4.12
N ARG A 77 3.94 -11.84 3.82
CA ARG A 77 4.84 -12.32 2.77
C ARG A 77 4.21 -11.75 1.52
N ALA A 78 4.98 -10.95 0.78
CA ALA A 78 4.35 -10.26 -0.35
C ALA A 78 4.16 -11.06 -1.65
N ALA A 79 3.04 -11.78 -1.63
CA ALA A 79 2.54 -12.48 -2.82
C ALA A 79 1.08 -12.13 -2.66
N ASP A 80 0.99 -11.04 -1.92
CA ASP A 80 -0.23 -10.33 -1.64
C ASP A 80 -0.09 -9.05 -2.44
N ASN A 81 0.27 -9.26 -3.69
CA ASN A 81 0.59 -8.16 -4.58
C ASN A 81 -0.44 -7.87 -5.66
N LYS A 82 -1.73 -7.81 -5.35
CA LYS A 82 -2.64 -7.41 -6.43
C LYS A 82 -2.44 -5.93 -6.63
N SER A 83 -2.47 -5.54 -7.89
CA SER A 83 -2.18 -4.15 -8.17
C SER A 83 -3.39 -3.36 -7.74
N LEU A 84 -3.16 -2.48 -6.78
CA LEU A 84 -4.20 -1.58 -6.35
C LEU A 84 -3.42 -0.30 -6.50
N GLY A 85 -2.44 -0.33 -7.37
CA GLY A 85 -1.76 0.93 -7.63
C GLY A 85 -0.32 0.92 -8.07
N GLN A 86 0.07 2.13 -8.42
CA GLN A 86 1.46 2.45 -8.74
C GLN A 86 1.50 3.92 -9.14
N PHE A 87 1.42 4.82 -8.16
CA PHE A 87 1.50 6.24 -8.46
C PHE A 87 2.45 6.88 -7.44
N ASN A 88 2.54 8.20 -7.41
CA ASN A 88 3.36 8.83 -6.38
C ASN A 88 2.88 10.24 -6.04
N LEU A 89 2.71 10.49 -4.75
CA LEU A 89 2.38 11.84 -4.29
C LEU A 89 3.75 12.48 -4.12
N ASP A 90 3.96 13.68 -4.63
CA ASP A 90 5.30 14.30 -4.53
C ASP A 90 5.18 15.82 -4.37
N GLY A 91 6.30 16.45 -4.09
CA GLY A 91 6.31 17.91 -4.04
C GLY A 91 5.59 18.43 -2.81
N ILE A 92 6.07 18.05 -1.63
CA ILE A 92 5.51 18.61 -0.38
C ILE A 92 6.71 19.21 0.33
N ASN A 93 7.73 19.37 -0.50
CA ASN A 93 9.00 19.99 -0.08
C ASN A 93 8.74 21.44 0.31
N PRO A 94 9.57 22.18 1.07
CA PRO A 94 10.95 21.78 1.43
C PRO A 94 11.06 21.23 2.84
N ALA A 95 11.21 19.92 2.95
CA ALA A 95 11.43 19.33 4.27
C ALA A 95 12.04 17.92 4.10
N PRO A 96 13.26 17.57 4.54
CA PRO A 96 13.82 16.25 4.21
C PRO A 96 13.95 15.29 5.41
N ARG A 97 13.83 14.01 5.07
CA ARG A 97 13.95 12.86 5.98
C ARG A 97 13.55 12.93 7.47
N GLY A 98 12.60 12.09 7.87
CA GLY A 98 12.28 11.99 9.30
C GLY A 98 11.19 12.88 9.90
N MET A 99 9.92 12.67 9.56
CA MET A 99 8.88 13.45 10.24
C MET A 99 7.49 12.76 10.12
N PRO A 100 6.68 12.56 11.17
CA PRO A 100 5.36 11.95 10.98
C PRO A 100 4.27 12.98 10.76
N GLN A 101 4.20 13.52 9.54
CA GLN A 101 3.13 14.47 9.23
C GLN A 101 2.42 14.14 7.91
N ILE A 102 1.98 12.91 7.70
CA ILE A 102 1.17 12.62 6.51
C ILE A 102 0.02 11.76 6.98
N GLU A 103 -1.14 12.35 7.25
CA GLU A 103 -2.27 11.52 7.59
C GLU A 103 -2.81 10.92 6.30
N VAL A 104 -3.15 9.64 6.34
CA VAL A 104 -3.56 8.95 5.11
C VAL A 104 -4.90 8.29 5.39
N THR A 105 -5.96 8.85 4.82
CA THR A 105 -7.29 8.31 5.10
C THR A 105 -7.66 7.28 4.05
N PHE A 106 -8.26 6.19 4.51
CA PHE A 106 -8.57 5.08 3.61
C PHE A 106 -10.03 4.74 3.80
N ASP A 107 -10.84 5.17 2.85
CA ASP A 107 -12.28 4.99 2.99
C ASP A 107 -12.81 4.48 1.67
N ILE A 108 -13.63 3.43 1.72
CA ILE A 108 -14.15 2.92 0.44
C ILE A 108 -15.57 3.46 0.32
N ASP A 109 -16.07 3.57 -0.91
CA ASP A 109 -17.40 4.14 -1.09
C ASP A 109 -18.38 2.98 -1.06
N ALA A 110 -19.67 3.26 -1.13
CA ALA A 110 -20.64 2.17 -1.07
C ALA A 110 -20.83 1.55 -2.45
N ASP A 111 -20.40 2.23 -3.50
CA ASP A 111 -20.56 1.69 -4.84
C ASP A 111 -19.39 0.75 -5.12
N GLY A 112 -18.25 1.03 -4.49
CA GLY A 112 -17.11 0.12 -4.61
C GLY A 112 -15.96 0.79 -5.34
N ILE A 113 -15.40 1.80 -4.70
CA ILE A 113 -14.21 2.44 -5.26
C ILE A 113 -13.41 2.96 -4.07
N LEU A 114 -12.10 2.76 -4.10
CA LEU A 114 -11.30 3.13 -2.93
C LEU A 114 -10.95 4.60 -3.03
N HIS A 115 -11.57 5.34 -2.13
CA HIS A 115 -11.24 6.75 -2.01
C HIS A 115 -10.13 6.84 -0.97
N VAL A 116 -8.93 7.19 -1.39
CA VAL A 116 -7.83 7.34 -0.43
C VAL A 116 -7.17 8.69 -0.65
N SER A 117 -7.23 9.50 0.39
CA SER A 117 -6.66 10.85 0.30
C SER A 117 -5.39 10.88 1.11
N ALA A 118 -4.29 10.90 0.39
CA ALA A 118 -3.04 11.06 1.11
C ALA A 118 -3.01 12.53 1.41
N LYS A 119 -3.26 12.83 2.67
CA LYS A 119 -3.39 14.21 3.11
C LYS A 119 -2.17 14.57 3.93
N ASP A 120 -1.45 15.57 3.47
CA ASP A 120 -0.19 15.90 4.11
C ASP A 120 -0.37 17.06 5.04
N LYS A 121 0.48 17.00 6.04
CA LYS A 121 0.42 17.97 7.13
C LYS A 121 1.44 19.09 6.96
N ASN A 122 1.57 19.57 5.73
CA ASN A 122 2.42 20.71 5.45
C ASN A 122 1.47 21.84 5.12
N SER A 123 0.46 21.51 4.34
CA SER A 123 -0.56 22.51 4.08
C SER A 123 -1.81 21.81 3.62
N GLY A 124 -1.90 20.50 3.81
CA GLY A 124 -3.05 19.80 3.26
C GLY A 124 -2.78 19.56 1.80
N LYS A 125 -1.52 19.31 1.50
CA LYS A 125 -1.20 18.97 0.12
C LYS A 125 -1.74 17.56 -0.02
N GLU A 126 -2.61 17.30 -0.99
CA GLU A 126 -3.20 15.97 -1.01
C GLU A 126 -3.61 15.44 -2.37
N GLN A 127 -3.98 14.17 -2.38
CA GLN A 127 -4.51 13.61 -3.63
C GLN A 127 -5.48 12.51 -3.28
N LYS A 128 -6.74 12.77 -3.59
CA LYS A 128 -7.77 11.78 -3.32
C LYS A 128 -8.02 10.97 -4.58
N ILE A 129 -7.36 9.83 -4.66
CA ILE A 129 -7.52 8.98 -5.85
C ILE A 129 -8.71 8.07 -5.70
N THR A 130 -9.12 7.59 -6.86
CA THR A 130 -10.34 6.78 -6.97
C THR A 130 -9.87 5.47 -7.56
N ILE A 131 -9.41 4.62 -6.66
CA ILE A 131 -8.81 3.37 -7.11
C ILE A 131 -9.83 2.27 -7.35
N LYS A 132 -9.60 1.50 -8.42
CA LYS A 132 -10.48 0.36 -8.70
C LYS A 132 -10.00 -0.86 -7.93
N ALA A 133 -10.72 -1.96 -8.10
CA ALA A 133 -10.35 -3.18 -7.40
C ALA A 133 -10.76 -4.40 -8.23
N SER A 134 -9.88 -4.82 -9.12
CA SER A 134 -10.22 -5.94 -9.98
C SER A 134 -10.21 -7.24 -9.19
N SER A 135 -10.83 -8.27 -9.75
CA SER A 135 -10.95 -9.54 -9.02
C SER A 135 -9.74 -10.43 -9.31
N GLY A 136 -9.97 -11.74 -9.39
CA GLY A 136 -8.85 -12.66 -9.56
C GLY A 136 -8.29 -13.07 -8.21
N LEU A 137 -8.73 -14.22 -7.72
CA LEU A 137 -8.30 -14.66 -6.38
C LEU A 137 -8.09 -16.16 -6.35
N ASN A 138 -6.87 -16.59 -6.08
CA ASN A 138 -6.62 -18.03 -5.91
C ASN A 138 -5.53 -18.18 -4.85
N GLU A 139 -5.46 -19.37 -4.26
CA GLU A 139 -4.52 -19.56 -3.14
C GLU A 139 -3.06 -19.64 -3.58
N ASP A 140 -2.83 -19.89 -4.87
CA ASP A 140 -1.47 -19.86 -5.40
C ASP A 140 -1.44 -18.78 -6.42
N GLU A 141 -2.36 -17.86 -6.16
CA GLU A 141 -2.33 -16.63 -6.89
C GLU A 141 -1.26 -16.17 -5.93
N ILE A 142 -1.59 -16.25 -4.63
CA ILE A 142 -0.57 -15.96 -3.63
C ILE A 142 0.58 -16.98 -3.59
N GLN A 143 0.43 -18.22 -3.16
CA GLN A 143 1.56 -19.17 -3.06
C GLN A 143 2.42 -19.38 -4.32
N LYS A 144 1.86 -19.32 -5.52
CA LYS A 144 2.74 -19.45 -6.70
C LYS A 144 3.46 -18.13 -6.91
N MET A 145 2.75 -17.06 -6.49
CA MET A 145 3.42 -15.77 -6.53
C MET A 145 4.40 -15.77 -5.37
N VAL A 146 4.32 -16.61 -4.33
CA VAL A 146 5.32 -16.59 -3.27
C VAL A 146 6.62 -17.08 -3.86
N ARG A 147 6.56 -18.09 -4.70
CA ARG A 147 7.85 -18.49 -5.23
C ARG A 147 8.41 -17.49 -6.20
N ASP A 148 7.85 -17.39 -7.39
CA ASP A 148 8.53 -16.51 -8.34
C ASP A 148 8.52 -15.08 -7.81
N ALA A 149 7.31 -14.69 -7.52
CA ALA A 149 7.12 -13.30 -7.26
C ALA A 149 7.28 -12.98 -5.80
N GLU A 150 7.48 -13.89 -4.82
CA GLU A 150 7.47 -13.29 -3.48
C GLU A 150 8.97 -13.18 -3.30
N ALA A 151 9.67 -14.10 -3.98
CA ALA A 151 11.13 -14.07 -3.90
C ALA A 151 11.64 -12.75 -4.43
N ASN A 152 11.18 -12.27 -5.60
CA ASN A 152 11.82 -11.03 -6.10
C ASN A 152 10.94 -10.06 -6.90
N ALA A 153 9.60 -10.10 -6.88
CA ALA A 153 8.84 -9.24 -7.78
C ALA A 153 9.06 -7.75 -7.60
N GLU A 154 8.31 -7.35 -6.61
CA GLU A 154 8.25 -5.95 -6.22
C GLU A 154 8.86 -6.03 -4.85
N ALA A 155 9.06 -7.30 -4.51
CA ALA A 155 9.77 -7.61 -3.32
C ALA A 155 11.14 -7.08 -3.72
N ASP A 156 11.74 -7.61 -4.78
CA ASP A 156 13.10 -7.16 -5.04
C ASP A 156 13.26 -5.94 -5.89
N ARG A 157 12.46 -5.65 -6.88
CA ARG A 157 12.84 -4.48 -7.69
C ARG A 157 12.44 -3.24 -6.93
N LYS A 158 11.18 -3.30 -6.53
CA LYS A 158 10.60 -2.16 -5.87
C LYS A 158 11.35 -1.94 -4.58
N PHE A 159 11.68 -2.94 -3.76
CA PHE A 159 12.29 -2.53 -2.50
C PHE A 159 13.79 -2.41 -2.61
N GLU A 160 14.39 -2.90 -3.69
CA GLU A 160 15.86 -2.78 -3.75
C GLU A 160 16.19 -1.33 -3.96
N GLU A 161 15.45 -0.65 -4.83
CA GLU A 161 15.88 0.73 -5.09
C GLU A 161 15.12 1.74 -4.25
N LEU A 162 13.95 1.37 -3.76
CA LEU A 162 13.13 2.34 -3.05
C LEU A 162 13.42 2.28 -1.55
N VAL A 163 13.49 1.07 -1.04
CA VAL A 163 13.63 0.91 0.40
C VAL A 163 15.11 0.85 0.73
N GLN A 164 15.87 0.20 -0.16
CA GLN A 164 17.29 -0.08 0.08
C GLN A 164 17.07 -1.20 1.06
N THR A 165 16.34 -2.11 0.44
CA THR A 165 15.76 -3.30 1.06
C THR A 165 16.23 -3.80 2.43
N ARG A 166 15.24 -4.37 3.11
CA ARG A 166 15.37 -4.84 4.50
C ARG A 166 15.46 -3.66 5.44
N ASN A 167 14.28 -3.10 5.72
CA ASN A 167 14.19 -2.01 6.71
C ASN A 167 12.92 -2.22 7.51
N GLN A 168 13.04 -2.88 8.64
CA GLN A 168 11.84 -3.17 9.43
C GLN A 168 11.55 -2.00 10.36
N GLY A 169 10.68 -1.11 9.92
CA GLY A 169 10.31 0.01 10.79
C GLY A 169 8.92 0.55 10.44
N ASP A 170 8.05 0.61 11.43
CA ASP A 170 6.73 1.19 11.19
C ASP A 170 6.81 2.70 11.33
N HIS A 171 5.80 3.41 10.83
CA HIS A 171 5.80 4.87 10.89
C HIS A 171 7.00 5.46 10.15
N LEU A 172 7.30 4.91 8.99
CA LEU A 172 8.39 5.42 8.17
C LEU A 172 8.06 4.91 6.77
N LEU A 173 8.35 5.67 5.72
CA LEU A 173 7.94 5.24 4.39
C LEU A 173 8.84 5.89 3.37
N HIS A 174 9.82 5.11 2.92
CA HIS A 174 10.70 5.57 1.86
C HIS A 174 9.93 5.86 0.58
N SER A 175 10.47 6.74 -0.24
CA SER A 175 9.78 7.05 -1.49
C SER A 175 10.79 7.64 -2.46
N THR A 176 10.71 7.22 -3.72
CA THR A 176 11.69 7.69 -4.69
C THR A 176 11.30 9.08 -5.16
N ARG A 177 12.27 9.97 -5.21
CA ARG A 177 11.99 11.33 -5.67
C ARG A 177 12.07 11.36 -7.20
N LYS A 178 11.15 12.07 -7.81
CA LYS A 178 11.19 12.15 -9.28
C LYS A 178 12.28 13.10 -9.71
N GLN A 179 12.84 12.83 -10.88
CA GLN A 179 13.90 13.68 -11.44
C GLN A 179 15.10 13.75 -10.51
N VAL A 180 16.08 12.90 -10.76
CA VAL A 180 17.27 12.93 -9.91
C VAL A 180 18.43 12.28 -10.66
N GLU A 181 19.57 12.94 -10.64
CA GLU A 181 20.71 12.40 -11.40
C GLU A 181 21.32 11.24 -10.61
N GLU A 182 22.00 11.58 -9.53
CA GLU A 182 22.68 10.54 -8.75
C GLU A 182 21.68 9.86 -7.83
N ALA A 183 21.72 8.54 -7.78
CA ALA A 183 20.79 7.84 -6.90
C ALA A 183 21.29 6.42 -6.67
#